data_5ACO
#
_entry.id   5ACO
#
_cell.length_a   1.000
_cell.length_b   1.000
_cell.length_c   1.000
_cell.angle_alpha   90.00
_cell.angle_beta   90.00
_cell.angle_gamma   90.00
#
_symmetry.space_group_name_H-M   'P 1'
#
loop_
_entity.id
_entity.type
_entity.pdbx_description
1 polymer 'HIV-1 ENVELOPE GLYCOPROTEIN'
2 polymer 'HIV-1 ENVELOPE GLYCOPROTEIN'
3 polymer 'PGT128 FAB'
4 polymer 'PGT128 FAB'
5 branched beta-D-mannopyranose-(1-4)-2-acetamido-2-deoxy-beta-D-glucopyranose-(1-4)-2-acetamido-2-deoxy-beta-D-glucopyranose
6 branched 2-acetamido-2-deoxy-beta-D-glucopyranose-(1-4)-2-acetamido-2-deoxy-beta-D-glucopyranose
7 branched alpha-D-mannopyranose-(1-2)-alpha-D-mannopyranose-(1-3)-[alpha-D-mannopyranose-(1-3)-alpha-D-mannopyranose-(1-6)]beta-D-mannopyranose-(1-4)-2-acetamido-2-deoxy-beta-D-glucopyranose-(1-4)-2-acetamido-2-deoxy-beta-D-glucopyranose
8 branched alpha-D-mannopyranose-(1-3)-[alpha-D-mannopyranose-(1-6)]beta-D-mannopyranose-(1-4)-2-acetamido-2-deoxy-beta-D-glucopyranose-(1-4)-2-acetamido-2-deoxy-beta-D-glucopyranose
9 branched alpha-D-mannopyranose-(1-2)-alpha-D-mannopyranose-(1-2)-alpha-D-mannopyranose-(1-3)-[alpha-D-mannopyranose-(1-2)-alpha-D-mannopyranose-(1-6)-[alpha-D-mannopyranose-(1-3)]alpha-D-mannopyranose-(1-6)]beta-D-mannopyranose-(1-4)-2-acetamido-2-deoxy-beta-D-glucopyranose-(1-4)-2-acetamido-2-deoxy-beta-D-glucopyranose
10 non-polymer 2-acetamido-2-deoxy-beta-D-glucopyranose
#
loop_
_entity_poly.entity_id
_entity_poly.type
_entity_poly.pdbx_seq_one_letter_code
_entity_poly.pdbx_strand_id
1 'polypeptide(L)'
;AENLWVTVYYGVPVWKDAETTLFCASDAKAYETEKHNVWATHACVPTDPNPQEIHLENVTEEFNMWKNNMVEQMHTDIIS
LWDQSLKPCVKLTPLCVTLQCTNVTNNITDDMRGELKNCSFNMTTELRDKKQKVYSLFYRLDVVQINENQGNRSNNSNKE
YRLINCNTSAITQACPKVSFEPIPIHYCAPAGFAILKCKDKKFNGTGPCPSVSTVQCTHGIKPVVSTQLLLNGSLAEEEV
MIRSENITNNAKNILVQFNTPVQINCTRPNNNTRKSIRIGPGQAFYATGDIIGDIRQAHCNVSKATWNETLGKVVKQLRK
HFGNNTIIRFANSSGGDLEVTTHSFNCGGEFFYCNTSGLFNSTWISNTSVQGSNSTGSNDSITLPCRIKQIINMWQRIGQ
AMYAPPIQGVIRCVSNITGLILTRDGGSTNSTTETFRPGGGDMRDNWRSELYKYKVVKIEPLGVAPTRCKRRVVGR
;
A,C,D
2 'polypeptide(L)'
;AVGIGAVFLGFLGAAGSTMGAASMTLTVQARNLLSGIVQQQSNLLRAPEAQQHLLKLTVWGIKQLQARVLAVERYLRDQQ
LLGIWGCSGKLICCTNVPWNSSWSNRNLSEIWDNMTWLQWDKEISNYTQIIYGLLEESQNQQEKNEQDLLALD
;
B,E,F
3 'polypeptide(L)'
;EPQLQESGPTLVEASETLSLTCAVSGDSTAACNSFWGWVRQPPGKGLEWVGSLSHCASYWNRGWTYHNPSLKSRLTLALD
TPKNLVFLKLNSVTAADTATYYCARFGGEVLRYTDWPKPAWVDLWGRGTLVTVSSASTKGPSVFPLAPSSKSTSGGTAAL
GCLVKDYFPEPVTVSWNSGALTSGVHTFPAVLQSSGLYSLSSVVTVPSSSLGTQTYICNVNHKPSNTKVDKRVEPKSCD
;
G,H,I
4 'polypeptide(L)'
;ESALTQPPSASGSPGQSITISCTGTSNNFVSWYQQHAGKAPKLVIYDVNKRPSGVPDRFSGSKSGNTASLTVSGLQTDDE
AVYYCGSLVGNWDVIFGGGTKLTVLGQPKAAPSVTLFPPSSEELQANKATLVCLISDFYPGAVTVAWKADSSPVKAGVET
TTPSKQSNNKYAASSYLSLTPEQWKSHRSYSCQVTHEGSTVEKTVAPTECS
;
J,K,L
#
loop_
_chem_comp.id
_chem_comp.type
_chem_comp.name
_chem_comp.formula
BMA D-saccharide, beta linking beta-D-mannopyranose 'C6 H12 O6'
MAN D-saccharide, alpha linking alpha-D-mannopyranose 'C6 H12 O6'
NAG D-saccharide, beta linking 2-acetamido-2-deoxy-beta-D-glucopyranose 'C8 H15 N O6'
#
# COMPACT_ATOMS: atom_id res chain seq x y z
N ASN A 3 24.20 -8.15 -63.80
CA ASN A 3 24.43 -8.64 -62.45
C ASN A 3 23.46 -7.99 -61.47
N LEU A 4 23.14 -8.71 -60.40
CA LEU A 4 22.17 -8.25 -59.41
C LEU A 4 22.82 -7.58 -58.20
N TRP A 5 22.09 -6.65 -57.60
CA TRP A 5 22.61 -5.80 -56.53
C TRP A 5 21.72 -5.91 -55.30
N VAL A 6 22.24 -5.48 -54.16
CA VAL A 6 21.44 -5.49 -52.94
C VAL A 6 20.49 -4.29 -52.89
N THR A 7 19.19 -4.59 -52.90
CA THR A 7 18.16 -3.57 -52.85
C THR A 7 17.41 -3.64 -51.53
N VAL A 8 17.17 -2.48 -50.93
CA VAL A 8 16.58 -2.42 -49.59
C VAL A 8 15.08 -2.15 -49.67
N TYR A 9 14.31 -2.94 -48.92
CA TYR A 9 12.86 -2.83 -48.93
C TYR A 9 12.34 -2.61 -47.51
N TYR A 10 11.22 -1.90 -47.39
CA TYR A 10 10.63 -1.63 -46.09
C TYR A 10 9.10 -1.70 -46.16
N GLY A 11 8.49 -2.25 -45.11
CA GLY A 11 7.08 -2.55 -45.13
C GLY A 11 6.80 -3.96 -45.63
N VAL A 12 7.78 -4.84 -45.47
CA VAL A 12 7.65 -6.20 -45.96
C VAL A 12 6.71 -7.01 -45.09
N PRO A 13 5.71 -7.66 -45.73
CA PRO A 13 4.69 -8.43 -45.00
C PRO A 13 5.21 -9.76 -44.48
N VAL A 14 6.10 -9.70 -43.49
CA VAL A 14 6.60 -10.91 -42.84
C VAL A 14 6.63 -10.77 -41.33
N TRP A 15 6.71 -11.89 -40.63
CA TRP A 15 6.62 -11.88 -39.17
C TRP A 15 7.23 -13.13 -38.55
N LYS A 16 7.60 -13.01 -37.28
CA LYS A 16 8.07 -14.16 -36.50
C LYS A 16 7.20 -14.33 -35.25
N ASP A 17 6.94 -15.58 -34.89
CA ASP A 17 6.23 -15.87 -33.65
C ASP A 17 6.99 -15.33 -32.44
N ALA A 18 6.32 -14.48 -31.67
CA ALA A 18 6.96 -13.77 -30.56
C ALA A 18 5.93 -13.34 -29.54
N GLU A 19 6.36 -13.25 -28.29
CA GLU A 19 5.49 -12.83 -27.20
C GLU A 19 5.72 -11.36 -26.86
N THR A 20 4.63 -10.62 -26.70
CA THR A 20 4.72 -9.28 -26.14
C THR A 20 3.62 -9.03 -25.11
N THR A 21 3.58 -7.80 -24.61
CA THR A 21 2.60 -7.43 -23.58
C THR A 21 1.30 -6.98 -24.22
N LEU A 22 0.26 -7.81 -24.10
CA LEU A 22 -1.07 -7.48 -24.62
C LEU A 22 -1.82 -6.57 -23.67
N PHE A 23 -2.81 -5.85 -24.19
CA PHE A 23 -3.64 -4.99 -23.36
C PHE A 23 -5.10 -5.09 -23.77
N CYS A 24 -6.00 -4.73 -22.86
CA CYS A 24 -7.42 -5.00 -23.04
C CYS A 24 -8.16 -3.94 -23.84
N ALA A 25 -9.42 -4.25 -24.14
CA ALA A 25 -10.39 -3.29 -24.65
C ALA A 25 -11.79 -3.85 -24.44
N SER A 26 -12.75 -3.00 -24.07
CA SER A 26 -14.11 -3.47 -23.85
C SER A 26 -15.14 -2.36 -23.64
N ASP A 27 -15.97 -2.11 -24.64
CA ASP A 27 -17.13 -1.25 -24.47
C ASP A 27 -16.74 0.03 -23.77
N ALA A 28 -17.69 0.59 -23.01
CA ALA A 28 -17.45 1.82 -22.26
C ALA A 28 -18.30 1.86 -20.99
N VAL A 38 -18.83 -3.06 -12.05
CA VAL A 38 -19.13 -4.48 -12.00
C VAL A 38 -17.95 -5.30 -11.48
N TRP A 39 -17.11 -5.79 -12.39
CA TRP A 39 -16.16 -6.85 -12.10
C TRP A 39 -14.81 -6.27 -11.73
N ALA A 40 -14.12 -5.71 -12.71
CA ALA A 40 -12.79 -5.14 -12.47
C ALA A 40 -12.39 -4.21 -13.61
N THR A 41 -13.26 -4.11 -14.61
CA THR A 41 -12.92 -3.41 -15.84
C THR A 41 -13.59 -2.03 -15.94
N HIS A 42 -12.75 -1.02 -16.02
CA HIS A 42 -13.18 0.37 -16.22
C HIS A 42 -11.96 1.02 -16.85
N ALA A 43 -10.81 0.73 -16.25
CA ALA A 43 -9.54 1.28 -16.70
C ALA A 43 -9.12 0.48 -17.91
N CYS A 44 -9.79 0.70 -19.03
CA CYS A 44 -9.59 -0.10 -20.22
C CYS A 44 -10.08 0.65 -21.46
N VAL A 45 -9.29 0.62 -22.52
CA VAL A 45 -9.61 1.39 -23.71
C VAL A 45 -10.85 0.84 -24.41
N PRO A 46 -11.79 1.72 -24.70
CA PRO A 46 -13.02 1.36 -25.40
C PRO A 46 -12.68 0.73 -26.75
N THR A 47 -13.52 -0.18 -27.20
CA THR A 47 -13.30 -0.84 -28.48
C THR A 47 -13.71 0.06 -29.63
N ASP A 48 -13.25 -0.27 -30.83
CA ASP A 48 -13.68 0.45 -32.03
C ASP A 48 -15.10 0.02 -32.38
N PRO A 49 -15.88 0.94 -32.93
CA PRO A 49 -17.25 0.60 -33.36
C PRO A 49 -17.26 -0.30 -34.59
N ASN A 50 -16.14 -0.34 -35.30
CA ASN A 50 -15.99 -1.21 -36.47
C ASN A 50 -14.72 -2.05 -36.44
N PRO A 51 -14.71 -3.10 -35.62
CA PRO A 51 -13.55 -3.99 -35.58
C PRO A 51 -13.27 -4.53 -37.00
N GLN A 52 -12.04 -4.38 -37.48
CA GLN A 52 -11.67 -4.77 -38.85
C GLN A 52 -11.04 -6.16 -38.96
N GLU A 53 -11.11 -6.79 -40.14
CA GLU A 53 -10.44 -8.08 -40.31
C GLU A 53 -10.09 -8.24 -41.77
N ILE A 54 -9.38 -9.32 -42.09
CA ILE A 54 -9.07 -9.61 -43.49
C ILE A 54 -8.45 -10.99 -43.66
N HIS A 55 -9.54 -11.47 -44.53
CA HIS A 55 -9.03 -12.81 -44.81
C HIS A 55 -7.78 -12.74 -45.67
N LEU A 56 -6.80 -13.58 -45.33
CA LEU A 56 -5.53 -13.59 -46.02
C LEU A 56 -5.44 -14.78 -46.98
N GLU A 57 -5.69 -14.90 -48.29
CA GLU A 57 -5.64 -15.92 -49.32
C GLU A 57 -4.19 -16.29 -49.62
N ASN A 58 -3.93 -17.60 -49.72
CA ASN A 58 -2.60 -18.16 -49.93
C ASN A 58 -1.68 -18.12 -48.71
N VAL A 59 -2.17 -17.54 -47.62
CA VAL A 59 -1.41 -17.53 -46.37
C VAL A 59 -1.83 -18.64 -45.43
N THR A 60 -0.85 -19.50 -45.12
CA THR A 60 -1.03 -20.67 -44.27
C THR A 60 0.15 -20.70 -43.28
N GLU A 61 -0.06 -21.22 -42.06
CA GLU A 61 1.04 -21.51 -41.12
C GLU A 61 0.55 -22.24 -39.87
N GLU A 62 1.43 -22.55 -38.90
CA GLU A 62 0.98 -23.47 -37.87
C GLU A 62 0.52 -22.73 -36.62
N PHE A 63 -0.43 -23.28 -36.18
CA PHE A 63 -0.75 -22.81 -34.84
C PHE A 63 -0.33 -23.81 -33.78
N ASN A 64 -0.31 -23.37 -32.52
CA ASN A 64 -0.01 -24.24 -31.40
C ASN A 64 -0.62 -23.68 -30.13
N MET A 65 -1.81 -24.18 -29.77
CA MET A 65 -2.54 -23.68 -28.62
C MET A 65 -1.89 -24.08 -27.29
N TRP A 66 -0.97 -25.05 -27.36
CA TRP A 66 -0.40 -25.63 -26.15
C TRP A 66 0.85 -24.88 -25.71
N LYS A 67 1.31 -23.94 -26.54
CA LYS A 67 2.45 -23.11 -26.21
C LYS A 67 2.08 -21.64 -26.38
N ASN A 68 0.78 -21.36 -26.44
CA ASN A 68 0.28 -20.02 -26.65
C ASN A 68 0.33 -19.21 -25.36
N ASN A 69 1.33 -18.34 -25.24
CA ASN A 69 1.55 -17.60 -24.01
C ASN A 69 0.53 -16.50 -23.74
N MET A 70 -0.38 -16.27 -24.69
CA MET A 70 -1.51 -15.39 -24.44
C MET A 70 -2.31 -15.86 -23.23
N VAL A 71 -2.42 -17.17 -23.06
CA VAL A 71 -3.14 -17.76 -21.96
C VAL A 71 -2.50 -17.38 -20.63
N GLU A 72 -1.18 -17.49 -20.56
CA GLU A 72 -0.45 -17.25 -19.33
C GLU A 72 -0.64 -15.81 -18.84
N GLN A 73 -0.52 -14.86 -19.76
CA GLN A 73 -0.72 -13.45 -19.42
C GLN A 73 -2.13 -13.22 -18.91
N MET A 74 -3.12 -13.64 -19.70
CA MET A 74 -4.52 -13.47 -19.32
C MET A 74 -4.77 -13.99 -17.91
N HIS A 75 -4.24 -15.19 -17.64
CA HIS A 75 -4.44 -15.83 -16.34
C HIS A 75 -3.96 -14.93 -15.20
N THR A 76 -2.72 -14.50 -15.27
CA THR A 76 -2.11 -13.74 -14.18
C THR A 76 -2.70 -12.33 -14.10
N ASP A 77 -3.14 -11.80 -15.23
CA ASP A 77 -3.80 -10.50 -15.27
C ASP A 77 -5.13 -10.53 -14.52
N ILE A 78 -5.92 -11.58 -14.76
CA ILE A 78 -7.18 -11.76 -14.06
C ILE A 78 -6.96 -11.88 -12.55
N ILE A 79 -5.94 -12.64 -12.17
CA ILE A 79 -5.58 -12.79 -10.77
C ILE A 79 -5.25 -11.43 -10.16
N SER A 80 -4.45 -10.65 -10.86
CA SER A 80 -4.04 -9.33 -10.37
C SER A 80 -5.26 -8.46 -10.13
N LEU A 81 -6.18 -8.47 -11.09
CA LEU A 81 -7.42 -7.71 -11.02
C LEU A 81 -8.19 -8.08 -9.74
N TRP A 82 -8.32 -9.38 -9.53
CA TRP A 82 -9.01 -9.93 -8.36
C TRP A 82 -8.50 -9.31 -7.07
N ASP A 83 -7.20 -9.41 -6.83
CA ASP A 83 -6.58 -8.86 -5.64
C ASP A 83 -6.82 -7.35 -5.49
N GLN A 84 -6.67 -6.61 -6.58
CA GLN A 84 -6.80 -5.16 -6.55
C GLN A 84 -8.21 -4.74 -6.16
N SER A 85 -9.19 -5.57 -6.51
CA SER A 85 -10.59 -5.28 -6.21
C SER A 85 -10.94 -5.58 -4.76
N LEU A 86 -10.04 -6.24 -4.04
CA LEU A 86 -10.30 -6.64 -2.67
C LEU A 86 -9.56 -5.78 -1.65
N LYS A 87 -8.42 -5.23 -2.05
CA LYS A 87 -7.58 -4.49 -1.12
C LYS A 87 -8.35 -3.35 -0.47
N PRO A 88 -9.22 -2.66 -1.29
CA PRO A 88 -9.83 -1.47 -0.68
C PRO A 88 -11.08 -1.85 0.10
N CYS A 89 -11.32 -3.15 0.25
CA CYS A 89 -12.51 -3.60 0.95
C CYS A 89 -12.22 -4.01 2.39
N VAL A 90 -13.28 -4.27 3.15
CA VAL A 90 -13.18 -4.55 4.57
C VAL A 90 -12.64 -5.93 4.89
N LYS A 91 -11.64 -5.93 5.76
CA LYS A 91 -10.99 -7.14 6.22
C LYS A 91 -11.82 -7.69 7.37
N LEU A 92 -11.92 -9.01 7.46
CA LEU A 92 -12.73 -9.63 8.50
C LEU A 92 -11.88 -10.32 9.56
N THR A 93 -10.74 -9.72 9.88
CA THR A 93 -9.82 -10.28 10.87
C THR A 93 -10.49 -10.58 12.23
N PRO A 94 -11.37 -9.69 12.72
CA PRO A 94 -11.83 -9.95 14.08
C PRO A 94 -12.97 -10.97 14.16
N LEU A 95 -13.30 -11.58 13.03
CA LEU A 95 -14.30 -12.64 13.01
C LEU A 95 -13.78 -13.96 13.56
N CYS A 96 -12.48 -14.13 13.55
CA CYS A 96 -11.86 -15.35 14.07
C CYS A 96 -12.03 -15.46 15.58
N VAL A 97 -13.18 -15.95 16.01
CA VAL A 97 -13.45 -16.17 17.43
C VAL A 97 -14.13 -17.52 17.62
N THR A 98 -14.16 -18.00 18.86
CA THR A 98 -14.92 -19.22 19.20
C THR A 98 -16.41 -19.00 18.97
N LEU A 99 -17.01 -19.88 18.18
CA LEU A 99 -18.44 -19.78 17.89
C LEU A 99 -19.26 -20.78 18.70
N GLN A 100 -20.38 -20.31 19.26
CA GLN A 100 -21.29 -21.18 20.00
C GLN A 100 -22.50 -21.49 19.14
N CYS A 101 -22.57 -22.73 18.65
CA CYS A 101 -23.52 -23.08 17.60
C CYS A 101 -24.45 -24.23 17.96
N THR A 102 -25.59 -24.28 17.30
CA THR A 102 -26.64 -25.24 17.56
C THR A 102 -27.35 -25.60 16.27
N ASN A 103 -28.01 -26.77 16.24
CA ASN A 103 -28.77 -27.18 15.06
C ASN A 103 -29.94 -26.25 14.79
N VAL A 104 -30.33 -26.15 13.53
CA VAL A 104 -31.46 -25.32 13.16
C VAL A 104 -32.61 -26.25 12.85
N THR A 105 -33.69 -26.16 13.61
CA THR A 105 -34.84 -27.03 13.41
C THR A 105 -35.69 -26.77 12.17
N ASN A 106 -35.17 -27.18 11.02
CA ASN A 106 -35.92 -27.14 9.77
C ASN A 106 -37.11 -28.07 9.90
N ASN A 107 -38.11 -27.74 9.08
CA ASN A 107 -39.39 -28.41 9.03
C ASN A 107 -39.21 -29.86 9.37
N ILE A 108 -39.82 -30.31 10.45
CA ILE A 108 -39.60 -31.68 10.90
C ILE A 108 -40.10 -32.66 9.84
N THR A 109 -39.48 -33.83 9.72
CA THR A 109 -38.34 -34.22 10.55
C THR A 109 -37.01 -33.61 10.07
N ASP A 110 -36.46 -34.13 8.97
CA ASP A 110 -35.22 -33.53 8.46
C ASP A 110 -34.72 -33.98 7.08
N ASP A 111 -35.10 -33.20 6.08
CA ASP A 111 -34.80 -33.40 4.67
C ASP A 111 -33.66 -32.48 4.30
N MET A 112 -33.62 -31.30 4.92
CA MET A 112 -32.58 -30.31 4.63
C MET A 112 -31.25 -30.65 5.27
N ARG A 113 -31.30 -31.51 6.28
CA ARG A 113 -30.10 -31.89 7.02
C ARG A 113 -29.45 -30.68 7.70
N GLY A 114 -30.24 -29.66 8.01
CA GLY A 114 -29.68 -28.45 8.61
C GLY A 114 -28.78 -27.68 7.69
N GLU A 115 -27.52 -28.09 7.64
CA GLU A 115 -26.50 -27.49 6.79
C GLU A 115 -26.06 -26.11 7.28
N LEU A 116 -26.88 -25.47 8.10
CA LEU A 116 -26.46 -24.24 8.75
C LEU A 116 -26.65 -24.30 10.26
N LYS A 117 -25.83 -23.55 10.98
CA LYS A 117 -25.91 -23.51 12.43
C LYS A 117 -26.24 -22.10 12.94
N ASN A 118 -27.05 -22.04 14.00
CA ASN A 118 -27.45 -20.77 14.58
C ASN A 118 -26.38 -20.26 15.55
N CYS A 119 -25.24 -19.87 14.99
CA CYS A 119 -24.07 -19.53 15.80
C CYS A 119 -24.17 -18.15 16.44
N SER A 120 -23.64 -18.04 17.66
CA SER A 120 -23.61 -16.77 18.38
C SER A 120 -22.23 -16.57 18.98
N PHE A 121 -21.86 -15.32 19.28
CA PHE A 121 -20.53 -15.03 19.79
C PHE A 121 -20.38 -13.61 20.30
N ASN A 122 -19.44 -13.42 21.22
CA ASN A 122 -19.17 -12.11 21.78
C ASN A 122 -18.37 -11.39 20.72
N MET A 123 -18.95 -10.38 20.10
CA MET A 123 -18.26 -9.69 19.02
C MET A 123 -17.82 -8.29 19.43
N THR A 124 -16.59 -7.93 19.05
CA THR A 124 -16.11 -6.56 19.17
C THR A 124 -16.86 -5.63 18.20
N THR A 125 -17.35 -4.52 18.71
CA THR A 125 -18.14 -3.59 17.92
C THR A 125 -17.37 -2.30 17.65
N GLU A 126 -18.07 -1.27 17.21
CA GLU A 126 -17.47 0.04 17.00
C GLU A 126 -16.96 0.59 18.32
N LEU A 127 -17.57 0.19 19.42
CA LEU A 127 -17.11 0.69 20.72
C LEU A 127 -16.04 -0.18 21.34
N ARG A 128 -14.84 -0.12 20.77
CA ARG A 128 -13.75 -0.98 21.19
C ARG A 128 -13.62 -0.93 22.70
N ASP A 129 -14.17 -1.94 23.37
CA ASP A 129 -14.42 -1.82 24.79
C ASP A 129 -15.52 -2.79 25.18
N LYS A 130 -16.75 -2.28 25.18
CA LYS A 130 -17.90 -3.12 25.49
C LYS A 130 -18.35 -3.89 24.26
N LYS A 131 -18.37 -5.21 24.39
CA LYS A 131 -18.67 -6.10 23.26
C LYS A 131 -20.15 -6.41 23.15
N GLN A 132 -20.55 -7.00 22.03
CA GLN A 132 -21.95 -7.32 21.80
C GLN A 132 -22.18 -8.77 21.37
N LYS A 133 -22.98 -9.49 22.13
CA LYS A 133 -23.41 -10.83 21.76
C LYS A 133 -24.30 -10.78 20.51
N VAL A 134 -23.80 -11.33 19.41
CA VAL A 134 -24.56 -11.37 18.17
C VAL A 134 -24.66 -12.79 17.64
N TYR A 135 -25.36 -12.95 16.52
CA TYR A 135 -25.55 -14.26 15.91
C TYR A 135 -25.56 -14.15 14.40
N SER A 136 -25.34 -15.29 13.73
CA SER A 136 -25.37 -15.34 12.27
C SER A 136 -25.45 -16.79 11.80
N LEU A 137 -26.11 -17.01 10.67
CA LEU A 137 -26.27 -18.35 10.13
C LEU A 137 -25.09 -18.69 9.21
N PHE A 138 -24.35 -19.74 9.55
CA PHE A 138 -23.22 -20.17 8.74
C PHE A 138 -23.41 -21.58 8.20
N TYR A 139 -22.88 -21.83 7.01
CA TYR A 139 -22.91 -23.16 6.43
C TYR A 139 -21.84 -24.04 7.09
N ARG A 140 -22.16 -25.31 7.29
CA ARG A 140 -21.24 -26.21 7.98
C ARG A 140 -20.04 -26.55 7.11
N LEU A 141 -20.06 -26.06 5.87
CA LEU A 141 -18.91 -26.13 4.98
C LEU A 141 -17.90 -25.03 5.28
N ASP A 142 -18.36 -23.98 5.98
CA ASP A 142 -17.50 -22.86 6.32
C ASP A 142 -16.87 -23.01 7.70
N VAL A 143 -17.60 -23.64 8.61
CA VAL A 143 -17.15 -23.76 9.99
C VAL A 143 -16.76 -25.19 10.36
N VAL A 144 -15.96 -25.32 11.42
CA VAL A 144 -15.52 -26.62 11.89
C VAL A 144 -15.45 -26.66 13.41
N GLN A 145 -15.81 -27.81 13.99
CA GLN A 145 -15.83 -27.97 15.43
C GLN A 145 -14.43 -27.82 16.02
N ILE A 146 -14.33 -27.07 17.13
CA ILE A 146 -13.07 -26.95 17.85
C ILE A 146 -12.96 -28.11 18.85
N ASN A 147 -11.86 -28.86 18.76
CA ASN A 147 -11.59 -29.94 19.71
C ASN A 147 -12.49 -31.15 19.48
N ASN A 158 -24.67 -26.49 23.49
CA ASN A 158 -24.05 -26.13 22.23
C ASN A 158 -22.60 -26.60 22.18
N LYS A 159 -21.97 -26.42 21.02
CA LYS A 159 -20.57 -26.79 20.84
C LYS A 159 -19.79 -25.63 20.26
N GLU A 160 -18.47 -25.74 20.33
CA GLU A 160 -17.58 -24.70 19.85
C GLU A 160 -17.17 -24.95 18.40
N TYR A 161 -17.20 -23.90 17.59
CA TYR A 161 -16.85 -24.00 16.18
C TYR A 161 -15.89 -22.91 15.74
N ARG A 162 -15.31 -23.07 14.56
CA ARG A 162 -14.32 -22.12 14.08
C ARG A 162 -14.45 -21.87 12.57
N LEU A 163 -14.22 -20.63 12.15
CA LEU A 163 -14.20 -20.30 10.73
C LEU A 163 -13.02 -21.01 10.09
N ILE A 164 -13.27 -21.81 9.06
CA ILE A 164 -12.23 -22.71 8.57
C ILE A 164 -10.97 -21.97 8.11
N ASN A 165 -11.13 -20.75 7.61
CA ASN A 165 -10.01 -20.01 7.04
C ASN A 165 -8.95 -19.64 8.07
N CYS A 166 -9.34 -19.55 9.34
CA CYS A 166 -8.48 -18.98 10.37
C CYS A 166 -7.27 -19.85 10.70
N ASN A 167 -7.29 -21.09 10.22
CA ASN A 167 -6.15 -21.96 10.42
C ASN A 167 -5.15 -21.86 9.26
N THR A 168 -5.53 -21.16 8.22
CA THR A 168 -4.68 -21.02 7.04
C THR A 168 -4.23 -19.59 6.74
N SER A 169 -5.14 -18.64 6.89
CA SER A 169 -4.85 -17.24 6.61
C SER A 169 -5.97 -16.30 7.01
N ALA A 170 -5.78 -15.02 6.78
CA ALA A 170 -6.82 -14.02 7.06
C ALA A 170 -7.85 -14.03 5.94
N ILE A 171 -9.02 -13.47 6.20
CA ILE A 171 -10.07 -13.43 5.20
C ILE A 171 -10.69 -12.04 5.05
N THR A 172 -10.96 -11.65 3.81
CA THR A 172 -11.43 -10.30 3.49
C THR A 172 -12.83 -10.36 2.92
N GLN A 173 -13.69 -9.47 3.38
CA GLN A 173 -15.05 -9.36 2.83
C GLN A 173 -15.05 -8.65 1.49
N ALA A 174 -15.63 -9.30 0.48
CA ALA A 174 -15.84 -8.66 -0.81
C ALA A 174 -16.85 -7.53 -0.65
N CYS A 175 -16.56 -6.39 -1.27
CA CYS A 175 -17.45 -5.23 -1.20
C CYS A 175 -18.83 -5.60 -1.73
N PRO A 176 -19.87 -5.04 -1.11
CA PRO A 176 -21.24 -5.36 -1.51
C PRO A 176 -21.61 -4.67 -2.81
N LYS A 177 -20.86 -3.65 -3.18
CA LYS A 177 -21.13 -2.92 -4.40
C LYS A 177 -20.55 -3.62 -5.63
N VAL A 178 -19.30 -4.06 -5.53
CA VAL A 178 -18.65 -4.74 -6.64
C VAL A 178 -19.31 -6.08 -6.95
N SER A 179 -19.39 -6.41 -8.23
CA SER A 179 -20.02 -7.66 -8.66
C SER A 179 -18.97 -8.63 -9.20
N PHE A 180 -19.43 -9.75 -9.73
CA PHE A 180 -18.53 -10.75 -10.28
C PHE A 180 -18.96 -11.16 -11.68
N GLU A 181 -19.98 -10.48 -12.19
CA GLU A 181 -20.47 -10.75 -13.55
C GLU A 181 -19.34 -10.68 -14.56
N PRO A 182 -19.07 -11.82 -15.24
CA PRO A 182 -18.13 -11.88 -16.35
C PRO A 182 -18.48 -10.90 -17.48
N ILE A 183 -17.52 -10.07 -17.86
CA ILE A 183 -17.71 -9.11 -18.94
C ILE A 183 -16.78 -9.43 -20.11
N PRO A 184 -17.33 -9.44 -21.34
CA PRO A 184 -16.54 -9.64 -22.56
C PRO A 184 -15.32 -8.73 -22.65
N ILE A 185 -14.13 -9.32 -22.72
CA ILE A 185 -12.89 -8.57 -22.85
C ILE A 185 -12.22 -8.84 -24.19
N HIS A 186 -11.79 -7.77 -24.86
CA HIS A 186 -11.02 -7.90 -26.09
C HIS A 186 -9.54 -7.65 -25.83
N TYR A 187 -8.68 -8.40 -26.50
CA TYR A 187 -7.25 -8.23 -26.35
C TYR A 187 -6.64 -7.64 -27.61
N CYS A 188 -5.75 -6.67 -27.46
CA CYS A 188 -5.06 -6.07 -28.60
C CYS A 188 -3.55 -6.10 -28.45
N ALA A 189 -2.87 -6.22 -29.59
CA ALA A 189 -1.42 -6.14 -29.63
C ALA A 189 -0.97 -4.73 -30.03
N PRO A 190 0.18 -4.28 -29.49
CA PRO A 190 0.77 -3.00 -29.87
C PRO A 190 1.32 -2.99 -31.30
N ALA A 191 1.48 -1.78 -31.86
CA ALA A 191 1.94 -1.64 -33.23
C ALA A 191 3.23 -2.42 -33.49
N GLY A 192 3.27 -3.12 -34.61
CA GLY A 192 4.40 -3.96 -34.94
C GLY A 192 4.09 -5.42 -34.67
N PHE A 193 3.01 -5.66 -33.93
CA PHE A 193 2.53 -7.01 -33.67
C PHE A 193 1.13 -7.20 -34.24
N ALA A 194 0.86 -8.42 -34.71
CA ALA A 194 -0.39 -8.72 -35.40
C ALA A 194 -1.14 -9.80 -34.66
N ILE A 195 -2.47 -9.67 -34.63
CA ILE A 195 -3.32 -10.74 -34.12
C ILE A 195 -3.80 -11.62 -35.27
N LEU A 196 -3.29 -12.85 -35.32
CA LEU A 196 -3.64 -13.77 -36.39
C LEU A 196 -4.81 -14.67 -35.97
N LYS A 197 -5.74 -14.90 -36.87
CA LYS A 197 -6.86 -15.77 -36.51
C LYS A 197 -7.30 -16.70 -37.62
N CYS A 198 -7.16 -17.99 -37.37
CA CYS A 198 -7.55 -18.97 -38.36
C CYS A 198 -9.07 -19.04 -38.36
N LYS A 199 -9.65 -19.31 -39.52
CA LYS A 199 -11.09 -19.45 -39.62
C LYS A 199 -11.41 -20.88 -39.97
N ASP A 200 -10.39 -21.72 -39.97
CA ASP A 200 -10.58 -23.13 -40.31
C ASP A 200 -11.47 -23.78 -39.25
N LYS A 201 -12.61 -24.30 -39.67
CA LYS A 201 -13.53 -24.96 -38.76
C LYS A 201 -12.93 -26.23 -38.18
N LYS A 202 -11.93 -26.77 -38.86
CA LYS A 202 -11.20 -27.93 -38.37
C LYS A 202 -9.90 -27.50 -37.70
N PHE A 203 -9.53 -28.19 -36.63
CA PHE A 203 -8.31 -27.88 -35.90
C PHE A 203 -8.02 -28.98 -34.88
N ASN A 204 -6.80 -29.50 -34.92
CA ASN A 204 -6.44 -30.62 -34.06
C ASN A 204 -5.87 -30.12 -32.74
N GLY A 205 -5.71 -28.80 -32.65
CA GLY A 205 -5.02 -28.18 -31.54
C GLY A 205 -3.68 -27.61 -31.96
N THR A 206 -3.17 -28.07 -33.11
CA THR A 206 -1.90 -27.57 -33.64
C THR A 206 -1.65 -28.05 -35.06
N GLY A 207 -0.94 -27.23 -35.84
CA GLY A 207 -0.65 -27.56 -37.22
C GLY A 207 -1.06 -26.46 -38.19
N PRO A 208 -0.83 -26.68 -39.48
CA PRO A 208 -1.08 -25.67 -40.52
C PRO A 208 -2.57 -25.43 -40.74
N CYS A 209 -2.95 -24.16 -40.95
CA CYS A 209 -4.34 -23.83 -41.28
C CYS A 209 -4.46 -23.27 -42.69
N PRO A 210 -5.15 -24.00 -43.58
CA PRO A 210 -5.40 -23.59 -44.96
C PRO A 210 -6.04 -22.20 -45.06
N SER A 211 -6.90 -21.86 -44.10
CA SER A 211 -7.63 -20.60 -44.13
C SER A 211 -7.28 -19.72 -42.95
N VAL A 212 -6.32 -18.81 -43.15
CA VAL A 212 -5.91 -17.89 -42.10
C VAL A 212 -6.34 -16.46 -42.40
N SER A 213 -6.89 -15.78 -41.40
CA SER A 213 -7.18 -14.36 -41.51
C SER A 213 -6.42 -13.59 -40.44
N THR A 214 -6.66 -12.28 -40.35
CA THR A 214 -6.13 -11.48 -39.25
C THR A 214 -7.08 -10.37 -38.82
N VAL A 215 -6.97 -9.97 -37.56
CA VAL A 215 -7.91 -9.03 -36.96
C VAL A 215 -7.14 -7.93 -36.24
N GLN A 216 -7.84 -6.84 -35.91
CA GLN A 216 -7.24 -5.79 -35.11
C GLN A 216 -7.10 -6.42 -33.73
N CYS A 217 -8.24 -6.81 -33.15
CA CYS A 217 -8.27 -7.35 -31.79
C CYS A 217 -9.12 -8.61 -31.73
N THR A 218 -9.11 -9.28 -30.58
CA THR A 218 -9.85 -10.52 -30.41
C THR A 218 -11.32 -10.23 -30.18
N HIS A 219 -12.15 -11.26 -30.29
CA HIS A 219 -13.56 -11.14 -29.93
C HIS A 219 -13.73 -11.10 -28.41
N GLY A 220 -14.86 -10.58 -27.97
CA GLY A 220 -15.13 -10.47 -26.54
C GLY A 220 -15.15 -11.82 -25.85
N ILE A 221 -14.21 -12.02 -24.94
CA ILE A 221 -14.18 -13.24 -24.14
C ILE A 221 -14.51 -12.96 -22.68
N LYS A 222 -15.54 -13.63 -22.17
CA LYS A 222 -15.93 -13.50 -20.78
C LYS A 222 -15.04 -14.34 -19.88
N PRO A 223 -14.52 -13.73 -18.80
CA PRO A 223 -13.64 -14.43 -17.86
C PRO A 223 -14.40 -15.34 -16.89
N VAL A 224 -15.07 -16.35 -17.43
CA VAL A 224 -15.90 -17.23 -16.63
C VAL A 224 -15.07 -18.28 -15.90
N VAL A 225 -15.11 -18.26 -14.58
CA VAL A 225 -14.39 -19.25 -13.78
C VAL A 225 -15.28 -20.42 -13.43
N SER A 226 -14.87 -21.62 -13.85
CA SER A 226 -15.62 -22.83 -13.55
C SER A 226 -14.75 -24.08 -13.69
N THR A 227 -15.15 -25.15 -13.00
CA THR A 227 -14.45 -26.41 -13.11
C THR A 227 -15.34 -27.47 -13.79
N GLN A 228 -14.71 -28.48 -14.37
CA GLN A 228 -15.46 -29.58 -14.99
C GLN A 228 -16.24 -29.17 -16.23
N LEU A 229 -17.25 -28.34 -16.03
CA LEU A 229 -18.08 -27.82 -17.11
C LEU A 229 -17.66 -26.41 -17.52
N LEU A 230 -17.69 -26.14 -18.83
CA LEU A 230 -17.41 -24.81 -19.34
C LEU A 230 -18.72 -24.07 -19.62
N LEU A 231 -18.79 -22.81 -19.20
CA LEU A 231 -20.03 -22.05 -19.30
C LEU A 231 -19.89 -20.78 -20.13
N ASN A 232 -20.94 -20.48 -20.91
CA ASN A 232 -21.03 -19.26 -21.71
C ASN A 232 -19.81 -19.00 -22.59
N GLY A 233 -19.26 -20.07 -23.19
CA GLY A 233 -18.16 -19.92 -24.12
C GLY A 233 -18.63 -19.83 -25.56
N SER A 234 -17.71 -20.04 -26.48
CA SER A 234 -18.02 -20.03 -27.91
C SER A 234 -18.40 -21.42 -28.41
N LEU A 235 -19.09 -21.47 -29.54
CA LEU A 235 -19.54 -22.74 -30.12
C LEU A 235 -18.62 -23.20 -31.23
N ALA A 236 -18.54 -24.52 -31.41
CA ALA A 236 -17.78 -25.08 -32.53
C ALA A 236 -18.67 -25.28 -33.75
N GLU A 237 -18.04 -25.24 -34.93
CA GLU A 237 -18.74 -25.54 -36.17
C GLU A 237 -18.50 -26.99 -36.59
N GLU A 238 -19.25 -27.44 -37.58
CA GLU A 238 -19.17 -28.83 -38.07
C GLU A 238 -19.55 -29.83 -36.99
N GLU A 239 -18.56 -30.55 -36.48
CA GLU A 239 -18.80 -31.60 -35.50
C GLU A 239 -18.21 -31.22 -34.15
N VAL A 240 -18.39 -32.10 -33.15
CA VAL A 240 -17.85 -31.84 -31.83
C VAL A 240 -16.33 -31.85 -31.88
N MET A 241 -15.68 -30.90 -31.23
CA MET A 241 -14.22 -30.85 -31.31
C MET A 241 -13.49 -31.48 -30.13
N ILE A 242 -12.55 -32.37 -30.45
CA ILE A 242 -11.72 -33.01 -29.46
C ILE A 242 -10.30 -32.50 -29.56
N ARG A 243 -9.82 -31.83 -28.51
CA ARG A 243 -8.45 -31.31 -28.54
C ARG A 243 -7.69 -31.75 -27.30
N SER A 244 -6.46 -32.24 -27.49
CA SER A 244 -5.62 -32.67 -26.37
C SER A 244 -4.14 -32.56 -26.72
N GLU A 245 -3.32 -32.23 -25.74
CA GLU A 245 -1.88 -32.13 -25.98
C GLU A 245 -1.32 -33.47 -26.45
N ASN A 246 -1.93 -34.54 -25.96
CA ASN A 246 -1.51 -35.89 -26.30
C ASN A 246 -2.62 -36.89 -25.96
N ILE A 247 -3.42 -37.23 -26.95
CA ILE A 247 -4.59 -38.07 -26.74
C ILE A 247 -4.22 -39.40 -26.08
N THR A 248 -3.09 -39.95 -26.50
CA THR A 248 -2.68 -41.29 -26.05
C THR A 248 -2.14 -41.25 -24.63
N ASN A 249 -1.76 -40.07 -24.17
CA ASN A 249 -1.20 -39.91 -22.84
C ASN A 249 -2.27 -39.56 -21.82
N ASN A 250 -2.59 -40.49 -20.93
CA ASN A 250 -3.67 -40.30 -19.97
C ASN A 250 -3.24 -39.51 -18.75
N ALA A 251 -2.01 -38.99 -18.81
CA ALA A 251 -1.52 -38.03 -17.84
C ALA A 251 -1.94 -36.62 -18.28
N LYS A 252 -2.45 -36.52 -19.51
CA LYS A 252 -2.96 -35.26 -20.03
C LYS A 252 -4.47 -35.22 -19.87
N ASN A 253 -5.12 -34.29 -20.54
CA ASN A 253 -6.57 -34.19 -20.48
C ASN A 253 -7.18 -33.85 -21.82
N ILE A 254 -8.50 -33.77 -21.88
CA ILE A 254 -9.18 -33.60 -23.15
C ILE A 254 -10.14 -32.40 -23.10
N LEU A 255 -10.04 -31.53 -24.09
CA LEU A 255 -10.99 -30.43 -24.24
C LEU A 255 -12.07 -30.76 -25.26
N VAL A 256 -13.31 -30.69 -24.82
CA VAL A 256 -14.46 -30.95 -25.69
C VAL A 256 -15.27 -29.67 -25.90
N GLN A 257 -15.42 -29.27 -27.16
CA GLN A 257 -16.20 -28.08 -27.47
C GLN A 257 -17.49 -28.47 -28.17
N PHE A 258 -18.62 -27.98 -27.66
CA PHE A 258 -19.93 -28.34 -28.20
C PHE A 258 -20.28 -27.57 -29.47
N ASN A 259 -21.32 -28.06 -30.13
CA ASN A 259 -21.86 -27.43 -31.33
C ASN A 259 -23.13 -26.66 -31.00
N THR A 260 -23.86 -27.14 -30.00
CA THR A 260 -25.14 -26.54 -29.62
C THR A 260 -25.16 -26.25 -28.13
N PRO A 261 -25.57 -25.05 -27.75
CA PRO A 261 -25.67 -24.71 -26.33
C PRO A 261 -26.55 -25.69 -25.56
N VAL A 262 -26.02 -26.21 -24.45
CA VAL A 262 -26.80 -27.06 -23.56
C VAL A 262 -27.26 -26.25 -22.35
N GLN A 263 -28.55 -25.96 -22.31
CA GLN A 263 -29.12 -25.12 -21.24
C GLN A 263 -28.97 -25.79 -19.88
N ILE A 264 -28.53 -25.01 -18.89
CA ILE A 264 -28.60 -25.44 -17.50
C ILE A 264 -29.16 -24.33 -16.62
N ASN A 265 -30.14 -24.67 -15.78
CA ASN A 265 -30.86 -23.69 -14.99
C ASN A 265 -30.79 -23.99 -13.50
N CYS A 266 -30.06 -23.15 -12.77
CA CYS A 266 -29.75 -23.44 -11.38
C CYS A 266 -30.44 -22.44 -10.44
N THR A 267 -30.87 -22.93 -9.28
CA THR A 267 -31.75 -22.14 -8.41
C THR A 267 -31.39 -22.26 -6.93
N ARG A 268 -31.57 -21.16 -6.21
CA ARG A 268 -31.40 -21.15 -4.77
C ARG A 268 -32.64 -20.53 -4.14
N PRO A 269 -33.63 -21.37 -3.82
CA PRO A 269 -34.95 -20.91 -3.38
C PRO A 269 -34.99 -20.49 -1.91
N ASN A 270 -34.26 -19.43 -1.57
CA ASN A 270 -34.17 -18.95 -0.19
C ASN A 270 -34.26 -17.44 -0.11
N ASN A 271 -35.45 -16.91 0.19
CA ASN A 271 -35.63 -15.48 0.34
C ASN A 271 -35.10 -15.01 1.69
N ASN A 272 -33.77 -15.08 1.83
CA ASN A 272 -33.12 -14.76 3.10
C ASN A 272 -32.71 -13.30 3.21
N THR A 273 -32.55 -12.85 4.45
CA THR A 273 -32.29 -11.44 4.74
C THR A 273 -30.81 -11.24 5.10
N ARG A 274 -30.40 -9.99 5.24
CA ARG A 274 -29.02 -9.69 5.57
C ARG A 274 -28.89 -8.83 6.82
N LYS A 275 -28.88 -9.49 7.97
CA LYS A 275 -28.70 -8.79 9.24
C LYS A 275 -27.27 -8.25 9.33
N SER A 276 -27.01 -7.16 8.64
CA SER A 276 -25.70 -6.52 8.69
C SER A 276 -25.37 -6.05 10.11
N ILE A 277 -24.14 -6.31 10.54
CA ILE A 277 -23.73 -5.97 11.90
C ILE A 277 -22.57 -4.97 11.84
N ARG A 278 -22.71 -3.86 12.56
CA ARG A 278 -21.71 -2.81 12.52
C ARG A 278 -20.46 -3.14 13.35
N ILE A 279 -19.69 -4.12 12.89
CA ILE A 279 -18.50 -4.52 13.61
C ILE A 279 -17.39 -3.61 13.11
N GLY A 280 -17.45 -2.36 13.54
CA GLY A 280 -16.50 -1.36 13.10
C GLY A 280 -15.15 -1.49 13.80
N PRO A 281 -14.47 -0.35 14.23
CA PRO A 281 -15.15 0.94 14.03
C PRO A 281 -15.32 1.25 12.55
N GLY A 282 -16.43 1.88 12.22
CA GLY A 282 -16.64 2.41 10.88
C GLY A 282 -17.03 1.36 9.85
N GLN A 283 -16.16 0.39 9.66
CA GLN A 283 -16.41 -0.63 8.64
C GLN A 283 -17.56 -1.56 9.05
N ALA A 284 -18.33 -2.00 8.06
CA ALA A 284 -19.52 -2.80 8.32
C ALA A 284 -19.42 -4.22 7.79
N PHE A 285 -20.04 -5.17 8.48
CA PHE A 285 -20.00 -6.56 8.07
C PHE A 285 -21.41 -7.00 7.73
N TYR A 286 -21.53 -7.79 6.66
CA TYR A 286 -22.83 -8.32 6.28
C TYR A 286 -22.97 -9.77 6.70
N ALA A 287 -23.64 -9.98 7.82
CA ALA A 287 -23.89 -11.32 8.32
C ALA A 287 -25.13 -11.93 7.68
N THR A 288 -25.43 -13.18 7.99
CA THR A 288 -26.63 -13.82 7.46
C THR A 288 -27.82 -13.69 8.41
N GLY A 289 -28.88 -13.04 7.92
CA GLY A 289 -30.06 -12.79 8.73
C GLY A 289 -30.88 -14.01 9.07
N ASP A 290 -32.02 -14.17 8.38
CA ASP A 290 -32.89 -15.32 8.55
C ASP A 290 -33.16 -15.96 7.20
N ILE A 291 -33.44 -17.26 7.20
CA ILE A 291 -33.77 -17.98 5.98
C ILE A 291 -35.24 -18.38 5.94
N ILE A 292 -35.98 -17.82 4.98
CA ILE A 292 -37.40 -18.08 4.86
C ILE A 292 -37.79 -18.39 3.41
N GLY A 293 -38.97 -18.95 3.23
CA GLY A 293 -39.41 -19.36 1.91
C GLY A 293 -39.36 -20.86 1.67
N ASP A 294 -39.16 -21.24 0.41
CA ASP A 294 -39.20 -22.64 0.02
C ASP A 294 -37.92 -23.39 0.41
N ILE A 295 -37.88 -23.86 1.65
CA ILE A 295 -36.67 -24.47 2.19
C ILE A 295 -36.38 -25.77 1.44
N ARG A 296 -35.81 -25.64 0.25
CA ARG A 296 -35.33 -26.80 -0.52
C ARG A 296 -33.83 -26.61 -0.81
N GLN A 297 -33.12 -27.70 -1.05
CA GLN A 297 -31.69 -27.64 -1.36
C GLN A 297 -31.52 -27.01 -2.72
N ALA A 298 -30.53 -26.14 -2.87
CA ALA A 298 -30.28 -25.57 -4.18
C ALA A 298 -29.86 -26.67 -5.13
N HIS A 299 -30.23 -26.51 -6.40
CA HIS A 299 -30.02 -27.55 -7.39
C HIS A 299 -30.05 -26.97 -8.79
N CYS A 300 -29.64 -27.78 -9.76
CA CYS A 300 -29.67 -27.38 -11.16
C CYS A 300 -30.59 -28.29 -11.97
N ASN A 301 -31.24 -27.68 -12.96
CA ASN A 301 -32.08 -28.41 -13.91
C ASN A 301 -31.46 -28.54 -15.29
N VAL A 302 -31.33 -29.78 -15.74
CA VAL A 302 -30.73 -30.08 -17.03
C VAL A 302 -31.74 -30.87 -17.87
N SER A 303 -31.87 -30.45 -19.13
CA SER A 303 -32.64 -31.19 -20.12
C SER A 303 -31.94 -32.50 -20.47
N LYS A 304 -32.53 -33.59 -19.99
CA LYS A 304 -31.94 -34.92 -20.08
C LYS A 304 -31.72 -35.45 -21.50
N ALA A 305 -32.76 -35.38 -22.32
CA ALA A 305 -32.64 -35.84 -23.71
C ALA A 305 -31.55 -35.06 -24.46
N THR A 306 -31.46 -33.77 -24.19
CA THR A 306 -30.44 -32.92 -24.78
C THR A 306 -29.03 -33.38 -24.39
N TRP A 307 -28.83 -33.63 -23.10
CA TRP A 307 -27.57 -34.16 -22.61
C TRP A 307 -27.20 -35.48 -23.28
N ASN A 308 -28.18 -36.37 -23.38
CA ASN A 308 -27.94 -37.69 -23.94
C ASN A 308 -27.52 -37.56 -25.39
N GLU A 309 -28.26 -36.75 -26.12
CA GLU A 309 -27.98 -36.50 -27.53
C GLU A 309 -26.58 -35.93 -27.78
N THR A 310 -26.24 -34.87 -27.07
CA THR A 310 -24.93 -34.26 -27.21
C THR A 310 -23.81 -35.23 -26.78
N LEU A 311 -24.03 -35.93 -25.68
CA LEU A 311 -23.02 -36.83 -25.18
C LEU A 311 -22.69 -37.83 -26.26
N GLY A 312 -23.73 -38.32 -26.91
CA GLY A 312 -23.56 -39.26 -28.01
C GLY A 312 -22.68 -38.66 -29.08
N LYS A 313 -22.93 -37.40 -29.43
CA LYS A 313 -22.14 -36.76 -30.47
C LYS A 313 -20.67 -36.72 -30.06
N VAL A 314 -20.44 -36.50 -28.77
CA VAL A 314 -19.08 -36.52 -28.23
C VAL A 314 -18.45 -37.90 -28.39
N VAL A 315 -19.21 -38.94 -28.07
CA VAL A 315 -18.72 -40.31 -28.16
C VAL A 315 -18.34 -40.69 -29.60
N LYS A 316 -19.02 -40.07 -30.55
CA LYS A 316 -18.74 -40.35 -31.94
C LYS A 316 -17.28 -39.99 -32.21
N GLN A 317 -16.80 -38.96 -31.51
CA GLN A 317 -15.51 -38.39 -31.81
C GLN A 317 -14.42 -39.24 -31.17
N LEU A 318 -15.07 -39.58 -29.94
CA LEU A 318 -14.14 -40.47 -29.26
C LEU A 318 -13.91 -41.74 -30.08
N ARG A 319 -14.97 -42.26 -30.68
CA ARG A 319 -14.84 -43.47 -31.48
C ARG A 319 -13.75 -43.23 -32.52
N LYS A 320 -13.93 -42.16 -33.29
CA LYS A 320 -12.96 -41.75 -34.30
C LYS A 320 -11.52 -41.67 -33.82
N HIS A 321 -10.91 -41.73 -32.52
CA HIS A 321 -9.55 -41.65 -32.00
C HIS A 321 -9.20 -42.83 -31.11
N PHE A 322 -10.05 -43.85 -31.09
CA PHE A 322 -9.84 -45.00 -30.25
C PHE A 322 -10.27 -46.31 -30.90
N GLY A 323 -11.16 -46.22 -31.89
CA GLY A 323 -11.48 -47.39 -32.69
C GLY A 323 -12.96 -47.64 -32.87
N ASN A 324 -13.29 -48.50 -33.82
CA ASN A 324 -14.68 -48.78 -34.15
C ASN A 324 -15.13 -50.04 -33.43
N ASN A 325 -14.39 -50.41 -32.39
CA ASN A 325 -14.75 -51.57 -31.58
C ASN A 325 -14.29 -51.43 -30.13
N THR A 326 -14.57 -50.29 -29.52
CA THR A 326 -14.21 -50.05 -28.13
C THR A 326 -15.42 -49.57 -27.31
N ILE A 327 -15.29 -49.61 -26.00
CA ILE A 327 -16.40 -49.27 -25.11
C ILE A 327 -16.09 -48.01 -24.30
N ILE A 328 -17.05 -47.09 -24.27
CA ILE A 328 -16.86 -45.79 -23.62
C ILE A 328 -17.76 -45.66 -22.39
N ARG A 329 -17.14 -45.46 -21.23
CA ARG A 329 -17.89 -45.26 -20.00
C ARG A 329 -17.60 -43.90 -19.37
N PHE A 330 -18.63 -43.29 -18.80
CA PHE A 330 -18.48 -42.00 -18.12
C PHE A 330 -18.81 -42.13 -16.64
N ALA A 331 -17.96 -41.54 -15.80
CA ALA A 331 -18.12 -41.60 -14.36
C ALA A 331 -17.69 -40.29 -13.72
N ASN A 332 -17.93 -40.15 -12.42
CA ASN A 332 -17.52 -38.96 -11.68
C ASN A 332 -16.03 -39.00 -11.33
N SER A 333 -15.58 -37.96 -10.61
CA SER A 333 -14.16 -37.79 -10.34
C SER A 333 -13.62 -38.80 -9.33
N SER A 334 -12.32 -38.73 -9.08
CA SER A 334 -11.66 -39.63 -8.14
C SER A 334 -11.95 -39.22 -6.69
N GLY A 335 -12.55 -38.04 -6.52
CA GLY A 335 -12.82 -37.53 -5.19
C GLY A 335 -11.67 -36.75 -4.61
N GLY A 336 -11.83 -36.28 -3.37
CA GLY A 336 -10.81 -35.50 -2.72
C GLY A 336 -11.27 -34.09 -2.39
N ASP A 337 -10.46 -33.11 -2.77
CA ASP A 337 -10.78 -31.70 -2.54
C ASP A 337 -12.09 -31.30 -3.22
N LEU A 338 -13.04 -30.82 -2.44
CA LEU A 338 -14.36 -30.50 -2.96
C LEU A 338 -14.27 -29.63 -4.21
N GLU A 339 -13.31 -28.73 -4.22
CA GLU A 339 -13.16 -27.79 -5.33
C GLU A 339 -12.93 -28.52 -6.66
N VAL A 340 -12.24 -29.65 -6.61
CA VAL A 340 -12.03 -30.47 -7.79
C VAL A 340 -13.12 -31.52 -7.95
N THR A 341 -13.53 -32.12 -6.84
CA THR A 341 -14.54 -33.18 -6.86
C THR A 341 -15.83 -32.75 -7.56
N THR A 342 -16.36 -31.59 -7.18
CA THR A 342 -17.64 -31.14 -7.72
C THR A 342 -17.48 -30.01 -8.72
N HIS A 343 -18.58 -29.64 -9.36
CA HIS A 343 -18.60 -28.52 -10.30
C HIS A 343 -18.79 -27.20 -9.56
N SER A 344 -17.76 -26.36 -9.60
CA SER A 344 -17.82 -25.06 -8.95
C SER A 344 -18.08 -23.95 -9.96
N PHE A 345 -18.91 -22.97 -9.60
CA PHE A 345 -19.15 -21.81 -10.45
C PHE A 345 -19.80 -20.68 -9.66
N ASN A 346 -19.71 -19.47 -10.20
CA ASN A 346 -20.30 -18.30 -9.56
C ASN A 346 -21.58 -17.86 -10.26
N CYS A 347 -22.62 -17.65 -9.47
CA CYS A 347 -23.86 -17.04 -9.98
C CYS A 347 -24.31 -15.90 -9.08
N GLY A 348 -24.12 -14.67 -9.53
CA GLY A 348 -24.61 -13.50 -8.83
C GLY A 348 -23.83 -13.20 -7.56
N GLY A 349 -22.62 -13.74 -7.45
CA GLY A 349 -21.81 -13.57 -6.27
C GLY A 349 -21.78 -14.78 -5.37
N GLU A 350 -22.78 -15.66 -5.54
CA GLU A 350 -22.87 -16.88 -4.75
C GLU A 350 -22.07 -18.00 -5.42
N PHE A 351 -21.44 -18.84 -4.60
CA PHE A 351 -20.59 -19.90 -5.10
C PHE A 351 -21.25 -21.26 -4.93
N PHE A 352 -21.45 -21.96 -6.04
CA PHE A 352 -22.13 -23.25 -6.03
C PHE A 352 -21.18 -24.42 -6.20
N TYR A 353 -21.48 -25.52 -5.52
CA TYR A 353 -20.77 -26.77 -5.66
C TYR A 353 -21.78 -27.88 -5.91
N CYS A 354 -21.80 -28.39 -7.14
CA CYS A 354 -22.82 -29.35 -7.56
C CYS A 354 -22.28 -30.75 -7.87
N ASN A 355 -23.06 -31.75 -7.47
CA ASN A 355 -22.72 -33.15 -7.66
C ASN A 355 -23.05 -33.61 -9.08
N THR A 356 -22.06 -33.58 -9.97
CA THR A 356 -22.30 -33.83 -11.39
C THR A 356 -22.37 -35.32 -11.71
N SER A 357 -22.42 -36.14 -10.66
CA SER A 357 -22.65 -37.58 -10.83
C SER A 357 -23.92 -37.83 -11.64
N GLY A 358 -24.90 -36.94 -11.48
CA GLY A 358 -26.15 -37.06 -12.19
C GLY A 358 -26.02 -36.86 -13.70
N LEU A 359 -24.91 -36.28 -14.12
CA LEU A 359 -24.64 -36.10 -15.54
C LEU A 359 -23.67 -37.18 -16.05
N PHE A 360 -22.50 -37.22 -15.43
CA PHE A 360 -21.43 -38.15 -15.83
C PHE A 360 -21.65 -39.55 -15.29
N ASN A 361 -22.69 -40.21 -15.77
CA ASN A 361 -22.99 -41.59 -15.42
C ASN A 361 -23.61 -42.35 -16.58
N SER A 362 -22.75 -42.86 -17.48
CA SER A 362 -23.25 -43.51 -18.68
C SER A 362 -22.18 -44.44 -19.24
N THR A 363 -22.86 -44.85 -20.46
CA THR A 363 -21.98 -45.78 -21.14
C THR A 363 -22.38 -45.92 -22.60
N TRP A 364 -21.44 -46.33 -23.45
CA TRP A 364 -21.75 -46.65 -24.83
C TRP A 364 -21.07 -47.93 -25.29
N ILE A 365 -21.74 -48.64 -26.19
CA ILE A 365 -21.36 -50.02 -26.51
C ILE A 365 -20.10 -50.05 -27.37
N SER A 366 -20.08 -50.89 -28.40
CA SER A 366 -18.89 -51.11 -29.20
C SER A 366 -18.95 -50.42 -30.55
N ASN A 367 -20.15 -50.27 -31.10
CA ASN A 367 -20.27 -49.63 -32.41
C ASN A 367 -21.69 -49.16 -32.68
N ASN A 379 -40.17 -35.39 -18.99
CA ASN A 379 -39.55 -34.23 -19.60
C ASN A 379 -38.58 -34.56 -20.74
N ASP A 380 -37.59 -35.42 -20.48
CA ASP A 380 -37.11 -35.70 -19.13
C ASP A 380 -36.03 -34.72 -18.71
N SER A 381 -35.75 -34.68 -17.41
CA SER A 381 -34.79 -33.70 -16.89
C SER A 381 -33.98 -34.28 -15.74
N ILE A 382 -32.84 -33.66 -15.45
CA ILE A 382 -31.96 -34.13 -14.40
C ILE A 382 -31.81 -33.08 -13.30
N THR A 383 -31.95 -33.50 -12.05
CA THR A 383 -31.75 -32.63 -10.91
C THR A 383 -30.37 -32.85 -10.29
N LEU A 384 -29.57 -31.78 -10.22
CA LEU A 384 -28.23 -31.85 -9.64
C LEU A 384 -28.17 -31.16 -8.28
N PRO A 385 -27.98 -31.94 -7.21
CA PRO A 385 -27.84 -31.40 -5.85
C PRO A 385 -26.63 -30.47 -5.71
N CYS A 386 -26.84 -29.28 -5.17
CA CYS A 386 -25.75 -28.33 -4.99
C CYS A 386 -25.59 -27.86 -3.55
N ARG A 387 -24.41 -27.34 -3.24
CA ARG A 387 -24.11 -26.83 -1.90
C ARG A 387 -23.63 -25.41 -2.04
N ILE A 388 -23.77 -24.62 -0.98
CA ILE A 388 -23.35 -23.23 -1.00
C ILE A 388 -22.21 -23.01 -0.03
N LYS A 389 -21.18 -22.29 -0.46
CA LYS A 389 -20.08 -21.97 0.43
C LYS A 389 -19.93 -20.47 0.50
N GLN A 390 -19.38 -19.96 1.60
CA GLN A 390 -19.16 -18.53 1.70
C GLN A 390 -17.67 -18.20 1.78
N ILE A 391 -16.87 -19.15 2.24
CA ILE A 391 -15.42 -19.01 2.25
C ILE A 391 -14.81 -19.79 1.10
N ILE A 392 -14.17 -19.09 0.17
CA ILE A 392 -13.62 -19.73 -1.01
C ILE A 392 -12.16 -19.37 -1.28
N ASN A 393 -11.48 -20.22 -2.04
CA ASN A 393 -10.08 -20.04 -2.42
C ASN A 393 -9.91 -20.06 -3.94
N MET A 394 -9.48 -18.93 -4.49
CA MET A 394 -9.37 -18.78 -5.94
C MET A 394 -8.06 -19.36 -6.50
N TRP A 395 -8.26 -20.08 -7.61
CA TRP A 395 -7.21 -20.52 -8.49
C TRP A 395 -6.20 -21.29 -7.72
N GLN A 396 -6.68 -22.11 -6.80
CA GLN A 396 -5.83 -23.07 -6.12
C GLN A 396 -4.83 -22.28 -5.29
N ARG A 397 -5.15 -21.01 -5.03
CA ARG A 397 -4.17 -20.23 -4.31
C ARG A 397 -4.37 -20.27 -2.80
N ILE A 398 -3.31 -20.63 -2.09
CA ILE A 398 -3.37 -20.70 -0.63
C ILE A 398 -2.59 -19.50 -0.10
N GLY A 399 -2.89 -19.11 1.13
CA GLY A 399 -2.26 -17.95 1.72
C GLY A 399 -3.23 -16.80 1.87
N GLN A 400 -4.39 -16.93 1.24
CA GLN A 400 -5.45 -15.95 1.39
C GLN A 400 -6.81 -16.53 1.01
N ALA A 401 -7.88 -15.87 1.47
CA ALA A 401 -9.22 -16.34 1.22
C ALA A 401 -10.20 -15.18 1.16
N MET A 402 -11.33 -15.37 0.51
CA MET A 402 -12.30 -14.30 0.33
C MET A 402 -13.69 -14.70 0.81
N TYR A 403 -14.33 -13.81 1.55
CA TYR A 403 -15.65 -14.06 2.09
C TYR A 403 -16.71 -13.49 1.16
N ALA A 404 -17.61 -14.33 0.69
CA ALA A 404 -18.70 -13.87 -0.15
C ALA A 404 -19.78 -13.33 0.78
N PRO A 405 -20.31 -12.09 0.46
CA PRO A 405 -21.43 -11.68 1.29
C PRO A 405 -22.68 -12.44 0.88
N PRO A 406 -23.57 -12.77 1.89
CA PRO A 406 -24.82 -13.40 1.42
C PRO A 406 -25.61 -12.45 0.54
N ILE A 407 -26.13 -12.96 -0.58
CA ILE A 407 -26.94 -12.15 -1.48
C ILE A 407 -28.41 -12.24 -1.11
N GLN A 408 -29.02 -11.09 -0.84
CA GLN A 408 -30.38 -11.05 -0.31
C GLN A 408 -31.40 -11.50 -1.36
N GLY A 409 -32.37 -12.29 -0.94
CA GLY A 409 -33.42 -12.74 -1.82
C GLY A 409 -33.14 -14.03 -2.55
N VAL A 410 -34.12 -14.50 -3.30
CA VAL A 410 -34.00 -15.76 -4.04
C VAL A 410 -33.09 -15.58 -5.25
N ILE A 411 -32.12 -16.48 -5.38
CA ILE A 411 -31.16 -16.41 -6.47
C ILE A 411 -31.34 -17.54 -7.47
N ARG A 412 -31.59 -17.20 -8.73
CA ARG A 412 -31.74 -18.18 -9.79
C ARG A 412 -31.22 -17.65 -11.11
N CYS A 413 -30.55 -18.49 -11.88
CA CYS A 413 -29.96 -18.06 -13.14
C CYS A 413 -29.83 -19.22 -14.12
N VAL A 414 -29.49 -18.90 -15.37
CA VAL A 414 -29.41 -19.90 -16.43
C VAL A 414 -28.23 -19.59 -17.34
N SER A 415 -27.57 -20.63 -17.82
CA SER A 415 -26.41 -20.45 -18.68
C SER A 415 -26.26 -21.55 -19.73
N ASN A 416 -25.31 -21.35 -20.63
CA ASN A 416 -25.04 -22.32 -21.70
C ASN A 416 -23.80 -23.15 -21.41
N ILE A 417 -23.96 -24.46 -21.33
CA ILE A 417 -22.80 -25.33 -21.23
C ILE A 417 -22.22 -25.50 -22.63
N THR A 418 -20.96 -25.13 -22.80
CA THR A 418 -20.37 -25.06 -24.12
C THR A 418 -19.13 -25.96 -24.27
N GLY A 419 -18.87 -26.78 -23.27
CA GLY A 419 -17.75 -27.71 -23.36
C GLY A 419 -17.46 -28.48 -22.09
N LEU A 420 -16.58 -29.47 -22.21
CA LEU A 420 -16.21 -30.34 -21.09
C LEU A 420 -14.72 -30.34 -20.84
N ILE A 421 -14.34 -30.43 -19.57
CA ILE A 421 -12.96 -30.71 -19.19
C ILE A 421 -12.87 -32.17 -18.73
N LEU A 422 -12.41 -33.03 -19.62
CA LEU A 422 -12.38 -34.46 -19.36
C LEU A 422 -10.98 -35.00 -19.17
N THR A 423 -10.86 -36.08 -18.41
CA THR A 423 -9.60 -36.77 -18.21
C THR A 423 -9.74 -38.25 -18.59
N ARG A 424 -8.65 -38.86 -19.02
CA ARG A 424 -8.68 -40.26 -19.46
C ARG A 424 -8.16 -41.19 -18.36
N ASP A 425 -8.98 -42.18 -18.01
CA ASP A 425 -8.62 -43.11 -16.94
C ASP A 425 -7.28 -43.79 -17.17
N THR A 429 -5.07 -54.64 -19.15
CA THR A 429 -6.52 -54.36 -19.15
C THR A 429 -6.97 -53.13 -19.96
N ASN A 430 -6.23 -52.83 -21.02
CA ASN A 430 -6.55 -51.69 -21.88
C ASN A 430 -6.65 -52.12 -23.34
N SER A 431 -7.74 -52.80 -23.68
CA SER A 431 -7.92 -53.32 -25.02
C SER A 431 -9.35 -53.16 -25.51
N THR A 432 -10.13 -52.35 -24.82
CA THR A 432 -11.54 -52.17 -25.18
C THR A 432 -12.25 -51.08 -24.38
N THR A 433 -12.55 -51.37 -23.12
CA THR A 433 -13.31 -50.40 -22.32
C THR A 433 -12.44 -49.30 -21.70
N GLU A 434 -12.82 -48.06 -21.98
CA GLU A 434 -12.14 -46.91 -21.39
C GLU A 434 -13.14 -46.04 -20.64
N THR A 435 -12.69 -45.46 -19.54
CA THR A 435 -13.57 -44.63 -18.72
C THR A 435 -13.07 -43.20 -18.73
N PHE A 436 -13.99 -42.24 -18.82
CA PHE A 436 -13.61 -40.84 -18.78
C PHE A 436 -14.34 -40.08 -17.67
N ARG A 437 -13.66 -39.08 -17.12
CA ARG A 437 -14.24 -38.27 -16.02
C ARG A 437 -13.89 -36.76 -16.01
N PRO A 438 -14.74 -35.94 -15.37
CA PRO A 438 -14.56 -34.48 -15.33
C PRO A 438 -13.43 -34.05 -14.40
N GLY A 439 -12.73 -32.99 -14.76
CA GLY A 439 -11.66 -32.46 -13.94
C GLY A 439 -11.58 -30.94 -14.01
N GLY A 440 -10.37 -30.42 -13.84
CA GLY A 440 -10.15 -28.98 -13.93
C GLY A 440 -8.97 -28.53 -13.11
N GLY A 441 -9.21 -27.65 -12.14
CA GLY A 441 -8.17 -27.17 -11.25
C GLY A 441 -7.40 -26.01 -11.85
N ASP A 442 -6.68 -26.28 -12.94
CA ASP A 442 -5.86 -25.27 -13.59
C ASP A 442 -6.69 -24.45 -14.56
N MET A 443 -6.98 -23.21 -14.19
CA MET A 443 -7.98 -22.40 -14.88
C MET A 443 -7.41 -21.73 -16.14
N ARG A 444 -6.14 -22.02 -16.39
CA ARG A 444 -5.48 -21.54 -17.59
C ARG A 444 -6.14 -22.36 -18.71
N ASP A 445 -6.65 -23.54 -18.34
CA ASP A 445 -7.36 -24.40 -19.29
C ASP A 445 -8.56 -23.67 -19.88
N ASN A 446 -9.29 -22.96 -19.02
CA ASN A 446 -10.47 -22.21 -19.44
C ASN A 446 -10.14 -21.12 -20.45
N TRP A 447 -9.09 -20.35 -20.17
CA TRP A 447 -8.72 -19.28 -21.09
C TRP A 447 -8.27 -19.90 -22.41
N ARG A 448 -7.51 -20.99 -22.33
CA ARG A 448 -6.95 -21.66 -23.50
C ARG A 448 -8.04 -22.24 -24.39
N SER A 449 -9.18 -22.57 -23.80
CA SER A 449 -10.27 -23.15 -24.55
C SER A 449 -10.85 -22.15 -25.54
N GLU A 450 -10.50 -20.89 -25.37
CA GLU A 450 -10.97 -19.85 -26.28
C GLU A 450 -9.86 -19.25 -27.13
N LEU A 451 -8.70 -19.08 -26.52
CA LEU A 451 -7.61 -18.33 -27.15
C LEU A 451 -6.88 -19.16 -28.19
N TYR A 452 -7.34 -20.39 -28.40
CA TYR A 452 -6.66 -21.27 -29.34
C TYR A 452 -6.86 -20.74 -30.75
N LYS A 453 -7.82 -19.84 -30.91
CA LYS A 453 -8.18 -19.32 -32.22
C LYS A 453 -7.21 -18.21 -32.62
N TYR A 454 -6.39 -17.80 -31.66
CA TYR A 454 -5.53 -16.63 -31.83
C TYR A 454 -4.05 -16.95 -31.62
N LYS A 455 -3.20 -16.17 -32.29
CA LYS A 455 -1.76 -16.18 -32.00
C LYS A 455 -1.17 -14.81 -32.30
N VAL A 456 -0.07 -14.48 -31.63
CA VAL A 456 0.58 -13.19 -31.82
C VAL A 456 1.96 -13.31 -32.48
N VAL A 457 2.19 -12.48 -33.48
CA VAL A 457 3.45 -12.49 -34.22
C VAL A 457 4.06 -11.10 -34.29
N LYS A 458 5.38 -11.02 -34.42
CA LYS A 458 6.08 -9.75 -34.52
C LYS A 458 6.47 -9.46 -35.97
N ILE A 459 5.96 -8.36 -36.51
CA ILE A 459 6.29 -7.97 -37.87
C ILE A 459 7.71 -7.43 -37.97
N GLU A 460 8.41 -7.81 -39.03
CA GLU A 460 9.72 -7.25 -39.35
C GLU A 460 9.65 -6.53 -40.69
N PRO A 461 9.41 -5.20 -40.63
CA PRO A 461 9.29 -4.32 -41.80
C PRO A 461 10.48 -4.35 -42.75
N LEU A 462 11.69 -4.58 -42.22
CA LEU A 462 12.90 -4.41 -43.02
C LEU A 462 13.30 -5.71 -43.70
N GLY A 463 13.53 -5.65 -45.00
CA GLY A 463 14.01 -6.78 -45.77
C GLY A 463 14.84 -6.33 -46.95
N VAL A 464 15.59 -7.26 -47.53
CA VAL A 464 16.40 -6.96 -48.71
C VAL A 464 16.24 -8.06 -49.75
N ALA A 465 16.58 -7.74 -51.00
CA ALA A 465 16.44 -8.71 -52.09
C ALA A 465 17.29 -8.29 -53.28
N PRO A 466 17.69 -9.27 -54.09
CA PRO A 466 18.49 -9.01 -55.29
C PRO A 466 17.67 -8.40 -56.40
N THR A 467 18.14 -7.26 -56.91
CA THR A 467 17.46 -6.60 -58.00
C THR A 467 18.46 -5.98 -58.96
N ARG A 468 18.14 -6.06 -60.24
CA ARG A 468 18.98 -5.52 -61.30
C ARG A 468 18.93 -3.98 -61.13
N CYS A 469 19.92 -3.39 -60.43
CA CYS A 469 19.95 -1.94 -60.25
C CYS A 469 21.29 -1.47 -59.71
N LYS A 470 21.94 -0.56 -60.43
CA LYS A 470 23.18 0.05 -59.99
C LYS A 470 22.96 1.53 -59.65
N ARG A 471 22.89 1.93 -58.37
CA ARG A 471 22.55 3.37 -57.95
C ARG A 471 23.53 4.62 -58.23
N ARG A 472 23.25 5.49 -59.26
CA ARG A 472 24.06 6.75 -59.61
C ARG A 472 24.11 8.04 -58.65
N VAL A 473 25.15 8.92 -58.69
CA VAL A 473 25.17 10.10 -57.83
C VAL A 473 24.50 11.29 -58.50
N VAL B 7 -5.89 -0.79 -56.09
CA VAL B 7 -7.02 -1.26 -55.29
C VAL B 7 -6.62 -1.43 -53.82
N PHE B 8 -7.38 -0.82 -52.92
CA PHE B 8 -7.09 -0.98 -51.51
C PHE B 8 -7.42 -2.40 -51.09
N LEU B 9 -6.45 -3.09 -50.48
CA LEU B 9 -6.66 -4.48 -50.09
C LEU B 9 -6.93 -4.53 -48.60
N GLY B 10 -6.11 -3.83 -47.84
CA GLY B 10 -6.23 -3.81 -46.39
C GLY B 10 -4.91 -4.19 -45.78
N PHE B 11 -4.83 -4.08 -44.45
CA PHE B 11 -3.57 -4.34 -43.76
C PHE B 11 -3.08 -5.76 -44.02
N LEU B 12 -1.90 -5.87 -44.63
CA LEU B 12 -1.29 -7.16 -44.98
C LEU B 12 -2.10 -7.87 -46.06
N GLY B 13 -2.86 -7.12 -46.83
CA GLY B 13 -3.74 -7.68 -47.85
C GLY B 13 -3.02 -8.38 -48.99
N ALA B 14 -1.75 -8.06 -49.18
CA ALA B 14 -0.97 -8.66 -50.24
C ALA B 14 0.01 -9.71 -49.69
N ALA B 15 -0.14 -10.05 -48.41
CA ALA B 15 0.79 -10.96 -47.75
C ALA B 15 0.85 -12.28 -48.49
N GLY B 16 -0.26 -12.70 -49.07
CA GLY B 16 -0.34 -13.97 -49.78
C GLY B 16 -0.17 -13.77 -51.28
N SER B 17 0.92 -13.11 -51.66
CA SER B 17 1.24 -12.92 -53.07
C SER B 17 2.74 -12.89 -53.28
N THR B 18 3.15 -12.88 -54.54
CA THR B 18 4.58 -12.82 -54.88
C THR B 18 5.20 -11.49 -54.45
N MET B 19 6.50 -11.51 -54.20
CA MET B 19 7.19 -10.34 -53.68
C MET B 19 7.03 -9.14 -54.61
N GLY B 20 7.03 -9.42 -55.91
CA GLY B 20 6.80 -8.39 -56.91
C GLY B 20 5.42 -7.78 -56.72
N ALA B 21 4.41 -8.62 -56.62
CA ALA B 21 3.03 -8.16 -56.45
C ALA B 21 2.87 -7.40 -55.15
N ALA B 22 3.45 -7.93 -54.08
CA ALA B 22 3.29 -7.36 -52.74
C ALA B 22 3.86 -5.95 -52.67
N SER B 23 4.90 -5.69 -53.45
CA SER B 23 5.59 -4.40 -53.39
C SER B 23 4.67 -3.26 -53.81
N MET B 24 3.56 -3.60 -54.46
CA MET B 24 2.63 -2.62 -54.97
C MET B 24 2.07 -1.78 -53.82
N THR B 25 1.81 -2.44 -52.70
CA THR B 25 1.04 -1.84 -51.61
C THR B 25 1.78 -1.95 -50.28
N LEU B 26 3.04 -1.53 -50.25
CA LEU B 26 3.84 -1.56 -49.02
C LEU B 26 3.38 -0.50 -48.01
N THR B 27 2.86 0.61 -48.50
CA THR B 27 2.44 1.71 -47.64
C THR B 27 1.24 1.32 -46.78
N VAL B 28 0.26 0.63 -47.37
CA VAL B 28 -0.89 0.13 -46.62
C VAL B 28 -0.46 -0.58 -45.35
N GLN B 29 0.66 -1.31 -45.42
CA GLN B 29 1.25 -1.93 -44.24
C GLN B 29 2.00 -0.90 -43.40
N ALA B 30 2.78 -0.06 -44.07
CA ALA B 30 3.71 0.85 -43.40
C ALA B 30 3.00 1.66 -42.32
N ARG B 31 1.81 2.16 -42.65
CA ARG B 31 1.07 3.05 -41.76
C ARG B 31 0.88 2.42 -40.38
N ASN B 32 0.57 1.13 -40.34
CA ASN B 32 0.16 0.47 -39.10
C ASN B 32 1.32 -0.26 -38.42
N LEU B 33 2.53 0.02 -38.90
CA LEU B 33 3.71 -0.56 -38.30
C LEU B 33 3.95 0.23 -37.02
N LEU B 34 3.48 1.49 -37.02
CA LEU B 34 3.54 2.30 -35.80
C LEU B 34 2.13 2.71 -35.37
N SER B 35 1.22 2.83 -36.33
CA SER B 35 -0.20 2.85 -36.01
C SER B 35 -0.56 4.19 -35.40
N GLY B 36 -0.20 4.39 -34.14
CA GLY B 36 -0.55 5.61 -33.45
C GLY B 36 -1.97 5.49 -32.94
N ILE B 37 -2.60 6.64 -32.72
CA ILE B 37 -3.92 6.70 -32.09
C ILE B 37 -3.98 5.99 -30.73
N VAL B 38 -4.64 4.83 -30.71
CA VAL B 38 -4.83 4.05 -29.48
C VAL B 38 -5.69 4.83 -28.48
N GLN B 39 -5.17 5.93 -27.97
CA GLN B 39 -5.92 6.78 -27.06
C GLN B 39 -6.07 6.12 -25.69
N LEU B 55 -8.37 5.31 -7.96
CA LEU B 55 -7.46 4.17 -7.97
C LEU B 55 -6.41 4.30 -9.07
N LYS B 56 -5.13 4.27 -8.69
CA LYS B 56 -4.06 4.38 -9.67
C LYS B 56 -3.45 3.03 -10.07
N LEU B 57 -2.32 3.08 -10.75
CA LEU B 57 -1.71 1.88 -11.31
C LEU B 57 -2.79 1.06 -12.01
N THR B 58 -3.17 -0.03 -11.35
CA THR B 58 -4.21 -0.92 -11.82
C THR B 58 -3.65 -1.77 -12.94
N VAL B 59 -4.23 -2.95 -13.15
CA VAL B 59 -3.77 -3.79 -14.26
C VAL B 59 -4.04 -3.02 -15.54
N TRP B 60 -3.13 -3.14 -16.50
CA TRP B 60 -3.29 -2.40 -17.74
C TRP B 60 -2.69 -1.02 -17.52
N GLY B 61 -2.59 -0.60 -16.26
CA GLY B 61 -2.12 0.75 -15.99
C GLY B 61 -0.71 1.01 -16.49
N ILE B 62 0.13 -0.02 -16.42
CA ILE B 62 1.51 0.11 -16.90
C ILE B 62 1.79 -0.85 -18.03
N LYS B 63 0.73 -1.41 -18.60
CA LYS B 63 0.90 -2.47 -19.58
C LYS B 63 0.66 -1.76 -20.89
N GLN B 64 -0.35 -0.90 -20.92
CA GLN B 64 -0.69 -0.10 -22.10
C GLN B 64 0.54 0.79 -22.13
N LEU B 65 0.99 1.24 -20.96
CA LEU B 65 2.18 2.09 -21.01
C LEU B 65 3.32 1.36 -21.71
N GLN B 66 3.74 0.23 -21.14
CA GLN B 66 4.89 -0.50 -21.63
C GLN B 66 4.75 -0.82 -23.12
N ALA B 67 3.59 -1.33 -23.50
CA ALA B 67 3.35 -1.77 -24.88
C ALA B 67 3.52 -0.64 -25.88
N ARG B 68 2.91 0.50 -25.57
CA ARG B 68 2.94 1.66 -26.45
C ARG B 68 4.34 2.21 -26.60
N VAL B 69 5.13 2.07 -25.54
CA VAL B 69 6.54 2.45 -25.58
C VAL B 69 7.27 1.50 -26.52
N LEU B 70 7.08 0.20 -26.32
CA LEU B 70 7.80 -0.81 -27.05
C LEU B 70 7.53 -0.68 -28.55
N ALA B 71 6.32 -0.26 -28.89
CA ALA B 71 5.96 0.05 -30.27
C ALA B 71 6.86 1.13 -30.86
N VAL B 72 7.03 2.23 -30.13
CA VAL B 72 7.88 3.32 -30.59
C VAL B 72 9.32 2.85 -30.81
N GLU B 73 9.88 2.19 -29.80
CA GLU B 73 11.25 1.67 -29.90
C GLU B 73 11.33 0.69 -31.06
N ARG B 74 10.43 -0.27 -31.06
CA ARG B 74 10.42 -1.27 -32.10
C ARG B 74 10.54 -0.63 -33.48
N TYR B 75 9.79 0.45 -33.69
CA TYR B 75 9.80 1.14 -34.97
C TYR B 75 11.17 1.76 -35.25
N LEU B 76 11.58 2.69 -34.38
CA LEU B 76 12.76 3.51 -34.65
C LEU B 76 14.03 2.67 -34.74
N ARG B 77 14.14 1.64 -33.92
CA ARG B 77 15.33 0.80 -33.99
C ARG B 77 15.73 0.45 -35.42
N ASP B 78 14.75 0.14 -36.28
CA ASP B 78 15.07 -0.25 -37.63
C ASP B 78 15.06 0.95 -38.57
N GLN B 79 14.20 1.92 -38.26
CA GLN B 79 14.12 3.15 -39.05
C GLN B 79 15.46 3.87 -39.06
N GLN B 80 16.23 3.74 -37.99
CA GLN B 80 17.48 4.47 -37.89
C GLN B 80 18.44 3.80 -38.87
N LEU B 81 18.29 2.49 -39.01
CA LEU B 81 19.17 1.74 -39.90
C LEU B 81 18.98 2.23 -41.34
N LEU B 82 17.73 2.53 -41.68
CA LEU B 82 17.39 3.07 -42.99
C LEU B 82 17.89 4.51 -43.13
N GLY B 83 17.92 5.23 -42.00
CA GLY B 83 18.61 6.50 -41.93
C GLY B 83 20.10 6.40 -42.20
N ILE B 84 20.75 5.41 -41.61
CA ILE B 84 22.17 5.16 -41.88
C ILE B 84 22.40 4.71 -43.31
N TRP B 85 21.58 3.77 -43.77
CA TRP B 85 21.68 3.28 -45.13
C TRP B 85 21.11 4.32 -46.09
N GLY B 86 21.98 5.15 -46.64
CA GLY B 86 21.54 6.42 -47.20
C GLY B 86 20.36 6.22 -48.14
N CYS B 87 19.16 6.20 -47.57
CA CYS B 87 17.95 6.22 -48.36
C CYS B 87 16.88 7.16 -47.81
N SER B 88 16.36 6.84 -46.63
CA SER B 88 15.38 7.66 -45.92
C SER B 88 14.04 7.63 -46.65
N GLY B 89 14.05 7.99 -47.93
CA GLY B 89 12.88 7.84 -48.77
C GLY B 89 12.65 6.36 -48.99
N LYS B 90 12.11 5.69 -47.97
CA LYS B 90 12.16 4.24 -47.88
C LYS B 90 11.00 3.54 -48.59
N LEU B 91 10.59 2.40 -48.03
CA LEU B 91 9.88 1.35 -48.75
C LEU B 91 10.77 0.66 -49.79
N ILE B 92 11.41 1.45 -50.65
CA ILE B 92 12.35 0.89 -51.61
C ILE B 92 13.43 1.89 -52.03
N CYS B 93 14.67 1.41 -52.14
CA CYS B 93 15.78 2.21 -52.64
C CYS B 93 16.91 1.27 -53.07
N CYS B 94 17.75 1.75 -53.98
CA CYS B 94 18.87 0.95 -54.46
C CYS B 94 20.14 1.25 -53.68
N THR B 95 21.15 0.40 -53.84
CA THR B 95 22.46 0.64 -53.25
C THR B 95 23.55 0.49 -54.31
N ASN B 96 24.80 0.64 -53.89
CA ASN B 96 25.93 0.27 -54.74
C ASN B 96 26.67 -0.95 -54.20
N VAL B 97 25.93 -1.85 -53.55
CA VAL B 97 26.49 -3.13 -53.12
C VAL B 97 26.00 -4.27 -54.00
N PRO B 98 26.93 -4.97 -54.66
CA PRO B 98 26.58 -6.09 -55.54
C PRO B 98 26.15 -7.33 -54.74
N TRP B 99 25.22 -8.10 -55.31
CA TRP B 99 24.71 -9.29 -54.63
C TRP B 99 25.64 -10.47 -54.79
N ASN B 100 26.08 -11.04 -53.67
CA ASN B 100 26.92 -12.22 -53.67
C ASN B 100 26.12 -13.47 -54.00
N SER B 101 26.59 -14.24 -54.98
CA SER B 101 25.83 -15.35 -55.53
C SER B 101 25.59 -16.46 -54.51
N SER B 102 26.41 -16.50 -53.48
CA SER B 102 26.28 -17.51 -52.42
C SER B 102 25.01 -17.30 -51.61
N TRP B 103 24.42 -16.11 -51.71
CA TRP B 103 23.20 -15.79 -50.97
C TRP B 103 21.97 -16.23 -51.73
N SER B 104 21.77 -17.55 -51.83
CA SER B 104 20.65 -18.14 -52.56
C SER B 104 20.68 -17.76 -54.04
N ASN B 105 21.37 -18.56 -54.83
CA ASN B 105 21.51 -18.29 -56.26
C ASN B 105 20.28 -18.71 -57.08
N ARG B 106 19.35 -17.79 -57.24
CA ARG B 106 18.15 -18.02 -58.04
C ARG B 106 18.04 -16.92 -59.09
N ASN B 107 17.19 -17.15 -60.10
CA ASN B 107 16.94 -16.17 -61.13
C ASN B 107 15.81 -15.27 -60.67
N LEU B 108 15.67 -14.10 -61.30
CA LEU B 108 14.67 -13.12 -60.93
C LEU B 108 13.24 -13.63 -61.04
N SER B 109 12.96 -14.36 -62.12
CA SER B 109 11.67 -15.01 -62.30
C SER B 109 11.46 -16.14 -61.31
N GLU B 110 12.55 -16.74 -60.85
CA GLU B 110 12.49 -17.77 -59.82
C GLU B 110 12.28 -17.17 -58.43
N ILE B 111 12.69 -15.91 -58.30
CA ILE B 111 12.51 -15.16 -57.07
C ILE B 111 11.26 -14.28 -57.07
N TRP B 112 11.34 -13.15 -57.77
CA TRP B 112 10.29 -12.13 -57.77
C TRP B 112 8.91 -12.51 -58.33
N ASP B 113 8.89 -13.39 -59.33
CA ASP B 113 7.64 -13.82 -59.95
C ASP B 113 7.16 -15.18 -59.47
N ASN B 114 7.87 -15.77 -58.50
CA ASN B 114 7.53 -17.10 -58.03
C ASN B 114 7.97 -17.32 -56.59
N MET B 115 7.67 -16.37 -55.72
CA MET B 115 8.03 -16.51 -54.31
C MET B 115 7.45 -15.37 -53.46
N THR B 116 6.91 -15.74 -52.30
CA THR B 116 6.40 -14.76 -51.35
C THR B 116 7.53 -14.25 -50.47
N TRP B 117 7.27 -13.16 -49.75
CA TRP B 117 8.27 -12.58 -48.86
C TRP B 117 8.62 -13.51 -47.71
N LEU B 118 7.63 -14.25 -47.22
CA LEU B 118 7.84 -15.21 -46.14
C LEU B 118 8.77 -16.32 -46.59
N GLN B 119 8.53 -16.81 -47.80
CA GLN B 119 9.37 -17.85 -48.40
C GLN B 119 10.79 -17.33 -48.62
N TRP B 120 10.89 -16.06 -49.04
CA TRP B 120 12.18 -15.42 -49.22
C TRP B 120 13.02 -15.42 -47.95
N ASP B 121 12.43 -14.92 -46.86
CA ASP B 121 13.12 -14.85 -45.58
C ASP B 121 13.58 -16.24 -45.13
N LYS B 122 12.72 -17.25 -45.36
CA LYS B 122 13.05 -18.62 -45.01
C LYS B 122 14.49 -18.97 -45.39
N GLU B 123 14.94 -18.46 -46.52
CA GLU B 123 16.30 -18.73 -47.00
C GLU B 123 17.28 -17.63 -46.61
N ILE B 124 16.98 -16.40 -47.01
CA ILE B 124 17.96 -15.32 -46.96
C ILE B 124 18.28 -14.91 -45.52
N SER B 125 17.38 -15.25 -44.59
CA SER B 125 17.57 -14.93 -43.18
C SER B 125 18.92 -15.42 -42.66
N ASN B 126 19.45 -16.46 -43.28
CA ASN B 126 20.75 -16.99 -42.92
C ASN B 126 21.91 -16.00 -43.04
N TYR B 127 21.77 -15.02 -43.93
CA TYR B 127 22.85 -14.07 -44.17
C TYR B 127 22.49 -12.65 -43.75
N THR B 128 21.50 -12.52 -42.88
CA THR B 128 20.97 -11.21 -42.51
C THR B 128 22.07 -10.26 -42.06
N GLN B 129 22.76 -10.61 -40.98
CA GLN B 129 23.76 -9.73 -40.40
C GLN B 129 24.91 -9.51 -41.36
N ILE B 130 25.23 -10.55 -42.10
CA ILE B 130 26.29 -10.52 -43.12
C ILE B 130 26.04 -9.47 -44.19
N ILE B 131 24.82 -9.45 -44.72
CA ILE B 131 24.44 -8.44 -45.69
C ILE B 131 24.40 -7.05 -45.07
N TYR B 132 23.86 -6.97 -43.86
CA TYR B 132 23.80 -5.71 -43.11
C TYR B 132 25.16 -5.06 -42.98
N GLY B 133 26.19 -5.86 -42.80
CA GLY B 133 27.56 -5.37 -42.76
C GLY B 133 27.87 -4.39 -43.87
N LEU B 134 27.65 -4.81 -45.11
CA LEU B 134 27.96 -3.99 -46.27
C LEU B 134 26.98 -2.84 -46.43
N LEU B 135 25.72 -3.07 -46.06
CA LEU B 135 24.71 -2.03 -46.09
C LEU B 135 24.98 -0.92 -45.09
N GLU B 136 25.19 -1.32 -43.84
CA GLU B 136 25.74 -0.44 -42.81
C GLU B 136 26.99 0.33 -43.23
N GLU B 137 27.91 -0.33 -43.91
CA GLU B 137 28.99 0.40 -44.56
C GLU B 137 29.59 0.99 -45.83
N SER B 138 30.04 0.10 -46.72
CA SER B 138 30.62 0.25 -48.04
C SER B 138 30.34 1.59 -48.70
N GLN B 139 29.08 1.73 -49.13
CA GLN B 139 28.55 2.92 -49.80
C GLN B 139 28.53 4.14 -48.89
N ASN B 140 27.86 4.01 -47.76
CA ASN B 140 27.88 5.05 -46.73
C ASN B 140 29.26 5.64 -46.47
N GLN B 141 30.29 4.80 -46.51
CA GLN B 141 31.67 5.22 -46.34
C GLN B 141 32.14 5.94 -47.60
N GLN B 142 32.16 5.20 -48.71
CA GLN B 142 32.63 5.73 -49.96
C GLN B 142 31.93 6.77 -50.82
N GLU B 143 30.60 6.81 -50.74
CA GLU B 143 29.75 7.74 -51.43
C GLU B 143 30.28 9.16 -51.00
N LYS B 144 30.54 9.25 -49.68
CA LYS B 144 31.10 10.43 -49.00
C LYS B 144 32.62 10.49 -49.16
N ASN B 145 33.24 11.64 -48.83
CA ASN B 145 34.71 11.83 -49.02
C ASN B 145 34.81 12.35 -50.44
N GLU B 146 34.38 11.40 -51.27
CA GLU B 146 34.23 11.47 -52.72
C GLU B 146 33.54 12.78 -53.10
N GLN B 147 32.49 13.12 -52.36
CA GLN B 147 31.61 14.23 -52.72
C GLN B 147 32.23 15.58 -52.37
N ASP B 148 33.12 15.16 -51.09
CA ASP B 148 33.78 16.20 -50.35
C ASP B 148 34.83 16.65 -51.40
N LEU B 149 35.35 15.69 -52.16
CA LEU B 149 36.36 15.91 -53.17
C LEU B 149 35.68 16.53 -54.38
N LEU B 150 34.45 16.13 -54.71
CA LEU B 150 33.84 16.84 -55.83
C LEU B 150 33.57 18.30 -55.51
N ALA B 151 33.49 18.63 -54.22
CA ALA B 151 33.26 20.00 -53.80
C ALA B 151 34.53 20.85 -53.84
N LEU B 152 35.64 20.26 -54.24
CA LEU B 152 36.91 20.98 -54.28
C LEU B 152 36.79 22.22 -55.16
N ASP B 153 36.09 22.09 -56.28
CA ASP B 153 35.87 23.21 -57.19
C ASP B 153 34.38 23.50 -57.35
N ASN C 3 38.06 30.41 -48.43
CA ASN C 3 37.42 30.72 -47.15
C ASN C 3 36.69 29.50 -46.60
N LEU C 4 36.61 29.41 -45.29
CA LEU C 4 36.00 28.26 -44.61
C LEU C 4 34.54 28.48 -44.25
N TRP C 5 33.79 27.39 -44.21
CA TRP C 5 32.34 27.45 -44.03
C TRP C 5 31.93 26.59 -42.84
N VAL C 6 30.72 26.77 -42.35
CA VAL C 6 30.22 25.96 -41.25
C VAL C 6 29.72 24.61 -41.75
N THR C 7 30.39 23.54 -41.32
CA THR C 7 30.03 22.18 -41.70
C THR C 7 29.49 21.44 -40.48
N VAL C 8 28.41 20.70 -40.70
CA VAL C 8 27.72 20.02 -39.60
C VAL C 8 28.12 18.56 -39.51
N TYR C 9 28.44 18.12 -38.30
CA TYR C 9 28.89 16.75 -38.07
C TYR C 9 28.02 16.07 -37.01
N TYR C 10 27.85 14.76 -37.14
CA TYR C 10 27.05 14.00 -36.19
C TYR C 10 27.67 12.65 -35.89
N GLY C 11 27.59 12.23 -34.62
CA GLY C 11 28.31 11.07 -34.16
C GLY C 11 29.67 11.41 -33.61
N VAL C 12 29.82 12.64 -33.14
CA VAL C 12 31.10 13.14 -32.66
C VAL C 12 31.43 12.52 -31.30
N PRO C 13 32.63 11.94 -31.17
CA PRO C 13 33.04 11.25 -29.95
C PRO C 13 33.41 12.23 -28.84
N VAL C 14 32.42 12.93 -28.29
CA VAL C 14 32.64 13.83 -27.17
C VAL C 14 31.56 13.67 -26.12
N TRP C 15 31.83 14.15 -24.91
CA TRP C 15 30.92 13.94 -23.79
C TRP C 15 31.13 14.96 -22.67
N LYS C 16 30.11 15.15 -21.85
CA LYS C 16 30.22 15.96 -20.65
C LYS C 16 29.83 15.15 -19.42
N ASP C 17 30.53 15.38 -18.32
CA ASP C 17 30.18 14.77 -17.04
C ASP C 17 28.76 15.14 -16.62
N ALA C 18 27.94 14.12 -16.42
CA ALA C 18 26.52 14.33 -16.16
C ALA C 18 25.92 13.15 -15.43
N GLU C 19 24.90 13.40 -14.62
CA GLU C 19 24.23 12.34 -13.87
C GLU C 19 22.94 11.94 -14.56
N THR C 20 22.72 10.63 -14.69
CA THR C 20 21.42 10.11 -15.10
C THR C 20 20.97 8.94 -14.25
N THR C 21 19.84 8.37 -14.61
CA THR C 21 19.27 7.24 -13.86
C THR C 21 19.86 5.92 -14.36
N LEU C 22 20.69 5.30 -13.53
CA LEU C 22 21.28 4.01 -13.86
C LEU C 22 20.31 2.87 -13.54
N PHE C 23 20.53 1.72 -14.18
CA PHE C 23 19.70 0.55 -13.91
C PHE C 23 20.56 -0.70 -13.85
N CYS C 24 20.05 -1.74 -13.20
CA CYS C 24 20.85 -2.91 -12.87
C CYS C 24 20.92 -3.96 -13.98
N ALA C 25 21.77 -4.95 -13.76
CA ALA C 25 21.79 -6.19 -14.54
C ALA C 25 22.54 -7.25 -13.73
N SER C 26 22.07 -8.49 -13.79
CA SER C 26 22.72 -9.57 -13.04
C SER C 26 22.20 -10.97 -13.35
N ASP C 27 22.98 -11.74 -14.09
CA ASP C 27 22.71 -13.16 -14.26
C ASP C 27 21.24 -13.39 -14.59
N ALA C 28 20.71 -14.53 -14.17
CA ALA C 28 19.32 -14.87 -14.41
C ALA C 28 18.77 -15.77 -13.29
N VAL C 38 16.50 -14.96 -3.37
CA VAL C 38 17.54 -14.68 -2.38
C VAL C 38 17.33 -13.31 -1.73
N TRP C 39 17.96 -12.28 -2.29
CA TRP C 39 18.16 -11.00 -1.62
C TRP C 39 17.03 -10.03 -1.97
N ALA C 40 17.05 -9.55 -3.21
CA ALA C 40 16.03 -8.59 -3.65
C ALA C 40 16.01 -8.52 -5.17
N THR C 41 16.89 -9.26 -5.81
CA THR C 41 17.08 -9.15 -7.24
C THR C 41 16.46 -10.30 -8.03
N HIS C 42 15.52 -9.94 -8.90
CA HIS C 42 14.88 -10.87 -9.80
C HIS C 42 14.40 -9.98 -10.94
N ALA C 43 13.81 -8.86 -10.55
CA ALA C 43 13.27 -7.89 -11.49
C ALA C 43 14.46 -7.09 -12.01
N CYS C 44 15.26 -7.71 -12.86
CA CYS C 44 16.50 -7.10 -13.31
C CYS C 44 16.97 -7.75 -14.59
N VAL C 45 17.38 -6.94 -15.56
CA VAL C 45 17.76 -7.43 -16.87
C VAL C 45 19.02 -8.29 -16.80
N PRO C 46 18.93 -9.49 -17.38
CA PRO C 46 20.08 -10.39 -17.43
C PRO C 46 21.24 -9.73 -18.14
N THR C 47 22.46 -10.10 -17.74
CA THR C 47 23.66 -9.52 -18.34
C THR C 47 23.94 -10.17 -19.69
N ASP C 48 24.77 -9.52 -20.50
CA ASP C 48 25.21 -10.11 -21.76
C ASP C 48 26.23 -11.19 -21.47
N PRO C 49 26.25 -12.24 -22.29
CA PRO C 49 27.24 -13.32 -22.12
C PRO C 49 28.64 -12.87 -22.50
N ASN C 50 28.73 -11.76 -23.24
CA ASN C 50 30.01 -11.19 -23.62
C ASN C 50 30.12 -9.69 -23.36
N PRO C 51 30.29 -9.33 -22.09
CA PRO C 51 30.47 -7.91 -21.75
C PRO C 51 31.64 -7.32 -22.55
N GLN C 52 31.41 -6.22 -23.26
CA GLN C 52 32.43 -5.62 -24.14
C GLN C 52 33.21 -4.48 -23.49
N GLU C 53 34.42 -4.18 -23.98
CA GLU C 53 35.16 -3.05 -23.46
C GLU C 53 36.09 -2.54 -24.54
N ILE C 54 36.78 -1.44 -24.25
CA ILE C 54 37.76 -0.93 -25.21
C ILE C 54 38.58 0.21 -24.62
N HIS C 55 39.86 -0.52 -24.76
CA HIS C 55 40.77 0.50 -24.24
C HIS C 55 40.82 1.68 -25.19
N LEU C 56 40.83 2.89 -24.62
CA LEU C 56 40.83 4.11 -25.41
C LEU C 56 42.22 4.74 -25.43
N GLU C 57 43.22 4.66 -26.29
CA GLU C 57 44.57 5.22 -26.45
C GLU C 57 44.50 6.71 -26.75
N ASN C 58 45.36 7.48 -26.07
CA ASN C 58 45.39 8.94 -26.18
C ASN C 58 44.25 9.65 -25.45
N VAL C 59 43.33 8.89 -24.88
CA VAL C 59 42.24 9.48 -24.10
C VAL C 59 42.53 9.48 -22.61
N THR C 60 42.57 10.69 -22.05
CA THR C 60 42.87 10.94 -20.65
C THR C 60 41.83 11.95 -20.11
N GLU C 61 41.48 11.86 -18.82
CA GLU C 61 40.66 12.90 -18.17
C GLU C 61 40.53 12.66 -16.66
N GLU C 62 39.81 13.50 -15.92
CA GLU C 62 39.90 13.39 -14.46
C GLU C 62 38.76 12.57 -13.88
N PHE C 63 39.20 11.90 -13.01
CA PHE C 63 38.12 11.30 -12.23
C PHE C 63 37.97 12.01 -10.89
N ASN C 64 36.85 11.74 -10.22
CA ASN C 64 36.61 12.28 -8.88
C ASN C 64 35.62 11.39 -8.13
N MET C 65 36.15 10.49 -7.32
CA MET C 65 35.33 9.52 -6.59
C MET C 65 34.51 10.18 -5.48
N TRP C 66 34.88 11.40 -5.12
CA TRP C 66 34.29 12.06 -3.96
C TRP C 66 33.05 12.86 -4.35
N LYS C 67 32.81 12.97 -5.66
CA LYS C 67 31.61 13.64 -6.15
C LYS C 67 30.86 12.73 -7.11
N ASN C 68 31.19 11.44 -7.06
CA ASN C 68 30.59 10.46 -7.95
C ASN C 68 29.19 10.07 -7.47
N ASN C 69 28.17 10.62 -8.13
CA ASN C 69 26.79 10.43 -7.69
C ASN C 69 26.24 9.03 -7.95
N MET C 70 27.02 8.19 -8.62
CA MET C 70 26.67 6.78 -8.75
C MET C 70 26.49 6.14 -7.37
N VAL C 71 27.31 6.56 -6.42
CA VAL C 71 27.24 6.06 -5.06
C VAL C 71 25.90 6.38 -4.43
N GLU C 72 25.47 7.63 -4.57
CA GLU C 72 24.24 8.10 -3.94
C GLU C 72 23.03 7.30 -4.42
N GLN C 73 22.93 7.10 -5.72
CA GLN C 73 21.84 6.32 -6.30
C GLN C 73 21.86 4.90 -5.76
N MET C 74 22.99 4.23 -5.90
CA MET C 74 23.14 2.85 -5.42
C MET C 74 22.67 2.73 -3.98
N HIS C 75 23.11 3.67 -3.14
CA HIS C 75 22.78 3.65 -1.72
C HIS C 75 21.27 3.62 -1.51
N THR C 76 20.57 4.59 -2.09
CA THR C 76 19.14 4.74 -1.85
C THR C 76 18.35 3.64 -2.54
N ASP C 77 18.88 3.11 -3.63
CA ASP C 77 18.25 1.99 -4.33
C ASP C 77 18.27 0.73 -3.46
N ILE C 78 19.42 0.45 -2.84
CA ILE C 78 19.53 -0.69 -1.93
C ILE C 78 18.56 -0.55 -0.76
N ILE C 79 18.47 0.67 -0.21
CA ILE C 79 17.53 0.94 0.88
C ILE C 79 16.10 0.63 0.42
N SER C 80 15.74 1.10 -0.76
CA SER C 80 14.39 0.91 -1.28
C SER C 80 14.08 -0.59 -1.38
N LEU C 81 15.04 -1.33 -1.92
CA LEU C 81 14.91 -2.78 -2.07
C LEU C 81 14.62 -3.43 -0.71
N TRP C 82 15.40 -3.03 0.29
CA TRP C 82 15.27 -3.53 1.64
C TRP C 82 13.83 -3.43 2.14
N ASP C 83 13.28 -2.23 2.10
CA ASP C 83 11.91 -1.97 2.55
C ASP C 83 10.89 -2.82 1.79
N GLN C 84 11.04 -2.89 0.46
CA GLN C 84 10.08 -3.60 -0.38
C GLN C 84 10.05 -5.09 -0.05
N SER C 85 11.19 -5.62 0.40
CA SER C 85 11.29 -7.03 0.73
C SER C 85 10.69 -7.35 2.09
N LEU C 86 10.35 -6.32 2.86
CA LEU C 86 9.82 -6.51 4.21
C LEU C 86 8.32 -6.25 4.28
N LYS C 87 7.80 -5.40 3.41
CA LYS C 87 6.40 -5.02 3.49
C LYS C 87 5.49 -6.22 3.44
N PRO C 88 5.87 -7.23 2.57
CA PRO C 88 4.89 -8.32 2.43
C PRO C 88 5.09 -9.36 3.51
N CYS C 89 5.95 -9.07 4.48
CA CYS C 89 6.23 -10.03 5.54
C CYS C 89 5.46 -9.72 6.82
N VAL C 90 5.52 -10.64 7.77
CA VAL C 90 4.76 -10.55 9.00
C VAL C 90 5.29 -9.53 9.99
N LYS C 91 4.37 -8.67 10.45
CA LYS C 91 4.67 -7.63 11.41
C LYS C 91 4.59 -8.26 12.79
N LEU C 92 5.46 -7.82 13.70
CA LEU C 92 5.50 -8.39 15.04
C LEU C 92 4.97 -7.43 16.09
N THR C 93 3.96 -6.65 15.72
CA THR C 93 3.36 -5.67 16.63
C THR C 93 2.93 -6.26 17.98
N PRO C 94 2.32 -7.47 17.99
CA PRO C 94 1.78 -7.89 19.28
C PRO C 94 2.83 -8.53 20.21
N LEU C 95 4.09 -8.49 19.79
CA LEU C 95 5.18 -8.97 20.64
C LEU C 95 5.53 -8.00 21.76
N CYS C 96 5.19 -6.74 21.58
CA CYS C 96 5.45 -5.73 22.61
C CYS C 96 4.61 -5.96 23.85
N VAL C 97 5.07 -6.84 24.72
CA VAL C 97 4.40 -7.12 25.99
C VAL C 97 5.43 -7.21 27.11
N THR C 98 4.97 -7.14 28.36
CA THR C 98 5.83 -7.37 29.52
C THR C 98 6.37 -8.79 29.52
N LEU C 99 7.68 -8.93 29.59
CA LEU C 99 8.31 -10.25 29.61
C LEU C 99 8.75 -10.65 31.01
N GLN C 100 8.48 -11.90 31.37
CA GLN C 100 8.91 -12.44 32.66
C GLN C 100 10.11 -13.36 32.45
N CYS C 101 11.29 -12.88 32.85
CA CYS C 101 12.54 -13.51 32.47
C CYS C 101 13.42 -13.92 33.66
N THR C 102 14.29 -14.89 33.41
CA THR C 102 15.13 -15.48 34.43
C THR C 102 16.47 -15.88 33.82
N ASN C 103 17.49 -16.01 34.65
CA ASN C 103 18.81 -16.44 34.16
C ASN C 103 18.78 -17.87 33.63
N VAL C 104 19.67 -18.15 32.69
CA VAL C 104 19.75 -19.49 32.13
C VAL C 104 20.99 -20.14 32.71
N THR C 105 20.81 -21.22 33.46
CA THR C 105 21.94 -21.91 34.08
C THR C 105 22.86 -22.68 33.15
N ASN C 106 23.71 -21.95 32.43
CA ASN C 106 24.75 -22.55 31.61
C ASN C 106 25.72 -23.27 32.52
N ASN C 107 26.38 -24.26 31.91
CA ASN C 107 27.32 -25.13 32.54
C ASN C 107 28.03 -24.42 33.65
N ILE C 108 27.85 -24.88 34.89
CA ILE C 108 28.40 -24.16 36.03
C ILE C 108 29.93 -24.14 35.93
N THR C 109 30.57 -23.09 36.44
CA THR C 109 29.89 -21.95 37.07
C THR C 109 29.32 -20.95 36.05
N ASP C 110 30.18 -20.16 35.42
CA ASP C 110 29.67 -19.22 34.42
C ASP C 110 30.68 -18.47 33.53
N ASP C 111 30.94 -19.06 32.38
CA ASP C 111 31.89 -18.60 31.36
C ASP C 111 31.09 -17.90 30.27
N MET C 112 29.88 -18.38 30.02
CA MET C 112 29.03 -17.83 28.97
C MET C 112 28.37 -16.52 29.39
N ARG C 113 28.32 -16.30 30.70
CA ARG C 113 27.66 -15.12 31.23
C ARG C 113 26.18 -15.06 30.88
N GLY C 114 25.57 -16.21 30.65
CA GLY C 114 24.17 -16.24 30.25
C GLY C 114 23.92 -15.66 28.87
N GLU C 115 23.78 -14.34 28.84
CA GLU C 115 23.56 -13.60 27.61
C GLU C 115 22.16 -13.78 27.03
N LEU C 116 21.49 -14.85 27.44
CA LEU C 116 20.09 -15.03 27.09
C LEU C 116 19.22 -15.30 28.30
N LYS C 117 17.95 -14.90 28.22
CA LYS C 117 17.01 -15.11 29.31
C LYS C 117 15.86 -16.03 28.90
N ASN C 118 15.42 -16.87 29.83
CA ASN C 118 14.33 -17.79 29.57
C ASN C 118 12.98 -17.10 29.77
N CYS C 119 12.67 -16.17 28.87
CA CYS C 119 11.50 -15.32 29.04
C CYS C 119 10.19 -16.01 28.69
N SER C 120 9.13 -15.67 29.44
CA SER C 120 7.81 -16.22 29.19
C SER C 120 6.78 -15.08 29.24
N PHE C 121 5.63 -15.28 28.62
CA PHE C 121 4.63 -14.22 28.55
C PHE C 121 3.28 -14.71 28.03
N ASN C 122 2.22 -13.99 28.41
CA ASN C 122 0.88 -14.32 27.97
C ASN C 122 0.80 -13.80 26.56
N MET C 123 0.73 -14.69 25.59
CA MET C 123 0.71 -14.25 24.20
C MET C 123 -0.65 -14.44 23.55
N THR C 124 -1.09 -13.44 22.79
CA THR C 124 -2.26 -13.58 21.93
C THR C 124 -2.00 -14.54 20.79
N THR C 125 -2.92 -15.49 20.59
CA THR C 125 -2.74 -16.52 19.57
C THR C 125 -3.72 -16.31 18.41
N GLU C 126 -3.87 -17.34 17.59
CA GLU C 126 -4.84 -17.30 16.50
C GLU C 126 -6.25 -17.16 17.06
N LEU C 127 -6.48 -17.65 18.27
CA LEU C 127 -7.80 -17.53 18.85
C LEU C 127 -8.01 -16.25 19.64
N ARG C 128 -8.11 -15.14 18.92
CA ARG C 128 -8.17 -13.83 19.54
C ARG C 128 -9.24 -13.85 20.63
N ASP C 129 -8.79 -14.00 21.87
CA ASP C 129 -9.70 -14.39 22.92
C ASP C 129 -8.91 -15.03 24.04
N LYS C 130 -8.80 -16.35 23.99
CA LYS C 130 -8.04 -17.10 24.98
C LYS C 130 -6.56 -17.09 24.61
N LYS C 131 -5.74 -16.59 25.53
CA LYS C 131 -4.32 -16.41 25.29
C LYS C 131 -3.50 -17.63 25.71
N GLN C 132 -2.24 -17.66 25.30
CA GLN C 132 -1.37 -18.79 25.62
C GLN C 132 -0.04 -18.38 26.23
N LYS C 133 0.24 -18.89 27.43
CA LYS C 133 1.55 -18.70 28.05
C LYS C 133 2.63 -19.43 27.27
N VAL C 134 3.53 -18.67 26.66
CA VAL C 134 4.63 -19.24 25.89
C VAL C 134 5.97 -18.72 26.39
N TYR C 135 7.05 -19.21 25.79
CA TYR C 135 8.40 -18.79 26.17
C TYR C 135 9.31 -18.72 24.96
N SER C 136 10.43 -18.01 25.11
CA SER C 136 11.41 -17.91 24.04
C SER C 136 12.72 -17.35 24.60
N LEU C 137 13.84 -17.78 24.00
CA LEU C 137 15.15 -17.32 24.46
C LEU C 137 15.55 -16.06 23.72
N PHE C 138 15.78 -14.99 24.48
CA PHE C 138 16.19 -13.72 23.88
C PHE C 138 17.56 -13.28 24.39
N TYR C 139 18.31 -12.59 23.53
CA TYR C 139 19.59 -12.04 23.93
C TYR C 139 19.37 -10.77 24.74
N ARG C 140 20.22 -10.55 25.74
CA ARG C 140 20.06 -9.40 26.63
C ARG C 140 20.42 -8.11 25.92
N LEU C 141 20.89 -8.23 24.68
CA LEU C 141 21.11 -7.07 23.82
C LEU C 141 19.81 -6.62 23.17
N ASP C 142 18.82 -7.52 23.14
CA ASP C 142 17.54 -7.22 22.52
C ASP C 142 16.52 -6.70 23.54
N VAL C 143 16.62 -7.18 24.77
CA VAL C 143 15.64 -6.83 25.80
C VAL C 143 16.24 -5.92 26.88
N VAL C 144 15.36 -5.22 27.59
CA VAL C 144 15.77 -4.33 28.67
C VAL C 144 14.79 -4.38 29.83
N GLN C 145 15.32 -4.28 31.05
CA GLN C 145 14.50 -4.36 32.25
C GLN C 145 13.51 -3.20 32.31
N ILE C 146 12.27 -3.49 32.67
CA ILE C 146 11.27 -2.44 32.89
C ILE C 146 11.37 -1.96 34.33
N ASN C 147 11.54 -0.65 34.50
CA ASN C 147 11.56 -0.05 35.83
C ASN C 147 12.84 -0.35 36.59
N ASN C 158 11.45 -13.66 39.29
CA ASN C 158 11.80 -13.13 37.98
C ASN C 158 11.62 -11.62 37.92
N LYS C 159 12.03 -11.02 36.81
CA LYS C 159 11.90 -9.59 36.62
C LYS C 159 11.22 -9.30 35.30
N GLU C 160 10.77 -8.06 35.14
CA GLU C 160 10.06 -7.63 33.95
C GLU C 160 11.02 -7.04 32.92
N TYR C 161 10.85 -7.42 31.67
CA TYR C 161 11.71 -6.96 30.58
C TYR C 161 10.92 -6.48 29.37
N ARG C 162 11.58 -5.80 28.46
CA ARG C 162 10.89 -5.24 27.30
C ARG C 162 11.74 -5.35 26.04
N LEU C 163 11.10 -5.59 24.90
CA LEU C 163 11.78 -5.60 23.61
C LEU C 163 12.25 -4.18 23.31
N ILE C 164 13.54 -4.01 23.08
CA ILE C 164 14.10 -2.66 23.04
C ILE C 164 13.45 -1.77 21.98
N ASN C 165 13.01 -2.38 20.88
CA ASN C 165 12.48 -1.61 19.77
C ASN C 165 11.18 -0.87 20.09
N CYS C 166 10.45 -1.37 21.08
CA CYS C 166 9.09 -0.90 21.34
C CYS C 166 9.04 0.53 21.87
N ASN C 167 10.19 1.05 22.28
CA ASN C 167 10.24 2.44 22.72
C ASN C 167 10.56 3.39 21.59
N THR C 168 10.91 2.85 20.44
CA THR C 168 11.27 3.65 19.28
C THR C 168 10.33 3.52 18.07
N SER C 169 9.92 2.29 17.79
CA SER C 169 9.05 2.02 16.65
C SER C 169 8.56 0.58 16.62
N ALA C 170 7.77 0.25 15.61
CA ALA C 170 7.29 -1.11 15.42
C ALA C 170 8.39 -1.97 14.79
N ILE C 171 8.25 -3.29 14.88
CA ILE C 171 9.25 -4.17 14.31
C ILE C 171 8.62 -5.29 13.48
N THR C 172 9.26 -5.59 12.34
CA THR C 172 8.72 -6.53 11.37
C THR C 172 9.63 -7.75 11.27
N GLN C 173 9.04 -8.94 11.24
CA GLN C 173 9.80 -10.16 11.05
C GLN C 173 10.19 -10.35 9.59
N ALA C 174 11.49 -10.53 9.34
CA ALA C 174 11.96 -10.88 8.01
C ALA C 174 11.46 -12.27 7.64
N CYS C 175 10.98 -12.42 6.41
CA CYS C 175 10.47 -13.71 5.94
C CYS C 175 11.55 -14.77 6.04
N PRO C 176 11.16 -15.99 6.38
CA PRO C 176 12.10 -17.09 6.56
C PRO C 176 12.62 -17.59 5.23
N LYS C 177 11.89 -17.28 4.17
CA LYS C 177 12.29 -17.74 2.83
C LYS C 177 13.34 -16.82 2.22
N VAL C 178 13.13 -15.51 2.30
CA VAL C 178 14.08 -14.56 1.75
C VAL C 178 15.42 -14.60 2.48
N SER C 179 16.50 -14.43 1.73
CA SER C 179 17.84 -14.46 2.29
C SER C 179 18.47 -13.08 2.27
N PHE C 180 19.74 -13.00 2.66
CA PHE C 180 20.46 -11.73 2.67
C PHE C 180 21.79 -11.85 1.95
N GLU C 181 22.02 -13.01 1.34
CA GLU C 181 23.26 -13.24 0.58
C GLU C 181 23.46 -12.15 -0.45
N PRO C 182 24.56 -11.40 -0.33
CA PRO C 182 24.99 -10.43 -1.33
C PRO C 182 25.17 -11.05 -2.72
N ILE C 183 24.53 -10.48 -3.72
CA ILE C 183 24.64 -10.96 -5.10
C ILE C 183 25.28 -9.88 -5.98
N PRO C 184 26.28 -10.28 -6.79
CA PRO C 184 26.93 -9.38 -7.76
C PRO C 184 25.93 -8.63 -8.64
N ILE C 185 25.95 -7.31 -8.56
CA ILE C 185 25.09 -6.47 -9.39
C ILE C 185 25.90 -5.65 -10.39
N HIS C 186 25.45 -5.64 -11.64
CA HIS C 186 26.06 -4.79 -12.66
C HIS C 186 25.20 -3.56 -12.91
N TYR C 187 25.84 -2.41 -13.14
CA TYR C 187 25.10 -1.19 -13.43
C TYR C 187 25.31 -0.77 -14.88
N CYS C 188 24.24 -0.37 -15.53
CA CYS C 188 24.32 0.10 -16.91
C CYS C 188 23.71 1.49 -17.11
N ALA C 189 24.28 2.24 -18.04
CA ALA C 189 23.73 3.54 -18.42
C ALA C 189 22.89 3.42 -19.68
N PRO C 190 21.83 4.24 -19.79
CA PRO C 190 20.99 4.29 -20.99
C PRO C 190 21.72 4.89 -22.19
N ALA C 191 21.21 4.59 -23.39
CA ALA C 191 21.83 5.07 -24.62
C ALA C 191 22.07 6.58 -24.60
N GLY C 192 23.25 6.99 -25.04
CA GLY C 192 23.62 8.39 -24.99
C GLY C 192 24.55 8.67 -23.82
N PHE C 193 24.62 7.72 -22.90
CA PHE C 193 25.53 7.80 -21.77
C PHE C 193 26.53 6.66 -21.80
N ALA C 194 27.75 6.95 -21.33
CA ALA C 194 28.84 5.98 -21.42
C ALA C 194 29.36 5.67 -20.03
N ILE C 195 29.73 4.41 -19.80
CA ILE C 195 30.43 4.02 -18.59
C ILE C 195 31.93 4.04 -18.82
N LEU C 196 32.62 4.99 -18.21
CA LEU C 196 34.05 5.13 -18.39
C LEU C 196 34.79 4.41 -17.26
N LYS C 197 35.89 3.72 -17.61
CA LYS C 197 36.62 3.02 -16.57
C LYS C 197 38.12 3.09 -16.74
N CYS C 198 38.79 3.73 -15.79
CA CYS C 198 40.24 3.84 -15.86
C CYS C 198 40.82 2.48 -15.50
N LYS C 199 41.95 2.15 -16.10
CA LYS C 199 42.62 0.90 -15.79
C LYS C 199 43.94 1.21 -15.10
N ASP C 200 44.13 2.49 -14.79
CA ASP C 200 45.37 2.91 -14.14
C ASP C 200 45.45 2.28 -12.74
N LYS C 201 46.48 1.48 -12.52
CA LYS C 201 46.66 0.84 -11.23
C LYS C 201 46.93 1.85 -10.12
N LYS C 202 47.39 3.03 -10.52
CA LYS C 202 47.58 4.13 -9.57
C LYS C 202 46.40 5.09 -9.60
N PHE C 203 46.04 5.62 -8.44
CA PHE C 203 44.93 6.54 -8.33
C PHE C 203 44.91 7.18 -6.95
N ASN C 204 44.85 8.50 -6.91
CA ASN C 204 44.92 9.22 -5.63
C ASN C 204 43.53 9.42 -5.06
N GLY C 205 42.52 9.03 -5.84
CA GLY C 205 41.13 9.32 -5.52
C GLY C 205 40.56 10.35 -6.47
N THR C 206 41.42 11.09 -7.15
CA THR C 206 40.97 12.07 -8.14
C THR C 206 42.13 12.62 -8.98
N GLY C 207 41.82 13.00 -10.21
CA GLY C 207 42.83 13.50 -11.13
C GLY C 207 42.86 12.76 -12.44
N PRO C 208 43.77 13.16 -13.35
CA PRO C 208 43.85 12.61 -14.70
C PRO C 208 44.35 11.17 -14.72
N CYS C 209 43.77 10.33 -15.58
CA CYS C 209 44.24 8.97 -15.74
C CYS C 209 44.83 8.73 -17.13
N PRO C 210 46.14 8.48 -17.20
CA PRO C 210 46.84 8.19 -18.46
C PRO C 210 46.20 7.05 -19.26
N SER C 211 45.66 6.06 -18.56
CA SER C 211 45.10 4.88 -19.22
C SER C 211 43.60 4.76 -18.93
N VAL C 212 42.77 5.27 -19.84
CA VAL C 212 41.33 5.19 -19.70
C VAL C 212 40.72 4.24 -20.73
N SER C 213 39.80 3.39 -20.27
CA SER C 213 39.01 2.56 -21.17
C SER C 213 37.53 2.86 -20.99
N THR C 214 36.68 2.09 -21.68
CA THR C 214 35.24 2.18 -21.45
C THR C 214 34.56 0.83 -21.60
N VAL C 215 33.43 0.66 -20.92
CA VAL C 215 32.73 -0.61 -20.86
C VAL C 215 31.26 -0.42 -21.15
N GLN C 216 30.56 -1.53 -21.42
CA GLN C 216 29.11 -1.46 -21.59
C GLN C 216 28.61 -1.20 -20.17
N CYS C 217 28.89 -2.13 -19.26
CA CYS C 217 28.39 -2.04 -17.90
C CYS C 217 29.50 -2.32 -16.89
N THR C 218 29.20 -2.12 -15.60
CA THR C 218 30.21 -2.31 -14.56
C THR C 218 30.38 -3.79 -14.26
N HIS C 219 31.44 -4.12 -13.53
CA HIS C 219 31.63 -5.48 -13.05
C HIS C 219 30.69 -5.77 -11.88
N GLY C 220 30.46 -7.05 -11.62
CA GLY C 220 29.56 -7.46 -10.55
C GLY C 220 30.03 -6.97 -9.20
N ILE C 221 29.23 -6.11 -8.57
CA ILE C 221 29.53 -5.65 -7.22
C ILE C 221 28.51 -6.18 -6.22
N LYS C 222 29.01 -6.89 -5.21
CA LYS C 222 28.16 -7.41 -4.15
C LYS C 222 27.83 -6.33 -3.12
N PRO C 223 26.54 -6.19 -2.79
CA PRO C 223 26.09 -5.19 -1.83
C PRO C 223 26.34 -5.60 -0.38
N VAL C 224 27.61 -5.75 -0.03
CA VAL C 224 27.98 -6.21 1.30
C VAL C 224 27.93 -5.08 2.32
N VAL C 225 27.08 -5.23 3.33
CA VAL C 225 26.97 -4.24 4.40
C VAL C 225 27.86 -4.61 5.57
N SER C 226 28.80 -3.72 5.90
CA SER C 226 29.68 -3.94 7.04
C SER C 226 30.30 -2.64 7.52
N THR C 227 30.72 -2.62 8.78
CA THR C 227 31.40 -1.47 9.35
C THR C 227 32.86 -1.78 9.66
N GLN C 228 33.71 -0.76 9.71
CA GLN C 228 35.10 -0.95 10.07
C GLN C 228 35.91 -1.72 9.04
N LEU C 229 35.59 -3.00 8.89
CA LEU C 229 36.22 -3.88 7.92
C LEU C 229 35.39 -4.03 6.65
N LEU C 230 36.06 -4.06 5.50
CA LEU C 230 35.40 -4.31 4.23
C LEU C 230 35.55 -5.77 3.84
N LEU C 231 34.45 -6.38 3.39
CA LEU C 231 34.44 -7.82 3.10
C LEU C 231 34.07 -8.13 1.65
N ASN C 232 34.74 -9.14 1.10
CA ASN C 232 34.47 -9.66 -0.24
C ASN C 232 34.43 -8.58 -1.32
N GLY C 233 35.33 -7.61 -1.23
CA GLY C 233 35.45 -6.58 -2.25
C GLY C 233 36.48 -6.94 -3.31
N SER C 234 36.90 -5.93 -4.07
CA SER C 234 37.92 -6.12 -5.10
C SER C 234 39.31 -5.86 -4.54
N LEU C 235 40.33 -6.37 -5.22
CA LEU C 235 41.72 -6.23 -4.79
C LEU C 235 42.42 -5.11 -5.54
N ALA C 236 43.40 -4.49 -4.88
CA ALA C 236 44.22 -3.48 -5.53
C ALA C 236 45.47 -4.10 -6.16
N GLU C 237 45.98 -3.47 -7.21
CA GLU C 237 47.23 -3.88 -7.82
C GLU C 237 48.39 -3.04 -7.30
N GLU C 238 49.61 -3.46 -7.61
CA GLU C 238 50.83 -2.79 -7.15
C GLU C 238 50.96 -2.82 -5.62
N GLU C 239 50.75 -1.66 -5.00
CA GLU C 239 50.92 -1.54 -3.56
C GLU C 239 49.58 -1.26 -2.88
N VAL C 240 49.59 -1.15 -1.56
CA VAL C 240 48.36 -0.88 -0.82
C VAL C 240 47.86 0.52 -1.18
N MET C 241 46.57 0.68 -1.40
CA MET C 241 46.08 2.00 -1.79
C MET C 241 45.48 2.83 -0.66
N ILE C 242 45.95 4.06 -0.55
CA ILE C 242 45.44 5.00 0.43
C ILE C 242 44.65 6.10 -0.26
N ARG C 243 43.36 6.18 0.02
CA ARG C 243 42.54 7.21 -0.60
C ARG C 243 41.75 7.99 0.45
N SER C 244 41.79 9.32 0.36
CA SER C 244 41.05 10.17 1.30
C SER C 244 40.68 11.50 0.66
N GLU C 245 39.51 12.05 1.03
CA GLU C 245 39.09 13.34 0.49
C GLU C 245 40.10 14.41 0.84
N ASN C 246 40.73 14.26 2.00
CA ASN C 246 41.72 15.22 2.49
C ASN C 246 42.55 14.59 3.59
N ILE C 247 43.72 14.07 3.22
CA ILE C 247 44.56 13.32 4.14
C ILE C 247 44.91 14.14 5.38
N THR C 248 45.14 15.44 5.18
CA THR C 248 45.62 16.31 6.25
C THR C 248 44.49 16.68 7.20
N ASN C 249 43.24 16.51 6.74
CA ASN C 249 42.08 16.85 7.53
C ASN C 249 41.57 15.64 8.30
N ASN C 250 41.74 15.66 9.62
CA ASN C 250 41.37 14.53 10.46
C ASN C 250 39.89 14.50 10.81
N ALA C 251 39.15 15.42 10.19
CA ALA C 251 37.70 15.39 10.23
C ALA C 251 37.18 14.48 9.11
N LYS C 252 38.09 14.09 8.23
CA LYS C 252 37.76 13.14 7.15
C LYS C 252 38.16 11.73 7.58
N ASN C 253 38.19 10.82 6.62
CA ASN C 253 38.61 9.45 6.91
C ASN C 253 39.47 8.86 5.80
N ILE C 254 39.92 7.63 5.99
CA ILE C 254 40.87 7.04 5.05
C ILE C 254 40.36 5.69 4.55
N LEU C 255 40.37 5.51 3.24
CA LEU C 255 40.06 4.20 2.65
C LEU C 255 41.34 3.44 2.30
N VAL C 256 41.45 2.23 2.85
CA VAL C 256 42.59 1.37 2.59
C VAL C 256 42.16 0.14 1.81
N GLN C 257 42.74 -0.07 0.63
CA GLN C 257 42.42 -1.23 -0.18
C GLN C 257 43.60 -2.20 -0.19
N PHE C 258 43.34 -3.46 0.12
CA PHE C 258 44.40 -4.46 0.20
C PHE C 258 44.83 -5.00 -1.15
N ASN C 259 45.96 -5.69 -1.15
CA ASN C 259 46.50 -6.35 -2.33
C ASN C 259 46.21 -7.84 -2.29
N THR C 260 46.14 -8.39 -1.08
CA THR C 260 45.95 -9.82 -0.90
C THR C 260 44.81 -10.08 0.06
N PRO C 261 43.90 -10.98 -0.31
CA PRO C 261 42.78 -11.32 0.58
C PRO C 261 43.26 -11.78 1.95
N VAL C 262 42.71 -11.18 3.00
CA VAL C 262 42.98 -11.61 4.36
C VAL C 262 41.82 -12.46 4.88
N GLN C 263 42.05 -13.76 4.99
CA GLN C 263 41.00 -14.69 5.40
C GLN C 263 40.52 -14.40 6.82
N ILE C 264 39.20 -14.39 6.99
CA ILE C 264 38.62 -14.39 8.33
C ILE C 264 37.50 -15.43 8.44
N ASN C 265 37.55 -16.24 9.49
CA ASN C 265 36.63 -17.37 9.64
C ASN C 265 35.83 -17.30 10.93
N CYS C 266 34.54 -17.02 10.82
CA CYS C 266 33.71 -16.74 11.99
C CYS C 266 32.69 -17.85 12.22
N THR C 267 32.42 -18.15 13.50
CA THR C 267 31.64 -19.32 13.85
C THR C 267 30.64 -19.06 14.98
N ARG C 268 29.50 -19.73 14.89
CA ARG C 268 28.48 -19.70 15.94
C ARG C 268 28.11 -21.13 16.28
N PRO C 269 28.82 -21.72 17.26
CA PRO C 269 28.69 -23.15 17.58
C PRO C 269 27.48 -23.46 18.44
N ASN C 270 26.29 -23.25 17.90
CA ASN C 270 25.04 -23.47 18.63
C ASN C 270 23.99 -24.17 17.77
N ASN C 271 23.88 -25.49 17.93
CA ASN C 271 22.87 -26.25 17.19
C ASN C 271 21.50 -26.05 17.82
N ASN C 272 20.97 -24.84 17.69
CA ASN C 272 19.71 -24.47 18.33
C ASN C 272 18.50 -24.70 17.43
N THR C 273 17.33 -24.84 18.05
CA THR C 273 16.10 -25.18 17.34
C THR C 273 15.22 -23.95 17.20
N ARG C 274 14.13 -24.10 16.44
CA ARG C 274 13.23 -22.97 16.21
C ARG C 274 11.79 -23.30 16.61
N LYS C 275 11.48 -23.13 17.90
CA LYS C 275 10.13 -23.34 18.38
C LYS C 275 9.21 -22.27 17.83
N SER C 276 8.82 -22.42 16.57
CA SER C 276 7.88 -21.49 15.95
C SER C 276 6.54 -21.49 16.67
N ILE C 277 6.00 -20.29 16.90
CA ILE C 277 4.74 -20.17 17.63
C ILE C 277 3.69 -19.51 16.73
N ARG C 278 2.53 -20.14 16.62
CA ARG C 278 1.49 -19.65 15.74
C ARG C 278 0.73 -18.45 16.31
N ILE C 279 1.42 -17.32 16.40
CA ILE C 279 0.79 -16.12 16.95
C ILE C 279 0.12 -15.44 15.78
N GLY C 280 -0.99 -16.04 15.34
CA GLY C 280 -1.72 -15.54 14.19
C GLY C 280 -2.56 -14.32 14.53
N PRO C 281 -3.86 -14.19 14.02
CA PRO C 281 -4.35 -15.31 13.21
C PRO C 281 -3.55 -15.48 11.93
N GLY C 282 -3.36 -16.72 11.52
CA GLY C 282 -2.78 -17.02 10.22
C GLY C 282 -1.27 -16.87 10.17
N GLN C 283 -0.79 -15.66 10.44
CA GLN C 283 0.64 -15.40 10.36
C GLN C 283 1.41 -16.11 11.47
N ALA C 284 2.62 -16.55 11.15
CA ALA C 284 3.41 -17.33 12.10
C ALA C 284 4.69 -16.61 12.53
N PHE C 285 5.10 -16.86 13.77
CA PHE C 285 6.29 -16.22 14.32
C PHE C 285 7.30 -17.30 14.62
N TYR C 286 8.57 -17.01 14.32
CA TYR C 286 9.64 -17.95 14.62
C TYR C 286 10.41 -17.53 15.88
N ALA C 287 10.05 -18.14 16.99
CA ALA C 287 10.73 -17.87 18.26
C ALA C 287 12.00 -18.70 18.41
N THR C 288 12.75 -18.48 19.48
CA THR C 288 13.95 -19.29 19.71
C THR C 288 13.67 -20.50 20.59
N GLY C 289 13.92 -21.68 20.04
CA GLY C 289 13.65 -22.92 20.74
C GLY C 289 14.55 -23.21 21.93
N ASP C 290 15.49 -24.13 21.74
CA ASP C 290 16.49 -24.47 22.76
C ASP C 290 17.89 -24.35 22.19
N ILE C 291 18.87 -24.09 23.05
CA ILE C 291 20.25 -23.99 22.63
C ILE C 291 21.07 -25.18 23.16
N ILE C 292 21.58 -25.98 22.23
CA ILE C 292 22.34 -27.17 22.59
C ILE C 292 23.62 -27.28 21.78
N GLY C 293 24.54 -28.12 22.23
CA GLY C 293 25.83 -28.25 21.56
C GLY C 293 26.97 -27.58 22.30
N ASP C 294 27.97 -27.13 21.54
CA ASP C 294 29.18 -26.57 22.11
C ASP C 294 28.97 -25.14 22.59
N ILE C 295 28.48 -25.01 23.82
CA ILE C 295 28.12 -23.70 24.37
C ILE C 295 29.38 -22.86 24.53
N ARG C 296 29.86 -22.29 23.44
CA ARG C 296 30.96 -21.33 23.46
C ARG C 296 30.49 -20.02 22.81
N GLN C 297 31.13 -18.90 23.16
CA GLN C 297 30.77 -17.61 22.59
C GLN C 297 31.17 -17.61 21.13
N ALA C 298 30.34 -17.03 20.28
CA ALA C 298 30.70 -16.94 18.88
C ALA C 298 31.91 -16.04 18.75
N HIS C 299 32.75 -16.32 17.76
CA HIS C 299 34.02 -15.64 17.61
C HIS C 299 34.55 -15.79 16.19
N CYS C 300 35.57 -15.01 15.87
CA CYS C 300 36.21 -15.09 14.57
C CYS C 300 37.67 -15.50 14.70
N ASN C 301 38.13 -16.25 13.71
CA ASN C 301 39.54 -16.66 13.61
C ASN C 301 40.31 -15.92 12.52
N VAL C 302 41.38 -15.27 12.92
CA VAL C 302 42.21 -14.50 12.00
C VAL C 302 43.64 -15.03 12.05
N SER C 303 44.21 -15.22 10.87
CA SER C 303 45.64 -15.54 10.73
C SER C 303 46.50 -14.35 11.14
N LYS C 304 47.13 -14.49 12.29
CA LYS C 304 47.87 -13.41 12.92
C LYS C 304 49.07 -12.87 12.13
N ALA C 305 49.93 -13.77 11.67
CA ALA C 305 51.09 -13.38 10.87
C ALA C 305 50.65 -12.64 9.61
N THR C 306 49.57 -13.11 8.99
CA THR C 306 49.03 -12.46 7.81
C THR C 306 48.58 -11.03 8.10
N TRP C 307 47.85 -10.85 9.18
CA TRP C 307 47.44 -9.52 9.61
C TRP C 307 48.63 -8.60 9.85
N ASN C 308 49.64 -9.12 10.54
CA ASN C 308 50.81 -8.33 10.87
C ASN C 308 51.51 -7.88 9.61
N GLU C 309 51.71 -8.83 8.70
CA GLU C 309 52.34 -8.56 7.41
C GLU C 309 51.62 -7.50 6.59
N THR C 310 50.33 -7.66 6.40
CA THR C 310 49.53 -6.70 5.65
C THR C 310 49.51 -5.33 6.34
N LEU C 311 49.35 -5.34 7.64
CA LEU C 311 49.27 -4.09 8.38
C LEU C 311 50.54 -3.30 8.10
N GLY C 312 51.67 -4.00 8.13
CA GLY C 312 52.95 -3.38 7.84
C GLY C 312 52.92 -2.73 6.47
N LYS C 313 52.38 -3.44 5.49
CA LYS C 313 52.33 -2.90 4.14
C LYS C 313 51.52 -1.61 4.11
N VAL C 314 50.46 -1.58 4.91
CA VAL C 314 49.64 -0.38 5.06
C VAL C 314 50.45 0.76 5.65
N VAL C 315 51.23 0.46 6.69
CA VAL C 315 52.03 1.47 7.38
C VAL C 315 53.07 2.08 6.44
N LYS C 316 53.51 1.29 5.47
CA LYS C 316 54.51 1.76 4.52
C LYS C 316 53.91 2.97 3.80
N GLN C 317 52.60 2.93 3.60
CA GLN C 317 51.94 3.91 2.75
C GLN C 317 51.72 5.20 3.52
N LEU C 318 51.37 4.65 4.82
CA LEU C 318 51.22 5.79 5.69
C LEU C 318 52.51 6.59 5.81
N ARG C 319 53.63 5.88 5.89
CA ARG C 319 54.92 6.55 5.99
C ARG C 319 55.05 7.52 4.83
N LYS C 320 54.88 6.99 3.62
CA LYS C 320 54.91 7.79 2.40
C LYS C 320 54.04 9.03 2.43
N HIS C 321 53.02 9.51 3.32
CA HIS C 321 52.14 10.67 3.38
C HIS C 321 52.24 11.41 4.72
N PHE C 322 53.22 11.03 5.53
CA PHE C 322 53.38 11.63 6.85
C PHE C 322 54.85 11.82 7.24
N GLY C 323 55.73 11.05 6.63
CA GLY C 323 57.15 11.30 6.80
C GLY C 323 57.96 10.06 7.12
N ASN C 324 59.28 10.18 6.99
CA ASN C 324 60.17 9.05 7.21
C ASN C 324 60.72 9.09 8.63
N ASN C 325 60.03 9.83 9.50
CA ASN C 325 60.42 9.92 10.90
C ASN C 325 59.23 10.15 11.82
N THR C 326 58.16 9.39 11.64
CA THR C 326 56.97 9.51 12.47
C THR C 326 56.55 8.15 13.04
N ILE C 327 55.69 8.18 14.04
CA ILE C 327 55.28 6.96 14.73
C ILE C 327 53.80 6.67 14.50
N ILE C 328 53.49 5.42 14.16
CA ILE C 328 52.13 5.02 13.81
C ILE C 328 51.57 4.05 14.85
N ARG C 329 50.47 4.44 15.48
CA ARG C 329 49.80 3.57 16.44
C ARG C 329 48.38 3.24 16.02
N PHE C 330 47.96 2.01 16.30
CA PHE C 330 46.60 1.58 15.99
C PHE C 330 45.84 1.21 17.26
N ALA C 331 44.60 1.68 17.35
CA ALA C 331 43.77 1.44 18.53
C ALA C 331 42.32 1.24 18.12
N ASN C 332 41.48 0.86 19.07
CA ASN C 332 40.05 0.71 18.79
C ASN C 332 39.31 2.05 18.78
N SER C 333 37.99 1.99 18.58
CA SER C 333 37.18 3.19 18.40
C SER C 333 37.03 4.00 19.67
N SER C 334 36.35 5.14 19.55
CA SER C 334 36.12 6.02 20.70
C SER C 334 35.01 5.49 21.59
N GLY C 335 34.33 4.46 21.12
CA GLY C 335 33.21 3.88 21.87
C GLY C 335 31.90 4.58 21.59
N GLY C 336 30.84 4.15 22.27
CA GLY C 336 29.52 4.71 22.08
C GLY C 336 28.53 3.69 21.54
N ASP C 337 27.81 4.06 20.49
CA ASP C 337 26.83 3.19 19.87
C ASP C 337 27.48 1.89 19.37
N LEU C 338 26.98 0.76 19.86
CA LEU C 338 27.57 -0.54 19.55
C LEU C 338 27.76 -0.70 18.04
N GLU C 339 26.81 -0.20 17.27
CA GLU C 339 26.84 -0.35 15.82
C GLU C 339 28.11 0.26 15.22
N VAL C 340 28.59 1.34 15.81
CA VAL C 340 29.83 1.96 15.37
C VAL C 340 31.05 1.41 16.13
N THR C 341 30.88 1.18 17.43
CA THR C 341 31.95 0.70 18.27
C THR C 341 32.58 -0.59 17.74
N THR C 342 31.74 -1.58 17.44
CA THR C 342 32.24 -2.88 17.00
C THR C 342 32.07 -3.12 15.50
N HIS C 343 32.62 -4.22 15.03
CA HIS C 343 32.48 -4.61 13.63
C HIS C 343 31.18 -5.38 13.43
N SER C 344 30.28 -4.78 12.65
CA SER C 344 28.99 -5.41 12.35
C SER C 344 29.00 -6.01 10.95
N PHE C 345 28.40 -7.18 10.81
CA PHE C 345 28.25 -7.81 9.50
C PHE C 345 27.21 -8.93 9.52
N ASN C 346 26.70 -9.29 8.35
CA ASN C 346 25.71 -10.34 8.24
C ASN C 346 26.32 -11.63 7.70
N CYS C 347 26.05 -12.75 8.39
CA CYS C 347 26.39 -14.06 7.88
C CYS C 347 25.20 -15.01 7.96
N GLY C 348 24.60 -15.30 6.81
CA GLY C 348 23.53 -16.27 6.72
C GLY C 348 22.23 -15.79 7.34
N GLY C 349 22.10 -14.48 7.50
CA GLY C 349 20.92 -13.89 8.13
C GLY C 349 21.17 -13.46 9.56
N GLU C 350 22.21 -14.00 10.17
CA GLU C 350 22.56 -13.64 11.55
C GLU C 350 23.46 -12.41 11.57
N PHE C 351 23.28 -11.57 12.59
CA PHE C 351 24.02 -10.32 12.67
C PHE C 351 25.06 -10.39 13.78
N PHE C 352 26.32 -10.19 13.41
CA PHE C 352 27.43 -10.31 14.35
C PHE C 352 27.99 -8.95 14.75
N TYR C 353 28.39 -8.84 16.01
CA TYR C 353 29.07 -7.66 16.52
C TYR C 353 30.35 -8.12 17.22
N CYS C 354 31.49 -7.83 16.61
CA CYS C 354 32.78 -8.33 17.10
C CYS C 354 33.73 -7.26 17.61
N ASN C 355 34.43 -7.60 18.68
CA ASN C 355 35.38 -6.70 19.34
C ASN C 355 36.72 -6.70 18.62
N THR C 356 36.92 -5.74 17.72
CA THR C 356 38.09 -5.75 16.85
C THR C 356 39.32 -5.19 17.54
N SER C 357 39.23 -4.99 18.85
CA SER C 357 40.39 -4.59 19.65
C SER C 357 41.53 -5.59 19.46
N GLY C 358 41.17 -6.85 19.22
CA GLY C 358 42.17 -7.90 19.02
C GLY C 358 42.96 -7.73 17.74
N LEU C 359 42.43 -6.92 16.83
CA LEU C 359 43.14 -6.63 15.58
C LEU C 359 43.85 -5.28 15.67
N PHE C 360 43.07 -4.23 15.91
CA PHE C 360 43.56 -2.87 15.96
C PHE C 360 44.23 -2.53 17.28
N ASN C 361 45.37 -3.17 17.53
CA ASN C 361 46.17 -2.91 18.73
C ASN C 361 47.66 -3.07 18.43
N SER C 362 48.29 -2.03 17.89
CA SER C 362 49.68 -2.13 17.48
C SER C 362 50.29 -0.73 17.40
N THR C 363 51.59 -1.08 16.87
CA THR C 363 52.35 0.15 16.75
C THR C 363 53.53 -0.04 15.81
N TRP C 364 54.01 1.05 15.23
CA TRP C 364 55.23 1.00 14.44
C TRP C 364 56.15 2.17 14.75
N ILE C 365 57.45 1.94 14.63
CA ILE C 365 58.45 2.86 15.16
C ILE C 365 58.58 4.09 14.26
N SER C 366 59.80 4.51 14.00
CA SER C 366 60.06 5.76 13.29
C SER C 366 60.47 5.53 11.84
N ASN C 367 61.16 4.43 11.58
CA ASN C 367 61.61 4.17 10.22
C ASN C 367 61.98 2.70 10.01
N ASN C 379 50.42 -20.79 15.75
CA ASN C 379 49.81 -20.65 14.43
C ASN C 379 50.43 -19.54 13.57
N ASP C 380 50.48 -18.32 14.10
CA ASP C 380 49.63 -17.87 15.20
C ASP C 380 48.31 -17.32 14.69
N SER C 381 47.34 -17.18 15.59
CA SER C 381 46.00 -16.74 15.18
C SER C 381 45.37 -15.86 16.25
N ILE C 382 44.35 -15.09 15.84
CA ILE C 382 43.67 -14.19 16.76
C ILE C 382 42.20 -14.56 16.90
N THR C 383 41.74 -14.63 18.14
CA THR C 383 40.33 -14.88 18.42
C THR C 383 39.59 -13.59 18.75
N LEU C 384 38.54 -13.31 17.98
CA LEU C 384 37.74 -12.10 18.18
C LEU C 384 36.37 -12.42 18.77
N PRO C 385 36.13 -12.02 20.03
CA PRO C 385 34.84 -12.22 20.70
C PRO C 385 33.70 -11.50 19.98
N CYS C 386 32.62 -12.23 19.70
CA CYS C 386 31.47 -11.63 19.02
C CYS C 386 30.17 -11.78 19.80
N ARG C 387 29.20 -10.95 19.47
CA ARG C 387 27.89 -10.99 20.10
C ARG C 387 26.84 -11.12 19.02
N ILE C 388 25.67 -11.65 19.38
CA ILE C 388 24.60 -11.82 18.41
C ILE C 388 23.41 -10.95 18.78
N LYS C 389 22.84 -10.26 17.79
CA LYS C 389 21.66 -9.45 18.04
C LYS C 389 20.55 -9.94 17.13
N GLN C 390 19.30 -9.73 17.55
CA GLN C 390 18.19 -10.11 16.69
C GLN C 390 17.38 -8.90 16.24
N ILE C 391 17.45 -7.82 17.01
CA ILE C 391 16.82 -6.56 16.64
C ILE C 391 17.88 -5.59 16.12
N ILE C 392 17.78 -5.22 14.84
CA ILE C 392 18.78 -4.37 14.23
C ILE C 392 18.18 -3.16 13.50
N ASN C 393 19.02 -2.14 13.31
CA ASN C 393 18.63 -0.91 12.62
C ASN C 393 19.56 -0.62 11.44
N MET C 394 19.01 -0.64 10.23
CA MET C 394 19.81 -0.48 9.02
C MET C 394 20.09 0.98 8.67
N TRP C 395 21.37 1.18 8.33
CA TRP C 395 21.86 2.38 7.70
C TRP C 395 21.52 3.56 8.55
N GLN C 396 21.65 3.39 9.87
CA GLN C 396 21.55 4.49 10.78
C GLN C 396 20.14 5.02 10.73
N ARG C 397 19.22 4.20 10.21
CA ARG C 397 17.87 4.71 10.08
C ARG C 397 16.99 4.42 11.28
N ILE C 398 16.41 5.48 11.83
CA ILE C 398 15.54 5.35 12.99
C ILE C 398 14.11 5.51 12.49
N GLY C 399 13.15 4.99 13.25
CA GLY C 399 11.76 5.04 12.85
C GLY C 399 11.23 3.68 12.45
N GLN C 400 12.14 2.73 12.30
CA GLN C 400 11.76 1.35 12.02
C GLN C 400 12.88 0.38 12.38
N ALA C 401 12.52 -0.89 12.53
CA ALA C 401 13.49 -1.91 12.91
C ALA C 401 13.07 -3.26 12.36
N MET C 402 14.04 -4.17 12.22
CA MET C 402 13.78 -5.47 11.62
C MET C 402 14.23 -6.61 12.52
N TYR C 403 13.37 -7.61 12.67
CA TYR C 403 13.67 -8.76 13.51
C TYR C 403 14.25 -9.88 12.66
N ALA C 404 15.45 -10.32 13.01
CA ALA C 404 16.07 -11.43 12.32
C ALA C 404 15.49 -12.71 12.91
N PRO C 405 15.05 -13.66 12.01
CA PRO C 405 14.63 -14.93 12.63
C PRO C 405 15.85 -15.72 13.04
N PRO C 406 15.75 -16.48 14.20
CA PRO C 406 16.92 -17.32 14.49
C PRO C 406 17.13 -18.36 13.40
N ILE C 407 18.38 -18.53 12.97
CA ILE C 407 18.70 -19.53 11.96
C ILE C 407 19.05 -20.86 12.60
N GLN C 408 18.32 -21.91 12.21
CA GLN C 408 18.42 -23.21 12.88
C GLN C 408 19.77 -23.86 12.57
N GLY C 409 20.38 -24.47 13.59
CA GLY C 409 21.63 -25.18 13.41
C GLY C 409 22.87 -24.33 13.59
N VAL C 410 24.03 -24.98 13.51
CA VAL C 410 25.31 -24.31 13.70
C VAL C 410 25.63 -23.44 12.49
N ILE C 411 25.99 -22.19 12.74
CA ILE C 411 26.30 -21.25 11.66
C ILE C 411 27.78 -20.88 11.65
N ARG C 412 28.44 -21.15 10.53
CA ARG C 412 29.86 -20.80 10.36
C ARG C 412 30.16 -20.45 8.91
N CYS C 413 30.99 -19.42 8.72
CA CYS C 413 31.30 -18.96 7.37
C CYS C 413 32.67 -18.29 7.32
N VAL C 414 33.14 -18.02 6.10
CA VAL C 414 34.47 -17.46 5.90
C VAL C 414 34.43 -16.44 4.77
N SER C 415 35.21 -15.37 4.91
CA SER C 415 35.23 -14.32 3.91
C SER C 415 36.60 -13.65 3.76
N ASN C 416 36.70 -12.79 2.76
CA ASN C 416 37.95 -12.08 2.48
C ASN C 416 37.88 -10.64 2.96
N ILE C 417 38.77 -10.27 3.87
CA ILE C 417 38.89 -8.86 4.24
C ILE C 417 39.70 -8.16 3.15
N THR C 418 39.11 -7.14 2.54
CA THR C 418 39.71 -6.52 1.37
C THR C 418 39.97 -5.02 1.56
N GLY C 419 39.78 -4.52 2.77
CA GLY C 419 40.07 -3.14 3.05
C GLY C 419 39.66 -2.64 4.42
N LEU C 420 40.09 -1.43 4.75
CA LEU C 420 39.83 -0.84 6.06
C LEU C 420 39.14 0.50 5.94
N ILE C 421 38.25 0.79 6.89
CA ILE C 421 37.69 2.12 7.06
C ILE C 421 38.35 2.75 8.28
N LEU C 422 39.35 3.60 8.05
CA LEU C 422 40.14 4.18 9.13
C LEU C 422 39.87 5.67 9.31
N THR C 423 40.07 6.14 10.54
CA THR C 423 39.97 7.56 10.85
C THR C 423 41.26 8.05 11.50
N ARG C 424 41.56 9.33 11.33
CA ARG C 424 42.80 9.90 11.86
C ARG C 424 42.53 10.66 13.16
N ASP C 425 43.26 10.29 14.22
CA ASP C 425 43.07 10.91 15.53
C ASP C 425 43.21 12.42 15.49
N THR C 429 51.01 18.98 20.22
CA THR C 429 51.35 17.54 20.35
C THR C 429 51.20 16.70 19.07
N ASN C 430 51.42 17.34 17.93
CA ASN C 430 51.33 16.67 16.64
C ASN C 430 52.59 16.86 15.82
N SER C 431 53.65 16.15 16.20
CA SER C 431 54.94 16.32 15.55
C SER C 431 55.66 14.99 15.37
N THR C 432 54.93 13.89 15.55
CA THR C 432 55.55 12.57 15.46
C THR C 432 54.56 11.42 15.54
N THR C 433 54.04 11.16 16.74
CA THR C 433 53.14 10.01 16.91
C THR C 433 51.69 10.30 16.52
N GLU C 434 51.16 9.49 15.62
CA GLU C 434 49.77 9.59 15.22
C GLU C 434 49.04 8.27 15.46
N THR C 435 47.78 8.35 15.84
CA THR C 435 47.01 7.16 16.14
C THR C 435 45.87 7.04 15.15
N PHE C 436 45.62 5.81 14.67
CA PHE C 436 44.51 5.59 13.76
C PHE C 436 43.54 4.53 14.28
N ARG C 437 42.26 4.69 13.93
CA ARG C 437 41.22 3.75 14.40
C ARG C 437 40.05 3.47 13.40
N PRO C 438 39.40 2.31 13.56
CA PRO C 438 38.32 1.87 12.66
C PRO C 438 37.03 2.66 12.86
N GLY C 439 36.30 2.90 11.78
CA GLY C 439 35.03 3.60 11.85
C GLY C 439 34.02 3.07 10.85
N GLY C 440 33.13 3.93 10.41
CA GLY C 440 32.14 3.56 9.41
C GLY C 440 30.87 4.40 9.50
N GLY C 441 29.74 3.73 9.74
CA GLY C 441 28.48 4.41 9.91
C GLY C 441 27.80 4.70 8.58
N ASP C 442 28.43 5.55 7.78
CA ASP C 442 27.87 5.95 6.49
C ASP C 442 28.25 4.93 5.42
N MET C 443 27.27 4.14 4.99
CA MET C 443 27.53 2.95 4.17
C MET C 443 27.69 3.31 2.69
N ARG C 444 27.60 4.60 2.41
CA ARG C 444 27.81 5.11 1.08
C ARG C 444 29.32 4.91 0.87
N ASP C 445 30.07 4.91 1.98
CA ASP C 445 31.51 4.68 1.93
C ASP C 445 31.83 3.34 1.28
N ASN C 446 31.05 2.32 1.65
CA ASN C 446 31.24 0.97 1.11
C ASN C 446 31.02 0.91 -0.40
N TRP C 447 29.97 1.53 -0.88
CA TRP C 447 29.70 1.52 -2.31
C TRP C 447 30.82 2.29 -3.02
N ARG C 448 31.22 3.42 -2.44
CA ARG C 448 32.23 4.28 -3.04
C ARG C 448 33.59 3.60 -3.14
N SER C 449 33.83 2.64 -2.24
CA SER C 449 35.11 1.95 -2.23
C SER C 449 35.27 1.10 -3.48
N GLU C 450 34.18 0.88 -4.19
CA GLU C 450 34.24 0.11 -5.43
C GLU C 450 33.98 0.95 -6.67
N LEU C 451 33.06 1.89 -6.56
CA LEU C 451 32.57 2.63 -7.72
C LEU C 451 33.55 3.72 -8.16
N TYR C 452 34.67 3.80 -7.46
CA TYR C 452 35.63 4.86 -7.77
C TYR C 452 36.26 4.57 -9.13
N LYS C 453 36.10 3.34 -9.60
CA LYS C 453 36.73 2.92 -10.85
C LYS C 453 35.88 3.38 -12.04
N TYR C 454 34.69 3.89 -11.74
CA TYR C 454 33.71 4.21 -12.76
C TYR C 454 33.26 5.67 -12.72
N LYS C 455 32.87 6.19 -13.87
CA LYS C 455 32.18 7.47 -13.95
C LYS C 455 31.23 7.48 -15.15
N VAL C 456 30.18 8.30 -15.07
CA VAL C 456 29.20 8.38 -16.15
C VAL C 456 29.21 9.74 -16.85
N VAL C 457 29.23 9.70 -18.18
CA VAL C 457 29.27 10.91 -18.99
C VAL C 457 28.14 10.90 -20.03
N LYS C 458 27.72 12.09 -20.46
CA LYS C 458 26.67 12.22 -21.45
C LYS C 458 27.27 12.58 -22.81
N ILE C 459 27.07 11.71 -23.80
CA ILE C 459 27.56 11.96 -25.15
C ILE C 459 26.74 13.04 -25.85
N GLU C 460 27.45 13.92 -26.56
CA GLU C 460 26.81 14.91 -27.42
C GLU C 460 27.20 14.66 -28.87
N PRO C 461 26.36 13.91 -29.59
CA PRO C 461 26.56 13.53 -31.00
C PRO C 461 26.77 14.71 -31.95
N LEU C 462 26.16 15.85 -31.66
CA LEU C 462 26.13 16.95 -32.62
C LEU C 462 27.31 17.89 -32.41
N GLY C 463 28.01 18.19 -33.49
CA GLY C 463 29.11 19.14 -33.47
C GLY C 463 29.26 19.81 -34.82
N VAL C 464 30.00 20.92 -34.84
CA VAL C 464 30.28 21.63 -36.08
C VAL C 464 31.75 22.01 -36.16
N ALA C 465 32.23 22.29 -37.37
CA ALA C 465 33.62 22.65 -37.59
C ALA C 465 33.81 23.35 -38.93
N PRO C 466 34.85 24.17 -39.01
CA PRO C 466 35.17 24.89 -40.24
C PRO C 466 35.77 23.98 -41.30
N THR C 467 35.16 23.98 -42.48
CA THR C 467 35.65 23.18 -43.59
C THR C 467 35.50 23.92 -44.91
N ARG C 468 36.51 23.77 -45.75
CA ARG C 468 36.53 24.40 -47.07
C ARG C 468 35.38 23.72 -47.87
N CYS C 469 34.19 24.32 -47.93
CA CYS C 469 33.08 23.74 -48.68
C CYS C 469 31.93 24.74 -48.84
N LYS C 470 31.56 25.02 -50.09
CA LYS C 470 30.42 25.88 -50.38
C LYS C 470 29.28 25.05 -50.98
N ARG C 471 28.21 24.72 -50.25
CA ARG C 471 27.08 23.79 -50.76
C ARG C 471 26.07 24.19 -51.94
N ARG C 472 26.24 23.68 -53.19
CA ARG C 472 25.34 23.94 -54.41
C ARG C 472 23.83 23.38 -54.50
N VAL C 473 22.88 23.98 -55.28
CA VAL C 473 21.52 23.45 -55.35
C VAL C 473 21.40 22.41 -56.46
N ASN D 3 -2.67 26.37 -63.35
CA ASN D 3 -3.49 25.56 -62.44
C ASN D 3 -2.75 25.35 -61.12
N LEU D 4 -3.53 25.20 -60.05
CA LEU D 4 -2.96 25.06 -58.71
C LEU D 4 -2.83 23.60 -58.26
N TRP D 5 -1.85 23.35 -57.40
CA TRP D 5 -1.49 22.00 -56.99
C TRP D 5 -1.53 21.88 -55.48
N VAL D 6 -1.55 20.66 -54.98
CA VAL D 6 -1.53 20.44 -53.53
C VAL D 6 -0.12 20.58 -52.97
N THR D 7 0.08 21.58 -52.13
CA THR D 7 1.37 21.82 -51.50
C THR D 7 1.28 21.54 -50.00
N VAL D 8 2.30 20.87 -49.48
CA VAL D 8 2.28 20.42 -48.10
C VAL D 8 3.07 21.37 -47.20
N TYR D 9 2.48 21.75 -46.08
CA TYR D 9 3.10 22.68 -45.15
C TYR D 9 3.18 22.07 -43.75
N TYR D 10 4.20 22.46 -43.00
CA TYR D 10 4.39 21.96 -41.65
C TYR D 10 4.88 23.04 -40.71
N GLY D 11 4.37 23.04 -39.49
CA GLY D 11 4.61 24.13 -38.56
C GLY D 11 3.53 25.19 -38.63
N VAL D 12 2.34 24.78 -39.07
CA VAL D 12 1.24 25.72 -39.27
C VAL D 12 0.65 26.15 -37.93
N PRO D 13 0.54 27.48 -37.72
CA PRO D 13 0.06 28.02 -36.45
C PRO D 13 -1.44 27.88 -36.29
N VAL D 14 -1.91 26.65 -36.11
CA VAL D 14 -3.33 26.40 -35.86
C VAL D 14 -3.51 25.39 -34.74
N TRP D 15 -4.72 25.35 -34.18
CA TRP D 15 -4.97 24.51 -33.01
C TRP D 15 -6.47 24.21 -32.83
N LYS D 16 -6.75 23.14 -32.12
CA LYS D 16 -8.12 22.80 -31.73
C LYS D 16 -8.24 22.68 -30.23
N ASP D 17 -9.35 23.14 -29.67
CA ASP D 17 -9.63 22.96 -28.25
C ASP D 17 -9.65 21.50 -27.87
N ALA D 18 -8.80 21.12 -26.92
CA ALA D 18 -8.62 19.73 -26.56
C ALA D 18 -8.07 19.60 -25.15
N GLU D 19 -8.40 18.50 -24.48
CA GLU D 19 -7.94 18.26 -23.12
C GLU D 19 -6.75 17.31 -23.12
N THR D 20 -5.72 17.63 -22.37
CA THR D 20 -4.65 16.70 -22.10
C THR D 20 -4.24 16.69 -20.63
N THR D 21 -3.21 15.92 -20.31
CA THR D 21 -2.74 15.80 -18.94
C THR D 21 -1.74 16.89 -18.61
N LEU D 22 -2.15 17.85 -17.78
CA LEU D 22 -1.28 18.93 -17.35
C LEU D 22 -0.37 18.48 -16.20
N PHE D 23 0.74 19.19 -16.02
CA PHE D 23 1.65 18.88 -14.92
C PHE D 23 2.15 20.17 -14.27
N CYS D 24 2.61 20.06 -13.03
CA CYS D 24 2.90 21.25 -12.23
C CYS D 24 4.30 21.81 -12.43
N ALA D 25 4.53 22.97 -11.83
CA ALA D 25 5.86 23.56 -11.66
C ALA D 25 5.79 24.60 -10.55
N SER D 26 6.84 24.67 -9.72
CA SER D 26 6.84 25.65 -8.63
C SER D 26 8.17 25.75 -7.89
N ASP D 27 8.89 26.84 -8.12
CA ASP D 27 10.06 27.17 -7.32
C ASP D 27 10.95 25.96 -7.14
N ALA D 28 11.63 25.90 -5.99
CA ALA D 28 12.51 24.78 -5.68
C ALA D 28 12.58 24.56 -4.18
N VAL D 38 6.43 21.37 3.33
CA VAL D 38 5.23 22.12 3.69
C VAL D 38 3.96 21.33 3.38
N TRP D 39 3.40 21.53 2.19
CA TRP D 39 2.03 21.13 1.86
C TRP D 39 2.01 19.75 1.23
N ALA D 40 2.49 19.66 -0.01
CA ALA D 40 2.48 18.40 -0.72
C ALA D 40 3.42 18.46 -1.92
N THR D 41 4.03 19.62 -2.13
CA THR D 41 4.81 19.87 -3.32
C THR D 41 6.32 19.83 -3.08
N HIS D 42 6.97 18.90 -3.77
CA HIS D 42 8.42 18.77 -3.75
C HIS D 42 8.71 18.05 -5.06
N ALA D 43 7.91 17.03 -5.34
CA ALA D 43 8.06 16.23 -6.54
C ALA D 43 7.43 17.02 -7.67
N CYS D 44 8.12 18.08 -8.09
CA CYS D 44 7.56 19.00 -9.07
C CYS D 44 8.67 19.79 -9.75
N VAL D 45 8.59 19.91 -11.06
CA VAL D 45 9.64 20.57 -11.82
C VAL D 45 9.73 22.06 -11.50
N PRO D 46 10.93 22.51 -11.18
CA PRO D 46 11.18 23.92 -10.89
C PRO D 46 10.77 24.77 -12.08
N THR D 47 10.32 26.00 -11.80
CA THR D 47 9.90 26.90 -12.86
C THR D 47 11.12 27.53 -13.54
N ASP D 48 10.90 28.09 -14.73
CA ASP D 48 11.96 28.84 -15.42
C ASP D 48 12.14 30.18 -14.73
N PRO D 49 13.38 30.68 -14.71
CA PRO D 49 13.64 32.00 -14.13
C PRO D 49 13.09 33.13 -14.99
N ASN D 50 12.78 32.83 -16.24
CA ASN D 50 12.19 33.80 -17.15
C ASN D 50 10.97 33.27 -17.90
N PRO D 51 9.84 33.17 -17.19
CA PRO D 51 8.61 32.74 -17.85
C PRO D 51 8.31 33.64 -19.07
N GLN D 52 8.11 33.05 -20.24
CA GLN D 52 7.91 33.80 -21.48
C GLN D 52 6.44 33.99 -21.86
N GLU D 53 6.13 35.02 -22.66
CA GLU D 53 4.77 35.19 -23.12
C GLU D 53 4.79 35.93 -24.45
N ILE D 54 3.62 36.09 -25.05
CA ILE D 54 3.55 36.85 -26.29
C ILE D 54 2.10 37.09 -26.72
N HIS D 55 2.23 38.56 -26.65
CA HIS D 55 0.89 38.94 -27.07
C HIS D 55 0.67 38.59 -28.54
N LEU D 56 -0.50 38.07 -28.85
CA LEU D 56 -0.81 37.63 -30.20
C LEU D 56 -1.73 38.65 -30.89
N GLU D 57 -1.47 39.68 -31.70
CA GLU D 57 -2.21 40.69 -32.45
C GLU D 57 -3.01 40.05 -33.58
N ASN D 58 -4.27 40.46 -33.72
CA ASN D 58 -5.20 39.91 -34.70
C ASN D 58 -5.75 38.52 -34.37
N VAL D 59 -5.27 37.95 -33.27
CA VAL D 59 -5.78 36.66 -32.82
C VAL D 59 -6.85 36.81 -31.75
N THR D 60 -8.04 36.30 -32.07
CA THR D 60 -9.23 36.36 -31.23
C THR D 60 -9.89 34.97 -31.24
N GLU D 61 -10.53 34.57 -30.13
CA GLU D 61 -11.37 33.36 -30.11
C GLU D 61 -12.14 33.22 -28.79
N GLU D 62 -12.94 32.15 -28.61
CA GLU D 62 -13.83 32.18 -27.46
C GLU D 62 -13.25 31.42 -26.26
N PHE D 63 -13.51 32.02 -25.28
CA PHE D 63 -13.24 31.21 -24.09
C PHE D 63 -14.52 30.68 -23.48
N ASN D 64 -14.38 29.71 -22.58
CA ASN D 64 -15.52 29.16 -21.85
C ASN D 64 -15.06 28.57 -20.53
N MET D 65 -15.16 29.35 -19.46
CA MET D 65 -14.70 28.93 -18.15
C MET D 65 -15.57 27.84 -17.54
N TRP D 66 -16.75 27.64 -18.10
CA TRP D 66 -17.73 26.74 -17.51
C TRP D 66 -17.59 25.33 -18.04
N LYS D 67 -16.74 25.16 -19.04
CA LYS D 67 -16.44 23.85 -19.59
C LYS D 67 -14.93 23.60 -19.61
N ASN D 68 -14.21 24.42 -18.83
CA ASN D 68 -12.75 24.34 -18.77
C ASN D 68 -12.31 23.17 -17.89
N ASN D 69 -11.89 22.08 -18.52
CA ASN D 69 -11.56 20.86 -17.78
C ASN D 69 -10.25 20.95 -17.00
N MET D 70 -9.53 22.05 -17.14
CA MET D 70 -8.37 22.31 -16.30
C MET D 70 -8.76 22.29 -14.82
N VAL D 71 -9.95 22.80 -14.53
CA VAL D 71 -10.46 22.83 -13.17
C VAL D 71 -10.62 21.42 -12.61
N GLU D 72 -11.21 20.54 -13.40
CA GLU D 72 -11.51 19.18 -12.97
C GLU D 72 -10.23 18.43 -12.59
N GLN D 73 -9.21 18.54 -13.44
CA GLN D 73 -7.93 17.89 -13.16
C GLN D 73 -7.32 18.44 -11.87
N MET D 74 -7.18 19.76 -11.80
CA MET D 74 -6.62 20.40 -10.62
C MET D 74 -7.31 19.91 -9.35
N HIS D 75 -8.63 19.87 -9.39
CA HIS D 75 -9.42 19.46 -8.23
C HIS D 75 -9.00 18.08 -7.74
N THR D 76 -9.04 17.09 -8.64
CA THR D 76 -8.78 15.70 -8.26
C THR D 76 -7.32 15.49 -7.92
N ASP D 77 -6.44 16.28 -8.55
CA ASP D 77 -5.01 16.21 -8.25
C ASP D 77 -4.73 16.67 -6.81
N ILE D 78 -5.35 17.78 -6.41
CA ILE D 78 -5.21 18.26 -5.04
C ILE D 78 -5.72 17.23 -4.04
N ILE D 79 -6.85 16.61 -4.35
CA ILE D 79 -7.40 15.56 -3.50
C ILE D 79 -6.41 14.42 -3.36
N SER D 80 -5.82 13.99 -4.47
CA SER D 80 -4.88 12.88 -4.47
C SER D 80 -3.69 13.20 -3.57
N LEU D 81 -3.18 14.43 -3.70
CA LEU D 81 -2.07 14.91 -2.90
C LEU D 81 -2.40 14.79 -1.41
N TRP D 82 -3.59 15.27 -1.05
CA TRP D 82 -4.08 15.24 0.31
C TRP D 82 -3.97 13.85 0.93
N ASP D 83 -4.57 12.85 0.26
CA ASP D 83 -4.53 11.48 0.73
C ASP D 83 -3.10 10.95 0.88
N GLN D 84 -2.25 11.21 -0.11
CA GLN D 84 -0.89 10.70 -0.11
C GLN D 84 -0.08 11.24 1.07
N SER D 85 -0.43 12.45 1.50
CA SER D 85 0.27 13.09 2.60
C SER D 85 -0.17 12.56 3.96
N LEU D 86 -1.25 11.77 3.97
CA LEU D 86 -1.80 11.26 5.22
C LEU D 86 -1.49 9.79 5.43
N LYS D 87 -1.31 9.04 4.35
CA LYS D 87 -1.13 7.60 4.46
C LYS D 87 0.05 7.26 5.36
N PRO D 88 1.15 8.07 5.24
CA PRO D 88 2.32 7.63 6.02
C PRO D 88 2.25 8.15 7.44
N CYS D 89 1.13 8.74 7.81
CA CYS D 89 0.99 9.29 9.15
C CYS D 89 0.22 8.38 10.09
N VAL D 90 0.20 8.72 11.37
CA VAL D 90 -0.38 7.89 12.40
C VAL D 90 -1.90 7.88 12.41
N LYS D 91 -2.44 6.67 12.41
CA LYS D 91 -3.87 6.44 12.44
C LYS D 91 -4.32 6.51 13.89
N LEU D 92 -5.50 7.04 14.13
CA LEU D 92 -6.01 7.21 15.49
C LEU D 92 -7.15 6.27 15.79
N THR D 93 -7.08 5.05 15.25
CA THR D 93 -8.11 4.04 15.46
C THR D 93 -8.43 3.77 16.93
N PRO D 94 -7.41 3.71 17.82
CA PRO D 94 -7.77 3.27 19.17
C PRO D 94 -8.31 4.41 20.04
N LEU D 95 -8.51 5.58 19.45
CA LEU D 95 -9.12 6.69 20.16
C LEU D 95 -10.63 6.53 20.34
N CYS D 96 -11.24 5.73 19.49
CA CYS D 96 -12.68 5.48 19.59
C CYS D 96 -13.03 4.71 20.85
N VAL D 97 -13.17 5.41 21.96
CA VAL D 97 -13.57 4.80 23.23
C VAL D 97 -14.59 5.69 23.93
N THR D 98 -15.29 5.14 24.92
CA THR D 98 -16.18 5.93 25.76
C THR D 98 -15.42 6.99 26.54
N LEU D 99 -15.85 8.25 26.41
CA LEU D 99 -15.18 9.34 27.10
C LEU D 99 -15.97 9.80 28.33
N GLN D 100 -15.26 10.03 29.43
CA GLN D 100 -15.89 10.53 30.65
C GLN D 100 -15.56 12.01 30.80
N CYS D 101 -16.57 12.85 30.58
CA CYS D 101 -16.33 14.29 30.42
C CYS D 101 -17.14 15.15 31.39
N THR D 102 -16.63 16.35 31.62
CA THR D 102 -17.20 17.28 32.58
C THR D 102 -17.00 18.71 32.10
N ASN D 103 -17.82 19.63 32.59
CA ASN D 103 -17.68 21.05 32.22
C ASN D 103 -16.36 21.64 32.70
N VAL D 104 -15.88 22.64 31.99
CA VAL D 104 -14.64 23.29 32.37
C VAL D 104 -15.01 24.64 32.96
N THR D 105 -14.71 24.85 34.23
CA THR D 105 -15.06 26.11 34.89
C THR D 105 -14.26 27.34 34.48
N ASN D 106 -14.58 27.87 33.30
CA ASN D 106 -14.01 29.13 32.84
C ASN D 106 -14.47 30.24 33.78
N ASN D 107 -13.65 31.28 33.78
CA ASN D 107 -13.80 32.44 34.62
C ASN D 107 -15.24 32.70 34.87
N ILE D 108 -15.67 32.63 36.12
CA ILE D 108 -17.09 32.75 36.43
C ILE D 108 -17.58 34.14 36.02
N THR D 109 -18.85 34.26 35.63
CA THR D 109 -19.78 33.14 35.55
C THR D 109 -19.60 32.29 34.28
N ASP D 110 -20.02 32.80 33.12
CA ASP D 110 -19.83 32.04 31.90
C ASP D 110 -20.12 32.73 30.55
N ASP D 111 -19.06 33.30 29.98
CA ASP D 111 -19.06 34.05 28.74
C ASP D 111 -18.55 33.14 27.63
N MET D 112 -17.63 32.25 27.99
CA MET D 112 -17.02 31.34 27.03
C MET D 112 -17.94 30.18 26.68
N ARG D 113 -18.91 29.93 27.55
CA ARG D 113 -19.83 28.82 27.35
C ARG D 113 -19.11 27.46 27.35
N GLY D 114 -17.96 27.40 28.02
CA GLY D 114 -17.18 26.17 28.03
C GLY D 114 -16.60 25.81 26.67
N GLU D 115 -17.42 25.16 25.86
CA GLU D 115 -17.04 24.75 24.51
C GLU D 115 -16.06 23.60 24.48
N LEU D 116 -15.35 23.39 25.58
CA LEU D 116 -14.51 22.22 25.72
C LEU D 116 -14.81 21.43 26.98
N LYS D 117 -14.57 20.12 26.94
CA LYS D 117 -14.80 19.26 28.09
C LYS D 117 -13.51 18.61 28.58
N ASN D 118 -13.39 18.48 29.90
CA ASN D 118 -12.21 17.87 30.50
C ASN D 118 -12.32 16.35 30.50
N CYS D 119 -12.27 15.76 29.31
CA CYS D 119 -12.53 14.34 29.14
C CYS D 119 -11.37 13.46 29.59
N SER D 120 -11.70 12.30 30.15
CA SER D 120 -10.71 11.32 30.59
C SER D 120 -11.15 9.93 30.12
N PHE D 121 -10.20 9.01 30.02
CA PHE D 121 -10.51 7.67 29.52
C PHE D 121 -9.36 6.68 29.71
N ASN D 122 -9.72 5.40 29.77
CA ASN D 122 -8.73 4.34 29.92
C ASN D 122 -8.15 4.18 28.54
N MET D 123 -6.89 4.55 28.37
CA MET D 123 -6.28 4.46 27.05
C MET D 123 -5.25 3.34 26.96
N THR D 124 -5.27 2.60 25.85
CA THR D 124 -4.21 1.66 25.52
C THR D 124 -2.91 2.39 25.20
N THR D 125 -1.82 1.95 25.82
CA THR D 125 -0.52 2.60 25.66
C THR D 125 0.43 1.73 24.85
N GLU D 126 1.71 2.06 24.90
CA GLU D 126 2.74 1.25 24.25
C GLU D 126 2.78 -0.13 24.87
N LEU D 127 2.40 -0.24 26.13
CA LEU D 127 2.42 -1.54 26.78
C LEU D 127 1.12 -2.31 26.63
N ARG D 128 0.87 -2.80 25.42
CA ARG D 128 -0.40 -3.44 25.09
C ARG D 128 -0.70 -4.48 26.15
N ASP D 129 -1.57 -4.11 27.08
CA ASP D 129 -1.67 -4.87 28.31
C ASP D 129 -2.24 -3.97 29.40
N LYS D 130 -1.34 -3.35 30.16
CA LYS D 130 -1.76 -2.43 31.21
C LYS D 130 -2.05 -1.06 30.62
N LYS D 131 -3.27 -0.59 30.84
CA LYS D 131 -3.74 0.67 30.25
C LYS D 131 -3.48 1.87 31.15
N GLN D 132 -3.64 3.06 30.60
CA GLN D 132 -3.39 4.28 31.36
C GLN D 132 -4.54 5.28 31.29
N LYS D 133 -5.08 5.64 32.46
CA LYS D 133 -6.07 6.70 32.55
C LYS D 133 -5.45 8.05 32.17
N VAL D 134 -5.89 8.62 31.06
CA VAL D 134 -5.40 9.91 30.61
C VAL D 134 -6.56 10.88 30.39
N TYR D 135 -6.23 12.11 30.01
CA TYR D 135 -7.22 13.15 29.76
C TYR D 135 -6.81 14.05 28.62
N SER D 136 -7.78 14.76 28.06
CA SER D 136 -7.52 15.71 26.98
C SER D 136 -8.72 16.63 26.79
N LEU D 137 -8.44 17.87 26.37
CA LEU D 137 -9.50 18.85 26.17
C LEU D 137 -10.03 18.76 24.74
N PHE D 138 -11.32 18.47 24.60
CA PHE D 138 -11.93 18.39 23.29
C PHE D 138 -13.05 19.42 23.11
N TYR D 139 -13.22 19.89 21.88
CA TYR D 139 -14.30 20.82 21.57
C TYR D 139 -15.61 20.03 21.45
N ARG D 140 -16.70 20.63 21.90
CA ARG D 140 -18.00 19.96 21.90
C ARG D 140 -18.54 19.82 20.48
N LEU D 141 -17.83 20.41 19.52
CA LEU D 141 -18.13 20.20 18.11
C LEU D 141 -17.54 18.89 17.61
N ASP D 142 -16.57 18.35 18.33
CA ASP D 142 -15.91 17.11 17.96
C ASP D 142 -16.56 15.89 18.61
N VAL D 143 -17.07 16.08 19.82
CA VAL D 143 -17.63 14.96 20.59
C VAL D 143 -19.15 15.04 20.72
N VAL D 144 -19.77 13.91 21.01
CA VAL D 144 -21.21 13.84 21.19
C VAL D 144 -21.58 12.87 22.31
N GLN D 145 -22.63 13.22 23.06
CA GLN D 145 -23.06 12.40 24.18
C GLN D 145 -23.55 11.03 23.73
N ILE D 146 -23.13 9.99 24.43
CA ILE D 146 -23.63 8.64 24.15
C ILE D 146 -24.92 8.41 24.92
N ASN D 147 -25.97 8.03 24.21
CA ASN D 147 -27.24 7.69 24.84
C ASN D 147 -27.99 8.93 25.34
N ASN D 158 -20.25 12.80 35.90
CA ASN D 158 -19.89 13.00 34.51
C ASN D 158 -20.82 12.25 33.57
N LYS D 159 -20.64 12.47 32.27
CA LYS D 159 -21.43 11.79 31.27
C LYS D 159 -20.53 11.16 30.23
N GLU D 160 -21.11 10.26 29.44
CA GLU D 160 -20.38 9.53 28.41
C GLU D 160 -20.46 10.26 27.07
N TYR D 161 -19.32 10.36 26.39
CA TYR D 161 -19.25 11.03 25.10
C TYR D 161 -18.50 10.22 24.06
N ARG D 162 -18.60 10.62 22.80
CA ARG D 162 -17.98 9.86 21.72
C ARG D 162 -17.40 10.78 20.65
N LEU D 163 -16.26 10.38 20.08
CA LEU D 163 -15.67 11.12 18.96
C LEU D 163 -16.60 11.00 17.77
N ILE D 164 -17.02 12.13 17.21
CA ILE D 164 -18.11 12.10 16.24
C ILE D 164 -17.79 11.23 15.01
N ASN D 165 -16.52 11.17 14.65
CA ASN D 165 -16.12 10.45 13.43
C ASN D 165 -16.37 8.96 13.50
N CYS D 166 -16.41 8.41 14.70
CA CYS D 166 -16.42 6.95 14.89
C CYS D 166 -17.71 6.28 14.42
N ASN D 167 -18.72 7.09 14.17
CA ASN D 167 -19.98 6.55 13.64
C ASN D 167 -19.99 6.54 12.12
N THR D 168 -19.00 7.17 11.52
CA THR D 168 -18.92 7.27 10.07
C THR D 168 -17.72 6.58 9.43
N SER D 169 -16.56 6.72 10.06
CA SER D 169 -15.34 6.12 9.54
C SER D 169 -14.17 6.25 10.51
N ALA D 170 -13.01 5.75 10.11
CA ALA D 170 -11.79 5.88 10.91
C ALA D 170 -11.21 7.27 10.73
N ILE D 171 -10.32 7.67 11.64
CA ILE D 171 -9.72 8.99 11.56
C ILE D 171 -8.20 8.93 11.74
N THR D 172 -7.49 9.72 10.93
CA THR D 172 -6.03 9.69 10.90
C THR D 172 -5.47 11.02 11.38
N GLN D 173 -4.44 10.96 12.22
CA GLN D 173 -3.76 12.16 12.67
C GLN D 173 -2.83 12.71 11.60
N ALA D 174 -3.00 13.99 11.25
CA ALA D 174 -2.07 14.67 10.37
C ALA D 174 -0.71 14.80 11.05
N CYS D 175 0.35 14.53 10.31
CA CYS D 175 1.70 14.61 10.85
C CYS D 175 1.97 16.02 11.37
N PRO D 176 2.71 16.12 12.46
CA PRO D 176 2.99 17.41 13.08
C PRO D 176 4.02 18.19 12.27
N LYS D 177 4.76 17.49 11.43
CA LYS D 177 5.78 18.14 10.61
C LYS D 177 5.20 18.79 9.36
N VAL D 178 4.32 18.06 8.67
CA VAL D 178 3.71 18.58 7.46
C VAL D 178 2.79 19.77 7.76
N SER D 179 2.78 20.74 6.86
CA SER D 179 1.95 21.93 7.04
C SER D 179 0.81 21.94 6.03
N PHE D 180 0.05 23.04 6.01
CA PHE D 180 -1.06 23.18 5.09
C PHE D 180 -0.99 24.51 4.34
N GLU D 181 0.09 25.24 4.55
CA GLU D 181 0.31 26.51 3.86
C GLU D 181 0.17 26.34 2.36
N PRO D 182 -0.81 27.04 1.76
CA PRO D 182 -0.97 27.12 0.31
C PRO D 182 0.28 27.65 -0.39
N ILE D 183 0.79 26.90 -1.37
CA ILE D 183 1.95 27.31 -2.14
C ILE D 183 1.58 27.53 -3.60
N PRO D 184 2.01 28.67 -4.17
CA PRO D 184 1.80 28.97 -5.60
C PRO D 184 2.22 27.84 -6.53
N ILE D 185 1.27 27.32 -7.29
CA ILE D 185 1.55 26.26 -8.25
C ILE D 185 1.35 26.75 -9.69
N HIS D 186 2.30 26.44 -10.56
CA HIS D 186 2.18 26.73 -11.98
C HIS D 186 1.82 25.46 -12.75
N TYR D 187 0.97 25.61 -13.76
CA TYR D 187 0.59 24.47 -14.59
C TYR D 187 1.18 24.61 -15.99
N CYS D 188 1.71 23.52 -16.52
CA CYS D 188 2.25 23.52 -17.87
C CYS D 188 1.66 22.42 -18.75
N ALA D 189 1.55 22.71 -20.04
CA ALA D 189 1.12 21.71 -21.02
C ALA D 189 2.32 21.10 -21.72
N PRO D 190 2.21 19.81 -22.10
CA PRO D 190 3.25 19.13 -22.87
C PRO D 190 3.37 19.64 -24.29
N ALA D 191 4.52 19.39 -24.92
CA ALA D 191 4.78 19.87 -26.27
C ALA D 191 3.66 19.48 -27.24
N GLY D 192 3.25 20.42 -28.07
CA GLY D 192 2.13 20.20 -28.98
C GLY D 192 0.87 20.84 -28.46
N PHE D 193 0.88 21.21 -27.19
CA PHE D 193 -0.24 21.91 -26.57
C PHE D 193 0.20 23.29 -26.09
N ALA D 194 -0.71 24.25 -26.17
CA ALA D 194 -0.40 25.63 -25.86
C ALA D 194 -1.27 26.13 -24.72
N ILE D 195 -0.70 26.95 -23.85
CA ILE D 195 -1.47 27.65 -22.83
C ILE D 195 -1.87 29.03 -23.32
N LEU D 196 -3.16 29.22 -23.60
CA LEU D 196 -3.65 30.48 -24.11
C LEU D 196 -4.14 31.37 -22.96
N LYS D 197 -3.85 32.66 -23.03
CA LYS D 197 -4.30 33.54 -21.95
C LYS D 197 -4.77 34.89 -22.44
N CYS D 198 -6.05 35.16 -22.25
CA CYS D 198 -6.61 36.44 -22.67
C CYS D 198 -6.12 37.48 -21.67
N LYS D 199 -5.92 38.70 -22.16
CA LYS D 199 -5.51 39.80 -21.29
C LYS D 199 -6.64 40.81 -21.23
N ASP D 200 -7.77 40.45 -21.83
CA ASP D 200 -8.92 41.35 -21.85
C ASP D 200 -9.42 41.57 -20.42
N LYS D 201 -9.39 42.81 -19.97
CA LYS D 201 -9.85 43.13 -18.62
C LYS D 201 -11.36 42.88 -18.48
N LYS D 202 -12.06 42.85 -19.59
CA LYS D 202 -13.48 42.51 -19.60
C LYS D 202 -13.68 41.05 -19.97
N PHE D 203 -14.66 40.42 -19.34
CA PHE D 203 -14.97 39.02 -19.61
C PHE D 203 -16.28 38.63 -18.94
N ASN D 204 -17.19 38.05 -19.72
CA ASN D 204 -18.51 37.72 -19.21
C ASN D 204 -18.52 36.32 -18.61
N GLY D 205 -17.40 35.62 -18.75
CA GLY D 205 -17.32 34.21 -18.41
C GLY D 205 -17.19 33.35 -19.64
N THR D 206 -17.55 33.89 -20.80
CA THR D 206 -17.42 33.17 -22.06
C THR D 206 -17.65 34.08 -23.26
N GLY D 207 -17.00 33.74 -24.38
CA GLY D 207 -17.11 34.54 -25.60
C GLY D 207 -15.76 34.96 -26.14
N PRO D 208 -15.78 35.71 -27.26
CA PRO D 208 -14.55 36.10 -27.96
C PRO D 208 -13.75 37.15 -27.19
N CYS D 209 -12.42 37.02 -27.20
CA CYS D 209 -11.56 38.02 -26.58
C CYS D 209 -10.70 38.75 -27.61
N PRO D 210 -10.96 40.06 -27.77
CA PRO D 210 -10.20 40.92 -28.69
C PRO D 210 -8.69 40.86 -28.46
N SER D 211 -8.28 40.71 -27.21
CA SER D 211 -6.86 40.71 -26.86
C SER D 211 -6.42 39.38 -26.26
N VAL D 212 -5.89 38.50 -27.10
CA VAL D 212 -5.42 37.20 -26.64
C VAL D 212 -3.89 37.11 -26.71
N SER D 213 -3.29 36.58 -25.65
CA SER D 213 -1.87 36.27 -25.65
C SER D 213 -1.65 34.79 -25.39
N THR D 214 -0.40 34.37 -25.27
CA THR D 214 -0.09 33.01 -24.85
C THR D 214 1.16 32.94 -23.99
N VAL D 215 1.23 31.92 -23.14
CA VAL D 215 2.30 31.80 -22.15
C VAL D 215 2.88 30.39 -22.19
N GLN D 216 4.05 30.22 -21.57
CA GLN D 216 4.63 28.90 -21.43
C GLN D 216 3.72 28.22 -20.43
N CYS D 217 3.64 28.78 -19.22
CA CYS D 217 2.89 28.17 -18.13
C CYS D 217 2.03 29.22 -17.42
N THR D 218 1.17 28.76 -16.51
CA THR D 218 0.27 29.66 -15.81
C THR D 218 1.00 30.40 -14.71
N HIS D 219 0.39 31.44 -14.16
CA HIS D 219 0.92 32.13 -12.99
C HIS D 219 0.69 31.29 -11.74
N GLY D 220 1.48 31.56 -10.70
CA GLY D 220 1.38 30.82 -9.46
C GLY D 220 0.01 30.96 -8.83
N ILE D 221 -0.70 29.84 -8.71
CA ILE D 221 -1.99 29.80 -8.04
C ILE D 221 -1.91 29.01 -6.74
N LYS D 222 -2.28 29.67 -5.65
CA LYS D 222 -2.30 29.02 -4.34
C LYS D 222 -3.58 28.20 -4.16
N PRO D 223 -3.43 26.94 -3.73
CA PRO D 223 -4.57 26.04 -3.53
C PRO D 223 -5.32 26.32 -2.23
N VAL D 224 -5.90 27.51 -2.14
CA VAL D 224 -6.58 27.93 -0.92
C VAL D 224 -7.98 27.35 -0.82
N VAL D 225 -8.22 26.55 0.21
CA VAL D 225 -9.55 25.97 0.42
C VAL D 225 -10.37 26.83 1.36
N SER D 226 -11.52 27.30 0.87
CA SER D 226 -12.42 28.10 1.68
C SER D 226 -13.83 28.10 1.11
N THR D 227 -14.82 28.38 1.97
CA THR D 227 -16.20 28.49 1.54
C THR D 227 -16.70 29.93 1.68
N GLN D 228 -17.73 30.27 0.91
CA GLN D 228 -18.33 31.60 1.01
C GLN D 228 -17.43 32.73 0.54
N LEU D 229 -16.35 32.96 1.28
CA LEU D 229 -15.36 33.98 0.96
C LEU D 229 -14.13 33.38 0.26
N LEU D 230 -13.61 34.10 -0.73
CA LEU D 230 -12.39 33.69 -1.41
C LEU D 230 -11.20 34.44 -0.83
N LEU D 231 -10.11 33.73 -0.56
CA LEU D 231 -8.95 34.32 0.11
C LEU D 231 -7.67 34.23 -0.72
N ASN D 232 -6.86 35.30 -0.65
CA ASN D 232 -5.55 35.35 -1.29
C ASN D 232 -5.57 34.97 -2.77
N GLY D 233 -6.61 35.40 -3.48
CA GLY D 233 -6.68 35.18 -4.92
C GLY D 233 -6.12 36.34 -5.72
N SER D 234 -6.46 36.38 -7.00
CA SER D 234 -6.03 37.48 -7.87
C SER D 234 -7.06 38.60 -7.90
N LEU D 235 -6.63 39.78 -8.31
CA LEU D 235 -7.50 40.96 -8.34
C LEU D 235 -8.02 41.20 -9.76
N ALA D 236 -9.21 41.80 -9.85
CA ALA D 236 -9.76 42.19 -11.14
C ALA D 236 -9.39 43.63 -11.48
N GLU D 237 -9.31 43.92 -12.77
CA GLU D 237 -9.08 45.28 -13.25
C GLU D 237 -10.40 45.96 -13.60
N GLU D 238 -10.34 47.26 -13.83
CA GLU D 238 -11.52 48.07 -14.15
C GLU D 238 -12.54 48.07 -13.00
N GLU D 239 -13.65 47.36 -13.20
CA GLU D 239 -14.72 47.35 -12.23
C GLU D 239 -14.86 45.96 -11.60
N VAL D 240 -15.81 45.82 -10.67
CA VAL D 240 -16.04 44.53 -10.03
C VAL D 240 -16.57 43.55 -11.06
N MET D 241 -16.08 42.32 -11.06
CA MET D 241 -16.55 41.37 -12.06
C MET D 241 -17.62 40.41 -11.60
N ILE D 242 -18.69 40.32 -12.38
CA ILE D 242 -19.78 39.41 -12.12
C ILE D 242 -19.79 38.29 -13.15
N ARG D 243 -19.56 37.06 -12.72
CA ARG D 243 -19.57 35.95 -13.67
C ARG D 243 -20.51 34.84 -13.19
N SER D 244 -21.34 34.34 -14.08
CA SER D 244 -22.27 33.25 -13.75
C SER D 244 -22.62 32.42 -14.98
N GLU D 245 -22.81 31.11 -14.80
CA GLU D 245 -23.17 30.25 -15.91
C GLU D 245 -24.50 30.70 -16.52
N ASN D 246 -25.37 31.25 -15.67
CA ASN D 246 -26.67 31.72 -16.10
C ASN D 246 -27.26 32.65 -15.05
N ILE D 247 -27.08 33.95 -15.25
CA ILE D 247 -27.47 34.95 -14.27
C ILE D 247 -28.96 34.83 -13.91
N THR D 248 -29.78 34.55 -14.91
CA THR D 248 -31.24 34.54 -14.74
C THR D 248 -31.69 33.28 -14.00
N ASN D 249 -30.84 32.26 -13.99
CA ASN D 249 -31.17 30.99 -13.37
C ASN D 249 -30.67 30.95 -11.92
N ASN D 250 -31.60 30.99 -10.98
CA ASN D 250 -31.24 31.05 -9.56
C ASN D 250 -30.94 29.68 -8.98
N ALA D 251 -30.88 28.68 -9.86
CA ALA D 251 -30.37 27.36 -9.52
C ALA D 251 -28.86 27.35 -9.68
N LYS D 252 -28.33 28.41 -10.30
CA LYS D 252 -26.90 28.57 -10.46
C LYS D 252 -26.36 29.48 -9.36
N ASN D 253 -25.13 29.95 -9.52
CA ASN D 253 -24.55 30.86 -8.55
C ASN D 253 -23.73 31.97 -9.20
N ILE D 254 -23.19 32.86 -8.39
CA ILE D 254 -22.51 34.04 -8.93
C ILE D 254 -21.10 34.16 -8.37
N LEU D 255 -20.13 34.36 -9.25
CA LEU D 255 -18.77 34.64 -8.83
C LEU D 255 -18.48 36.13 -8.88
N VAL D 256 -18.06 36.69 -7.74
CA VAL D 256 -17.72 38.09 -7.65
C VAL D 256 -16.22 38.25 -7.38
N GLN D 257 -15.53 38.97 -8.27
CA GLN D 257 -14.10 39.22 -8.10
C GLN D 257 -13.86 40.68 -7.75
N PHE D 258 -13.13 40.92 -6.68
CA PHE D 258 -12.87 42.29 -6.21
C PHE D 258 -11.79 43.00 -7.00
N ASN D 259 -11.72 44.32 -6.80
CA ASN D 259 -10.71 45.16 -7.40
C ASN D 259 -9.63 45.50 -6.39
N THR D 260 -10.01 45.56 -5.12
CA THR D 260 -9.10 45.95 -4.06
C THR D 260 -9.13 44.93 -2.93
N PRO D 261 -7.97 44.50 -2.47
CA PRO D 261 -7.92 43.54 -1.36
C PRO D 261 -8.66 44.05 -0.13
N VAL D 262 -9.55 43.22 0.41
CA VAL D 262 -10.25 43.54 1.65
C VAL D 262 -9.59 42.78 2.81
N GLN D 263 -8.87 43.50 3.65
CA GLN D 263 -8.14 42.90 4.76
C GLN D 263 -9.08 42.22 5.74
N ILE D 264 -8.73 40.99 6.15
CA ILE D 264 -9.38 40.36 7.29
C ILE D 264 -8.35 39.75 8.24
N ASN D 265 -8.50 40.03 9.52
CA ASN D 265 -7.51 39.63 10.53
C ASN D 265 -8.12 38.78 11.62
N CYS D 266 -7.76 37.50 11.64
CA CYS D 266 -8.42 36.54 12.52
C CYS D 266 -7.47 36.03 13.60
N THR D 267 -8.00 35.81 14.80
CA THR D 267 -7.16 35.54 15.96
C THR D 267 -7.71 34.43 16.85
N ARG D 268 -6.78 33.66 17.43
CA ARG D 268 -7.12 32.65 18.41
C ARG D 268 -6.26 32.85 19.65
N PRO D 269 -6.74 33.65 20.60
CA PRO D 269 -5.94 34.09 21.76
C PRO D 269 -5.85 33.04 22.85
N ASN D 270 -5.22 31.91 22.56
CA ASN D 270 -5.09 30.81 23.50
C ASN D 270 -3.70 30.21 23.51
N ASN D 271 -2.87 30.62 24.47
CA ASN D 271 -1.52 30.07 24.59
C ASN D 271 -1.57 28.68 25.22
N ASN D 272 -2.13 27.73 24.48
CA ASN D 272 -2.33 26.38 24.99
C ASN D 272 -1.17 25.43 24.71
N THR D 273 -1.07 24.38 25.51
CA THR D 273 0.06 23.46 25.44
C THR D 273 -0.36 22.16 24.75
N ARG D 274 0.61 21.29 24.48
CA ARG D 274 0.33 20.03 23.80
C ARG D 274 0.80 18.82 24.61
N LYS D 275 -0.04 18.37 25.53
CA LYS D 275 0.27 17.19 26.32
C LYS D 275 0.23 15.96 25.42
N SER D 276 1.30 15.76 24.65
CA SER D 276 1.39 14.59 23.80
C SER D 276 1.40 13.29 24.61
N ILE D 277 0.64 12.30 24.16
CA ILE D 277 0.53 11.05 24.90
C ILE D 277 1.05 9.91 24.03
N ARG D 278 1.95 9.10 24.57
CA ARG D 278 2.55 8.03 23.81
C ARG D 278 1.64 6.81 23.66
N ILE D 279 0.58 6.97 22.89
CA ILE D 279 -0.35 5.88 22.69
C ILE D 279 0.18 5.08 21.53
N GLY D 280 1.25 4.35 21.79
CA GLY D 280 1.92 3.57 20.76
C GLY D 280 1.18 2.29 20.44
N PRO D 281 1.88 1.10 20.24
CA PRO D 281 3.35 1.16 20.42
C PRO D 281 3.99 2.06 19.38
N GLY D 282 5.03 2.77 19.80
CA GLY D 282 5.87 3.52 18.88
C GLY D 282 5.27 4.84 18.44
N GLN D 283 4.11 4.76 17.79
CA GLN D 283 3.48 5.97 17.28
C GLN D 283 2.96 6.88 18.40
N ALA D 284 3.04 8.18 18.18
CA ALA D 284 2.67 9.15 19.21
C ALA D 284 1.45 9.99 18.84
N PHE D 285 0.66 10.35 19.85
CA PHE D 285 -0.54 11.13 19.62
C PHE D 285 -0.37 12.48 20.31
N TYR D 286 -0.82 13.54 19.64
CA TYR D 286 -0.75 14.87 20.23
C TYR D 286 -2.12 15.30 20.76
N ALA D 287 -2.31 15.13 22.07
CA ALA D 287 -3.56 15.53 22.72
C ALA D 287 -3.53 17.01 23.07
N THR D 288 -4.64 17.53 23.59
CA THR D 288 -4.69 18.92 24.03
C THR D 288 -4.34 19.08 25.50
N GLY D 289 -3.27 19.83 25.77
CA GLY D 289 -2.78 20.04 27.12
C GLY D 289 -3.69 20.87 28.01
N ASP D 290 -3.28 22.12 28.24
CA ASP D 290 -4.06 23.07 29.02
C ASP D 290 -4.27 24.35 28.22
N ILE D 291 -5.36 25.07 28.51
CA ILE D 291 -5.63 26.33 27.85
C ILE D 291 -5.46 27.51 28.80
N ILE D 292 -4.50 28.38 28.51
CA ILE D 292 -4.21 29.52 29.36
C ILE D 292 -4.06 30.79 28.54
N GLY D 293 -4.11 31.94 29.21
CA GLY D 293 -4.06 33.21 28.52
C GLY D 293 -5.39 33.94 28.43
N ASP D 294 -5.55 34.72 27.37
CA ASP D 294 -6.73 35.55 27.20
C ASP D 294 -7.93 34.75 26.74
N ILE D 295 -8.65 34.15 27.69
CA ILE D 295 -9.75 33.25 27.36
C ILE D 295 -10.87 34.04 26.71
N ARG D 296 -10.71 34.35 25.43
CA ARG D 296 -11.77 34.95 24.62
C ARG D 296 -12.07 34.06 23.41
N GLN D 297 -13.27 34.15 22.86
CA GLN D 297 -13.65 33.36 21.70
C GLN D 297 -12.86 33.83 20.51
N ALA D 298 -12.39 32.91 19.68
CA ALA D 298 -11.68 33.31 18.48
C ALA D 298 -12.63 34.06 17.58
N HIS D 299 -12.10 35.02 16.84
CA HIS D 299 -12.91 35.92 16.04
C HIS D 299 -12.08 36.57 14.95
N CYS D 300 -12.76 37.22 14.01
CA CYS D 300 -12.10 37.94 12.94
C CYS D 300 -12.42 39.43 12.98
N ASN D 301 -11.44 40.24 12.61
CA ASN D 301 -11.60 41.69 12.49
C ASN D 301 -11.66 42.17 11.06
N VAL D 302 -12.75 42.86 10.73
CA VAL D 302 -12.96 43.37 9.39
C VAL D 302 -13.14 44.89 9.46
N SER D 303 -12.45 45.60 8.56
CA SER D 303 -12.64 47.03 8.36
C SER D 303 -14.02 47.29 7.76
N LYS D 304 -14.91 47.84 8.58
CA LYS D 304 -16.31 48.02 8.23
C LYS D 304 -16.58 48.97 7.06
N ALA D 305 -15.98 50.15 7.10
CA ALA D 305 -16.14 51.10 6.01
C ALA D 305 -15.67 50.53 4.68
N THR D 306 -14.57 49.78 4.73
CA THR D 306 -14.05 49.11 3.54
C THR D 306 -15.04 48.11 2.97
N TRP D 307 -15.60 47.27 3.83
CA TRP D 307 -16.64 46.34 3.42
C TRP D 307 -17.83 47.04 2.78
N ASN D 308 -18.28 48.12 3.42
CA ASN D 308 -19.45 48.83 2.94
C ASN D 308 -19.18 49.39 1.56
N GLU D 309 -18.02 50.02 1.42
CA GLU D 309 -17.60 50.59 0.15
C GLU D 309 -17.53 49.58 -0.99
N THR D 310 -16.84 48.48 -0.75
CA THR D 310 -16.71 47.42 -1.77
C THR D 310 -18.07 46.80 -2.08
N LEU D 311 -18.86 46.55 -1.05
CA LEU D 311 -20.15 45.93 -1.25
C LEU D 311 -20.95 46.78 -2.21
N GLY D 312 -20.90 48.09 -2.00
CA GLY D 312 -21.58 49.02 -2.85
C GLY D 312 -21.13 48.84 -4.29
N LYS D 313 -19.82 48.72 -4.49
CA LYS D 313 -19.30 48.58 -5.84
C LYS D 313 -19.85 47.31 -6.49
N VAL D 314 -20.01 46.27 -5.69
CA VAL D 314 -20.63 45.03 -6.14
C VAL D 314 -22.08 45.25 -6.56
N VAL D 315 -22.82 46.00 -5.75
CA VAL D 315 -24.23 46.27 -6.02
C VAL D 315 -24.40 47.05 -7.33
N LYS D 316 -23.40 47.85 -7.66
CA LYS D 316 -23.46 48.64 -8.87
C LYS D 316 -23.59 47.66 -10.05
N GLN D 317 -22.97 46.51 -9.91
CA GLN D 317 -22.85 45.58 -11.02
C GLN D 317 -24.14 44.80 -11.18
N LEU D 318 -24.48 44.61 -9.79
CA LEU D 318 -25.77 43.92 -9.81
C LEU D 318 -26.84 44.78 -10.48
N ARG D 319 -26.81 46.08 -10.21
CA ARG D 319 -27.78 46.97 -10.80
C ARG D 319 -27.73 46.79 -12.32
N LYS D 320 -26.54 46.95 -12.87
CA LYS D 320 -26.30 46.76 -14.30
C LYS D 320 -26.84 45.45 -14.87
N HIS D 321 -27.37 44.27 -14.27
CA HIS D 321 -27.89 43.00 -14.77
C HIS D 321 -29.28 42.68 -14.23
N PHE D 322 -29.91 43.66 -13.59
CA PHE D 322 -31.22 43.46 -12.99
C PHE D 322 -32.12 44.68 -13.10
N GLY D 323 -31.52 45.85 -13.28
CA GLY D 323 -32.30 47.04 -13.60
C GLY D 323 -31.97 48.24 -12.74
N ASN D 324 -32.43 49.40 -13.19
CA ASN D 324 -32.13 50.66 -12.52
C ASN D 324 -33.27 51.03 -11.58
N ASN D 325 -34.09 50.03 -11.24
CA ASN D 325 -35.19 50.24 -10.30
C ASN D 325 -35.53 48.98 -9.51
N THR D 326 -34.50 48.34 -8.96
CA THR D 326 -34.70 47.13 -8.16
C THR D 326 -34.01 47.25 -6.80
N ILE D 327 -34.37 46.37 -5.88
CA ILE D 327 -33.85 46.42 -4.52
C ILE D 327 -32.97 45.21 -4.20
N ILE D 328 -31.81 45.47 -3.63
CA ILE D 328 -30.83 44.42 -3.36
C ILE D 328 -30.65 44.22 -1.86
N ARG D 329 -30.91 43.00 -1.39
CA ARG D 329 -30.73 42.66 0.02
C ARG D 329 -29.72 41.53 0.19
N PHE D 330 -28.92 41.62 1.25
CA PHE D 330 -27.95 40.58 1.56
C PHE D 330 -28.25 39.94 2.91
N ALA D 331 -28.19 38.61 2.94
CA ALA D 331 -28.49 37.86 4.16
C ALA D 331 -27.57 36.65 4.26
N ASN D 332 -27.64 35.95 5.39
CA ASN D 332 -26.85 34.73 5.58
C ASN D 332 -27.48 33.52 4.89
N SER D 333 -26.85 32.36 5.06
CA SER D 333 -27.25 31.16 4.33
C SER D 333 -28.57 30.58 4.83
N SER D 334 -29.03 29.52 4.17
CA SER D 334 -30.26 28.86 4.54
C SER D 334 -30.10 27.99 5.78
N GLY D 335 -28.86 27.82 6.21
CA GLY D 335 -28.55 26.98 7.36
C GLY D 335 -28.38 25.52 6.98
N GLY D 336 -28.15 24.69 7.99
CA GLY D 336 -27.93 23.27 7.77
C GLY D 336 -26.55 22.81 8.20
N ASP D 337 -25.86 22.10 7.31
CA ASP D 337 -24.52 21.61 7.59
C ASP D 337 -23.55 22.75 7.87
N LEU D 338 -22.93 22.71 9.05
CA LEU D 338 -22.06 23.80 9.50
C LEU D 338 -21.05 24.17 8.42
N GLU D 339 -20.55 23.16 7.72
CA GLU D 339 -19.52 23.36 6.70
C GLU D 339 -19.99 24.33 5.61
N VAL D 340 -21.28 24.28 5.29
CA VAL D 340 -21.85 25.20 4.31
C VAL D 340 -22.40 26.46 4.98
N THR D 341 -23.02 26.29 6.14
CA THR D 341 -23.63 27.40 6.86
C THR D 341 -22.64 28.54 7.12
N THR D 342 -21.48 28.19 7.67
CA THR D 342 -20.49 29.21 8.05
C THR D 342 -19.31 29.26 7.10
N HIS D 343 -18.45 30.26 7.31
CA HIS D 343 -17.23 30.41 6.52
C HIS D 343 -16.12 29.53 7.10
N SER D 344 -15.70 28.53 6.34
CA SER D 344 -14.63 27.65 6.77
C SER D 344 -13.32 28.00 6.07
N PHE D 345 -12.22 27.94 6.81
CA PHE D 345 -10.89 28.16 6.23
C PHE D 345 -9.79 27.66 7.16
N ASN D 346 -8.61 27.44 6.60
CA ASN D 346 -7.47 26.96 7.37
C ASN D 346 -6.47 28.09 7.64
N CYS D 347 -6.06 28.22 8.90
CA CYS D 347 -4.98 29.12 9.26
C CYS D 347 -3.96 28.41 10.15
N GLY D 348 -2.81 28.07 9.58
CA GLY D 348 -1.72 27.49 10.35
C GLY D 348 -1.97 26.06 10.77
N GLY D 349 -2.92 25.40 10.11
CA GLY D 349 -3.30 24.04 10.47
C GLY D 349 -4.61 23.97 11.23
N GLU D 350 -5.01 25.10 11.82
CA GLU D 350 -6.26 25.15 12.57
C GLU D 350 -7.43 25.48 11.64
N PHE D 351 -8.59 24.89 11.93
CA PHE D 351 -9.75 25.06 11.07
C PHE D 351 -10.80 25.94 11.73
N PHE D 352 -11.14 27.04 11.07
CA PHE D 352 -12.06 28.02 11.63
C PHE D 352 -13.44 27.95 10.97
N TYR D 353 -14.46 28.18 11.78
CA TYR D 353 -15.84 28.29 11.30
C TYR D 353 -16.44 29.58 11.84
N CYS D 354 -16.64 30.56 10.97
CA CYS D 354 -17.06 31.89 11.39
C CYS D 354 -18.46 32.28 10.91
N ASN D 355 -19.18 32.97 11.79
CA ASN D 355 -20.54 33.42 11.54
C ASN D 355 -20.55 34.71 10.71
N THR D 356 -20.69 34.57 9.40
CA THR D 356 -20.54 35.71 8.51
C THR D 356 -21.81 36.55 8.42
N SER D 357 -22.76 36.28 9.31
CA SER D 357 -23.94 37.12 9.44
C SER D 357 -23.56 38.57 9.67
N GLY D 358 -22.43 38.77 10.35
CA GLY D 358 -21.94 40.12 10.63
C GLY D 358 -21.50 40.87 9.40
N LEU D 359 -21.28 40.15 8.31
CA LEU D 359 -20.92 40.77 7.03
C LEU D 359 -22.14 40.87 6.12
N PHE D 360 -22.72 39.71 5.82
CA PHE D 360 -23.85 39.61 4.91
C PHE D 360 -25.17 39.98 5.57
N ASN D 361 -25.30 41.25 5.93
CA ASN D 361 -26.54 41.79 6.50
C ASN D 361 -26.77 43.23 6.07
N SER D 362 -27.34 43.42 4.88
CA SER D 362 -27.50 44.76 4.35
C SER D 362 -28.62 44.76 3.30
N THR D 363 -28.50 46.14 2.84
CA THR D 363 -29.52 46.34 1.83
C THR D 363 -29.20 47.56 0.99
N TRP D 364 -29.73 47.62 -0.21
CA TRP D 364 -29.62 48.82 -1.04
C TRP D 364 -30.94 49.16 -1.72
N ILE D 365 -31.17 50.44 -1.92
CA ILE D 365 -32.48 50.94 -2.30
C ILE D 365 -32.78 50.63 -3.77
N SER D 366 -33.34 51.61 -4.50
CA SER D 366 -33.80 51.38 -5.85
C SER D 366 -32.86 51.97 -6.89
N ASN D 367 -32.19 53.06 -6.55
CA ASN D 367 -31.29 53.70 -7.51
C ASN D 367 -30.30 54.64 -6.84
N ASN D 379 -14.05 53.10 14.44
CA ASN D 379 -13.08 52.59 13.47
C ASN D 379 -13.49 52.77 12.01
N ASP D 380 -14.69 52.29 11.63
CA ASP D 380 -15.39 51.25 12.37
C ASP D 380 -14.97 49.86 11.91
N SER D 381 -15.29 48.85 12.71
CA SER D 381 -14.85 47.49 12.40
C SER D 381 -15.91 46.46 12.79
N ILE D 382 -15.80 45.26 12.22
CA ILE D 382 -16.77 44.21 12.50
C ILE D 382 -16.09 43.01 13.14
N THR D 383 -16.68 42.51 14.22
CA THR D 383 -16.19 41.31 14.88
C THR D 383 -17.01 40.08 14.48
N LEU D 384 -16.33 39.07 13.94
CA LEU D 384 -16.99 37.84 13.52
C LEU D 384 -16.67 36.67 14.45
N PRO D 385 -17.68 36.20 15.20
CA PRO D 385 -17.51 35.04 16.10
C PRO D 385 -17.12 33.77 15.34
N CYS D 386 -16.07 33.09 15.79
CA CYS D 386 -15.63 31.87 15.15
C CYS D 386 -15.56 30.68 16.11
N ARG D 387 -15.57 29.48 15.54
CA ARG D 387 -15.49 28.26 16.31
C ARG D 387 -14.33 27.43 15.79
N ILE D 388 -13.79 26.56 16.63
CA ILE D 388 -12.66 25.73 16.23
C ILE D 388 -13.06 24.27 16.21
N LYS D 389 -12.69 23.55 15.16
CA LYS D 389 -12.98 22.13 15.09
C LYS D 389 -11.66 21.38 14.93
N GLN D 390 -11.62 20.13 15.37
CA GLN D 390 -10.42 19.33 15.19
C GLN D 390 -10.66 18.15 14.26
N ILE D 391 -11.91 17.72 14.17
CA ILE D 391 -12.30 16.67 13.23
C ILE D 391 -12.99 17.28 12.02
N ILE D 392 -12.38 17.14 10.85
CA ILE D 392 -12.92 17.75 9.64
C ILE D 392 -13.05 16.79 8.47
N ASN D 393 -13.91 17.15 7.52
CA ASN D 393 -14.15 16.36 6.31
C ASN D 393 -13.91 17.19 5.05
N MET D 394 -12.92 16.78 4.26
CA MET D 394 -12.53 17.56 3.08
C MET D 394 -13.39 17.25 1.85
N TRP D 395 -13.76 18.35 1.20
CA TRP D 395 -14.35 18.37 -0.11
C TRP D 395 -15.57 17.52 -0.13
N GLN D 396 -16.34 17.61 0.95
CA GLN D 396 -17.64 17.00 0.98
C GLN D 396 -17.46 15.49 0.91
N ARG D 397 -16.24 15.03 1.21
CA ARG D 397 -16.03 13.61 1.06
C ARG D 397 -16.30 12.83 2.34
N ILE D 398 -17.17 11.82 2.23
CA ILE D 398 -17.51 10.99 3.37
C ILE D 398 -16.80 9.66 3.18
N GLY D 399 -16.59 8.94 4.28
CA GLY D 399 -15.89 7.68 4.22
C GLY D 399 -14.52 7.78 4.88
N GLN D 400 -14.09 9.00 5.16
CA GLN D 400 -12.85 9.23 5.88
C GLN D 400 -12.82 10.61 6.52
N ALA D 401 -11.94 10.80 7.50
CA ALA D 401 -11.84 12.04 8.23
C ALA D 401 -10.42 12.26 8.72
N MET D 402 -10.06 13.51 8.96
CA MET D 402 -8.71 13.85 9.38
C MET D 402 -8.68 14.65 10.68
N TYR D 403 -7.79 14.26 11.59
CA TYR D 403 -7.67 14.92 12.87
C TYR D 403 -6.57 15.98 12.80
N ALA D 404 -6.93 17.22 13.10
CA ALA D 404 -5.95 18.29 13.13
C ALA D 404 -5.27 18.22 14.49
N PRO D 405 -3.89 18.28 14.48
CA PRO D 405 -3.29 18.37 15.82
C PRO D 405 -3.45 19.77 16.37
N PRO D 406 -3.65 19.87 17.74
CA PRO D 406 -3.68 21.26 18.23
C PRO D 406 -2.35 21.96 18.01
N ILE D 407 -2.40 23.20 17.53
CA ILE D 407 -1.19 23.98 17.32
C ILE D 407 -0.83 24.78 18.56
N GLN D 408 0.39 24.56 19.06
CA GLN D 408 0.79 25.13 20.34
C GLN D 408 0.96 26.65 20.24
N GLY D 409 0.49 27.37 21.26
CA GLY D 409 0.64 28.81 21.31
C GLY D 409 -0.48 29.58 20.66
N VAL D 410 -0.41 30.90 20.77
CA VAL D 410 -1.44 31.79 20.23
C VAL D 410 -1.35 31.83 18.71
N ILE D 411 -2.50 31.63 18.05
CA ILE D 411 -2.54 31.63 16.59
C ILE D 411 -3.30 32.83 16.04
N ARG D 412 -2.63 33.63 15.23
CA ARG D 412 -3.26 34.78 14.59
C ARG D 412 -2.67 35.04 13.22
N CYS D 413 -3.52 35.40 12.26
CA CYS D 413 -3.07 35.61 10.89
C CYS D 413 -3.99 36.59 10.15
N VAL D 414 -3.55 37.01 8.97
CA VAL D 414 -4.26 38.01 8.20
C VAL D 414 -4.22 37.65 6.71
N SER D 415 -5.30 37.92 6.00
CA SER D 415 -5.37 37.59 4.58
C SER D 415 -6.20 38.59 3.79
N ASN D 416 -6.18 38.42 2.46
CA ASN D 416 -6.92 39.29 1.55
C ASN D 416 -8.18 38.61 1.04
N ILE D 417 -9.34 39.19 1.31
CA ILE D 417 -10.56 38.70 0.70
C ILE D 417 -10.62 39.25 -0.73
N THR D 418 -10.70 38.35 -1.69
CA THR D 418 -10.58 38.73 -3.10
C THR D 418 -11.80 38.36 -3.93
N GLY D 419 -12.85 37.90 -3.28
CA GLY D 419 -14.08 37.57 -3.99
C GLY D 419 -15.15 36.89 -3.17
N LEU D 420 -16.34 36.77 -3.76
CA LEU D 420 -17.49 36.19 -3.08
C LEU D 420 -18.07 35.02 -3.85
N ILE D 421 -18.56 34.02 -3.13
CA ILE D 421 -19.38 32.97 -3.71
C ILE D 421 -20.82 33.21 -3.31
N LEU D 422 -21.59 33.81 -4.21
CA LEU D 422 -22.97 34.20 -3.91
C LEU D 422 -23.99 33.35 -4.64
N THR D 423 -25.18 33.24 -4.05
CA THR D 423 -26.30 32.54 -4.67
C THR D 423 -27.52 33.47 -4.73
N ARG D 424 -28.36 33.25 -5.73
CA ARG D 424 -29.54 34.10 -5.93
C ARG D 424 -30.80 33.44 -5.36
N ASP D 425 -31.49 34.17 -4.49
CA ASP D 425 -32.69 33.65 -3.83
C ASP D 425 -33.73 33.16 -4.83
N THR D 429 -43.99 37.26 -6.91
CA THR D 429 -43.22 38.13 -5.99
C THR D 429 -41.77 38.44 -6.41
N ASN D 430 -41.54 38.48 -7.72
CA ASN D 430 -40.22 38.76 -8.25
C ASN D 430 -40.27 39.91 -9.26
N SER D 431 -40.42 41.12 -8.75
CA SER D 431 -40.56 42.28 -9.62
C SER D 431 -39.81 43.50 -9.08
N THR D 432 -38.93 43.26 -8.11
CA THR D 432 -38.20 44.36 -7.48
C THR D 432 -37.12 43.91 -6.51
N THR D 433 -37.53 43.44 -5.33
CA THR D 433 -36.55 43.07 -4.31
C THR D 433 -35.99 41.66 -4.48
N GLU D 434 -34.67 41.59 -4.55
CA GLU D 434 -33.98 40.31 -4.63
C GLU D 434 -33.00 40.16 -3.49
N THR D 435 -32.85 38.94 -2.99
CA THR D 435 -31.95 38.70 -1.86
C THR D 435 -30.82 37.79 -2.31
N PHE D 436 -29.61 38.09 -1.85
CA PHE D 436 -28.46 37.25 -2.18
C PHE D 436 -27.75 36.74 -0.94
N ARG D 437 -27.18 35.54 -1.03
CA ARG D 437 -26.46 34.93 0.12
C ARG D 437 -25.23 34.06 -0.22
N PRO D 438 -24.31 33.92 0.75
CA PRO D 438 -23.05 33.19 0.56
C PRO D 438 -23.25 31.67 0.49
N GLY D 439 -22.45 31.00 -0.32
CA GLY D 439 -22.52 29.55 -0.44
C GLY D 439 -21.16 28.93 -0.66
N GLY D 440 -21.14 27.80 -1.35
CA GLY D 440 -19.88 27.12 -1.67
C GLY D 440 -20.07 25.63 -1.85
N GLY D 441 -19.37 24.85 -1.03
CA GLY D 441 -19.49 23.40 -1.06
C GLY D 441 -18.59 22.78 -2.11
N ASP D 442 -18.86 23.08 -3.37
CA ASP D 442 -18.10 22.52 -4.48
C ASP D 442 -16.85 23.35 -4.74
N MET D 443 -15.69 22.81 -4.37
CA MET D 443 -14.46 23.59 -4.31
C MET D 443 -13.80 23.72 -5.69
N ARG D 444 -14.45 23.13 -6.68
CA ARG D 444 -14.00 23.23 -8.05
C ARG D 444 -14.27 24.70 -8.40
N ASP D 445 -15.26 25.30 -7.72
CA ASP D 445 -15.58 26.71 -7.90
C ASP D 445 -14.37 27.59 -7.63
N ASN D 446 -13.64 27.27 -6.56
CA ASN D 446 -12.46 28.02 -6.17
C ASN D 446 -11.36 27.98 -7.23
N TRP D 447 -11.10 26.80 -7.76
CA TRP D 447 -10.07 26.68 -8.79
C TRP D 447 -10.52 27.44 -10.03
N ARG D 448 -11.80 27.30 -10.37
CA ARG D 448 -12.35 27.93 -11.57
C ARG D 448 -12.31 29.45 -11.50
N SER D 449 -12.33 29.98 -10.28
CA SER D 449 -12.32 31.42 -10.11
C SER D 449 -11.01 32.02 -10.56
N GLU D 450 -10.00 31.17 -10.74
CA GLU D 450 -8.71 31.63 -11.21
C GLU D 450 -8.37 31.16 -12.63
N LEU D 451 -8.75 29.93 -12.93
CA LEU D 451 -8.32 29.29 -14.17
C LEU D 451 -9.12 29.77 -15.38
N TYR D 452 -10.04 30.70 -15.13
CA TYR D 452 -10.89 31.18 -16.22
C TYR D 452 -10.04 31.98 -17.20
N LYS D 453 -8.85 32.37 -16.78
CA LYS D 453 -7.98 33.21 -17.58
C LYS D 453 -7.22 32.35 -18.59
N TYR D 454 -7.34 31.04 -18.44
CA TYR D 454 -6.54 30.09 -19.20
C TYR D 454 -7.39 29.09 -19.98
N LYS D 455 -6.85 28.61 -21.10
CA LYS D 455 -7.43 27.47 -21.81
C LYS D 455 -6.33 26.70 -22.53
N VAL D 456 -6.56 25.41 -22.76
CA VAL D 456 -5.57 24.57 -23.42
C VAL D 456 -6.02 24.09 -24.79
N VAL D 457 -5.14 24.23 -25.79
CA VAL D 457 -5.44 23.84 -27.15
C VAL D 457 -4.37 22.91 -27.71
N LYS D 458 -4.75 22.07 -28.68
CA LYS D 458 -3.81 21.15 -29.29
C LYS D 458 -3.39 21.66 -30.67
N ILE D 459 -2.09 21.90 -30.84
CA ILE D 459 -1.57 22.36 -32.11
C ILE D 459 -1.56 21.24 -33.15
N GLU D 460 -1.94 21.58 -34.38
CA GLU D 460 -1.82 20.67 -35.51
C GLU D 460 -0.85 21.25 -36.54
N PRO D 461 0.42 20.84 -36.45
CA PRO D 461 1.51 21.29 -37.32
C PRO D 461 1.26 21.08 -38.82
N LEU D 462 0.52 20.04 -39.17
CA LEU D 462 0.40 19.65 -40.58
C LEU D 462 -0.79 20.32 -41.25
N GLY D 463 -0.52 20.93 -42.39
CA GLY D 463 -1.57 21.54 -43.18
C GLY D 463 -1.22 21.53 -44.66
N VAL D 464 -2.20 21.75 -45.51
CA VAL D 464 -1.98 21.82 -46.95
C VAL D 464 -2.71 23.02 -47.55
N ALA D 465 -2.28 23.44 -48.74
CA ALA D 465 -2.88 24.59 -49.41
C ALA D 465 -2.54 24.58 -50.90
N PRO D 466 -3.42 25.20 -51.68
CA PRO D 466 -3.22 25.30 -53.13
C PRO D 466 -2.14 26.29 -53.50
N THR D 467 -1.16 25.84 -54.27
CA THR D 467 -0.08 26.71 -54.71
C THR D 467 0.32 26.37 -56.14
N ARG D 468 0.63 27.41 -56.89
CA ARG D 468 1.05 27.28 -58.28
C ARG D 468 2.43 26.58 -58.24
N CYS D 469 2.49 25.26 -58.40
CA CYS D 469 3.75 24.53 -58.39
C CYS D 469 3.59 23.10 -58.89
N LYS D 470 4.34 22.75 -59.92
CA LYS D 470 4.37 21.39 -60.44
C LYS D 470 5.71 20.72 -60.16
N ARG D 471 5.85 19.83 -59.17
CA ARG D 471 7.19 19.22 -58.76
C ARG D 471 8.05 18.22 -59.69
N ARG D 472 9.15 18.70 -60.35
CA ARG D 472 10.08 17.86 -61.25
C ARG D 472 11.05 16.72 -60.66
N VAL D 473 11.49 15.67 -61.43
CA VAL D 473 12.37 14.66 -60.88
C VAL D 473 13.84 15.05 -61.04
N VAL E 7 38.81 -0.59 -40.87
CA VAL E 7 39.01 -1.49 -39.75
C VAL E 7 38.04 -1.17 -38.61
N PHE E 8 37.32 -2.18 -38.14
CA PHE E 8 36.41 -1.98 -37.03
C PHE E 8 37.22 -1.73 -35.77
N LEU E 9 36.95 -0.63 -35.09
CA LEU E 9 37.70 -0.28 -33.89
C LEU E 9 36.88 -0.62 -32.66
N GLY E 10 35.62 -0.22 -32.69
CA GLY E 10 34.72 -0.45 -31.58
C GLY E 10 34.10 0.86 -31.16
N PHE E 11 33.15 0.79 -30.24
CA PHE E 11 32.43 1.98 -29.80
C PHE E 11 33.38 3.02 -29.23
N LEU E 12 33.42 4.20 -29.87
CA LEU E 12 34.30 5.29 -29.47
C LEU E 12 35.77 4.94 -29.68
N GLY E 13 36.03 3.98 -30.57
CA GLY E 13 37.37 3.49 -30.82
C GLY E 13 38.33 4.52 -31.41
N ALA E 14 37.77 5.57 -32.00
CA ALA E 14 38.60 6.62 -32.59
C ALA E 14 38.61 7.88 -31.73
N ALA E 15 38.05 7.78 -30.53
CA ALA E 15 37.91 8.93 -29.66
C ALA E 15 39.26 9.60 -29.42
N GLY E 16 40.31 8.79 -29.36
CA GLY E 16 41.65 9.29 -29.12
C GLY E 16 42.43 9.49 -30.41
N SER E 17 41.85 10.25 -31.32
CA SER E 17 42.51 10.57 -32.58
C SER E 17 42.09 11.95 -33.08
N THR E 18 42.76 12.42 -34.12
CA THR E 18 42.43 13.72 -34.71
C THR E 18 41.04 13.71 -35.33
N MET E 19 40.42 14.88 -35.40
CA MET E 19 39.04 14.99 -35.87
C MET E 19 38.90 14.44 -37.28
N GLY E 20 39.92 14.66 -38.10
CA GLY E 20 39.96 14.10 -39.43
C GLY E 20 39.91 12.59 -39.40
N ALA E 21 40.78 12.00 -38.57
CA ALA E 21 40.85 10.55 -38.45
C ALA E 21 39.55 9.99 -37.90
N ALA E 22 39.01 10.65 -36.88
CA ALA E 22 37.83 10.17 -36.19
C ALA E 22 36.62 10.10 -37.12
N SER E 23 36.57 11.01 -38.09
CA SER E 23 35.42 11.11 -38.98
C SER E 23 35.25 9.84 -39.81
N MET E 24 36.30 9.03 -39.86
CA MET E 24 36.30 7.82 -40.67
C MET E 24 35.19 6.87 -40.20
N THR E 25 34.99 6.82 -38.89
CA THR E 25 34.16 5.80 -38.26
C THR E 25 33.11 6.41 -37.34
N LEU E 26 32.36 7.38 -37.84
CA LEU E 26 31.31 8.01 -37.06
C LEU E 26 30.10 7.11 -36.84
N THR E 27 29.86 6.21 -37.80
CA THR E 27 28.71 5.32 -37.72
C THR E 27 28.84 4.30 -36.59
N VAL E 28 30.03 3.75 -36.41
CA VAL E 28 30.29 2.84 -35.30
C VAL E 28 29.80 3.43 -33.98
N GLN E 29 29.94 4.73 -33.82
CA GLN E 29 29.39 5.43 -32.66
C GLN E 29 27.88 5.64 -32.82
N ALA E 30 27.47 6.06 -34.01
CA ALA E 30 26.09 6.48 -34.24
C ALA E 30 25.11 5.42 -33.78
N ARG E 31 25.40 4.16 -34.09
CA ARG E 31 24.49 3.06 -33.80
C ARG E 31 24.08 3.03 -32.33
N ASN E 32 25.04 3.27 -31.45
CA ASN E 32 24.83 3.06 -30.01
C ASN E 32 24.48 4.36 -29.28
N LEU E 33 24.17 5.38 -30.06
CA LEU E 33 23.75 6.65 -29.50
C LEU E 33 22.31 6.44 -29.07
N LEU E 34 21.62 5.51 -29.74
CA LEU E 34 20.27 5.13 -29.34
C LEU E 34 20.21 3.65 -28.97
N SER E 35 21.07 2.86 -29.59
CA SER E 35 21.36 1.53 -29.06
C SER E 35 20.20 0.60 -29.35
N GLY E 36 19.11 0.76 -28.59
CA GLY E 36 17.97 -0.12 -28.75
C GLY E 36 18.23 -1.40 -27.99
N ILE E 37 17.53 -2.46 -28.39
CA ILE E 37 17.56 -3.73 -27.68
C ILE E 37 17.18 -3.61 -26.21
N VAL E 38 18.18 -3.75 -25.33
CA VAL E 38 17.98 -3.70 -23.89
C VAL E 38 17.12 -4.88 -23.42
N GLN E 39 15.86 -4.88 -23.83
CA GLN E 39 14.96 -5.99 -23.51
C GLN E 39 14.58 -5.97 -22.03
N LEU E 55 4.49 -9.14 -7.59
CA LEU E 55 4.93 -7.86 -7.07
C LEU E 55 5.19 -6.87 -8.21
N LYS E 56 4.52 -5.73 -8.17
CA LYS E 56 4.68 -4.70 -9.21
C LYS E 56 5.63 -3.59 -8.81
N LEU E 57 5.64 -2.51 -9.58
CA LEU E 57 6.60 -1.42 -9.40
C LEU E 57 7.98 -2.02 -9.20
N THR E 58 8.44 -1.98 -7.94
CA THR E 58 9.70 -2.54 -7.54
C THR E 58 10.80 -1.59 -7.97
N VAL E 59 11.94 -1.62 -7.30
CA VAL E 59 13.06 -0.78 -7.70
C VAL E 59 13.47 -1.23 -9.10
N TRP E 60 13.84 -0.28 -9.94
CA TRP E 60 14.20 -0.62 -11.31
C TRP E 60 12.91 -0.65 -12.12
N GLY E 61 11.77 -0.84 -11.44
CA GLY E 61 10.52 -0.98 -12.17
C GLY E 61 10.17 0.25 -12.99
N ILE E 62 10.52 1.42 -12.48
CA ILE E 62 10.25 2.66 -13.21
C ILE E 62 11.53 3.40 -13.54
N LYS E 63 12.66 2.71 -13.41
CA LYS E 63 13.95 3.36 -13.52
C LYS E 63 14.39 2.97 -14.92
N GLN E 64 14.20 1.69 -15.26
CA GLN E 64 14.53 1.16 -16.58
C GLN E 64 13.52 1.92 -17.40
N LEU E 65 12.30 2.06 -16.89
CA LEU E 65 11.35 2.81 -17.70
C LEU E 65 11.88 4.20 -18.02
N GLN E 66 12.13 4.98 -16.98
CA GLN E 66 12.53 6.38 -17.13
C GLN E 66 13.75 6.50 -18.03
N ALA E 67 14.76 5.67 -17.77
CA ALA E 67 16.03 5.75 -18.49
C ALA E 67 15.84 5.52 -19.99
N ARG E 68 15.09 4.48 -20.32
CA ARG E 68 14.87 4.10 -21.72
C ARG E 68 14.10 5.17 -22.46
N VAL E 69 13.22 5.86 -21.73
CA VAL E 69 12.50 6.99 -22.29
C VAL E 69 13.48 8.11 -22.58
N LEU E 70 14.29 8.45 -21.57
CA LEU E 70 15.20 9.58 -21.65
C LEU E 70 16.18 9.40 -22.81
N ALA E 71 16.54 8.16 -23.08
CA ALA E 71 17.35 7.82 -24.24
C ALA E 71 16.68 8.24 -25.54
N VAL E 72 15.40 7.90 -25.71
CA VAL E 72 14.67 8.27 -26.92
C VAL E 72 14.61 9.78 -27.07
N GLU E 73 14.20 10.48 -26.02
CA GLU E 73 14.13 11.94 -26.07
C GLU E 73 15.51 12.51 -26.36
N ARG E 74 16.49 12.07 -25.58
CA ARG E 74 17.85 12.55 -25.75
C ARG E 74 18.25 12.51 -27.22
N TYR E 75 17.93 11.41 -27.88
CA TYR E 75 18.28 11.24 -29.29
C TYR E 75 17.56 12.26 -30.16
N LEU E 76 16.23 12.20 -30.17
CA LEU E 76 15.43 12.95 -31.12
C LEU E 76 15.59 14.46 -30.93
N ARG E 77 15.72 14.91 -29.69
CA ARG E 77 15.90 16.34 -29.48
C ARG E 77 16.93 16.96 -30.43
N ASP E 78 18.04 16.25 -30.69
CA ASP E 78 19.07 16.81 -31.54
C ASP E 78 18.86 16.40 -33.00
N GLN E 79 18.31 15.20 -33.18
CA GLN E 79 18.02 14.70 -34.52
C GLN E 79 17.06 15.63 -35.25
N GLN E 80 16.18 16.29 -34.51
CA GLN E 80 15.19 17.13 -35.15
C GLN E 80 15.92 18.35 -35.68
N LEU E 81 16.96 18.75 -34.94
CA LEU E 81 17.73 19.93 -35.35
C LEU E 81 18.38 19.68 -36.69
N LEU E 82 18.86 18.45 -36.88
CA LEU E 82 19.46 18.03 -38.14
C LEU E 82 18.40 17.90 -39.23
N GLY E 83 17.18 17.55 -38.83
CA GLY E 83 16.03 17.66 -39.69
C GLY E 83 15.74 19.08 -40.16
N ILE E 84 15.79 20.03 -39.23
CA ILE E 84 15.62 21.44 -39.58
C ILE E 84 16.77 21.94 -40.43
N TRP E 85 17.99 21.62 -40.03
CA TRP E 85 19.17 22.02 -40.79
C TRP E 85 19.29 21.16 -42.03
N GLY E 86 18.78 21.65 -43.15
CA GLY E 86 18.44 20.78 -44.26
C GLY E 86 19.59 19.87 -44.61
N CYS E 87 19.66 18.73 -43.91
CA CYS E 87 20.60 17.68 -44.28
C CYS E 87 19.99 16.29 -44.22
N SER E 88 19.64 15.85 -43.01
CA SER E 88 18.97 14.57 -42.78
C SER E 88 19.93 13.41 -43.04
N GLY E 89 20.52 13.38 -44.24
CA GLY E 89 21.58 12.44 -44.54
C GLY E 89 22.80 12.85 -43.74
N LYS E 90 22.78 12.54 -42.45
CA LYS E 90 23.69 13.17 -41.49
C LYS E 90 25.03 12.46 -41.36
N LEU E 91 25.58 12.50 -40.14
CA LEU E 91 27.02 12.33 -39.90
C LEU E 91 27.84 13.50 -40.44
N ILE E 92 27.63 13.84 -41.72
CA ILE E 92 28.30 15.00 -42.29
C ILE E 92 27.51 15.60 -43.45
N CYS E 93 27.46 16.93 -43.50
CA CYS E 93 26.85 17.67 -44.60
C CYS E 93 27.35 19.11 -44.59
N CYS E 94 27.32 19.76 -45.74
CA CYS E 94 27.77 21.13 -45.85
C CYS E 94 26.61 22.11 -45.70
N THR E 95 26.93 23.38 -45.51
CA THR E 95 25.92 24.44 -45.48
C THR E 95 26.31 25.57 -46.42
N ASN E 96 25.50 26.62 -46.45
CA ASN E 96 25.89 27.87 -47.10
C ASN E 96 26.11 29.00 -46.09
N VAL E 97 26.56 28.64 -44.90
CA VAL E 97 26.94 29.63 -43.89
C VAL E 97 28.46 29.71 -43.75
N PRO E 98 29.04 30.89 -44.02
CA PRO E 98 30.48 31.09 -43.92
C PRO E 98 30.96 31.13 -42.47
N TRP E 99 32.17 30.66 -42.22
CA TRP E 99 32.72 30.61 -40.87
C TRP E 99 33.29 31.96 -40.45
N ASN E 100 32.79 32.48 -39.34
CA ASN E 100 33.29 33.74 -38.79
C ASN E 100 34.63 33.54 -38.11
N SER E 101 35.61 34.35 -38.48
CA SER E 101 36.99 34.15 -38.04
C SER E 101 37.17 34.31 -36.53
N SER E 102 36.24 34.99 -35.89
CA SER E 102 36.28 35.19 -34.45
C SER E 102 36.08 33.88 -33.69
N TRP E 103 35.54 32.87 -34.38
CA TRP E 103 35.27 31.58 -33.77
C TRP E 103 36.51 30.68 -33.82
N SER E 104 37.53 31.05 -33.03
CA SER E 104 38.79 30.32 -32.99
C SER E 104 39.48 30.31 -34.35
N ASN E 105 40.30 31.33 -34.61
CA ASN E 105 40.99 31.46 -35.88
C ASN E 105 42.24 30.59 -36.00
N ARG E 106 42.04 29.37 -36.49
CA ARG E 106 43.14 28.44 -36.71
C ARG E 106 43.12 27.98 -38.17
N ASN E 107 44.23 27.37 -38.61
CA ASN E 107 44.32 26.83 -39.95
C ASN E 107 43.83 25.40 -39.92
N LEU E 108 43.50 24.85 -41.09
CA LEU E 108 42.95 23.51 -41.21
C LEU E 108 43.88 22.43 -40.68
N SER E 109 45.16 22.56 -40.99
CA SER E 109 46.18 21.65 -40.46
C SER E 109 46.38 21.84 -38.97
N GLU E 110 46.09 23.05 -38.48
CA GLU E 110 46.15 23.32 -37.04
C GLU E 110 44.92 22.78 -36.32
N ILE E 111 43.83 22.63 -37.08
CA ILE E 111 42.60 22.06 -36.57
C ILE E 111 42.46 20.57 -36.86
N TRP E 112 42.11 20.24 -38.10
CA TRP E 112 41.81 18.87 -38.50
C TRP E 112 42.91 17.82 -38.41
N ASP E 113 44.15 18.23 -38.63
CA ASP E 113 45.29 17.32 -38.57
C ASP E 113 46.08 17.39 -37.27
N ASN E 114 45.59 18.19 -36.33
CA ASN E 114 46.31 18.39 -35.07
C ASN E 114 45.37 18.76 -33.93
N MET E 115 44.26 18.03 -33.80
CA MET E 115 43.32 18.30 -32.72
C MET E 115 42.21 17.26 -32.65
N THR E 116 41.91 16.81 -31.43
CA THR E 116 40.81 15.88 -31.21
C THR E 116 39.49 16.63 -31.09
N TRP E 117 38.38 15.89 -31.16
CA TRP E 117 37.06 16.51 -31.05
C TRP E 117 36.83 17.11 -29.67
N LEU E 118 37.36 16.46 -28.64
CA LEU E 118 37.23 16.96 -27.28
C LEU E 118 37.95 18.30 -27.13
N GLN E 119 39.15 18.37 -27.69
CA GLN E 119 39.93 19.60 -27.68
C GLN E 119 39.22 20.70 -28.47
N TRP E 120 38.60 20.31 -29.57
CA TRP E 120 37.82 21.23 -30.39
C TRP E 120 36.70 21.89 -29.59
N ASP E 121 35.87 21.08 -28.95
CA ASP E 121 34.75 21.59 -28.15
C ASP E 121 35.24 22.52 -27.05
N LYS E 122 36.36 22.16 -26.43
CA LYS E 122 36.96 22.99 -25.39
C LYS E 122 36.92 24.48 -25.76
N GLU E 123 37.15 24.78 -27.03
CA GLU E 123 37.15 26.16 -27.51
C GLU E 123 35.81 26.57 -28.09
N ILE E 124 35.35 25.84 -29.09
CA ILE E 124 34.23 26.29 -29.93
C ILE E 124 32.92 26.30 -29.15
N SER E 125 32.86 25.54 -28.05
CA SER E 125 31.67 25.47 -27.21
C SER E 125 31.18 26.85 -26.80
N ASN E 126 32.10 27.81 -26.74
CA ASN E 126 31.76 29.19 -26.41
C ASN E 126 30.76 29.85 -27.35
N TYR E 127 30.72 29.40 -28.59
CA TYR E 127 29.86 30.01 -29.59
C TYR E 127 28.75 29.09 -30.07
N THR E 128 28.45 28.06 -29.28
CA THR E 128 27.52 27.02 -29.70
C THR E 128 26.19 27.60 -30.17
N GLN E 129 25.49 28.28 -29.28
CA GLN E 129 24.16 28.79 -29.59
C GLN E 129 24.22 29.83 -30.70
N ILE E 130 25.29 30.60 -30.69
CA ILE E 130 25.56 31.63 -31.69
C ILE E 130 25.61 31.06 -33.11
N ILE E 131 26.37 29.99 -33.27
CA ILE E 131 26.47 29.31 -34.56
C ILE E 131 25.14 28.66 -34.93
N TYR E 132 24.49 28.04 -33.93
CA TYR E 132 23.19 27.42 -34.15
C TYR E 132 22.17 28.38 -34.74
N GLY E 133 22.23 29.64 -34.31
CA GLY E 133 21.39 30.68 -34.86
C GLY E 133 21.34 30.65 -36.37
N LEU E 134 22.50 30.73 -37.01
CA LEU E 134 22.58 30.77 -38.46
C LEU E 134 22.26 29.41 -39.09
N LEU E 135 22.62 28.34 -38.40
CA LEU E 135 22.30 27.00 -38.87
C LEU E 135 20.80 26.72 -38.85
N GLU E 136 20.19 26.97 -37.70
CA GLU E 136 18.74 27.03 -37.58
C GLU E 136 18.05 27.89 -38.62
N GLU E 137 18.61 29.06 -38.92
CA GLU E 137 18.14 29.80 -40.09
C GLU E 137 18.35 30.21 -41.54
N SER E 138 19.37 31.04 -41.75
CA SER E 138 19.91 31.62 -42.98
C SER E 138 19.54 30.87 -44.24
N GLN E 139 20.17 29.71 -44.40
CA GLN E 139 19.98 28.80 -45.53
C GLN E 139 18.58 28.21 -45.59
N ASN E 140 18.18 27.55 -44.51
CA ASN E 140 16.80 27.08 -44.36
C ASN E 140 15.74 28.07 -44.82
N GLN E 141 15.98 29.35 -44.54
CA GLN E 141 15.08 30.43 -44.98
C GLN E 141 15.25 30.66 -46.48
N GLN E 142 16.45 31.07 -46.85
CA GLN E 142 16.74 31.38 -48.24
C GLN E 142 16.83 30.40 -49.39
N GLU E 143 17.24 29.17 -49.08
CA GLU E 143 17.36 28.07 -49.99
C GLU E 143 15.93 27.95 -50.64
N LYS E 144 14.93 28.03 -49.76
CA LYS E 144 13.49 28.02 -50.08
C LYS E 144 13.01 29.39 -50.56
N ASN E 145 11.80 29.47 -51.15
CA ASN E 145 11.27 30.73 -51.71
C ASN E 145 11.80 30.74 -53.13
N GLU E 146 13.13 30.79 -53.09
CA GLU E 146 14.07 30.74 -54.19
C GLU E 146 13.68 29.62 -55.15
N GLN E 147 13.35 28.46 -54.59
CA GLN E 147 13.14 27.24 -55.36
C GLN E 147 11.78 27.24 -56.06
N ASP E 148 10.93 28.11 -55.00
CA ASP E 148 9.51 28.23 -55.23
C ASP E 148 9.50 29.09 -56.52
N LEU E 149 10.47 30.01 -56.61
CA LEU E 149 10.61 30.93 -57.72
C LEU E 149 11.21 30.15 -58.88
N LEU E 150 12.13 29.22 -58.63
CA LEU E 150 12.60 28.48 -59.80
C LEU E 150 11.50 27.60 -60.40
N ALA E 151 10.47 27.30 -59.60
CA ALA E 151 9.36 26.50 -60.08
C ALA E 151 8.35 27.31 -60.90
N LEU E 152 8.63 28.60 -61.08
CA LEU E 152 7.70 29.46 -61.81
C LEU E 152 7.48 28.93 -63.22
N ASP E 153 8.55 28.43 -63.84
CA ASP E 153 8.46 27.85 -65.17
C ASP E 153 8.89 26.39 -65.17
N VAL F 7 13.08 38.95 -38.60
CA VAL F 7 12.89 39.39 -37.23
C VAL F 7 12.28 38.29 -36.37
N PHE F 8 12.91 38.01 -35.24
CA PHE F 8 12.39 37.00 -34.33
C PHE F 8 11.10 37.54 -33.70
N LEU F 9 10.02 36.79 -33.80
CA LEU F 9 8.75 37.24 -33.27
C LEU F 9 8.47 36.53 -31.95
N GLY F 10 8.67 35.21 -31.97
CA GLY F 10 8.42 34.40 -30.79
C GLY F 10 7.49 33.27 -31.16
N PHE F 11 7.28 32.36 -30.22
CA PHE F 11 6.45 31.18 -30.48
C PHE F 11 5.04 31.60 -30.89
N LEU F 12 4.65 31.21 -32.10
CA LEU F 12 3.34 31.54 -32.66
C LEU F 12 3.19 33.04 -32.90
N GLY F 13 4.32 33.72 -33.04
CA GLY F 13 4.33 35.17 -33.20
C GLY F 13 3.68 35.68 -34.48
N ALA F 14 3.55 34.79 -35.47
CA ALA F 14 2.93 35.17 -36.74
C ALA F 14 1.53 34.59 -36.87
N ALA F 15 1.01 34.04 -35.78
CA ALA F 15 -0.28 33.38 -35.80
C ALA F 15 -1.37 34.33 -36.31
N GLY F 16 -1.23 35.60 -35.99
CA GLY F 16 -2.20 36.60 -36.39
C GLY F 16 -1.78 37.34 -37.64
N SER F 17 -1.49 36.57 -38.69
CA SER F 17 -1.14 37.15 -39.98
C SER F 17 -1.58 36.26 -41.12
N THR F 18 -1.47 36.75 -42.34
CA THR F 18 -1.84 35.98 -43.52
C THR F 18 -0.95 34.76 -43.70
N MET F 19 -1.47 33.73 -44.35
CA MET F 19 -0.75 32.46 -44.49
C MET F 19 0.58 32.67 -45.19
N GLY F 20 0.60 33.58 -46.17
CA GLY F 20 1.83 33.95 -46.84
C GLY F 20 2.84 34.52 -45.86
N ALA F 21 2.40 35.48 -45.06
CA ALA F 21 3.27 36.11 -44.08
C ALA F 21 3.76 35.10 -43.05
N ALA F 22 2.84 34.27 -42.56
CA ALA F 22 3.14 33.33 -41.50
C ALA F 22 4.21 32.33 -41.92
N SER F 23 4.25 32.00 -43.20
CA SER F 23 5.16 30.98 -43.70
C SER F 23 6.62 31.40 -43.51
N MET F 24 6.83 32.69 -43.26
CA MET F 24 8.17 33.24 -43.13
C MET F 24 8.89 32.56 -41.96
N THR F 25 8.15 32.31 -40.89
CA THR F 25 8.73 31.91 -39.61
C THR F 25 8.09 30.64 -39.07
N LEU F 26 8.02 29.60 -39.90
CA LEU F 26 7.47 28.32 -39.48
C LEU F 26 8.38 27.57 -38.51
N THR F 27 9.68 27.79 -38.63
CA THR F 27 10.65 27.10 -37.78
C THR F 27 10.55 27.52 -36.32
N VAL F 28 10.38 28.82 -36.09
CA VAL F 28 10.18 29.34 -34.74
C VAL F 28 9.11 28.55 -34.00
N GLN F 29 8.07 28.13 -34.72
CA GLN F 29 7.05 27.26 -34.15
C GLN F 29 7.54 25.82 -34.09
N ALA F 30 8.19 25.37 -35.16
CA ALA F 30 8.53 23.96 -35.32
C ALA F 30 9.30 23.45 -34.11
N ARG F 31 10.26 24.26 -33.64
CA ARG F 31 11.13 23.84 -32.54
C ARG F 31 10.35 23.37 -31.32
N ASN F 32 9.26 24.07 -31.00
CA ASN F 32 8.55 23.85 -29.74
C ASN F 32 7.34 22.94 -29.91
N LEU F 33 7.26 22.30 -31.08
CA LEU F 33 6.19 21.38 -31.35
C LEU F 33 6.56 20.11 -30.59
N LEU F 34 7.86 19.91 -30.39
CA LEU F 34 8.34 18.80 -29.57
C LEU F 34 9.13 19.31 -28.36
N SER F 35 9.75 20.47 -28.52
CA SER F 35 10.21 21.23 -27.35
C SER F 35 11.43 20.56 -26.75
N GLY F 36 11.21 19.45 -26.05
CA GLY F 36 12.32 18.77 -25.40
C GLY F 36 12.60 19.46 -24.08
N ILE F 37 13.82 19.28 -23.59
CA ILE F 37 14.22 19.77 -22.27
C ILE F 37 13.31 19.26 -21.15
N VAL F 38 12.48 20.15 -20.60
CA VAL F 38 11.59 19.83 -19.50
C VAL F 38 12.38 19.49 -18.23
N GLN F 39 13.11 18.37 -18.28
CA GLN F 39 13.96 17.97 -17.17
C GLN F 39 13.12 17.50 -15.98
N LEU F 55 9.50 8.41 -0.99
CA LEU F 55 8.15 8.25 -1.49
C LEU F 55 8.11 8.19 -3.01
N LYS F 56 7.57 7.11 -3.56
CA LYS F 56 7.49 6.93 -5.01
C LYS F 56 6.13 7.31 -5.59
N LEU F 57 5.91 6.95 -6.84
CA LEU F 57 4.72 7.37 -7.57
C LEU F 57 4.50 8.87 -7.34
N THR F 58 3.50 9.15 -6.50
CA THR F 58 3.16 10.50 -6.11
C THR F 58 2.41 11.15 -7.26
N VAL F 59 1.59 12.16 -6.96
CA VAL F 59 0.90 12.87 -8.01
C VAL F 59 1.95 13.53 -8.88
N TRP F 60 1.73 13.55 -10.20
CA TRP F 60 2.70 14.13 -11.09
C TRP F 60 3.71 13.03 -11.42
N GLY F 61 3.81 12.01 -10.56
CA GLY F 61 4.81 10.99 -10.76
C GLY F 61 4.64 10.24 -12.07
N ILE F 62 3.40 10.05 -12.48
CA ILE F 62 3.13 9.36 -13.74
C ILE F 62 2.39 10.26 -14.72
N LYS F 63 2.37 11.55 -14.42
CA LYS F 63 1.55 12.48 -15.18
C LYS F 63 2.56 13.16 -16.08
N GLN F 64 3.71 13.51 -15.51
CA GLN F 64 4.79 14.14 -16.25
C GLN F 64 5.18 12.97 -17.13
N LEU F 65 5.19 11.77 -16.58
CA LEU F 65 5.55 10.66 -17.47
C LEU F 65 4.63 10.62 -18.67
N GLN F 66 3.33 10.44 -18.42
CA GLN F 66 2.35 10.26 -19.48
C GLN F 66 2.43 11.40 -20.49
N ALA F 67 2.45 12.63 -19.99
CA ALA F 67 2.41 13.82 -20.84
C ALA F 67 3.60 13.85 -21.80
N ARG F 68 4.79 13.62 -21.26
CA ARG F 68 6.02 13.68 -22.04
C ARG F 68 6.05 12.61 -23.10
N VAL F 69 5.43 11.48 -22.80
CA VAL F 69 5.29 10.39 -23.77
C VAL F 69 4.36 10.87 -24.89
N LEU F 70 3.20 11.39 -24.49
CA LEU F 70 2.16 11.77 -25.45
C LEU F 70 2.70 12.82 -26.42
N ALA F 71 3.58 13.68 -25.92
CA ALA F 71 4.27 14.64 -26.76
C ALA F 71 5.07 13.97 -27.88
N VAL F 72 5.85 12.96 -27.52
CA VAL F 72 6.65 12.23 -28.52
C VAL F 72 5.74 11.58 -29.56
N GLU F 73 4.74 10.84 -29.11
CA GLU F 73 3.81 10.19 -30.03
C GLU F 73 3.13 11.26 -30.90
N ARG F 74 2.57 12.25 -30.23
CA ARG F 74 1.88 13.31 -30.94
C ARG F 74 2.71 13.81 -32.11
N TYR F 75 3.99 14.02 -31.87
CA TYR F 75 4.89 14.52 -32.90
C TYR F 75 5.03 13.52 -34.05
N LEU F 76 5.54 12.33 -33.73
CA LEU F 76 5.94 11.38 -34.76
C LEU F 76 4.74 10.90 -35.58
N ARG F 77 3.59 10.74 -34.96
CA ARG F 77 2.42 10.31 -35.70
C ARG F 77 2.26 11.09 -37.02
N ASP F 78 2.50 12.39 -37.01
CA ASP F 78 2.31 13.18 -38.22
C ASP F 78 3.61 13.28 -39.02
N GLN F 79 4.73 13.27 -38.30
CA GLN F 79 6.04 13.31 -38.95
C GLN F 79 6.23 12.11 -39.88
N GLN F 80 5.62 10.99 -39.55
CA GLN F 80 5.82 9.80 -40.35
C GLN F 80 5.07 10.03 -41.65
N LEU F 81 3.95 10.74 -41.56
CA LEU F 81 3.16 11.00 -42.75
C LEU F 81 3.96 11.82 -43.75
N LEU F 82 4.74 12.75 -43.23
CA LEU F 82 5.63 13.57 -44.05
C LEU F 82 6.79 12.74 -44.58
N GLY F 83 7.20 11.74 -43.80
CA GLY F 83 8.11 10.72 -44.30
C GLY F 83 7.55 9.92 -45.46
N ILE F 84 6.29 9.51 -45.36
CA ILE F 84 5.62 8.82 -46.45
C ILE F 84 5.42 9.74 -47.65
N TRP F 85 4.95 10.94 -47.40
CA TRP F 85 4.74 11.92 -48.47
C TRP F 85 6.09 12.48 -48.90
N GLY F 86 6.67 11.90 -49.95
CA GLY F 86 8.08 12.03 -50.18
C GLY F 86 8.52 13.47 -50.12
N CYS F 87 8.81 13.95 -48.90
CA CYS F 87 9.43 15.26 -48.73
C CYS F 87 10.55 15.25 -47.69
N SER F 88 10.18 15.01 -46.43
CA SER F 88 11.14 14.90 -45.33
C SER F 88 11.74 16.26 -45.01
N GLY F 89 12.33 16.90 -46.01
CA GLY F 89 12.78 18.28 -45.88
C GLY F 89 11.56 19.16 -45.78
N LYS F 90 10.94 19.16 -44.61
CA LYS F 90 9.57 19.66 -44.46
C LYS F 90 9.49 21.16 -44.20
N LEU F 91 8.48 21.55 -43.42
CA LEU F 91 7.92 22.90 -43.42
C LEU F 91 7.19 23.22 -44.72
N ILE F 92 7.87 23.00 -45.86
CA ILE F 92 7.22 23.18 -47.15
C ILE F 92 7.84 22.31 -48.24
N CYS F 93 6.99 21.74 -49.08
CA CYS F 93 7.42 20.98 -50.25
C CYS F 93 6.26 20.85 -51.23
N CYS F 94 6.59 20.65 -52.51
CA CYS F 94 5.56 20.52 -53.53
C CYS F 94 5.23 19.06 -53.79
N THR F 95 4.12 18.82 -54.50
CA THR F 95 3.76 17.48 -54.91
C THR F 95 3.46 17.45 -56.41
N ASN F 96 3.06 16.29 -56.92
CA ASN F 96 2.50 16.20 -58.26
C ASN F 96 1.01 15.86 -58.25
N VAL F 97 0.32 16.31 -57.21
CA VAL F 97 -1.14 16.18 -57.13
C VAL F 97 -1.82 17.53 -57.39
N PRO F 98 -2.65 17.59 -58.44
CA PRO F 98 -3.37 18.82 -58.79
C PRO F 98 -4.50 19.12 -57.81
N TRP F 99 -4.77 20.40 -57.58
CA TRP F 99 -5.81 20.81 -56.64
C TRP F 99 -7.19 20.75 -57.28
N ASN F 100 -8.08 19.99 -56.66
CA ASN F 100 -9.46 19.90 -57.13
C ASN F 100 -10.25 21.16 -56.75
N SER F 101 -10.91 21.75 -57.74
CA SER F 101 -11.54 23.05 -57.57
C SER F 101 -12.69 23.04 -56.55
N SER F 102 -13.23 21.85 -56.30
CA SER F 102 -14.32 21.70 -55.34
C SER F 102 -13.85 21.98 -53.91
N TRP F 103 -12.53 21.95 -53.70
CA TRP F 103 -11.96 22.19 -52.38
C TRP F 103 -11.77 23.67 -52.12
N SER F 104 -12.88 24.39 -51.96
CA SER F 104 -12.87 25.84 -51.74
C SER F 104 -12.22 26.58 -52.91
N ASN F 105 -13.04 26.93 -53.90
CA ASN F 105 -12.54 27.61 -55.09
C ASN F 105 -12.32 29.10 -54.90
N ARG F 106 -11.11 29.46 -54.48
CA ARG F 106 -10.74 30.86 -54.30
C ARG F 106 -9.47 31.14 -55.10
N ASN F 107 -9.18 32.44 -55.30
CA ASN F 107 -7.98 32.84 -56.00
C ASN F 107 -6.85 32.95 -54.98
N LEU F 108 -5.61 32.98 -55.47
CA LEU F 108 -4.43 33.03 -54.62
C LEU F 108 -4.38 34.27 -53.73
N SER F 109 -4.71 35.41 -54.32
CA SER F 109 -4.81 36.66 -53.57
C SER F 109 -5.97 36.64 -52.59
N GLU F 110 -7.00 35.86 -52.91
CA GLU F 110 -8.14 35.68 -52.00
C GLU F 110 -7.80 34.73 -50.86
N ILE F 111 -6.82 33.86 -51.12
CA ILE F 111 -6.33 32.91 -50.14
C ILE F 111 -5.09 33.41 -49.40
N TRP F 112 -3.94 33.33 -50.06
CA TRP F 112 -2.64 33.63 -49.46
C TRP F 112 -2.39 35.06 -48.96
N ASP F 113 -2.96 36.05 -49.64
CA ASP F 113 -2.79 37.45 -49.27
C ASP F 113 -3.96 38.02 -48.49
N ASN F 114 -4.94 37.18 -48.17
CA ASN F 114 -6.14 37.65 -47.49
C ASN F 114 -6.81 36.56 -46.65
N MET F 115 -6.00 35.84 -45.88
CA MET F 115 -6.54 34.78 -45.03
C MET F 115 -5.49 34.18 -44.10
N THR F 116 -5.88 33.99 -42.85
CA THR F 116 -5.00 33.35 -41.87
C THR F 116 -5.12 31.83 -41.98
N TRP F 117 -4.17 31.12 -41.34
CA TRP F 117 -4.19 29.66 -41.37
C TRP F 117 -5.40 29.10 -40.65
N LEU F 118 -5.82 29.76 -39.57
CA LEU F 118 -6.99 29.34 -38.82
C LEU F 118 -8.25 29.43 -39.68
N GLN F 119 -8.37 30.54 -40.40
CA GLN F 119 -9.47 30.76 -41.32
C GLN F 119 -9.46 29.74 -42.45
N TRP F 120 -8.25 29.41 -42.91
CA TRP F 120 -8.08 28.39 -43.95
C TRP F 120 -8.64 27.05 -43.52
N ASP F 121 -8.21 26.56 -42.36
CA ASP F 121 -8.67 25.28 -41.84
C ASP F 121 -10.18 25.26 -41.68
N LYS F 122 -10.75 26.37 -41.22
CA LYS F 122 -12.19 26.50 -41.07
C LYS F 122 -12.94 25.91 -42.26
N GLU F 123 -12.40 26.10 -43.45
CA GLU F 123 -13.02 25.58 -44.67
C GLU F 123 -12.45 24.23 -45.09
N ILE F 124 -11.14 24.18 -45.30
CA ILE F 124 -10.51 23.06 -45.98
C ILE F 124 -10.55 21.79 -45.14
N SER F 125 -10.73 21.96 -43.82
CA SER F 125 -10.81 20.83 -42.89
C SER F 125 -11.83 19.79 -43.33
N ASN F 126 -12.84 20.24 -44.06
CA ASN F 126 -13.87 19.35 -44.59
C ASN F 126 -13.35 18.25 -45.51
N TYR F 127 -12.22 18.49 -46.17
CA TYR F 127 -11.69 17.53 -47.13
C TYR F 127 -10.35 16.93 -46.69
N THR F 128 -10.06 17.02 -45.39
CA THR F 128 -8.76 16.61 -44.87
C THR F 128 -8.37 15.21 -45.32
N GLN F 129 -9.16 14.23 -44.92
CA GLN F 129 -8.83 12.83 -45.20
C GLN F 129 -8.83 12.56 -46.69
N ILE F 130 -9.75 13.23 -47.38
CA ILE F 130 -9.88 13.13 -48.83
C ILE F 130 -8.61 13.53 -49.57
N ILE F 131 -8.05 14.67 -49.18
CA ILE F 131 -6.79 15.13 -49.76
C ILE F 131 -5.63 14.21 -49.36
N TYR F 132 -5.63 13.79 -48.10
CA TYR F 132 -4.61 12.87 -47.60
C TYR F 132 -4.52 11.60 -48.43
N GLY F 133 -5.68 11.12 -48.90
CA GLY F 133 -5.71 9.97 -49.79
C GLY F 133 -4.70 10.06 -50.91
N LEU F 134 -4.75 11.14 -51.67
CA LEU F 134 -3.86 11.31 -52.82
C LEU F 134 -2.44 11.61 -52.40
N LEU F 135 -2.28 12.32 -51.28
CA LEU F 135 -0.96 12.61 -50.73
C LEU F 135 -0.26 11.35 -50.24
N GLU F 136 -0.96 10.60 -49.40
CA GLU F 136 -0.56 9.24 -49.04
C GLU F 136 -0.22 8.35 -50.22
N GLU F 137 -1.00 8.42 -51.29
CA GLU F 137 -0.58 7.79 -52.54
C GLU F 137 0.00 7.93 -53.93
N SER F 138 -0.78 8.53 -54.82
CA SER F 138 -0.57 8.89 -56.22
C SER F 138 0.89 8.96 -56.64
N GLN F 139 1.54 10.03 -56.17
CA GLN F 139 2.96 10.30 -56.42
C GLN F 139 3.88 9.27 -55.82
N ASN F 140 3.78 9.07 -54.51
CA ASN F 140 4.50 8.00 -53.82
C ASN F 140 4.49 6.68 -54.56
N GLN F 141 3.37 6.35 -55.20
CA GLN F 141 3.24 5.14 -56.00
C GLN F 141 3.99 5.32 -57.31
N GLN F 142 3.53 6.28 -58.11
CA GLN F 142 4.12 6.53 -59.40
C GLN F 142 5.50 7.11 -59.68
N GLU F 143 5.97 7.94 -58.77
CA GLU F 143 7.28 8.57 -58.81
C GLU F 143 8.28 7.37 -58.94
N LYS F 144 8.00 6.35 -58.11
CA LYS F 144 8.73 5.07 -58.05
C LYS F 144 8.29 4.12 -59.16
N ASN F 145 9.05 3.03 -59.41
CA ASN F 145 8.75 2.07 -60.51
C ASN F 145 9.47 2.68 -61.69
N GLU F 146 8.94 3.86 -61.97
CA GLU F 146 9.36 4.83 -62.98
C GLU F 146 10.86 5.01 -62.92
N GLN F 147 11.40 5.12 -61.71
CA GLN F 147 12.80 5.49 -61.50
C GLN F 147 13.74 4.31 -61.75
N ASP F 148 12.76 3.10 -61.31
CA ASP F 148 13.34 1.77 -61.27
C ASP F 148 13.59 1.53 -62.78
N LEU F 149 12.69 2.03 -63.61
CA LEU F 149 12.74 1.89 -65.05
C LEU F 149 13.80 2.84 -65.57
N LEU F 150 13.94 4.04 -65.00
CA LEU F 150 15.04 4.85 -65.51
C LEU F 150 16.40 4.26 -65.20
N ALA F 151 16.45 3.38 -64.20
CA ALA F 151 17.70 2.72 -63.84
C ALA F 151 18.04 1.55 -64.75
N LEU F 152 17.18 1.28 -65.74
CA LEU F 152 17.41 0.16 -66.64
C LEU F 152 18.75 0.28 -67.33
N ASP F 153 19.12 1.50 -67.71
CA ASP F 153 20.40 1.76 -68.35
C ASP F 153 21.24 2.75 -67.53
N PRO G 2 10.62 -46.62 27.94
CA PRO G 2 12.03 -46.73 27.60
C PRO G 2 12.50 -48.18 27.82
N GLN G 3 12.82 -48.90 26.74
CA GLN G 3 13.24 -50.31 26.79
C GLN G 3 14.33 -50.62 25.79
N LEU G 4 15.44 -51.20 26.27
CA LEU G 4 16.54 -51.68 25.43
C LEU G 4 16.43 -53.20 25.30
N GLN G 5 16.91 -53.77 24.16
CA GLN G 5 16.86 -55.21 23.88
C GLN G 5 18.00 -55.73 22.99
N GLU G 6 18.96 -56.48 23.58
CA GLU G 6 20.10 -57.14 22.90
C GLU G 6 19.60 -58.25 21.96
N SER G 7 20.30 -58.42 20.81
CA SER G 7 19.96 -59.45 19.81
C SER G 7 21.15 -59.78 18.92
N GLY G 8 21.21 -61.04 18.48
CA GLY G 8 22.29 -61.52 17.62
C GLY G 8 22.75 -62.94 17.86
N PRO G 9 23.87 -63.35 17.23
CA PRO G 9 24.35 -64.72 17.42
C PRO G 9 24.98 -64.90 18.81
N THR G 10 24.82 -66.11 19.39
CA THR G 10 25.41 -66.47 20.69
C THR G 10 26.71 -67.27 20.54
N LEU G 11 26.98 -67.81 19.31
CA LEU G 11 28.17 -68.60 18.99
C LEU G 11 28.84 -68.21 17.68
N VAL G 12 30.09 -67.74 17.71
CA VAL G 12 30.79 -67.40 16.46
C VAL G 12 32.09 -68.19 16.35
N GLU G 13 32.75 -68.17 15.16
CA GLU G 13 34.02 -68.86 14.90
C GLU G 13 35.22 -67.93 15.16
N ALA G 14 36.37 -68.49 15.58
CA ALA G 14 37.61 -67.75 15.81
C ALA G 14 38.09 -66.97 14.57
N SER G 15 38.19 -65.63 14.71
CA SER G 15 38.48 -64.66 13.64
C SER G 15 37.28 -64.10 12.86
N GLU G 16 36.06 -64.58 13.18
CA GLU G 16 34.80 -64.11 12.59
C GLU G 16 34.35 -62.77 13.24
N THR G 17 33.82 -61.82 12.44
CA THR G 17 33.23 -60.56 12.96
C THR G 17 31.91 -60.79 13.66
N LEU G 18 31.77 -60.23 14.86
CA LEU G 18 30.55 -60.32 15.66
C LEU G 18 29.60 -59.13 15.38
N SER G 19 28.33 -59.44 15.03
CA SER G 19 27.33 -58.42 14.71
C SER G 19 26.10 -58.51 15.59
N LEU G 20 26.06 -57.65 16.65
CA LEU G 20 24.99 -57.54 17.62
C LEU G 20 24.16 -56.27 17.37
N THR G 21 22.83 -56.36 17.59
CA THR G 21 21.87 -55.25 17.40
C THR G 21 20.90 -55.09 18.57
N CYS G 22 20.76 -53.83 19.01
CA CYS G 22 19.90 -53.43 20.10
C CYS G 22 18.65 -52.76 19.58
N ALA G 23 17.48 -53.28 19.99
CA ALA G 23 16.18 -52.71 19.61
C ALA G 23 15.72 -51.66 20.63
N VAL G 24 15.75 -50.36 20.23
CA VAL G 24 15.35 -49.30 21.16
C VAL G 24 13.86 -48.86 20.99
N SER G 25 13.07 -48.93 22.09
CA SER G 25 11.65 -48.58 22.14
C SER G 25 11.41 -47.59 23.29
N GLY G 26 10.48 -46.66 23.11
CA GLY G 26 10.08 -45.73 24.16
C GLY G 26 10.72 -44.36 24.03
N ASP G 27 11.72 -44.24 23.15
CA ASP G 27 12.47 -43.00 22.87
C ASP G 27 13.05 -43.08 21.45
N SER G 28 13.66 -41.98 20.99
CA SER G 28 14.23 -41.92 19.65
C SER G 28 15.74 -41.86 19.72
N THR G 29 16.42 -42.80 19.07
CA THR G 29 17.87 -42.86 19.14
C THR G 29 18.49 -41.67 18.41
N ALA G 30 17.74 -41.11 17.43
CA ALA G 30 18.17 -40.01 16.57
C ALA G 30 18.23 -38.68 17.31
N ALA G 31 17.65 -38.59 18.53
CA ALA G 31 17.67 -37.43 19.43
C ALA G 31 19.03 -37.11 20.06
N CYS G 32 19.34 -35.80 20.16
CA CYS G 32 20.58 -35.24 20.72
C CYS G 32 20.79 -35.34 22.25
N ASN G 33 19.84 -35.96 22.98
CA ASN G 33 19.96 -36.09 24.42
C ASN G 33 20.98 -37.13 24.94
N SER G 34 21.44 -38.09 24.09
CA SER G 34 22.36 -39.14 24.54
C SER G 34 23.19 -39.88 23.45
N PHE G 35 24.19 -40.67 23.93
CA PHE G 35 25.09 -41.51 23.15
C PHE G 35 24.62 -42.94 23.31
N TRP G 36 24.89 -43.76 22.31
CA TRP G 36 24.49 -45.14 22.36
C TRP G 36 25.72 -46.02 22.15
N GLY G 37 25.80 -47.12 22.88
CA GLY G 37 26.93 -48.04 22.80
C GLY G 37 26.80 -49.34 23.57
N TRP G 38 27.97 -49.94 23.87
CA TRP G 38 28.06 -51.25 24.51
C TRP G 38 29.09 -51.37 25.65
N VAL G 39 28.78 -52.29 26.59
CA VAL G 39 29.63 -52.72 27.70
C VAL G 39 29.63 -54.28 27.72
N ARG G 40 30.79 -54.92 27.94
CA ARG G 40 30.92 -56.38 27.87
C ARG G 40 31.59 -56.97 29.11
N GLN G 41 30.80 -57.47 30.07
CA GLN G 41 31.30 -58.04 31.33
C GLN G 41 31.79 -59.50 31.15
N PRO G 42 33.12 -59.76 31.20
CA PRO G 42 33.60 -61.14 31.11
C PRO G 42 33.11 -62.04 32.24
N PRO G 43 32.83 -63.34 32.00
CA PRO G 43 32.34 -64.22 33.09
C PRO G 43 33.24 -64.26 34.34
N GLY G 44 32.66 -63.82 35.44
CA GLY G 44 33.29 -63.82 36.75
C GLY G 44 34.21 -62.64 36.96
N LYS G 45 34.17 -61.66 36.05
CA LYS G 45 34.99 -60.45 36.12
C LYS G 45 34.07 -59.21 36.08
N GLY G 46 34.65 -58.01 35.95
CA GLY G 46 33.92 -56.74 36.00
C GLY G 46 33.47 -56.16 34.67
N LEU G 47 33.08 -54.88 34.67
CA LEU G 47 32.50 -54.25 33.47
C LEU G 47 33.65 -53.71 32.60
N GLU G 48 33.42 -53.69 31.30
CA GLU G 48 34.39 -53.12 30.36
C GLU G 48 33.65 -52.32 29.28
N TRP G 49 33.97 -51.03 29.20
CA TRP G 49 33.36 -50.14 28.22
C TRP G 49 33.81 -50.59 26.85
N VAL G 50 32.88 -50.86 25.94
CA VAL G 50 33.29 -51.21 24.58
C VAL G 50 33.47 -49.94 23.74
N GLY G 51 32.40 -49.16 23.62
CA GLY G 51 32.38 -47.92 22.84
C GLY G 51 31.02 -47.27 22.72
N SER G 52 30.97 -46.07 22.10
CA SER G 52 29.70 -45.37 21.81
C SER G 52 29.79 -44.27 20.77
N LEU G 53 28.63 -43.86 20.22
CA LEU G 53 28.48 -42.84 19.17
C LEU G 53 27.08 -42.18 19.12
N SER G 54 26.92 -41.06 18.36
CA SER G 54 25.69 -40.29 18.09
C SER G 54 25.81 -39.60 16.74
N HIS G 55 24.68 -39.45 16.01
CA HIS G 55 24.60 -38.71 14.74
C HIS G 55 24.25 -37.22 14.86
N CYS G 56 24.30 -36.68 16.11
CA CYS G 56 24.06 -35.28 16.44
C CYS G 56 25.29 -34.45 16.04
N ALA G 57 25.43 -34.22 14.71
CA ALA G 57 26.60 -33.58 14.11
C ALA G 57 26.79 -32.08 14.38
N SER G 58 28.05 -31.65 14.33
CA SER G 58 28.46 -30.24 14.40
C SER G 58 28.99 -29.84 13.01
N TYR G 59 29.13 -28.53 12.73
CA TYR G 59 29.57 -28.01 11.44
C TYR G 59 30.82 -28.77 10.90
N TRP G 60 31.81 -29.09 11.78
CA TRP G 60 33.04 -29.72 11.33
C TRP G 60 33.03 -31.24 11.13
N ASN G 61 31.89 -31.93 11.37
CA ASN G 61 31.84 -33.38 11.24
C ASN G 61 30.50 -33.90 10.74
N ARG G 62 30.24 -35.21 10.95
CA ARG G 62 29.01 -35.90 10.57
C ARG G 62 28.52 -36.80 11.74
N GLY G 63 28.74 -36.32 12.97
CA GLY G 63 28.39 -36.97 14.24
C GLY G 63 29.62 -37.17 15.12
N TRP G 64 29.47 -37.90 16.25
CA TRP G 64 30.56 -38.15 17.22
C TRP G 64 30.66 -39.63 17.48
N THR G 65 31.91 -40.17 17.47
CA THR G 65 32.23 -41.58 17.72
C THR G 65 33.39 -41.68 18.72
N TYR G 66 33.18 -42.43 19.83
CA TYR G 66 34.14 -42.62 20.92
C TYR G 66 34.49 -44.12 21.07
N HIS G 67 35.69 -44.50 20.61
CA HIS G 67 36.26 -45.86 20.71
C HIS G 67 37.11 -46.03 21.95
N ASN G 68 37.19 -47.30 22.43
CA ASN G 68 38.09 -47.73 23.50
C ASN G 68 39.46 -47.90 22.77
N PRO G 69 40.48 -47.07 23.07
CA PRO G 69 41.78 -47.21 22.38
C PRO G 69 42.39 -48.60 22.23
N SER G 70 42.15 -49.51 23.20
CA SER G 70 42.64 -50.90 23.16
C SER G 70 41.78 -51.81 22.28
N LEU G 71 40.56 -51.36 21.93
CA LEU G 71 39.67 -52.16 21.10
C LEU G 71 39.47 -51.59 19.68
N LYS G 72 39.77 -50.27 19.48
CA LYS G 72 39.58 -49.52 18.23
C LYS G 72 40.03 -50.27 16.99
N SER G 73 41.22 -50.87 17.12
CA SER G 73 41.93 -51.64 16.11
C SER G 73 41.09 -52.77 15.50
N ARG G 74 40.01 -53.19 16.20
CA ARG G 74 39.05 -54.16 15.66
C ARG G 74 37.59 -53.77 15.77
N LEU G 75 37.29 -52.46 15.85
CA LEU G 75 35.91 -52.10 16.11
C LEU G 75 35.30 -50.98 15.27
N THR G 76 34.10 -51.27 14.72
CA THR G 76 33.21 -50.41 13.91
C THR G 76 31.87 -50.35 14.64
N LEU G 77 31.27 -49.17 14.75
CA LEU G 77 29.95 -49.03 15.39
C LEU G 77 28.94 -48.39 14.41
N ALA G 78 27.63 -48.67 14.59
CA ALA G 78 26.64 -48.03 13.73
C ALA G 78 25.25 -47.81 14.35
N LEU G 79 24.49 -46.86 13.76
CA LEU G 79 23.13 -46.54 14.19
C LEU G 79 22.07 -46.54 13.07
N ASP G 80 20.82 -46.98 13.38
CA ASP G 80 19.71 -46.92 12.42
C ASP G 80 18.58 -46.11 13.01
N THR G 81 18.50 -44.85 12.58
CA THR G 81 17.62 -43.80 13.10
C THR G 81 16.12 -44.01 12.71
N PRO G 82 15.76 -44.53 11.49
CA PRO G 82 14.34 -44.81 11.22
C PRO G 82 13.76 -46.06 11.86
N LYS G 83 14.61 -46.98 12.35
CA LYS G 83 14.17 -48.20 13.05
C LYS G 83 14.57 -48.16 14.55
N ASN G 84 15.54 -47.27 14.91
CA ASN G 84 16.11 -47.07 16.25
C ASN G 84 16.87 -48.29 16.73
N LEU G 85 17.92 -48.64 15.97
CA LEU G 85 18.81 -49.76 16.27
C LEU G 85 20.26 -49.32 16.48
N VAL G 86 20.99 -50.04 17.38
CA VAL G 86 22.40 -49.81 17.75
C VAL G 86 23.19 -51.04 17.28
N PHE G 87 24.29 -50.81 16.56
CA PHE G 87 25.05 -51.93 16.02
C PHE G 87 26.48 -52.04 16.51
N LEU G 88 26.88 -53.28 16.86
CA LEU G 88 28.23 -53.62 17.27
C LEU G 88 28.86 -54.52 16.21
N LYS G 89 29.93 -54.01 15.59
CA LYS G 89 30.64 -54.73 14.56
C LYS G 89 32.04 -54.98 15.10
N LEU G 90 32.24 -56.08 15.82
CA LEU G 90 33.51 -56.42 16.44
C LEU G 90 34.29 -57.39 15.54
N ASN G 91 35.39 -56.90 14.94
CA ASN G 91 36.21 -57.65 13.99
C ASN G 91 37.16 -58.65 14.62
N SER G 92 37.40 -59.81 13.93
CA SER G 92 38.31 -60.89 14.31
C SER G 92 38.21 -61.31 15.77
N VAL G 93 37.07 -61.93 16.12
CA VAL G 93 36.74 -62.39 17.48
C VAL G 93 37.47 -63.66 17.95
N THR G 94 38.13 -63.52 19.10
CA THR G 94 38.98 -64.53 19.74
C THR G 94 38.24 -65.04 20.98
N ALA G 95 38.77 -66.10 21.59
CA ALA G 95 38.20 -66.69 22.82
C ALA G 95 38.20 -65.66 23.97
N ALA G 96 39.21 -64.76 23.96
CA ALA G 96 39.46 -63.72 24.96
C ALA G 96 38.34 -62.71 24.93
N ASP G 97 37.59 -62.66 23.81
CA ASP G 97 36.46 -61.75 23.60
C ASP G 97 35.10 -62.27 24.11
N THR G 98 35.08 -63.48 24.69
CA THR G 98 33.89 -64.08 25.30
C THR G 98 33.52 -63.16 26.46
N ALA G 99 32.24 -62.71 26.53
CA ALA G 99 31.70 -61.79 27.54
C ALA G 99 30.18 -61.64 27.42
N THR G 100 29.57 -61.03 28.44
CA THR G 100 28.14 -60.74 28.45
C THR G 100 28.05 -59.29 27.96
N TYR G 101 27.47 -59.10 26.78
CA TYR G 101 27.43 -57.78 26.16
C TYR G 101 26.10 -57.07 26.48
N TYR G 102 26.17 -55.77 26.85
CA TYR G 102 25.02 -54.96 27.28
C TYR G 102 24.80 -53.80 26.33
N CYS G 103 23.52 -53.58 25.99
CA CYS G 103 23.07 -52.41 25.24
C CYS G 103 23.02 -51.30 26.29
N ALA G 104 23.71 -50.19 26.00
CA ALA G 104 23.84 -49.04 26.88
C ALA G 104 23.42 -47.73 26.29
N ARG G 105 22.56 -46.98 27.01
CA ARG G 105 22.30 -45.57 26.70
C ARG G 105 23.15 -44.73 27.65
N PHE G 106 23.92 -43.78 27.06
CA PHE G 106 24.87 -43.00 27.86
C PHE G 106 24.44 -41.60 28.19
N GLY G 107 24.36 -41.31 29.49
CA GLY G 107 24.04 -40.01 30.07
C GLY G 107 25.35 -39.33 30.38
N GLY G 108 25.29 -38.11 30.91
CA GLY G 108 26.47 -37.27 31.12
C GLY G 108 26.31 -35.92 30.48
N GLU G 109 27.41 -35.16 30.39
CA GLU G 109 27.43 -33.82 29.78
C GLU G 109 27.46 -34.07 28.26
N VAL G 110 26.29 -34.47 27.74
CA VAL G 110 25.99 -34.73 26.32
C VAL G 110 25.31 -33.54 25.62
N LEU G 111 23.94 -33.46 25.63
CA LEU G 111 23.10 -32.42 25.02
C LEU G 111 23.70 -31.00 24.92
N ARG G 112 23.94 -30.35 26.08
CA ARG G 112 24.78 -29.15 26.19
C ARG G 112 26.16 -29.61 26.74
N TYR G 113 27.25 -29.22 26.04
CA TYR G 113 28.64 -29.56 26.35
C TYR G 113 29.60 -28.43 26.04
N THR G 114 30.85 -28.54 26.54
CA THR G 114 31.91 -27.57 26.28
C THR G 114 33.05 -28.26 25.48
N ASP G 115 33.40 -27.69 24.30
CA ASP G 115 34.51 -28.11 23.46
C ASP G 115 34.20 -29.43 22.75
N TRP G 116 33.80 -30.49 23.47
CA TRP G 116 33.37 -31.74 22.82
C TRP G 116 32.44 -32.53 23.76
N PRO G 117 31.49 -33.37 23.27
CA PRO G 117 30.62 -34.11 24.20
C PRO G 117 31.38 -35.04 25.15
N LYS G 118 30.97 -35.02 26.42
CA LYS G 118 31.56 -35.76 27.53
C LYS G 118 30.53 -36.72 28.18
N PRO G 119 30.06 -37.83 27.54
CA PRO G 119 29.09 -38.71 28.23
C PRO G 119 29.86 -39.39 29.34
N ALA G 120 29.19 -39.75 30.48
CA ALA G 120 29.85 -40.36 31.62
C ALA G 120 29.14 -41.49 32.40
N TRP G 121 27.92 -41.90 31.98
CA TRP G 121 27.25 -43.02 32.66
C TRP G 121 26.20 -43.75 31.84
N VAL G 122 25.87 -44.99 32.23
CA VAL G 122 24.89 -45.77 31.47
C VAL G 122 23.51 -45.30 31.91
N ASP G 123 22.92 -44.29 31.22
CA ASP G 123 21.56 -43.86 31.57
C ASP G 123 20.52 -44.99 31.63
N LEU G 124 20.53 -45.89 30.64
CA LEU G 124 19.54 -46.97 30.54
C LEU G 124 20.23 -48.28 30.15
N TRP G 125 19.97 -49.35 30.93
CA TRP G 125 20.51 -50.70 30.75
C TRP G 125 19.56 -51.64 29.97
N GLY G 126 20.16 -52.57 29.20
CA GLY G 126 19.54 -53.77 28.67
C GLY G 126 19.59 -54.87 29.71
N ARG G 127 19.52 -56.15 29.30
CA ARG G 127 19.63 -57.29 30.23
C ARG G 127 20.92 -58.09 30.09
N GLY G 128 21.45 -58.15 28.87
CA GLY G 128 22.72 -58.81 28.59
C GLY G 128 22.60 -60.12 27.82
N THR G 129 23.60 -60.41 27.01
CA THR G 129 23.67 -61.64 26.25
C THR G 129 25.09 -62.17 26.29
N LEU G 130 25.23 -63.48 26.50
CA LEU G 130 26.54 -64.11 26.54
C LEU G 130 26.93 -64.63 25.17
N VAL G 131 28.02 -64.08 24.62
CA VAL G 131 28.46 -64.48 23.29
C VAL G 131 29.78 -65.19 23.49
N THR G 132 29.94 -66.37 22.89
CA THR G 132 31.15 -67.18 23.01
C THR G 132 31.67 -67.64 21.63
N VAL G 133 32.76 -68.44 21.60
CA VAL G 133 33.45 -68.87 20.36
C VAL G 133 33.62 -70.39 20.34
N PRO H 2 -52.06 -5.60 18.03
CA PRO H 2 -52.60 -6.30 16.86
C PRO H 2 -54.12 -6.18 16.86
N GLN H 3 -54.68 -5.42 15.89
CA GLN H 3 -56.12 -5.18 15.77
C GLN H 3 -56.58 -5.17 14.33
N LEU H 4 -57.61 -5.98 14.02
CA LEU H 4 -58.25 -6.01 12.70
C LEU H 4 -59.58 -5.25 12.81
N GLN H 5 -60.03 -4.63 11.68
CA GLN H 5 -61.27 -3.84 11.60
C GLN H 5 -61.95 -3.85 10.23
N GLU H 6 -63.11 -4.56 10.12
CA GLU H 6 -63.98 -4.65 8.93
C GLU H 6 -64.61 -3.29 8.61
N SER H 7 -64.78 -2.97 7.31
CA SER H 7 -65.39 -1.71 6.85
C SER H 7 -65.94 -1.83 5.43
N GLY H 8 -67.01 -1.09 5.17
CA GLY H 8 -67.65 -1.10 3.86
C GLY H 8 -69.17 -0.97 3.86
N PRO H 9 -69.80 -1.18 2.68
CA PRO H 9 -71.26 -1.07 2.63
C PRO H 9 -71.94 -2.28 3.28
N THR H 10 -73.10 -2.04 3.93
CA THR H 10 -73.91 -3.10 4.56
C THR H 10 -75.08 -3.56 3.66
N LEU H 11 -75.40 -2.76 2.61
CA LEU H 11 -76.47 -3.06 1.66
C LEU H 11 -76.09 -2.85 0.20
N VAL H 12 -76.11 -3.90 -0.62
CA VAL H 12 -75.81 -3.74 -2.05
C VAL H 12 -76.96 -4.23 -2.91
N GLU H 13 -76.92 -3.95 -4.24
CA GLU H 13 -77.96 -4.37 -5.21
C GLU H 13 -77.59 -5.72 -5.86
N ALA H 14 -78.60 -6.52 -6.24
CA ALA H 14 -78.40 -7.80 -6.93
C ALA H 14 -77.60 -7.68 -8.24
N SER H 15 -76.46 -8.37 -8.31
CA SER H 15 -75.45 -8.31 -9.38
C SER H 15 -74.35 -7.25 -9.23
N GLU H 16 -74.43 -6.42 -8.17
CA GLU H 16 -73.42 -5.39 -7.85
C GLU H 16 -72.18 -6.03 -7.17
N THR H 17 -70.95 -5.56 -7.50
CA THR H 17 -69.71 -6.00 -6.83
C THR H 17 -69.58 -5.44 -5.42
N LEU H 18 -69.28 -6.31 -4.46
CA LEU H 18 -69.10 -5.94 -3.07
C LEU H 18 -67.61 -5.62 -2.76
N SER H 19 -67.37 -4.41 -2.18
CA SER H 19 -66.03 -3.96 -1.86
C SER H 19 -65.85 -3.64 -0.39
N LEU H 20 -65.27 -4.61 0.37
CA LEU H 20 -64.99 -4.53 1.80
C LEU H 20 -63.48 -4.33 2.03
N THR H 21 -63.14 -3.53 3.06
CA THR H 21 -61.75 -3.21 3.45
C THR H 21 -61.48 -3.34 4.95
N CYS H 22 -60.39 -4.04 5.27
CA CYS H 22 -59.94 -4.27 6.63
C CYS H 22 -58.79 -3.39 7.00
N ALA H 23 -58.93 -2.63 8.10
CA ALA H 23 -57.87 -1.75 8.61
C ALA H 23 -56.95 -2.50 9.60
N VAL H 24 -55.70 -2.81 9.17
CA VAL H 24 -54.78 -3.54 10.04
C VAL H 24 -53.82 -2.60 10.85
N SER H 25 -53.82 -2.71 12.19
CA SER H 25 -53.01 -1.92 13.13
C SER H 25 -52.26 -2.87 14.07
N GLY H 26 -51.04 -2.51 14.47
CA GLY H 26 -50.28 -3.27 15.44
C GLY H 26 -49.23 -4.17 14.82
N ASP H 27 -49.28 -4.36 13.50
CA ASP H 27 -48.37 -5.19 12.71
C ASP H 27 -48.35 -4.68 11.25
N SER H 28 -47.48 -5.25 10.43
CA SER H 28 -47.35 -4.82 9.03
C SER H 28 -47.84 -5.92 8.11
N THR H 29 -48.81 -5.59 7.25
CA THR H 29 -49.40 -6.60 6.37
C THR H 29 -48.38 -7.05 5.32
N ALA H 30 -47.40 -6.16 5.02
CA ALA H 30 -46.37 -6.36 3.99
C ALA H 30 -45.33 -7.40 4.41
N ALA H 31 -45.30 -7.79 5.71
CA ALA H 31 -44.43 -8.83 6.28
C ALA H 31 -44.76 -10.26 5.86
N CYS H 32 -43.69 -11.07 5.63
CA CYS H 32 -43.74 -12.48 5.21
C CYS H 32 -44.22 -13.52 6.25
N ASN H 33 -44.61 -13.09 7.46
CA ASN H 33 -45.06 -14.00 8.49
C ASN H 33 -46.49 -14.59 8.31
N SER H 34 -47.34 -13.99 7.45
CA SER H 34 -48.72 -14.46 7.27
C SER H 34 -49.47 -14.05 5.97
N PHE H 35 -50.63 -14.69 5.75
CA PHE H 35 -51.56 -14.48 4.64
C PHE H 35 -52.73 -13.69 5.19
N TRP H 36 -53.36 -12.93 4.32
CA TRP H 36 -54.50 -12.12 4.72
C TRP H 36 -55.69 -12.47 3.84
N GLY H 37 -56.87 -12.53 4.43
CA GLY H 37 -58.09 -12.87 3.72
C GLY H 37 -59.39 -12.73 4.48
N TRP H 38 -60.42 -13.47 4.00
CA TRP H 38 -61.78 -13.39 4.54
C TRP H 38 -62.49 -14.74 4.75
N VAL H 39 -63.42 -14.74 5.73
CA VAL H 39 -64.34 -15.83 6.06
C VAL H 39 -65.77 -15.21 6.21
N ARG H 40 -66.81 -15.88 5.67
CA ARG H 40 -68.17 -15.32 5.66
C ARG H 40 -69.21 -16.30 6.20
N GLN H 41 -69.57 -16.16 7.48
CA GLN H 41 -70.53 -17.04 8.17
C GLN H 41 -71.99 -16.67 7.82
N PRO H 42 -72.72 -17.51 7.02
CA PRO H 42 -74.14 -17.20 6.75
C PRO H 42 -75.01 -17.22 8.01
N PRO H 43 -76.05 -16.34 8.10
CA PRO H 43 -76.90 -16.34 9.31
C PRO H 43 -77.51 -17.69 9.68
N GLY H 44 -77.13 -18.16 10.87
CA GLY H 44 -77.63 -19.39 11.45
C GLY H 44 -76.93 -20.62 10.92
N LYS H 45 -75.83 -20.44 10.17
CA LYS H 45 -75.03 -21.52 9.60
C LYS H 45 -73.58 -21.37 10.08
N GLY H 46 -72.66 -22.17 9.50
CA GLY H 46 -71.24 -22.22 9.91
C GLY H 46 -70.28 -21.33 9.14
N LEU H 47 -68.97 -21.58 9.30
CA LEU H 47 -67.95 -20.70 8.70
C LEU H 47 -67.68 -21.16 7.25
N GLU H 48 -67.31 -20.22 6.41
CA GLU H 48 -66.94 -20.52 5.04
C GLU H 48 -65.74 -19.69 4.63
N TRP H 49 -64.65 -20.37 4.25
CA TRP H 49 -63.41 -19.71 3.84
C TRP H 49 -63.71 -19.00 2.55
N VAL H 50 -63.44 -17.68 2.48
CA VAL H 50 -63.61 -16.98 1.21
C VAL H 50 -62.35 -17.09 0.34
N GLY H 51 -61.23 -16.62 0.89
CA GLY H 51 -59.94 -16.62 0.20
C GLY H 51 -58.83 -15.90 0.95
N SER H 52 -57.59 -15.96 0.42
CA SER H 52 -56.45 -15.21 0.96
C SER H 52 -55.26 -15.08 0.02
N LEU H 53 -54.35 -14.12 0.32
CA LEU H 53 -53.15 -13.77 -0.46
C LEU H 53 -52.05 -13.08 0.36
N SER H 54 -50.81 -12.95 -0.21
CA SER H 54 -49.62 -12.26 0.32
C SER H 54 -48.75 -11.79 -0.85
N HIS H 55 -48.05 -10.64 -0.68
CA HIS H 55 -47.09 -10.09 -1.65
C HIS H 55 -45.64 -10.54 -1.45
N CYS H 56 -45.43 -11.56 -0.58
CA CYS H 56 -44.13 -12.17 -0.27
C CYS H 56 -43.72 -13.08 -1.45
N ALA H 57 -43.29 -12.46 -2.56
CA ALA H 57 -43.00 -13.13 -3.82
C ALA H 57 -41.76 -14.03 -3.86
N SER H 58 -41.80 -15.03 -4.74
CA SER H 58 -40.68 -15.92 -5.07
C SER H 58 -40.22 -15.57 -6.51
N TYR H 59 -39.01 -16.04 -6.91
CA TYR H 59 -38.42 -15.75 -8.22
C TYR H 59 -39.46 -15.96 -9.37
N TRP H 60 -40.27 -17.03 -9.31
CA TRP H 60 -41.20 -17.32 -10.41
C TRP H 60 -42.54 -16.58 -10.43
N ASN H 61 -42.81 -15.69 -9.45
CA ASN H 61 -44.10 -14.98 -9.41
C ASN H 61 -43.99 -13.55 -8.87
N ARG H 62 -45.13 -12.98 -8.45
CA ARG H 62 -45.24 -11.64 -7.88
C ARG H 62 -46.13 -11.67 -6.61
N GLY H 63 -46.02 -12.76 -5.85
CA GLY H 63 -46.75 -13.06 -4.62
C GLY H 63 -47.55 -14.34 -4.72
N TRP H 64 -48.40 -14.65 -3.71
CA TRP H 64 -49.21 -15.88 -3.66
C TRP H 64 -50.65 -15.51 -3.40
N THR H 65 -51.59 -16.12 -4.18
CA THR H 65 -53.05 -15.92 -4.08
C THR H 65 -53.75 -17.28 -4.06
N TYR H 66 -54.60 -17.52 -3.03
CA TYR H 66 -55.33 -18.76 -2.80
C TYR H 66 -56.86 -18.50 -2.80
N HIS H 67 -57.54 -18.88 -3.90
CA HIS H 67 -58.99 -18.77 -4.07
C HIS H 67 -59.72 -20.03 -3.67
N ASN H 68 -60.99 -19.87 -3.26
CA ASN H 68 -61.92 -20.96 -2.99
C ASN H 68 -62.43 -21.37 -4.41
N PRO H 69 -62.09 -22.58 -4.91
CA PRO H 69 -62.53 -22.97 -6.26
C PRO H 69 -63.99 -22.75 -6.66
N SER H 70 -64.94 -22.80 -5.70
CA SER H 70 -66.37 -22.55 -5.93
C SER H 70 -66.71 -21.05 -5.98
N LEU H 71 -65.79 -20.20 -5.50
CA LEU H 71 -66.04 -18.76 -5.49
C LEU H 71 -65.15 -17.99 -6.48
N LYS H 72 -64.01 -18.59 -6.92
CA LYS H 72 -63.00 -17.99 -7.81
C LYS H 72 -63.59 -17.24 -8.98
N SER H 73 -64.58 -17.87 -9.60
CA SER H 73 -65.33 -17.42 -10.77
C SER H 73 -65.94 -16.02 -10.60
N ARG H 74 -66.08 -15.55 -9.34
CA ARG H 74 -66.51 -14.18 -9.04
C ARG H 74 -65.65 -13.42 -8.05
N LEU H 75 -64.37 -13.79 -7.91
CA LEU H 75 -63.60 -13.17 -6.84
C LEU H 75 -62.20 -12.69 -7.18
N THR H 76 -61.91 -11.42 -6.81
CA THR H 76 -60.65 -10.68 -6.90
C THR H 76 -60.27 -10.23 -5.49
N LEU H 77 -59.00 -10.39 -5.11
CA LEU H 77 -58.53 -9.94 -3.78
C LEU H 77 -57.40 -8.91 -3.93
N ALA H 78 -57.21 -8.03 -2.93
CA ALA H 78 -56.10 -7.07 -2.98
C ALA H 78 -55.54 -6.62 -1.64
N LEU H 79 -54.28 -6.13 -1.66
CA LEU H 79 -53.60 -5.60 -0.48
C LEU H 79 -52.97 -4.18 -0.65
N ASP H 80 -53.00 -3.37 0.42
CA ASP H 80 -52.36 -2.05 0.40
C ASP H 80 -51.34 -1.98 1.52
N THR H 81 -50.07 -2.17 1.15
CA THR H 81 -48.91 -2.31 2.02
C THR H 81 -48.49 -0.98 2.71
N PRO H 82 -48.57 0.23 2.06
CA PRO H 82 -48.26 1.47 2.79
C PRO H 82 -49.34 1.96 3.75
N LYS H 83 -50.58 1.46 3.65
CA LYS H 83 -51.68 1.82 4.57
C LYS H 83 -52.10 0.61 5.44
N ASN H 84 -51.69 -0.62 5.02
CA ASN H 84 -52.00 -1.91 5.65
C ASN H 84 -53.48 -2.23 5.63
N LEU H 85 -54.02 -2.34 4.40
CA LEU H 85 -55.42 -2.67 4.14
C LEU H 85 -55.57 -3.95 3.33
N VAL H 86 -56.67 -4.71 3.59
CA VAL H 86 -57.05 -5.97 2.94
C VAL H 86 -58.35 -5.73 2.17
N PHE H 87 -58.39 -6.12 0.89
CA PHE H 87 -59.57 -5.84 0.08
C PHE H 87 -60.28 -7.08 -0.45
N LEU H 88 -61.61 -7.05 -0.35
CA LEU H 88 -62.50 -8.08 -0.88
C LEU H 88 -63.32 -7.50 -2.02
N LYS H 89 -63.11 -8.03 -3.22
CA LYS H 89 -63.81 -7.60 -4.41
C LYS H 89 -64.65 -8.77 -4.88
N LEU H 90 -65.87 -8.90 -4.37
CA LEU H 90 -66.76 -10.00 -4.70
C LEU H 90 -67.73 -9.58 -5.82
N ASN H 91 -67.54 -10.16 -7.01
CA ASN H 91 -68.33 -9.81 -8.21
C ASN H 91 -69.71 -10.45 -8.27
N SER H 92 -70.70 -9.71 -8.84
CA SER H 92 -72.09 -10.13 -9.06
C SER H 92 -72.74 -10.79 -7.85
N VAL H 93 -72.97 -9.98 -6.80
CA VAL H 93 -73.56 -10.41 -5.52
C VAL H 93 -75.07 -10.69 -5.53
N THR H 94 -75.43 -11.89 -5.10
CA THR H 94 -76.77 -12.45 -5.08
C THR H 94 -77.23 -12.52 -3.63
N ALA H 95 -78.52 -12.83 -3.41
CA ALA H 95 -79.11 -12.95 -2.07
C ALA H 95 -78.41 -14.08 -1.29
N ALA H 96 -77.93 -15.13 -2.02
CA ALA H 96 -77.30 -16.33 -1.49
C ALA H 96 -75.96 -15.96 -0.87
N ASP H 97 -75.42 -14.78 -1.24
CA ASP H 97 -74.14 -14.26 -0.75
C ASP H 97 -74.24 -13.44 0.56
N THR H 98 -75.45 -13.29 1.12
CA THR H 98 -75.71 -12.62 2.39
C THR H 98 -74.97 -13.48 3.44
N ALA H 99 -74.13 -12.82 4.27
CA ALA H 99 -73.31 -13.45 5.33
C ALA H 99 -72.60 -12.42 6.20
N THR H 100 -72.04 -12.88 7.32
CA THR H 100 -71.26 -12.04 8.23
C THR H 100 -69.82 -12.27 7.80
N TYR H 101 -69.19 -11.22 7.27
CA TYR H 101 -67.85 -11.34 6.72
C TYR H 101 -66.79 -10.93 7.76
N TYR H 102 -65.71 -11.74 7.89
CA TYR H 102 -64.65 -11.55 8.90
C TYR H 102 -63.32 -11.28 8.23
N CYS H 103 -62.59 -10.31 8.78
CA CYS H 103 -61.21 -10.01 8.40
C CYS H 103 -60.39 -11.06 9.14
N ALA H 104 -59.57 -11.81 8.39
CA ALA H 104 -58.75 -12.90 8.88
C ALA H 104 -57.29 -12.78 8.60
N ARG H 105 -56.45 -12.95 9.64
CA ARG H 105 -55.00 -13.15 9.46
C ARG H 105 -54.74 -14.65 9.56
N PHE H 106 -54.03 -15.19 8.56
CA PHE H 106 -53.81 -16.64 8.48
C PHE H 106 -52.46 -17.12 8.90
N GLY H 107 -52.44 -17.98 9.92
CA GLY H 107 -51.25 -18.65 10.45
C GLY H 107 -51.17 -20.01 9.79
N GLY H 108 -50.14 -20.78 10.14
CA GLY H 108 -49.84 -22.04 9.47
C GLY H 108 -48.42 -22.09 8.98
N GLU H 109 -48.10 -23.09 8.13
CA GLU H 109 -46.76 -23.27 7.55
C GLU H 109 -46.68 -22.24 6.40
N VAL H 110 -46.52 -20.97 6.79
CA VAL H 110 -46.36 -19.79 5.94
C VAL H 110 -44.89 -19.38 5.74
N LEU H 111 -44.33 -18.50 6.62
CA LEU H 111 -42.95 -17.97 6.63
C LEU H 111 -41.87 -18.88 6.06
N ARG H 112 -41.59 -20.04 6.72
CA ARG H 112 -40.82 -21.15 6.17
C ARG H 112 -41.85 -22.24 5.73
N TYR H 113 -41.73 -22.70 4.46
CA TYR H 113 -42.61 -23.69 3.82
C TYR H 113 -41.85 -24.61 2.87
N THR H 114 -42.50 -25.71 2.47
CA THR H 114 -41.94 -26.65 1.50
C THR H 114 -42.80 -26.65 0.21
N ASP H 115 -42.17 -26.39 -0.95
CA ASP H 115 -42.77 -26.46 -2.28
C ASP H 115 -43.72 -25.27 -2.51
N TRP H 116 -44.69 -25.02 -1.62
CA TRP H 116 -45.53 -23.82 -1.72
C TRP H 116 -46.12 -23.46 -0.36
N PRO H 117 -46.46 -22.17 -0.05
CA PRO H 117 -47.01 -21.86 1.28
C PRO H 117 -48.32 -22.59 1.58
N LYS H 118 -48.42 -23.11 2.82
CA LYS H 118 -49.54 -23.88 3.33
C LYS H 118 -50.17 -23.21 4.57
N PRO H 119 -50.88 -22.03 4.47
CA PRO H 119 -51.49 -21.46 5.69
C PRO H 119 -52.62 -22.38 6.10
N ALA H 120 -52.94 -22.49 7.41
CA ALA H 120 -53.97 -23.39 7.91
C ALA H 120 -54.91 -22.93 9.04
N TRP H 121 -54.76 -21.70 9.56
CA TRP H 121 -55.68 -21.20 10.59
C TRP H 121 -55.79 -19.69 10.69
N VAL H 122 -56.89 -19.21 11.31
CA VAL H 122 -57.10 -17.76 11.43
C VAL H 122 -56.27 -17.30 12.61
N ASP H 123 -55.00 -16.88 12.39
CA ASP H 123 -54.20 -16.35 13.50
C ASP H 123 -54.87 -15.24 14.31
N LEU H 124 -55.49 -14.25 13.63
CA LEU H 124 -56.09 -13.10 14.27
C LEU H 124 -57.45 -12.79 13.63
N TRP H 125 -58.50 -12.66 14.48
CA TRP H 125 -59.88 -12.36 14.10
C TRP H 125 -60.24 -10.86 14.20
N GLY H 126 -61.14 -10.41 13.30
CA GLY H 126 -61.90 -9.18 13.40
C GLY H 126 -63.13 -9.42 14.24
N ARG H 127 -64.20 -8.60 14.08
CA ARG H 127 -65.47 -8.79 14.81
C ARG H 127 -66.62 -9.26 13.93
N GLY H 128 -66.62 -8.84 12.67
CA GLY H 128 -67.62 -9.24 11.68
C GLY H 128 -68.60 -8.16 11.29
N THR H 129 -69.05 -8.23 10.04
CA THR H 129 -70.04 -7.30 9.52
C THR H 129 -71.05 -8.07 8.67
N LEU H 130 -72.33 -7.76 8.86
CA LEU H 130 -73.37 -8.42 8.09
C LEU H 130 -73.70 -7.63 6.82
N VAL H 131 -73.47 -8.24 5.67
CA VAL H 131 -73.72 -7.57 4.41
C VAL H 131 -74.88 -8.29 3.76
N THR H 132 -75.89 -7.55 3.30
CA THR H 132 -77.09 -8.12 2.67
C THR H 132 -77.40 -7.43 1.31
N VAL H 133 -78.51 -7.82 0.66
CA VAL H 133 -78.88 -7.36 -0.69
C VAL H 133 -80.33 -6.84 -0.69
N PRO I 2 9.62 26.24 47.86
CA PRO I 2 9.42 27.61 47.38
C PRO I 2 10.07 28.59 48.35
N GLN I 3 11.15 29.26 47.91
CA GLN I 3 11.91 30.21 48.74
C GLN I 3 12.39 31.40 47.94
N LEU I 4 12.07 32.61 48.43
CA LEU I 4 12.55 33.87 47.85
C LEU I 4 13.69 34.40 48.74
N GLN I 5 14.65 35.16 48.13
CA GLN I 5 15.82 35.72 48.81
C GLN I 5 16.34 37.04 48.21
N GLU I 6 16.12 38.17 48.93
CA GLU I 6 16.60 39.52 48.59
C GLU I 6 18.14 39.60 48.67
N SER I 7 18.75 40.39 47.76
CA SER I 7 20.20 40.58 47.70
C SER I 7 20.59 41.88 47.00
N GLY I 8 21.70 42.46 47.43
CA GLY I 8 22.19 43.71 46.85
C GLY I 8 22.84 44.68 47.82
N PRO I 9 23.12 45.92 47.35
CA PRO I 9 23.75 46.89 48.25
C PRO I 9 22.75 47.43 49.28
N THR I 10 23.25 47.71 50.50
CA THR I 10 22.44 48.30 51.59
C THR I 10 22.62 49.83 51.71
N LEU I 11 23.68 50.38 51.05
CA LEU I 11 23.98 51.81 51.05
C LEU I 11 24.34 52.37 49.68
N VAL I 12 23.56 53.31 49.15
CA VAL I 12 23.90 53.92 47.85
C VAL I 12 24.03 55.44 47.99
N GLU I 13 24.56 56.13 46.94
CA GLU I 13 24.74 57.59 46.91
C GLU I 13 23.52 58.28 46.28
N ALA I 14 23.22 59.52 46.71
CA ALA I 14 22.13 60.34 46.16
C ALA I 14 22.23 60.56 44.64
N SER I 15 21.20 60.09 43.90
CA SER I 15 21.13 60.06 42.43
C SER I 15 21.69 58.80 41.74
N GLU I 16 22.23 57.85 42.54
CA GLU I 16 22.75 56.57 42.05
C GLU I 16 21.59 55.57 41.82
N THR I 17 21.64 54.76 40.72
CA THR I 17 20.67 53.68 40.47
C THR I 17 20.85 52.50 41.41
N LEU I 18 19.75 52.05 42.00
CA LEU I 18 19.73 50.91 42.92
C LEU I 18 19.44 49.59 42.17
N SER I 19 20.32 48.59 42.35
CA SER I 19 20.20 47.30 41.69
C SER I 19 20.12 46.14 42.66
N LEU I 20 18.88 45.68 42.94
CA LEU I 20 18.55 44.57 43.83
C LEU I 20 18.15 43.33 43.03
N THR I 21 18.54 42.13 43.51
CA THR I 21 18.26 40.82 42.89
C THR I 21 17.74 39.77 43.87
N CYS I 22 16.65 39.11 43.46
CA CYS I 22 15.99 38.07 44.21
C CYS I 22 16.32 36.71 43.67
N ALA I 23 16.82 35.81 44.54
CA ALA I 23 17.13 34.43 44.17
C ALA I 23 15.93 33.49 44.39
N VAL I 24 15.30 33.05 43.27
CA VAL I 24 14.13 32.17 43.41
C VAL I 24 14.47 30.65 43.31
N SER I 25 14.09 29.87 44.35
CA SER I 25 14.33 28.42 44.46
C SER I 25 12.99 27.72 44.78
N GLY I 26 12.82 26.51 44.25
CA GLY I 26 11.65 25.69 44.56
C GLY I 26 10.58 25.73 43.48
N ASP I 27 10.72 26.66 42.53
CA ASP I 27 9.80 26.87 41.40
C ASP I 27 10.56 27.55 40.25
N SER I 28 9.90 27.71 39.10
CA SER I 28 10.53 28.31 37.93
C SER I 28 9.89 29.65 37.62
N THR I 29 10.71 30.71 37.58
CA THR I 29 10.19 32.05 37.37
C THR I 29 9.64 32.19 35.95
N ALA I 30 10.17 31.36 35.01
CA ALA I 30 9.83 31.38 33.59
C ALA I 30 8.43 30.83 33.32
N ALA I 31 7.79 30.17 34.31
CA ALA I 31 6.41 29.65 34.27
C ALA I 31 5.31 30.70 34.26
N CYS I 32 4.25 30.46 33.46
CA CYS I 32 3.07 31.32 33.29
C CYS I 32 2.07 31.42 34.47
N ASN I 33 2.36 30.75 35.60
CA ASN I 33 1.47 30.80 36.75
C ASN I 33 1.46 32.11 37.58
N SER I 34 2.50 32.97 37.43
CA SER I 34 2.59 34.20 38.23
C SER I 34 3.51 35.35 37.70
N PHE I 35 3.37 36.53 38.34
CA PHE I 35 4.13 37.76 38.08
C PHE I 35 5.15 37.89 39.19
N TRP I 36 6.25 38.54 38.88
CA TRP I 36 7.30 38.74 39.85
C TRP I 36 7.59 40.24 39.98
N GLY I 37 7.84 40.68 41.20
CA GLY I 37 8.10 42.09 41.48
C GLY I 37 8.53 42.44 42.90
N TRP I 38 8.33 43.72 43.25
CA TRP I 38 8.76 44.28 44.53
C TRP I 38 7.74 45.17 45.26
N VAL I 39 7.85 45.19 46.60
CA VAL I 39 7.14 46.04 47.53
C VAL I 39 8.17 46.67 48.52
N ARG I 40 8.04 47.98 48.83
CA ARG I 40 9.04 48.68 49.66
C ARG I 40 8.39 49.43 50.82
N GLN I 41 8.38 48.83 52.03
CA GLN I 41 7.76 49.41 53.22
C GLN I 41 8.70 50.46 53.89
N PRO I 42 8.37 51.79 53.82
CA PRO I 42 9.19 52.79 54.50
C PRO I 42 9.23 52.61 56.02
N PRO I 43 10.37 52.89 56.70
CA PRO I 43 10.43 52.73 58.17
C PRO I 43 9.34 53.44 58.95
N GLY I 44 8.54 52.65 59.64
CA GLY I 44 7.46 53.12 60.50
C GLY I 44 6.20 53.47 59.74
N LYS I 45 6.14 53.12 58.45
CA LYS I 45 4.99 53.37 57.59
C LYS I 45 4.51 52.03 56.99
N GLY I 46 3.58 52.08 56.02
CA GLY I 46 2.94 50.90 55.42
C GLY I 46 3.58 50.38 54.15
N LEU I 47 2.85 49.50 53.44
CA LEU I 47 3.41 48.82 52.26
C LEU I 47 3.20 49.71 51.02
N GLU I 48 4.11 49.60 50.07
CA GLU I 48 3.99 50.32 48.81
C GLU I 48 4.40 49.44 47.66
N TRP I 49 3.48 49.21 46.72
CA TRP I 49 3.73 48.36 45.56
C TRP I 49 4.74 49.06 44.71
N VAL I 50 5.86 48.40 44.37
CA VAL I 50 6.83 49.02 43.47
C VAL I 50 6.46 48.75 42.02
N GLY I 51 6.38 47.46 41.66
CA GLY I 51 6.07 47.02 40.31
C GLY I 51 6.18 45.52 40.10
N SER I 52 5.79 45.03 38.89
CA SER I 52 5.96 43.62 38.51
C SER I 52 5.86 43.36 37.01
N LEU I 53 6.34 42.17 36.59
CA LEU I 53 6.39 41.70 35.19
C LEU I 53 6.47 40.17 35.04
N SER I 54 6.26 39.64 33.79
CA SER I 54 6.36 38.23 33.37
C SER I 54 6.73 38.17 31.89
N HIS I 55 7.50 37.13 31.47
CA HIS I 55 7.86 36.85 30.08
C HIS I 55 6.90 35.93 29.32
N CYS I 56 5.70 35.66 29.92
CA CYS I 56 4.63 34.85 29.35
C CYS I 56 3.90 35.66 28.29
N ALA I 57 4.55 35.81 27.10
CA ALA I 57 4.09 36.67 26.02
C ALA I 57 2.85 36.22 25.25
N SER I 58 2.12 37.19 24.69
CA SER I 58 1.00 36.99 23.78
C SER I 58 1.43 37.43 22.37
N TYR I 59 0.67 37.05 21.32
CA TYR I 59 1.00 37.35 19.93
C TYR I 59 1.42 38.84 19.73
N TRP I 60 0.71 39.80 20.39
CA TRP I 60 1.00 41.21 20.20
C TRP I 60 2.16 41.83 20.98
N ASN I 61 2.87 41.05 21.82
CA ASN I 61 3.95 41.60 22.64
C ASN I 61 5.11 40.62 22.85
N ARG I 62 5.94 40.90 23.87
CA ARG I 62 7.09 40.08 24.27
C ARG I 62 7.12 39.90 25.81
N GLY I 63 5.92 39.82 26.40
CA GLY I 63 5.65 39.65 27.84
C GLY I 63 4.78 40.78 28.38
N TRP I 64 4.60 40.85 29.71
CA TRP I 64 3.75 41.87 30.37
C TRP I 64 4.55 42.53 31.47
N THR I 65 4.48 43.89 31.54
CA THR I 65 5.15 44.74 32.54
C THR I 65 4.16 45.74 33.11
N TYR I 66 4.03 45.77 34.47
CA TYR I 66 3.11 46.63 35.21
C TYR I 66 3.89 47.55 36.18
N HIS I 67 4.02 48.83 35.82
CA HIS I 67 4.66 49.89 36.61
C HIS I 67 3.68 50.63 37.49
N ASN I 68 4.20 51.18 38.61
CA ASN I 68 3.47 52.08 39.51
C ASN I 68 3.58 53.46 38.79
N PRO I 69 2.46 54.03 38.28
CA PRO I 69 2.54 55.33 37.58
C PRO I 69 3.36 56.46 38.20
N SER I 70 3.43 56.53 39.55
CA SER I 70 4.22 57.54 40.28
C SER I 70 5.71 57.19 40.34
N LEU I 71 6.06 55.93 40.05
CA LEU I 71 7.46 55.51 40.11
C LEU I 71 8.06 55.21 38.72
N LYS I 72 7.19 54.97 37.70
CA LYS I 72 7.57 54.58 36.32
C LYS I 72 8.71 55.40 35.75
N SER I 73 8.60 56.72 35.97
CA SER I 73 9.53 57.76 35.55
C SER I 73 10.98 57.49 35.96
N ARG I 74 11.20 56.63 36.96
CA ARG I 74 12.54 56.18 37.35
C ARG I 74 12.72 54.68 37.49
N LEU I 75 11.92 53.88 36.81
CA LEU I 75 11.98 52.45 37.07
C LEU I 75 11.98 51.52 35.86
N THR I 76 12.96 50.58 35.86
CA THR I 76 13.21 49.49 34.91
C THR I 76 13.19 48.19 35.70
N LEU I 77 12.53 47.15 35.18
CA LEU I 77 12.49 45.83 35.85
C LEU I 77 13.05 44.75 34.92
N ALA I 78 13.59 43.65 35.49
CA ALA I 78 14.08 42.55 34.66
C ALA I 78 14.01 41.16 35.27
N LEU I 79 14.03 40.12 34.40
CA LEU I 79 14.01 38.71 34.81
C LEU I 79 15.12 37.83 34.18
N ASP I 80 15.65 36.86 34.94
CA ASP I 80 16.62 35.90 34.40
C ASP I 80 16.11 34.49 34.59
N THR I 81 15.55 33.94 33.50
CA THR I 81 14.83 32.67 33.42
C THR I 81 15.76 31.43 33.57
N PRO I 82 17.01 31.40 33.04
CA PRO I 82 17.89 30.25 33.29
C PRO I 82 18.52 30.18 34.68
N LYS I 83 18.52 31.28 35.45
CA LYS I 83 19.04 31.31 36.82
C LYS I 83 17.91 31.53 37.85
N ASN I 84 16.73 32.03 37.37
CA ASN I 84 15.53 32.36 38.15
C ASN I 84 15.77 33.51 39.10
N LEU I 85 16.13 34.67 38.53
CA LEU I 85 16.37 35.91 39.27
C LEU I 85 15.43 37.03 38.85
N VAL I 86 15.07 37.91 39.83
CA VAL I 86 14.18 39.08 39.68
C VAL I 86 15.03 40.35 39.91
N PHE I 87 14.95 41.31 39.01
CA PHE I 87 15.78 42.50 39.13
C PHE I 87 15.02 43.81 39.28
N LEU I 88 15.50 44.64 40.23
CA LEU I 88 14.99 45.97 40.47
C LEU I 88 16.05 47.00 40.09
N LYS I 89 15.73 47.81 39.08
CA LYS I 89 16.63 48.84 38.60
C LYS I 89 15.95 50.17 38.88
N LEU I 90 16.16 50.74 40.07
CA LEU I 90 15.54 51.98 40.48
C LEU I 90 16.50 53.16 40.24
N ASN I 91 16.16 54.00 39.25
CA ASN I 91 17.00 55.13 38.82
C ASN I 91 16.92 56.36 39.73
N SER I 92 18.06 57.09 39.87
CA SER I 92 18.22 58.34 40.63
C SER I 92 17.60 58.28 42.03
N VAL I 93 18.19 57.47 42.92
CA VAL I 93 17.74 57.26 44.30
C VAL I 93 18.03 58.38 45.29
N THR I 94 16.96 58.84 45.94
CA THR I 94 16.93 59.96 46.87
C THR I 94 16.73 59.40 48.27
N ALA I 95 16.85 60.26 49.30
CA ALA I 95 16.68 59.88 50.70
C ALA I 95 15.23 59.38 50.93
N ALA I 96 14.27 59.94 50.16
CA ALA I 96 12.84 59.66 50.24
C ALA I 96 12.56 58.23 49.81
N ASP I 97 13.52 57.62 49.08
CA ASP I 97 13.45 56.23 48.60
C ASP I 97 13.95 55.16 49.58
N THR I 98 14.40 55.59 50.78
CA THR I 98 14.84 54.70 51.86
C THR I 98 13.58 53.90 52.25
N ALA I 99 13.70 52.54 52.29
CA ALA I 99 12.62 51.60 52.60
C ALA I 99 13.13 50.16 52.72
N THR I 100 12.28 49.28 53.24
CA THR I 100 12.58 47.85 53.36
C THR I 100 11.96 47.23 52.12
N TYR I 101 12.80 46.72 51.23
CA TYR I 101 12.33 46.20 49.95
C TYR I 101 12.11 44.68 50.03
N TYR I 102 10.96 44.19 49.49
CA TYR I 102 10.55 42.77 49.55
C TYR I 102 10.47 42.19 48.16
N CYS I 103 10.98 40.95 48.02
CA CYS I 103 10.84 40.14 46.83
C CYS I 103 9.44 39.55 46.94
N ALA I 104 8.61 39.78 45.90
CA ALA I 104 7.23 39.36 45.83
C ALA I 104 6.88 38.49 44.66
N ARG I 105 6.22 37.35 44.90
CA ARG I 105 5.56 36.56 43.86
C ARG I 105 4.08 36.93 43.88
N PHE I 106 3.54 37.30 42.70
CA PHE I 106 2.16 37.77 42.62
C PHE I 106 1.16 36.79 42.09
N GLY I 107 0.15 36.50 42.92
CA GLY I 107 -0.99 35.64 42.62
C GLY I 107 -2.13 36.53 42.16
N GLY I 108 -3.26 35.94 41.82
CA GLY I 108 -4.38 36.67 41.22
C GLY I 108 -4.82 36.03 39.93
N GLU I 109 -5.67 36.73 39.16
CA GLU I 109 -6.19 36.26 37.87
C GLU I 109 -5.04 36.50 36.87
N VAL I 110 -4.02 35.64 36.96
CA VAL I 110 -2.82 35.59 36.11
C VAL I 110 -2.92 34.54 34.99
N LEU I 111 -2.50 33.26 35.22
CA LEU I 111 -2.51 32.12 34.29
C LEU I 111 -3.61 32.11 33.21
N ARG I 112 -4.90 31.98 33.63
CA ARG I 112 -6.07 32.25 32.82
C ARG I 112 -6.60 33.66 33.23
N TYR I 113 -6.80 34.55 32.23
CA TYR I 113 -7.27 35.93 32.39
C TYR I 113 -8.17 36.37 31.25
N THR I 114 -8.87 37.51 31.44
CA THR I 114 -9.72 38.11 30.43
C THR I 114 -9.14 39.49 30.01
N ASP I 115 -8.90 39.67 28.69
CA ASP I 115 -8.46 40.92 28.09
C ASP I 115 -7.00 41.23 28.43
N TRP I 116 -6.61 41.24 29.71
CA TRP I 116 -5.19 41.38 30.08
C TRP I 116 -4.94 40.79 31.47
N PRO I 117 -3.72 40.30 31.81
CA PRO I 117 -3.51 39.73 33.16
C PRO I 117 -3.78 40.72 34.29
N LYS I 118 -4.47 40.24 35.34
CA LYS I 118 -4.90 40.99 36.51
C LYS I 118 -4.30 40.39 37.81
N PRO I 119 -2.97 40.44 38.10
CA PRO I 119 -2.48 39.87 39.38
C PRO I 119 -3.00 40.76 40.48
N ALA I 120 -3.26 40.20 41.70
CA ALA I 120 -3.83 40.96 42.82
C ALA I 120 -3.31 40.71 44.25
N TRP I 121 -2.34 39.79 44.44
CA TRP I 121 -1.77 39.57 45.78
C TRP I 121 -0.39 38.97 45.82
N VAL I 122 0.32 39.14 46.96
CA VAL I 122 1.69 38.62 47.07
C VAL I 122 1.57 37.14 47.40
N ASP I 123 1.55 36.26 46.37
CA ASP I 123 1.52 34.81 46.64
C ASP I 123 2.61 34.31 47.61
N LEU I 124 3.86 34.76 47.41
CA LEU I 124 4.99 34.30 48.20
C LEU I 124 5.88 35.49 48.58
N TRP I 125 6.20 35.62 49.89
CA TRP I 125 7.04 36.67 50.48
C TRP I 125 8.51 36.25 50.66
N GLY I 126 9.42 37.22 50.53
CA GLY I 126 10.80 37.19 51.00
C GLY I 126 10.83 37.59 52.46
N ARG I 127 12.00 38.08 52.95
CA ARG I 127 12.13 38.56 54.34
C ARG I 127 12.29 40.08 54.46
N GLY I 128 12.94 40.69 53.46
CA GLY I 128 13.11 42.13 53.40
C GLY I 128 14.54 42.60 53.65
N THR I 129 14.90 43.70 53.01
CA THR I 129 16.20 44.32 53.17
C THR I 129 16.03 45.83 53.24
N LEU I 130 16.73 46.46 54.19
CA LEU I 130 16.66 47.91 54.34
C LEU I 130 17.76 48.58 53.53
N VAL I 131 17.37 49.40 52.56
CA VAL I 131 18.34 50.07 51.71
C VAL I 131 18.21 51.55 52.02
N THR I 132 19.34 52.21 52.26
CA THR I 132 19.38 53.64 52.61
C THR I 132 20.39 54.40 51.73
N VAL I 133 20.57 55.72 51.98
CA VAL I 133 21.41 56.62 51.16
C VAL I 133 22.39 57.39 52.06
N SER J 2 46.07 -45.78 33.96
CA SER J 2 45.23 -45.24 35.03
C SER J 2 43.92 -46.04 35.09
N ALA J 3 43.48 -46.42 36.31
CA ALA J 3 42.25 -47.21 36.49
C ALA J 3 41.67 -47.03 37.90
N LEU J 4 40.40 -47.40 38.08
CA LEU J 4 39.77 -47.24 39.38
C LEU J 4 40.02 -48.45 40.26
N THR J 5 40.28 -48.24 41.56
CA THR J 5 40.45 -49.35 42.47
C THR J 5 39.39 -49.45 43.57
N GLN J 6 38.84 -50.68 43.68
CA GLN J 6 37.80 -51.10 44.63
C GLN J 6 38.27 -52.38 45.37
N PRO J 7 38.30 -52.36 46.74
CA PRO J 7 38.53 -53.59 47.50
C PRO J 7 37.52 -54.69 47.16
N PRO J 8 37.93 -55.97 47.11
CA PRO J 8 36.97 -57.04 46.79
C PRO J 8 35.79 -57.19 47.73
N SER J 9 35.62 -56.79 49.26
CA SER J 9 34.22 -57.10 49.50
C SER J 9 33.75 -56.32 50.67
N ALA J 10 32.35 -56.07 50.99
CA ALA J 10 31.84 -55.26 52.18
C ALA J 10 30.89 -55.93 53.27
N SER J 11 30.91 -55.57 54.58
CA SER J 11 30.00 -56.34 55.44
C SER J 11 29.62 -55.66 56.78
N GLY J 12 28.36 -55.88 57.16
CA GLY J 12 27.71 -55.39 58.38
C GLY J 12 26.32 -55.99 58.48
N SER J 13 25.66 -55.83 59.63
CA SER J 13 24.33 -56.41 59.94
C SER J 13 23.21 -55.43 59.50
N PRO J 14 21.92 -55.85 59.38
CA PRO J 14 20.89 -54.86 59.00
C PRO J 14 20.80 -53.69 59.99
N GLY J 15 20.58 -52.50 59.43
CA GLY J 15 20.47 -51.25 60.16
C GLY J 15 21.80 -50.52 60.27
N GLN J 16 22.88 -51.17 59.81
CA GLN J 16 24.23 -50.61 59.79
C GLN J 16 24.45 -49.74 58.55
N SER J 17 25.64 -49.13 58.45
CA SER J 17 26.04 -48.25 57.35
C SER J 17 27.50 -48.41 56.92
N ILE J 18 27.71 -48.65 55.63
CA ILE J 18 29.01 -48.92 55.06
C ILE J 18 29.38 -47.86 54.00
N THR J 19 30.61 -47.34 54.13
CA THR J 19 31.20 -46.40 53.20
C THR J 19 32.25 -47.19 52.46
N ILE J 20 32.12 -47.21 51.12
CA ILE J 20 33.00 -47.88 50.17
C ILE J 20 33.76 -46.91 49.27
N SER J 21 35.11 -47.02 49.26
CA SER J 21 36.06 -46.23 48.46
C SER J 21 36.28 -46.64 46.98
N CYS J 22 36.68 -45.63 46.14
CA CYS J 22 36.99 -45.76 44.70
C CYS J 22 38.20 -44.85 44.35
N THR J 23 39.43 -45.45 44.24
CA THR J 23 40.70 -44.75 44.01
C THR J 23 41.11 -44.69 42.54
N GLY J 24 41.34 -43.46 42.05
CA GLY J 24 41.59 -43.12 40.65
C GLY J 24 41.09 -41.75 40.20
N THR J 25 41.14 -40.79 41.13
CA THR J 25 40.61 -39.41 41.04
C THR J 25 39.58 -38.97 39.98
N SER J 26 39.15 -37.70 40.13
CA SER J 26 38.12 -37.03 39.32
C SER J 26 38.30 -35.50 39.48
N ASN J 27 37.59 -34.57 38.83
CA ASN J 27 36.41 -34.68 37.91
C ASN J 27 35.02 -34.72 38.59
N ASN J 28 33.97 -34.13 38.01
CA ASN J 28 32.69 -34.39 38.64
C ASN J 28 31.99 -35.60 38.04
N PHE J 29 32.65 -36.26 37.04
CA PHE J 29 32.07 -37.36 36.24
C PHE J 29 32.27 -38.69 36.97
N VAL J 30 31.60 -38.83 38.12
CA VAL J 30 31.62 -40.00 38.99
C VAL J 30 30.24 -40.59 39.30
N SER J 31 30.14 -41.91 39.12
CA SER J 31 28.92 -42.72 39.25
C SER J 31 29.14 -44.06 39.94
N TRP J 32 28.05 -44.66 40.50
CA TRP J 32 28.10 -46.01 41.08
C TRP J 32 26.94 -46.87 40.56
N TYR J 33 27.17 -48.19 40.47
CA TYR J 33 26.19 -49.15 39.96
C TYR J 33 26.00 -50.31 40.91
N GLN J 34 24.80 -50.92 40.88
CA GLN J 34 24.44 -52.04 41.74
C GLN J 34 24.12 -53.27 40.90
N GLN J 35 24.78 -54.40 41.17
CA GLN J 35 24.47 -55.62 40.42
C GLN J 35 24.20 -56.86 41.23
N HIS J 36 23.04 -57.47 40.97
CA HIS J 36 22.68 -58.71 41.61
C HIS J 36 23.04 -59.86 40.70
N ALA J 37 23.24 -61.05 41.29
CA ALA J 37 23.63 -62.26 40.58
C ALA J 37 22.55 -62.60 39.58
N GLY J 38 22.95 -62.74 38.32
CA GLY J 38 22.05 -63.13 37.25
C GLY J 38 21.21 -61.93 36.83
N LYS J 39 21.70 -60.70 37.13
CA LYS J 39 21.04 -59.42 36.84
C LYS J 39 22.05 -58.38 36.30
N ALA J 40 21.55 -57.51 35.40
CA ALA J 40 22.24 -56.37 34.79
C ALA J 40 22.51 -55.24 35.82
N PRO J 41 23.67 -54.54 35.83
CA PRO J 41 23.87 -53.43 36.78
C PRO J 41 22.84 -52.31 36.66
N LYS J 42 22.47 -51.69 37.81
CA LYS J 42 21.53 -50.56 37.91
C LYS J 42 22.31 -49.30 38.34
N LEU J 43 22.05 -48.15 37.68
CA LEU J 43 22.66 -46.88 38.08
C LEU J 43 22.13 -46.47 39.48
N VAL J 44 23.03 -46.35 40.47
CA VAL J 44 22.67 -45.92 41.84
C VAL J 44 22.79 -44.41 42.04
N ILE J 45 23.92 -43.82 41.54
CA ILE J 45 24.29 -42.40 41.65
C ILE J 45 25.32 -41.93 40.61
N TYR J 46 25.20 -40.65 40.21
CA TYR J 46 25.95 -39.91 39.18
C TYR J 46 26.19 -38.48 39.70
N ASP J 47 27.11 -37.69 39.06
CA ASP J 47 27.53 -36.32 39.45
C ASP J 47 27.82 -36.30 40.95
N VAL J 48 28.48 -37.37 41.42
CA VAL J 48 28.90 -37.55 42.82
C VAL J 48 27.71 -37.69 43.78
N ASN J 49 26.94 -36.59 43.90
CA ASN J 49 25.77 -36.37 44.76
C ASN J 49 24.37 -36.64 44.21
N LYS J 50 24.19 -36.99 42.92
CA LYS J 50 22.85 -37.14 42.35
C LYS J 50 22.24 -38.53 42.10
N ARG J 51 21.11 -38.79 42.75
CA ARG J 51 20.30 -40.01 42.69
C ARG J 51 19.25 -39.91 41.58
N PRO J 52 19.24 -40.89 40.64
CA PRO J 52 18.15 -40.94 39.66
C PRO J 52 16.84 -41.47 40.28
N SER J 53 15.69 -41.13 39.67
CA SER J 53 14.36 -41.50 40.19
C SER J 53 14.18 -42.96 40.57
N GLY J 54 14.01 -43.18 41.87
CA GLY J 54 13.69 -44.48 42.45
C GLY J 54 14.68 -44.97 43.47
N VAL J 55 15.89 -44.41 43.41
CA VAL J 55 17.03 -44.78 44.25
C VAL J 55 16.69 -44.26 45.65
N PRO J 56 16.59 -45.13 46.71
CA PRO J 56 16.26 -44.61 48.05
C PRO J 56 17.20 -43.53 48.59
N ASP J 57 16.64 -42.70 49.47
CA ASP J 57 17.21 -41.53 50.11
C ASP J 57 18.37 -41.89 51.01
N ARG J 58 18.51 -43.18 51.40
CA ARG J 58 19.56 -43.66 52.29
C ARG J 58 20.88 -44.03 51.55
N PHE J 59 20.91 -43.78 50.23
CA PHE J 59 22.08 -44.02 49.41
C PHE J 59 22.68 -42.63 49.13
N SER J 60 24.01 -42.47 49.36
CA SER J 60 24.74 -41.24 49.04
C SER J 60 26.27 -41.28 49.17
N GLY J 61 26.93 -40.72 48.15
CA GLY J 61 28.39 -40.62 48.01
C GLY J 61 29.01 -39.23 48.19
N SER J 62 30.31 -39.17 47.93
CA SER J 62 31.13 -37.97 47.98
C SER J 62 32.47 -38.27 47.34
N LYS J 63 33.46 -37.36 47.51
CA LYS J 63 34.83 -37.51 46.98
C LYS J 63 35.86 -36.57 47.62
N SER J 64 37.15 -36.98 47.57
CA SER J 64 38.22 -36.12 48.08
C SER J 64 39.53 -36.59 47.51
N GLY J 65 40.18 -35.70 46.77
CA GLY J 65 41.50 -35.98 46.21
C GLY J 65 41.45 -37.04 45.14
N ASN J 66 42.00 -38.23 45.43
CA ASN J 66 42.15 -39.31 44.45
C ASN J 66 41.09 -40.41 44.67
N THR J 67 40.26 -40.24 45.71
CA THR J 67 39.26 -41.22 46.10
C THR J 67 37.87 -40.70 46.29
N ALA J 68 36.91 -41.42 45.67
CA ALA J 68 35.46 -41.21 45.78
C ALA J 68 34.87 -42.27 46.71
N SER J 69 33.67 -42.03 47.22
CA SER J 69 33.03 -42.95 48.13
C SER J 69 31.53 -43.00 47.96
N LEU J 70 30.92 -44.11 48.36
CA LEU J 70 29.49 -44.28 48.36
C LEU J 70 29.20 -44.83 49.72
N THR J 71 28.26 -44.20 50.44
CA THR J 71 27.76 -44.66 51.73
C THR J 71 26.33 -45.23 51.57
N VAL J 72 26.10 -46.47 52.08
CA VAL J 72 24.76 -47.09 52.06
C VAL J 72 24.38 -47.25 53.51
N SER J 73 23.35 -46.51 53.94
CA SER J 73 22.89 -46.56 55.33
C SER J 73 21.59 -47.36 55.46
N GLY J 74 21.44 -48.05 56.59
CA GLY J 74 20.23 -48.78 56.92
C GLY J 74 20.17 -50.05 56.10
N LEU J 75 21.17 -50.92 56.29
CA LEU J 75 21.34 -52.16 55.53
C LEU J 75 20.18 -53.13 55.71
N GLN J 76 19.83 -53.82 54.62
CA GLN J 76 18.83 -54.89 54.57
C GLN J 76 19.19 -55.96 53.55
N THR J 77 18.47 -57.08 53.56
CA THR J 77 18.68 -58.25 52.71
C THR J 77 18.92 -57.93 51.22
N ASP J 78 18.08 -57.08 50.61
CA ASP J 78 18.19 -56.68 49.20
C ASP J 78 19.41 -55.85 48.85
N ASP J 79 20.13 -55.32 49.86
CA ASP J 79 21.30 -54.49 49.62
C ASP J 79 22.54 -55.24 49.17
N GLU J 80 22.53 -56.59 49.38
CA GLU J 80 23.60 -57.52 49.05
C GLU J 80 23.62 -57.65 47.53
N ALA J 81 24.74 -57.21 46.96
CA ALA J 81 24.99 -57.06 45.54
C ALA J 81 26.46 -56.65 45.33
N VAL J 82 26.92 -56.68 44.06
CA VAL J 82 28.25 -56.24 43.67
C VAL J 82 28.12 -54.82 43.17
N TYR J 83 28.95 -53.91 43.72
CA TYR J 83 28.89 -52.50 43.38
C TYR J 83 30.10 -52.03 42.60
N TYR J 84 29.89 -51.17 41.58
CA TYR J 84 30.97 -50.65 40.76
C TYR J 84 30.91 -49.12 40.78
N CYS J 85 32.07 -48.46 40.82
CA CYS J 85 32.20 -47.02 40.65
C CYS J 85 32.64 -46.79 39.17
N GLY J 86 32.36 -45.60 38.62
CA GLY J 86 32.73 -45.25 37.25
C GLY J 86 33.22 -43.83 37.11
N SER J 87 34.19 -43.57 36.22
CA SER J 87 34.81 -42.25 36.01
C SER J 87 35.18 -41.99 34.54
N LEU J 88 34.94 -40.74 34.11
CA LEU J 88 35.28 -40.28 32.76
C LEU J 88 36.73 -39.76 32.78
N VAL J 89 37.60 -40.35 31.96
CA VAL J 89 39.02 -40.03 31.97
C VAL J 89 39.55 -39.51 30.64
N GLY J 90 40.36 -38.45 30.76
CA GLY J 90 41.12 -37.84 29.68
C GLY J 90 40.34 -37.10 28.61
N ASN J 91 39.59 -37.85 27.81
CA ASN J 91 38.83 -37.24 26.74
C ASN J 91 37.42 -37.78 26.73
N TRP J 92 37.31 -39.12 26.75
CA TRP J 92 36.04 -39.82 26.82
C TRP J 92 36.16 -41.24 27.39
N ASP J 93 37.30 -41.55 28.01
CA ASP J 93 37.56 -42.90 28.47
C ASP J 93 36.67 -43.31 29.67
N VAL J 94 35.74 -44.26 29.47
CA VAL J 94 34.89 -44.70 30.57
C VAL J 94 35.50 -45.86 31.38
N ILE J 95 35.94 -45.57 32.65
CA ILE J 95 36.58 -46.55 33.54
C ILE J 95 35.66 -47.04 34.61
N PHE J 96 35.69 -48.35 34.83
CA PHE J 96 34.95 -49.07 35.84
C PHE J 96 35.96 -49.58 36.89
N GLY J 97 35.57 -49.63 38.15
CA GLY J 97 36.41 -50.19 39.19
C GLY J 97 36.32 -51.71 39.15
N GLY J 98 37.07 -52.36 40.02
CA GLY J 98 37.15 -53.81 40.08
C GLY J 98 35.82 -54.41 40.51
N GLY J 99 35.17 -53.70 41.44
CA GLY J 99 33.90 -54.07 42.03
C GLY J 99 34.11 -54.58 43.43
N THR J 100 33.14 -54.24 44.33
CA THR J 100 33.12 -54.56 45.76
C THR J 100 31.79 -55.28 45.98
N LYS J 101 31.86 -56.53 46.44
CA LYS J 101 30.69 -57.36 46.70
C LYS J 101 30.31 -57.16 48.16
N LEU J 102 29.14 -56.50 48.38
CA LEU J 102 28.64 -56.19 49.73
C LEU J 102 27.63 -57.23 50.26
N THR J 103 27.81 -57.71 51.52
CA THR J 103 26.91 -58.64 52.16
C THR J 103 26.33 -58.13 53.45
N VAL J 104 25.00 -58.20 53.59
CA VAL J 104 24.31 -57.86 54.82
C VAL J 104 24.05 -59.16 55.62
N SER K 2 -7.44 57.73 44.59
CA SER K 2 -8.20 56.67 45.25
C SER K 2 -7.25 55.78 46.06
N ALA K 3 -7.61 55.45 47.30
CA ALA K 3 -6.76 54.62 48.18
C ALA K 3 -7.59 53.91 49.25
N LEU K 4 -7.00 52.88 49.89
CA LEU K 4 -7.73 52.13 50.90
C LEU K 4 -7.57 52.80 52.27
N THR K 5 -8.65 52.84 53.06
CA THR K 5 -8.54 53.36 54.41
C THR K 5 -8.82 52.35 55.52
N GLN K 6 -7.86 52.33 56.47
CA GLN K 6 -7.82 51.49 57.67
C GLN K 6 -7.61 52.36 58.93
N PRO K 7 -8.51 52.26 59.95
CA PRO K 7 -8.26 52.92 61.24
C PRO K 7 -6.94 52.46 61.87
N PRO K 8 -6.19 53.37 62.54
CA PRO K 8 -4.92 52.94 63.16
C PRO K 8 -5.01 51.84 64.21
N SER K 9 -6.21 51.40 65.15
CA SER K 9 -5.65 50.24 65.82
C SER K 9 -6.77 49.40 66.32
N ALA K 10 -6.66 47.99 66.70
CA ALA K 10 -7.78 47.10 67.20
C ALA K 10 -7.70 46.43 68.64
N SER K 11 -8.79 46.20 69.40
CA SER K 11 -8.51 45.61 70.72
C SER K 11 -9.69 44.88 71.40
N GLY K 12 -9.36 43.79 72.08
CA GLY K 12 -10.25 42.91 72.83
C GLY K 12 -9.41 41.87 73.57
N SER K 13 -10.03 41.10 74.49
CA SER K 13 -9.36 40.11 75.35
C SER K 13 -9.34 38.72 74.64
N PRO K 14 -8.53 37.72 75.08
CA PRO K 14 -8.57 36.42 74.39
C PRO K 14 -9.97 35.79 74.43
N GLY K 15 -10.33 35.16 73.32
CA GLY K 15 -11.61 34.50 73.12
C GLY K 15 -12.65 35.39 72.48
N GLN K 16 -12.30 36.68 72.30
CA GLN K 16 -13.14 37.69 71.67
C GLN K 16 -13.00 37.63 70.14
N SER K 17 -13.79 38.49 69.44
CA SER K 17 -13.79 38.58 67.98
C SER K 17 -13.93 40.01 67.46
N ILE K 18 -13.02 40.40 66.58
CA ILE K 18 -12.92 41.74 66.04
C ILE K 18 -13.08 41.75 64.52
N THR K 19 -13.95 42.64 64.04
CA THR K 19 -14.19 42.88 62.63
C THR K 19 -13.55 44.22 62.34
N ILE K 20 -12.62 44.20 61.36
CA ILE K 20 -11.88 45.36 60.89
C ILE K 20 -12.21 45.73 59.43
N SER K 21 -12.61 47.00 59.21
CA SER K 21 -12.97 47.63 57.92
C SER K 21 -11.82 48.11 57.02
N CYS K 22 -12.09 48.14 55.67
CA CYS K 22 -11.18 48.58 54.59
C CYS K 22 -11.99 49.35 53.51
N THR K 23 -11.95 50.71 53.56
CA THR K 23 -12.73 51.62 52.68
C THR K 23 -11.97 52.09 51.44
N GLY K 24 -12.57 51.84 50.26
CA GLY K 24 -11.98 52.04 48.94
C GLY K 24 -12.43 51.07 47.86
N THR K 25 -13.70 50.65 47.96
CA THR K 25 -14.38 49.62 47.15
C THR K 25 -13.62 48.58 46.28
N SER K 26 -14.43 47.68 45.69
CA SER K 26 -13.99 46.53 44.88
C SER K 26 -15.20 46.07 44.01
N ASN K 27 -15.14 45.09 43.09
CA ASN K 27 -14.06 44.14 42.71
C ASN K 27 -13.98 42.83 43.54
N ASN K 28 -13.62 41.68 42.95
CA ASN K 28 -13.40 40.57 43.86
C ASN K 28 -11.94 40.47 44.29
N PHE K 29 -11.09 41.41 43.81
CA PHE K 29 -9.63 41.40 43.99
C PHE K 29 -9.26 42.06 45.34
N VAL K 30 -9.69 41.42 46.43
CA VAL K 30 -9.46 41.83 47.82
C VAL K 30 -8.78 40.79 48.70
N SER K 31 -7.73 41.23 49.40
CA SER K 31 -6.83 40.44 50.24
C SER K 31 -6.46 41.12 51.56
N TRP K 32 -6.04 40.33 52.57
CA TRP K 32 -5.51 40.87 53.84
C TRP K 32 -4.19 40.20 54.23
N TYR K 33 -3.32 40.95 54.92
CA TYR K 33 -1.99 40.48 55.33
C TYR K 33 -1.76 40.70 56.80
N GLN K 34 -0.90 39.86 57.40
CA GLN K 34 -0.57 39.90 58.82
C GLN K 34 0.92 40.18 59.02
N GLN K 35 1.27 41.22 59.78
CA GLN K 35 2.69 41.48 60.03
C GLN K 35 3.09 41.67 61.46
N HIS K 36 4.08 40.88 61.89
CA HIS K 36 4.63 41.01 63.21
C HIS K 36 5.88 41.86 63.16
N ALA K 37 6.23 42.48 64.30
CA ALA K 37 7.36 43.39 64.44
C ALA K 37 8.62 42.62 64.11
N GLY K 38 9.38 43.13 63.15
CA GLY K 38 10.66 42.56 62.76
C GLY K 38 10.43 41.34 61.89
N LYS K 39 9.22 41.27 61.26
CA LYS K 39 8.78 40.18 60.38
C LYS K 39 8.08 40.72 59.11
N ALA K 40 8.24 39.99 58.00
CA ALA K 40 7.63 40.21 56.69
C ALA K 40 6.10 39.91 56.71
N PRO K 41 5.21 40.69 56.05
CA PRO K 41 3.78 40.35 56.05
C PRO K 41 3.46 38.97 55.47
N LYS K 42 2.43 38.28 56.03
CA LYS K 42 1.94 36.97 55.61
C LYS K 42 0.53 37.14 54.99
N LEU K 43 0.28 36.49 53.83
CA LEU K 43 -1.05 36.51 53.23
C LEU K 43 -2.05 35.73 54.14
N VAL K 44 -3.09 36.42 54.65
CA VAL K 44 -4.13 35.82 55.48
C VAL K 44 -5.33 35.31 54.67
N ILE K 45 -5.80 36.13 53.70
CA ILE K 45 -6.96 35.90 52.83
C ILE K 45 -6.97 36.74 51.53
N TYR K 46 -7.54 36.14 50.46
CA TYR K 46 -7.64 36.60 49.07
C TYR K 46 -9.02 36.20 48.52
N ASP K 47 -9.47 36.78 47.36
CA ASP K 47 -10.79 36.58 46.73
C ASP K 47 -11.88 36.71 47.79
N VAL K 48 -11.71 37.70 48.67
CA VAL K 48 -12.63 38.05 49.75
C VAL K 48 -12.73 36.94 50.82
N ASN K 49 -13.28 35.78 50.39
CA ASN K 49 -13.57 34.57 51.14
C ASN K 49 -12.53 33.45 51.19
N LYS K 50 -11.40 33.53 50.46
CA LYS K 50 -10.45 32.40 50.40
C LYS K 50 -9.14 32.43 51.19
N ARG K 51 -8.98 31.45 52.08
CA ARG K 51 -7.83 31.21 52.95
C ARG K 51 -6.80 30.30 52.28
N PRO K 52 -5.54 30.77 52.17
CA PRO K 52 -4.48 29.87 51.69
C PRO K 52 -4.06 28.84 52.74
N SER K 53 -3.48 27.71 52.31
CA SER K 53 -3.10 26.59 53.21
C SER K 53 -2.29 27.00 54.44
N GLY K 54 -2.92 26.82 55.59
CA GLY K 54 -2.32 27.00 56.90
C GLY K 54 -3.00 28.02 57.77
N VAL K 55 -3.76 28.91 57.14
CA VAL K 55 -4.46 30.03 57.77
C VAL K 55 -5.60 29.40 58.58
N PRO K 56 -5.66 29.56 59.94
CA PRO K 56 -6.76 28.95 60.70
C PRO K 56 -8.17 29.32 60.25
N ASP K 57 -9.10 28.41 60.51
CA ASP K 57 -10.52 28.41 60.16
C ASP K 57 -11.26 29.53 60.82
N ARG K 58 -10.69 30.15 61.89
CA ARG K 58 -11.31 31.24 62.64
C ARG K 58 -11.06 32.64 62.04
N PHE K 59 -10.39 32.68 60.88
CA PHE K 59 -10.10 33.91 60.16
C PHE K 59 -11.08 33.92 58.97
N SER K 60 -11.81 35.05 58.78
CA SER K 60 -12.69 35.24 57.61
C SER K 60 -13.29 36.65 57.42
N GLY K 61 -13.25 37.11 56.16
CA GLY K 61 -13.74 38.40 55.71
C GLY K 61 -15.01 38.40 54.85
N SER K 62 -15.34 39.58 54.35
CA SER K 62 -16.48 39.83 53.48
C SER K 62 -16.34 41.24 52.90
N LYS K 63 -17.41 41.75 52.25
CA LYS K 63 -17.45 43.11 51.66
C LYS K 63 -18.86 43.61 51.36
N SER K 64 -19.03 44.95 51.31
CA SER K 64 -20.32 45.55 50.93
C SER K 64 -20.08 46.98 50.53
N GLY K 65 -20.44 47.28 49.29
CA GLY K 65 -20.36 48.64 48.76
C GLY K 65 -18.92 49.10 48.61
N ASN K 66 -18.51 50.06 49.46
CA ASN K 66 -17.21 50.71 49.35
C ASN K 66 -16.23 50.17 50.41
N THR K 67 -16.73 49.26 51.26
CA THR K 67 -15.96 48.71 52.37
C THR K 67 -15.94 47.22 52.49
N ALA K 68 -14.71 46.68 52.66
CA ALA K 68 -14.41 45.27 52.91
C ALA K 68 -14.08 45.09 54.39
N SER K 69 -14.15 43.84 54.87
CA SER K 69 -13.89 43.57 56.28
C SER K 69 -13.21 42.23 56.48
N LEU K 70 -12.51 42.10 57.60
CA LEU K 70 -11.88 40.86 58.00
C LEU K 70 -12.28 40.71 59.43
N THR K 71 -12.85 39.53 59.79
CA THR K 71 -13.19 39.15 61.15
C THR K 71 -12.19 38.09 61.67
N VAL K 72 -11.61 38.35 62.87
CA VAL K 72 -10.71 37.38 63.52
C VAL K 72 -11.40 36.96 64.79
N SER K 73 -11.81 35.70 64.87
CA SER K 73 -12.51 35.20 66.06
C SER K 73 -11.59 34.32 66.92
N GLY K 74 -11.81 34.38 68.23
CA GLY K 74 -11.10 33.53 69.19
C GLY K 74 -9.69 34.05 69.37
N LEU K 75 -9.57 35.31 69.83
CA LEU K 75 -8.31 36.02 69.99
C LEU K 75 -7.37 35.34 70.96
N GLN K 76 -6.07 35.39 70.64
CA GLN K 76 -4.96 34.91 71.46
C GLN K 76 -3.71 35.75 71.28
N THR K 77 -2.70 35.55 72.14
CA THR K 77 -1.43 36.28 72.17
C THR K 77 -0.77 36.49 70.79
N ASP K 78 -0.66 35.43 69.98
CA ASP K 78 -0.04 35.47 68.64
C ASP K 78 -0.81 36.29 67.61
N ASP K 79 -2.08 36.66 67.91
CA ASP K 79 -2.91 37.40 66.96
C ASP K 79 -2.54 38.87 66.84
N GLU K 80 -1.77 39.38 67.83
CA GLU K 80 -1.30 40.77 67.93
C GLU K 80 -0.25 40.96 66.85
N ALA K 81 -0.58 41.85 65.91
CA ALA K 81 0.16 42.12 64.69
C ALA K 81 -0.51 43.32 63.98
N VAL K 82 0.18 43.85 62.94
CA VAL K 82 -0.34 44.92 62.10
C VAL K 82 -0.93 44.27 60.87
N TYR K 83 -2.19 44.62 60.55
CA TYR K 83 -2.90 44.02 59.43
C TYR K 83 -3.15 45.00 58.30
N TYR K 84 -2.98 44.54 57.05
CA TYR K 84 -3.21 45.38 55.88
C TYR K 84 -4.22 44.72 54.95
N CYS K 85 -5.11 45.51 54.33
CA CYS K 85 -6.01 45.04 53.29
C CYS K 85 -5.36 45.47 51.93
N GLY K 86 -5.71 44.79 50.84
CA GLY K 86 -5.18 45.09 49.51
C GLY K 86 -6.24 44.98 48.42
N SER K 87 -6.18 45.83 47.39
CA SER K 87 -7.14 45.89 46.29
C SER K 87 -6.50 46.23 44.93
N LEU K 88 -6.98 45.55 43.88
CA LEU K 88 -6.54 45.78 42.50
C LEU K 88 -7.43 46.89 41.90
N VAL K 89 -6.81 47.98 41.47
CA VAL K 89 -7.54 49.15 40.97
C VAL K 89 -7.21 49.53 39.54
N GLY K 90 -8.29 49.83 38.81
CA GLY K 90 -8.27 50.37 37.46
C GLY K 90 -7.80 49.44 36.35
N ASN K 91 -6.51 49.13 36.37
CA ASN K 91 -5.96 48.27 35.33
C ASN K 91 -5.09 47.21 35.94
N TRP K 92 -4.15 47.64 36.81
CA TRP K 92 -3.28 46.76 37.56
C TRP K 92 -2.73 47.40 38.84
N ASP K 93 -3.32 48.51 39.28
CA ASP K 93 -2.81 49.27 40.40
C ASP K 93 -2.99 48.52 41.74
N VAL K 94 -1.90 48.07 42.37
CA VAL K 94 -2.00 47.37 43.65
C VAL K 94 -1.96 48.34 44.86
N ILE K 95 -3.14 48.52 45.55
CA ILE K 95 -3.29 49.43 46.71
C ILE K 95 -3.31 48.70 48.01
N PHE K 96 -2.59 49.24 48.98
CA PHE K 96 -2.50 48.77 50.35
C PHE K 96 -3.18 49.81 51.25
N GLY K 97 -3.82 49.37 52.31
CA GLY K 97 -4.42 50.29 53.28
C GLY K 97 -3.33 50.81 54.20
N GLY K 98 -3.74 51.70 55.11
CA GLY K 98 -2.81 52.35 56.04
C GLY K 98 -2.22 51.34 57.02
N GLY K 99 -3.07 50.38 57.41
CA GLY K 99 -2.75 49.34 58.35
C GLY K 99 -3.38 49.61 59.68
N THR K 100 -3.86 48.52 60.35
CA THR K 100 -4.56 48.51 61.63
C THR K 100 -3.73 47.59 62.53
N LYS K 101 -3.22 48.11 63.63
CA LYS K 101 -2.41 47.36 64.59
C LYS K 101 -3.36 46.80 65.65
N LEU K 102 -3.53 45.45 65.65
CA LEU K 102 -4.44 44.76 66.58
C LEU K 102 -3.72 44.22 67.83
N THR K 103 -4.29 44.47 69.04
CA THR K 103 -3.73 43.98 70.30
C THR K 103 -4.72 43.13 71.08
N VAL K 104 -4.28 41.95 71.50
CA VAL K 104 -5.07 41.08 72.38
C VAL K 104 -4.61 41.31 73.83
N SER L 2 -65.16 -33.59 -0.35
CA SER L 2 -64.59 -33.90 0.95
C SER L 2 -64.87 -32.74 1.91
N ALA L 3 -65.32 -33.04 3.14
CA ALA L 3 -65.64 -32.01 4.14
C ALA L 3 -65.56 -32.54 5.57
N LEU L 4 -65.48 -31.65 6.56
CA LEU L 4 -65.37 -32.09 7.94
C LEU L 4 -66.75 -32.32 8.54
N THR L 5 -66.91 -33.39 9.34
CA THR L 5 -68.18 -33.61 10.02
C THR L 5 -68.13 -33.53 11.54
N GLN L 6 -69.07 -32.72 12.08
CA GLN L 6 -69.28 -32.45 13.49
C GLN L 6 -70.76 -32.70 13.86
N PRO L 7 -71.03 -33.57 14.88
CA PRO L 7 -72.41 -33.70 15.41
C PRO L 7 -72.97 -32.36 15.89
N PRO L 8 -74.28 -32.09 15.69
CA PRO L 8 -74.85 -30.82 16.15
C PRO L 8 -74.75 -30.54 17.65
N SER L 9 -74.64 -31.52 18.88
CA SER L 9 -74.49 -30.61 19.99
C SER L 9 -73.85 -31.32 21.12
N ALA L 10 -73.19 -30.69 22.25
CA ALA L 10 -72.51 -31.39 23.42
C ALA L 10 -73.02 -31.15 24.90
N SER L 11 -72.96 -32.12 25.86
CA SER L 11 -73.52 -31.72 27.16
C SER L 11 -73.05 -32.56 28.37
N GLY L 12 -72.87 -31.88 29.50
CA GLY L 12 -72.45 -32.38 30.80
C GLY L 12 -72.52 -31.27 31.83
N SER L 13 -72.37 -31.59 33.12
CA SER L 13 -72.50 -30.64 34.25
C SER L 13 -71.11 -30.02 34.58
N PRO L 14 -71.01 -28.90 35.35
CA PRO L 14 -69.66 -28.37 35.65
C PRO L 14 -68.78 -29.40 36.35
N GLY L 15 -67.50 -29.38 35.97
CA GLY L 15 -66.47 -30.27 36.51
C GLY L 15 -66.30 -31.53 35.67
N GLN L 16 -67.18 -31.71 34.68
CA GLN L 16 -67.15 -32.83 33.75
C GLN L 16 -66.17 -32.56 32.59
N SER L 17 -66.01 -33.56 31.70
CA SER L 17 -65.13 -33.49 30.53
C SER L 17 -65.72 -34.16 29.28
N ILE L 18 -65.72 -33.41 28.18
CA ILE L 18 -66.33 -33.82 26.93
C ILE L 18 -65.28 -33.86 25.80
N THR L 19 -65.26 -34.97 25.06
CA THR L 19 -64.43 -35.18 23.90
C THR L 19 -65.36 -35.10 22.72
N ILE L 20 -65.05 -34.17 21.80
CA ILE L 20 -65.79 -33.92 20.56
C ILE L 20 -64.99 -34.27 19.30
N SER L 21 -65.56 -35.13 18.43
CA SER L 21 -65.02 -35.60 17.14
C SER L 21 -65.16 -34.68 15.92
N CYS L 22 -64.22 -34.83 14.93
CA CYS L 22 -64.14 -34.10 13.65
C CYS L 22 -63.67 -35.06 12.54
N THR L 23 -64.64 -35.58 11.71
CA THR L 23 -64.40 -36.59 10.66
C THR L 23 -64.18 -35.98 9.27
N GLY L 24 -63.04 -36.34 8.65
CA GLY L 24 -62.53 -35.77 7.40
C GLY L 24 -61.02 -35.71 7.27
N THR L 25 -60.35 -36.71 7.87
CA THR L 25 -58.89 -36.85 8.04
C THR L 25 -57.89 -35.68 7.86
N SER L 26 -56.62 -36.00 8.14
CA SER L 26 -55.47 -35.07 8.14
C SER L 26 -54.18 -35.92 8.03
N ASN L 27 -52.93 -35.39 7.92
CA ASN L 27 -52.43 -34.00 7.99
C ASN L 27 -52.12 -33.46 9.41
N ASN L 28 -51.08 -32.63 9.59
CA ASN L 28 -51.00 -32.06 10.94
C ASN L 28 -51.73 -30.71 11.02
N PHE L 29 -52.35 -30.28 9.89
CA PHE L 29 -52.97 -28.96 9.73
C PHE L 29 -54.42 -29.00 10.27
N VAL L 30 -54.54 -29.21 11.59
CA VAL L 30 -55.80 -29.27 12.34
C VAL L 30 -55.91 -28.30 13.51
N SER L 31 -57.04 -27.58 13.55
CA SER L 31 -57.37 -26.51 14.49
C SER L 31 -58.82 -26.54 14.98
N TRP L 32 -59.08 -25.92 16.15
CA TRP L 32 -60.46 -25.76 16.67
C TRP L 32 -60.72 -24.31 17.11
N TYR L 33 -61.98 -23.88 16.99
CA TYR L 33 -62.40 -22.51 17.31
C TYR L 33 -63.58 -22.50 18.24
N GLN L 34 -63.71 -21.43 19.05
CA GLN L 34 -64.78 -21.27 20.03
C GLN L 34 -65.61 -20.03 19.68
N GLN L 35 -66.94 -20.19 19.55
CA GLN L 35 -67.77 -19.01 19.29
C GLN L 35 -68.98 -18.84 20.17
N HIS L 36 -69.06 -17.64 20.77
CA HIS L 36 -70.20 -17.30 21.58
C HIS L 36 -71.20 -16.50 20.76
N ALA L 37 -72.47 -16.53 21.17
CA ALA L 37 -73.57 -15.87 20.48
C ALA L 37 -73.28 -14.38 20.43
N GLY L 38 -73.28 -13.82 19.23
CA GLY L 38 -73.10 -12.39 19.03
C GLY L 38 -71.63 -12.05 19.16
N LYS L 39 -70.74 -13.07 18.98
CA LYS L 39 -69.28 -12.96 19.08
C LYS L 39 -68.57 -13.72 17.94
N ALA L 40 -67.42 -13.18 17.50
CA ALA L 40 -66.50 -13.73 16.50
C ALA L 40 -65.78 -15.01 17.03
N PRO L 41 -65.56 -16.09 16.22
CA PRO L 41 -64.82 -17.26 16.74
C PRO L 41 -63.40 -16.93 17.21
N LYS L 42 -62.94 -17.65 18.28
CA LYS L 42 -61.60 -17.54 18.88
C LYS L 42 -60.83 -18.83 18.59
N LEU L 43 -59.54 -18.71 18.17
CA LEU L 43 -58.69 -19.89 17.97
C LEU L 43 -58.41 -20.56 19.36
N VAL L 44 -58.83 -21.82 19.52
CA VAL L 44 -58.59 -22.60 20.75
C VAL L 44 -57.30 -23.41 20.70
N ILE L 45 -57.06 -24.11 19.55
CA ILE L 45 -55.93 -25.00 19.28
C ILE L 45 -55.65 -25.24 17.78
N TYR L 46 -54.35 -25.43 17.46
CA TYR L 46 -53.73 -25.61 16.14
C TYR L 46 -52.61 -26.67 16.26
N ASP L 47 -52.10 -27.22 15.11
CA ASP L 47 -51.09 -28.29 15.03
C ASP L 47 -51.47 -29.41 15.98
N VAL L 48 -52.78 -29.72 16.00
CA VAL L 48 -53.39 -30.79 16.80
C VAL L 48 -53.29 -30.53 18.32
N ASN L 49 -52.04 -30.53 18.81
CA ASN L 49 -51.60 -30.36 20.19
C ASN L 49 -51.24 -28.96 20.71
N LYS L 50 -51.23 -27.91 19.87
CA LYS L 50 -50.75 -26.59 20.32
C LYS L 50 -51.75 -25.45 20.63
N ARG L 51 -51.73 -24.99 21.88
CA ARG L 51 -52.54 -23.91 22.45
C ARG L 51 -51.85 -22.55 22.28
N PRO L 52 -52.54 -21.58 21.66
CA PRO L 52 -51.99 -20.21 21.62
C PRO L 52 -52.14 -19.50 22.97
N SER L 53 -51.29 -18.48 23.22
CA SER L 53 -51.27 -17.76 24.50
C SER L 53 -52.62 -17.29 25.03
N GLY L 54 -53.02 -17.87 26.15
CA GLY L 54 -54.21 -17.50 26.90
C GLY L 54 -55.22 -18.59 27.07
N VAL L 55 -55.13 -19.60 26.20
CA VAL L 55 -56.05 -20.73 26.14
C VAL L 55 -55.75 -21.59 27.38
N PRO L 56 -56.72 -21.82 28.31
CA PRO L 56 -56.41 -22.63 29.50
C PRO L 56 -55.87 -24.03 29.22
N ASP L 57 -55.09 -24.53 30.18
CA ASP L 57 -54.35 -25.80 30.21
C ASP L 57 -55.29 -26.99 30.17
N ARG L 58 -56.60 -26.79 30.48
CA ARG L 58 -57.60 -27.86 30.51
C ARG L 58 -58.24 -28.15 29.13
N PHE L 59 -57.76 -27.46 28.09
CA PHE L 59 -58.22 -27.64 26.73
C PHE L 59 -57.12 -28.44 26.02
N SER L 60 -57.50 -29.54 25.32
CA SER L 60 -56.55 -30.34 24.50
C SER L 60 -57.16 -31.43 23.61
N GLY L 61 -56.69 -31.47 22.37
CA GLY L 61 -57.08 -32.42 21.32
C GLY L 61 -56.08 -33.50 20.94
N SER L 62 -56.43 -34.25 19.91
CA SER L 62 -55.63 -35.31 19.31
C SER L 62 -56.25 -35.71 17.98
N LYS L 63 -55.81 -36.84 17.40
CA LYS L 63 -56.33 -37.38 16.12
C LYS L 63 -55.97 -38.84 15.87
N SER L 64 -56.79 -39.53 15.04
CA SER L 64 -56.50 -40.92 14.66
C SER L 64 -57.27 -41.25 13.42
N GLY L 65 -56.54 -41.60 12.37
CA GLY L 65 -57.14 -42.03 11.11
C GLY L 65 -57.88 -40.90 10.42
N ASN L 66 -59.22 -40.98 10.37
CA ASN L 66 -60.06 -40.04 9.62
C ASN L 66 -60.72 -39.02 10.55
N THR L 67 -60.48 -39.17 11.87
CA THR L 67 -61.10 -38.33 12.89
C THR L 67 -60.17 -37.72 13.89
N ALA L 68 -60.35 -36.40 14.10
CA ALA L 68 -59.68 -35.57 15.11
C ALA L 68 -60.62 -35.32 16.28
N SER L 69 -60.07 -34.92 17.41
CA SER L 69 -60.89 -34.68 18.59
C SER L 69 -60.35 -33.54 19.44
N LEU L 70 -61.23 -32.93 20.21
CA LEU L 70 -60.88 -31.90 21.15
C LEU L 70 -61.56 -32.32 22.43
N THR L 71 -60.80 -32.37 23.53
CA THR L 71 -61.31 -32.64 24.88
C THR L 71 -61.29 -31.35 25.72
N VAL L 72 -62.44 -31.01 26.35
CA VAL L 72 -62.53 -29.85 27.25
C VAL L 72 -62.82 -30.42 28.62
N SER L 73 -61.88 -30.29 29.54
CA SER L 73 -62.05 -30.81 30.90
C SER L 73 -62.34 -29.69 31.91
N GLY L 74 -63.16 -30.01 32.91
CA GLY L 74 -63.47 -29.10 34.00
C GLY L 74 -64.42 -28.04 33.53
N LEU L 75 -65.61 -28.48 33.08
CA LEU L 75 -66.65 -27.62 32.50
C LEU L 75 -67.14 -26.57 33.46
N GLN L 76 -67.43 -25.37 32.91
CA GLN L 76 -68.04 -24.24 33.60
C GLN L 76 -68.93 -23.42 32.68
N THR L 77 -69.70 -22.48 33.25
CA THR L 77 -70.67 -21.63 32.56
C THR L 77 -70.15 -21.00 31.24
N ASP L 78 -68.94 -20.41 31.27
CA ASP L 78 -68.33 -19.76 30.09
C ASP L 78 -67.94 -20.71 28.97
N ASP L 79 -67.93 -22.04 29.23
CA ASP L 79 -67.52 -23.02 28.22
C ASP L 79 -68.57 -23.27 27.15
N GLU L 80 -69.83 -22.85 27.42
CA GLU L 80 -70.99 -22.99 26.55
C GLU L 80 -70.80 -22.01 25.39
N ALA L 81 -70.67 -22.61 24.20
CA ALA L 81 -70.34 -21.95 22.94
C ALA L 81 -70.44 -22.98 21.81
N VAL L 82 -70.38 -22.48 20.54
CA VAL L 82 -70.36 -23.33 19.36
C VAL L 82 -68.92 -23.51 18.95
N TYR L 83 -68.51 -24.77 18.75
CA TYR L 83 -67.12 -25.09 18.42
C TYR L 83 -66.96 -25.62 17.01
N TYR L 84 -65.90 -25.19 16.31
CA TYR L 84 -65.64 -25.64 14.95
C TYR L 84 -64.22 -26.21 14.87
N CYS L 85 -64.05 -27.30 14.10
CA CYS L 85 -62.73 -27.85 13.77
C CYS L 85 -62.38 -27.33 12.35
N GLY L 86 -61.09 -27.29 12.02
CA GLY L 86 -60.61 -26.83 10.71
C GLY L 86 -59.46 -27.66 10.18
N SER L 87 -59.39 -27.87 8.85
CA SER L 87 -58.36 -28.69 8.18
C SER L 87 -57.95 -28.13 6.81
N LEU L 88 -56.64 -28.21 6.54
CA LEU L 88 -56.06 -27.79 5.26
C LEU L 88 -56.11 -28.99 4.29
N VAL L 89 -56.79 -28.84 3.16
CA VAL L 89 -57.00 -29.93 2.22
C VAL L 89 -56.44 -29.69 0.83
N GLY L 90 -55.79 -30.73 0.32
CA GLY L 90 -55.28 -30.82 -1.05
C GLY L 90 -54.11 -29.94 -1.41
N ASN L 91 -54.35 -28.64 -1.47
CA ASN L 91 -53.31 -27.71 -1.84
C ASN L 91 -53.30 -26.53 -0.90
N TRP L 92 -54.48 -25.92 -0.71
CA TRP L 92 -54.67 -24.82 0.22
C TRP L 92 -56.13 -24.68 0.69
N ASP L 93 -56.95 -25.71 0.45
CA ASP L 93 -58.38 -25.63 0.73
C ASP L 93 -58.68 -25.60 2.25
N VAL L 94 -59.17 -24.47 2.78
CA VAL L 94 -59.49 -24.38 4.20
C VAL L 94 -60.94 -24.83 4.52
N ILE L 95 -61.10 -26.03 5.17
CA ILE L 95 -62.40 -26.62 5.51
C ILE L 95 -62.74 -26.47 6.97
N PHE L 96 -63.99 -26.10 7.20
CA PHE L 96 -64.59 -25.92 8.51
C PHE L 96 -65.64 -27.04 8.69
N GLY L 97 -65.80 -27.53 9.91
CA GLY L 97 -66.83 -28.51 10.20
C GLY L 97 -68.17 -27.82 10.35
N GLY L 98 -69.21 -28.61 10.57
CA GLY L 98 -70.58 -28.10 10.69
C GLY L 98 -70.74 -27.23 11.92
N GLY L 99 -70.05 -27.66 12.99
CA GLY L 99 -70.06 -27.00 14.28
C GLY L 99 -70.89 -27.80 15.26
N THR L 100 -70.42 -27.84 16.54
CA THR L 100 -70.99 -28.59 17.65
C THR L 100 -71.24 -27.53 18.74
N LYS L 101 -72.49 -27.36 19.15
CA LYS L 101 -72.88 -26.39 20.17
C LYS L 101 -72.87 -27.11 21.51
N LEU L 102 -71.89 -26.74 22.38
CA LEU L 102 -71.71 -27.36 23.70
C LEU L 102 -72.41 -26.58 24.84
N THR L 103 -73.17 -27.28 25.72
CA THR L 103 -73.83 -26.68 26.86
C THR L 103 -73.43 -27.30 28.18
N VAL L 104 -73.05 -26.46 29.14
CA VAL L 104 -72.75 -26.89 30.50
C VAL L 104 -74.01 -26.69 31.37
C1 NAG M . -3.28 -16.58 -54.39
C2 NAG M . -2.77 -15.42 -55.22
C3 NAG M . -3.35 -15.42 -56.63
C4 NAG M . -3.06 -16.79 -57.24
C5 NAG M . -3.29 -17.94 -56.28
C6 NAG M . -2.68 -19.25 -56.79
C7 NAG M . -1.89 -13.57 -53.90
C8 NAG M . -2.24 -12.27 -53.19
N2 NAG M . -2.91 -14.21 -54.46
O3 NAG M . -2.66 -14.44 -57.37
O4 NAG M . -3.83 -17.08 -58.42
O5 NAG M . -2.63 -17.66 -55.06
O6 NAG M . -2.80 -20.25 -55.80
O7 NAG M . -0.72 -13.72 -54.24
C1 NAG M . -3.65 -16.26 -59.51
C2 NAG M . -3.71 -17.12 -60.77
C3 NAG M . -3.44 -16.17 -61.92
C4 NAG M . -4.58 -15.15 -61.98
C5 NAG M . -4.76 -14.47 -60.62
C6 NAG M . -6.12 -13.80 -60.45
C7 NAG M . -2.88 -19.41 -60.93
C8 NAG M . -1.78 -20.35 -60.44
N2 NAG M . -2.66 -18.12 -60.71
O3 NAG M . -3.32 -16.88 -63.14
O4 NAG M . -4.18 -14.11 -62.87
O5 NAG M . -4.76 -15.38 -59.54
O6 NAG M . -7.20 -14.69 -60.54
O7 NAG M . -4.01 -19.82 -61.19
C1 BMA M . -4.92 -14.06 -64.06
C2 BMA M . -4.46 -12.72 -64.62
C3 BMA M . -4.94 -12.53 -66.06
C4 BMA M . -4.51 -13.71 -66.93
C5 BMA M . -4.95 -15.00 -66.24
C6 BMA M . -4.30 -16.16 -66.99
O2 BMA M . -3.06 -12.65 -64.42
O3 BMA M . -4.40 -11.33 -66.64
O4 BMA M . -5.23 -13.74 -68.14
O5 BMA M . -4.50 -15.12 -64.91
O6 BMA M . -2.93 -16.39 -66.62
C1 NAG N . -27.66 -31.86 15.69
C2 NAG N . -27.48 -32.71 16.92
C3 NAG N . -26.50 -33.87 16.67
C4 NAG N . -27.03 -34.64 15.46
C5 NAG N . -27.53 -33.74 14.34
C6 NAG N . -28.34 -34.51 13.31
C7 NAG N . -28.04 -31.58 19.02
C8 NAG N . -27.52 -30.71 20.15
N2 NAG N . -27.17 -31.85 18.04
O3 NAG N . -26.54 -34.70 17.80
O4 NAG N . -26.07 -35.53 14.88
O5 NAG N . -28.40 -32.77 14.88
O6 NAG N . -28.88 -33.62 12.36
O7 NAG N . -29.02 -32.30 19.26
C1 NAG N . -25.61 -36.57 15.68
C2 NAG N . -25.44 -37.79 14.79
C3 NAG N . -25.00 -38.91 15.73
C4 NAG N . -23.63 -38.52 16.30
C5 NAG N . -23.66 -37.13 16.91
C6 NAG N . -22.28 -36.50 17.10
C7 NAG N . -26.90 -38.38 12.92
C8 NAG N . -28.34 -38.34 12.44
N2 NAG N . -26.73 -38.15 14.22
O3 NAG N . -24.96 -40.15 15.07
O4 NAG N . -23.34 -39.41 17.38
O5 NAG N . -24.31 -36.17 16.12
O6 NAG N . -21.60 -36.30 15.88
O7 NAG N . -25.96 -38.31 12.15
C1 NAG O . -30.67 -18.07 16.80
C2 NAG O . -31.97 -18.50 17.46
C3 NAG O . -32.84 -17.29 17.84
C4 NAG O . -31.98 -16.38 18.71
C5 NAG O . -30.54 -16.23 18.20
C6 NAG O . -29.63 -15.61 19.26
C7 NAG O . -32.64 -20.79 16.95
C8 NAG O . -33.40 -21.69 16.00
N2 NAG O . -32.60 -19.50 16.63
O3 NAG O . -33.92 -17.77 18.60
O4 NAG O . -32.50 -15.06 18.87
O5 NAG O . -30.01 -17.51 17.93
O6 NAG O . -28.31 -15.61 18.78
O7 NAG O . -32.49 -21.20 18.10
C1 NAG O . -33.73 -14.94 19.50
C2 NAG O . -33.69 -13.70 20.37
C3 NAG O . -35.05 -13.66 21.07
C4 NAG O . -36.12 -13.47 20.00
C5 NAG O . -36.00 -14.52 18.91
C6 NAG O . -36.72 -14.17 17.61
C7 NAG O . -31.74 -12.90 21.59
C8 NAG O . -30.50 -13.37 22.35
N2 NAG O . -32.65 -13.85 21.36
O3 NAG O . -35.08 -12.62 22.03
O4 NAG O . -37.39 -13.72 20.63
O5 NAG O . -34.67 -14.72 18.46
O6 NAG O . -36.23 -13.00 17.00
O7 NAG O . -31.74 -11.86 20.96
C1 BMA O . -38.20 -12.58 20.74
C2 BMA O . -39.52 -13.22 21.16
C3 BMA O . -40.53 -12.16 21.59
C4 BMA O . -39.95 -11.28 22.69
C5 BMA O . -38.59 -10.75 22.21
C6 BMA O . -37.91 -10.10 23.41
O2 BMA O . -39.23 -14.22 22.10
O3 BMA O . -41.74 -12.76 22.09
O4 BMA O . -40.69 -10.10 22.86
O5 BMA O . -37.70 -11.77 21.79
O6 BMA O . -37.28 -11.02 24.30
C1 NAG P . -19.45 -13.95 25.82
C2 NAG P . -20.04 -13.46 27.13
C3 NAG P . -19.51 -14.26 28.32
C4 NAG P . -19.79 -15.73 28.04
C5 NAG P . -19.50 -16.14 26.60
C6 NAG P . -20.10 -17.51 26.27
C7 NAG P . -20.89 -11.18 27.03
C8 NAG P . -20.55 -9.70 27.19
N2 NAG P . -19.88 -12.02 27.19
O3 NAG P . -20.25 -13.85 29.45
O4 NAG P . -19.06 -16.64 28.88
O5 NAG P . -20.11 -15.23 25.73
O6 NAG P . -19.91 -17.79 24.90
O7 NAG P . -22.08 -11.50 27.18
C1 NAG P . -19.32 -16.57 30.24
C2 NAG P . -19.28 -17.98 30.79
C3 NAG P . -19.63 -17.85 32.27
C4 NAG P . -18.51 -17.05 32.94
C5 NAG P . -18.28 -15.72 32.21
C6 NAG P . -16.94 -15.08 32.52
C7 NAG P . -20.06 -19.97 29.60
C8 NAG P . -21.12 -20.47 28.63
N2 NAG P . -20.32 -18.77 30.14
O3 NAG P . -19.79 -19.12 32.87
O4 NAG P . -18.97 -16.68 34.25
O5 NAG P . -18.22 -15.86 30.80
O6 NAG P . -15.83 -15.87 32.14
O7 NAG P . -18.95 -20.46 29.65
C1 BMA P . -18.29 -17.31 35.29
C2 BMA P . -18.80 -16.52 36.50
C3 BMA P . -18.39 -17.17 37.81
C4 BMA P . -18.81 -18.63 37.84
C5 BMA P . -18.32 -19.32 36.57
C6 BMA P . -18.99 -20.69 36.51
O2 BMA P . -20.18 -16.33 36.31
O3 BMA P . -18.97 -16.50 38.93
O4 BMA P . -18.15 -19.35 38.86
O5 BMA P . -18.71 -18.67 35.38
O6 BMA P . -20.33 -20.67 36.01
C1 NAG Q . -5.84 -26.42 9.30
C2 NAG Q . -5.17 -27.64 9.90
C3 NAG Q . -5.37 -28.89 9.03
C4 NAG Q . -6.87 -29.04 8.81
C5 NAG Q . -7.59 -27.73 8.53
C6 NAG Q . -9.10 -27.87 8.66
C7 NAG Q . -3.39 -27.13 11.49
C8 NAG Q . -1.90 -26.85 11.66
N2 NAG Q . -3.80 -27.31 10.23
O3 NAG Q . -4.88 -29.99 9.75
O4 NAG Q . -7.22 -29.93 7.75
O5 NAG Q . -7.21 -26.78 9.49
O6 NAG Q . -9.71 -26.61 8.52
O7 NAG Q . -3.98 -27.57 12.47
C1 NAG Q . -7.23 -31.29 8.05
C2 NAG Q . -8.31 -31.95 7.21
C3 NAG Q . -8.30 -33.42 7.62
C4 NAG Q . -6.96 -34.02 7.22
C5 NAG Q . -5.80 -33.18 7.77
C6 NAG Q . -4.47 -33.43 7.07
C7 NAG Q . -10.45 -30.92 6.64
C8 NAG Q . -11.54 -29.99 7.17
N2 NAG Q . -9.59 -31.37 7.56
O3 NAG Q . -9.38 -34.11 7.02
O4 NAG Q . -6.85 -35.30 7.85
O5 NAG Q . -5.98 -31.79 7.59
O6 NAG Q . -4.49 -33.09 5.70
O7 NAG Q . -10.20 -30.99 5.44
C1 NAG R . -2.28 -32.80 -34.91
C2 NAG R . -2.30 -34.11 -34.13
C3 NAG R . -1.00 -34.88 -34.28
C4 NAG R . -0.74 -35.06 -35.77
C5 NAG R . -1.02 -33.81 -36.59
C6 NAG R . -1.08 -34.10 -38.08
C7 NAG R . -3.97 -34.15 -32.35
C8 NAG R . -4.23 -33.86 -30.88
N2 NAG R . -2.75 -33.83 -32.78
O3 NAG R . -1.19 -36.14 -33.68
O4 NAG R . 0.61 -35.45 -36.08
O5 NAG R . -2.31 -33.31 -36.25
O6 NAG R . -1.48 -32.95 -38.78
O7 NAG R . -4.68 -35.01 -32.87
C1 NAG R . 0.94 -36.77 -35.87
C2 NAG R . 1.87 -37.21 -36.99
C3 NAG R . 2.15 -38.69 -36.71
C4 NAG R . 2.91 -38.79 -35.39
C5 NAG R . 2.17 -38.06 -34.28
C6 NAG R . 3.04 -37.73 -33.07
C7 NAG R . 1.70 -36.49 -39.31
C8 NAG R . 0.71 -36.10 -40.40
N2 NAG R . 1.16 -37.10 -38.25
O3 NAG R . 2.87 -39.27 -37.77
O4 NAG R . 2.92 -40.17 -35.00
O5 NAG R . 1.69 -36.78 -34.65
O6 NAG R . 4.10 -36.86 -33.37
O7 NAG R . 2.82 -36.00 -39.26
C1 NAG S . -24.54 -16.78 -19.16
C2 NAG S . -24.43 -16.39 -17.69
C3 NAG S . -25.71 -15.74 -17.16
C4 NAG S . -26.30 -14.72 -18.14
C5 NAG S . -26.25 -15.23 -19.58
C6 NAG S . -26.65 -14.13 -20.56
C7 NAG S . -23.24 -17.53 -15.91
C8 NAG S . -22.68 -18.85 -15.47
N2 NAG S . -24.13 -17.57 -16.89
O3 NAG S . -25.42 -15.11 -15.94
O4 NAG S . -27.63 -14.45 -17.77
O5 NAG S . -24.97 -15.67 -19.92
O6 NAG S . -25.84 -13.00 -20.35
O7 NAG S . -22.88 -16.49 -15.37
C1 NAG S . -27.76 -13.19 -17.08
C2 NAG S . -29.20 -12.74 -17.20
C3 NAG S . -29.51 -11.47 -16.42
C4 NAG S . -28.81 -11.40 -15.06
C5 NAG S . -27.39 -11.96 -15.12
C6 NAG S . -26.80 -12.06 -13.71
C7 NAG S . -30.29 -13.44 -19.23
C8 NAG S . -30.10 -13.52 -20.72
N2 NAG S . -29.55 -12.55 -18.58
O3 NAG S . -30.91 -11.41 -16.29
O4 NAG S . -28.71 -10.06 -14.62
O5 NAG S . -27.37 -13.24 -15.73
O6 NAG S . -25.47 -12.52 -13.78
O7 NAG S . -31.10 -14.17 -18.66
C1 BMA S . -29.89 -9.64 -13.90
C2 BMA S . -29.47 -8.74 -12.74
C3 BMA S . -30.68 -8.16 -12.00
C4 BMA S . -31.74 -7.64 -12.96
C5 BMA S . -32.01 -8.68 -14.04
C6 BMA S . -33.08 -8.20 -15.01
O2 BMA S . -28.68 -7.68 -13.25
O3 BMA S . -30.23 -7.11 -11.15
O4 BMA S . -32.92 -7.37 -12.24
O5 BMA S . -30.81 -8.95 -14.72
O6 BMA S . -33.04 -6.79 -15.13
C1 MAN S . -30.54 -7.45 -9.79
C2 MAN S . -30.53 -6.19 -8.93
C3 MAN S . -29.12 -5.65 -8.74
C4 MAN S . -28.17 -6.76 -8.30
C5 MAN S . -28.31 -7.95 -9.24
C6 MAN S . -27.39 -9.10 -8.82
O2 MAN S . -31.15 -6.44 -7.69
O3 MAN S . -29.14 -4.64 -7.76
O4 MAN S . -26.85 -6.28 -8.31
O5 MAN S . -29.65 -8.40 -9.25
O6 MAN S . -27.52 -10.15 -9.74
C1 MAN S . -32.29 -5.57 -7.56
C2 MAN S . -32.60 -5.37 -6.08
C3 MAN S . -33.01 -6.71 -5.46
C4 MAN S . -34.17 -7.29 -6.26
C5 MAN S . -33.85 -7.34 -7.75
C6 MAN S . -35.08 -7.80 -8.52
O2 MAN S . -33.62 -4.41 -5.93
O3 MAN S . -33.41 -6.50 -4.13
O4 MAN S . -34.45 -8.59 -5.79
O5 MAN S . -33.44 -6.08 -8.21
O6 MAN S . -35.78 -8.76 -7.75
C1 MAN S . -33.81 -6.43 -16.30
C2 MAN S . -33.37 -5.08 -16.84
C3 MAN S . -33.75 -3.93 -15.91
C4 MAN S . -35.18 -4.07 -15.40
C5 MAN S . -35.39 -5.49 -14.89
C6 MAN S . -36.74 -5.72 -14.22
O2 MAN S . -33.96 -4.86 -18.11
O3 MAN S . -33.57 -2.70 -16.57
O4 MAN S . -35.42 -3.15 -14.37
O5 MAN S . -35.19 -6.39 -15.96
O6 MAN S . -37.74 -4.89 -14.76
C1 MAN S . -32.52 -2.00 -16.01
C2 MAN S . -32.68 -0.56 -16.49
C3 MAN S . -31.99 -0.38 -17.84
C4 MAN S . -30.55 -0.86 -17.75
C5 MAN S . -30.51 -2.28 -17.21
C6 MAN S . -29.07 -2.76 -17.05
O2 MAN S . -32.11 0.34 -15.56
O3 MAN S . -32.01 0.98 -18.22
O4 MAN S . -29.93 -0.80 -19.02
O5 MAN S . -31.15 -2.33 -15.95
O6 MAN S . -28.46 -2.12 -15.96
C1 NAG T . 2.28 -38.97 -25.50
C2 NAG T . 3.65 -39.19 -26.13
C3 NAG T . 4.12 -40.63 -25.98
C4 NAG T . 4.07 -40.96 -24.49
C5 NAG T . 2.82 -40.45 -23.79
C6 NAG T . 2.95 -40.50 -22.26
C7 NAG T . 4.24 -37.51 -27.81
C8 NAG T . 4.17 -37.16 -29.29
N2 NAG T . 3.63 -38.65 -27.47
O3 NAG T . 5.47 -40.68 -26.41
O4 NAG T . 4.15 -42.37 -24.20
O5 NAG T . 2.63 -39.09 -24.12
O6 NAG T . 3.03 -39.18 -21.76
O7 NAG T . 5.15 -37.01 -27.15
C1 NAG T . 5.42 -42.91 -24.02
C2 NAG T . 5.32 -43.95 -22.91
C3 NAG T . 6.75 -44.45 -22.72
C4 NAG T . 7.18 -45.14 -24.01
C5 NAG T . 6.98 -44.23 -25.21
C6 NAG T . 6.96 -44.97 -26.55
C7 NAG T . 3.88 -43.78 -20.95
C8 NAG T . 3.29 -42.80 -19.95
N2 NAG T . 4.88 -43.30 -21.69
O3 NAG T . 6.84 -45.31 -21.61
O4 NAG T . 8.60 -45.36 -23.92
O5 NAG T . 5.73 -43.58 -25.23
O6 NAG T . 5.91 -45.90 -26.66
O7 NAG T . 3.28 -44.81 -21.27
C1 BMA T . 8.96 -46.71 -23.81
C2 BMA T . 10.48 -46.61 -24.03
C3 BMA T . 11.17 -47.93 -23.73
C4 BMA T . 10.81 -48.40 -22.32
C5 BMA T . 9.29 -48.39 -22.17
C6 BMA T . 8.98 -48.61 -20.68
O2 BMA T . 10.92 -45.48 -23.30
O3 BMA T . 12.60 -47.81 -23.81
O4 BMA T . 11.14 -49.76 -22.13
O5 BMA T . 8.70 -47.16 -22.49
O6 BMA T . 9.10 -47.44 -19.89
C1 NAG U . -34.71 -23.73 -18.39
C2 NAG U . -36.10 -24.33 -18.30
C3 NAG U . -36.96 -23.94 -19.50
C4 NAG U . -36.96 -22.42 -19.59
C5 NAG U . -35.58 -21.81 -19.36
C6 NAG U . -35.67 -20.30 -19.12
C7 NAG U . -36.24 -26.28 -16.84
C8 NAG U . -36.12 -27.79 -16.75
N2 NAG U . -35.98 -25.75 -18.03
O3 NAG U . -38.28 -24.39 -19.24
O4 NAG U . -37.42 -21.91 -20.85
O5 NAG U . -35.03 -22.36 -18.19
O6 NAG U . -34.39 -19.80 -18.78
O7 NAG U . -36.95 -25.73 -15.99
C1 NAG U . -38.74 -22.19 -21.19
C2 NAG U . -39.31 -20.96 -21.88
C3 NAG U . -40.76 -21.31 -22.18
C4 NAG U . -40.77 -22.48 -23.16
C5 NAG U . -39.92 -23.64 -22.65
C6 NAG U . -39.53 -24.64 -23.73
C7 NAG U . -38.77 -18.65 -21.31
C8 NAG U . -38.44 -17.72 -20.15
N2 NAG U . -39.27 -19.84 -20.97
O3 NAG U . -41.45 -20.19 -22.69
O4 NAG U . -42.12 -22.98 -23.22
O5 NAG U . -38.68 -23.23 -22.14
O6 NAG U . -38.73 -24.07 -24.75
O7 NAG U . -38.32 -18.45 -22.43
C1 BMA U . -42.76 -22.75 -24.45
C2 BMA U . -44.00 -23.63 -24.27
C3 BMA U . -45.01 -23.39 -25.38
C4 BMA U . -45.35 -21.90 -25.48
C5 BMA U . -44.05 -21.10 -25.56
C6 BMA U . -44.40 -19.63 -25.39
O2 BMA U . -44.47 -23.44 -22.96
O3 BMA U . -46.23 -24.11 -25.17
O4 BMA U . -45.99 -21.58 -26.69
O5 BMA U . -43.14 -21.39 -24.52
O6 BMA U . -44.59 -19.24 -24.03
C1 MAN U . -46.30 -25.32 -25.89
C2 MAN U . -47.76 -25.74 -25.98
C3 MAN U . -48.23 -26.20 -24.60
C4 MAN U . -47.21 -27.16 -24.02
C5 MAN U . -45.78 -26.62 -24.04
C6 MAN U . -44.84 -27.62 -23.41
O2 MAN U . -47.77 -26.88 -26.85
O3 MAN U . -49.57 -26.66 -24.61
O4 MAN U . -47.58 -27.35 -22.67
O5 MAN U . -45.43 -26.30 -25.37
O6 MAN U . -43.52 -27.11 -23.28
C1 MAN U . -44.93 -17.90 -23.76
C2 MAN U . -45.50 -17.72 -22.35
C3 MAN U . -46.80 -18.44 -22.01
C4 MAN U . -47.79 -17.92 -23.05
C5 MAN U . -47.19 -18.14 -24.43
C6 MAN U . -48.04 -17.74 -25.63
O2 MAN U . -45.54 -16.38 -21.96
O3 MAN U . -47.18 -18.07 -20.68
O4 MAN U . -48.98 -18.68 -22.91
O5 MAN U . -45.96 -17.47 -24.64
O6 MAN U . -47.28 -18.07 -26.79
C1 NAG V . -38.46 -11.84 -0.34
C2 NAG V . -39.80 -11.69 -1.05
C3 NAG V . -40.27 -10.24 -0.92
C4 NAG V . -40.29 -9.82 0.56
C5 NAG V . -38.95 -10.14 1.22
C6 NAG V . -38.91 -9.83 2.69
C7 NAG V . -38.85 -11.81 -3.34
C8 NAG V . -38.40 -12.94 -4.23
N2 NAG V . -39.80 -12.13 -2.44
O3 NAG V . -41.56 -10.05 -1.50
O4 NAG V . -40.45 -8.42 0.65
O5 NAG V . -38.63 -11.52 1.04
O6 NAG V . -37.58 -9.67 3.18
O7 NAG V . -38.35 -10.68 -3.41
C1 NAG V . -41.71 -7.85 0.55
C2 NAG V . -41.59 -6.46 1.18
C3 NAG V . -42.95 -5.79 1.05
C4 NAG V . -43.22 -5.57 -0.44
C5 NAG V . -43.24 -6.94 -1.13
C6 NAG V . -43.39 -6.88 -2.64
C7 NAG V . -41.26 -6.88 3.59
C8 NAG V . -40.42 -6.53 4.78
N2 NAG V . -41.00 -6.20 2.48
O3 NAG V . -43.00 -4.56 1.78
O4 NAG V . -44.37 -4.79 -0.67
O5 NAG V . -42.01 -7.65 -0.85
O6 NAG V . -42.55 -5.90 -3.24
O7 NAG V . -42.12 -7.74 3.62
C1 BMA V . -44.19 -3.68 -1.52
C2 BMA V . -45.32 -3.68 -2.55
C3 BMA V . -45.29 -2.40 -3.39
C4 BMA V . -45.17 -1.14 -2.53
C5 BMA V . -43.96 -1.32 -1.59
C6 BMA V . -43.64 -0.17 -0.67
O2 BMA V . -46.56 -3.82 -1.88
O3 BMA V . -46.26 -2.33 -4.45
O4 BMA V . -45.01 0.01 -3.36
O5 BMA V . -44.17 -2.47 -0.77
O6 BMA V . -42.33 -0.41 -0.14
C1 MAN V . -41.82 0.50 0.81
C2 MAN V . -40.35 0.12 1.07
C3 MAN V . -40.26 -1.18 1.88
C4 MAN V . -41.08 -1.10 3.15
C5 MAN V . -42.52 -0.70 2.82
C6 MAN V . -43.36 -0.46 4.06
O2 MAN V . -39.68 1.17 1.75
O3 MAN V . -38.90 -1.50 2.19
O4 MAN V . -41.08 -2.36 3.81
O5 MAN V . -42.54 0.51 2.05
O6 MAN V . -42.62 0.11 5.15
C1 MAN V . -38.23 -2.47 1.38
C2 MAN V . -37.28 -3.32 2.24
C3 MAN V . -36.01 -2.57 2.66
C4 MAN V . -35.38 -1.81 1.49
C5 MAN V . -36.44 -0.98 0.76
C6 MAN V . -35.93 -0.26 -0.46
O2 MAN V . -36.96 -4.53 1.55
O3 MAN V . -35.05 -3.48 3.20
O4 MAN V . -34.34 -0.97 1.98
O5 MAN V . -37.51 -1.83 0.33
O6 MAN V . -36.98 0.45 -1.11
C1 MAN V . -43.30 -0.16 6.46
C2 MAN V . -42.35 0.53 7.48
C3 MAN V . -41.13 -0.35 7.82
C4 MAN V . -41.54 -1.78 8.15
C5 MAN V . -42.45 -2.35 7.07
C6 MAN V . -42.97 -3.73 7.37
O2 MAN V . -43.07 0.89 8.64
O3 MAN V . -40.40 0.23 8.89
O4 MAN V . -40.38 -2.59 8.29
O5 MAN V . -43.60 -1.49 6.89
O6 MAN V . -42.00 -4.74 7.16
C1 MAN V . -46.22 -2.65 -5.75
C2 MAN V . -46.93 -1.58 -6.56
C3 MAN V . -48.37 -1.46 -6.04
C4 MAN V . -49.10 -2.80 -6.15
C5 MAN V . -48.27 -4.00 -5.64
C6 MAN V . -48.76 -5.32 -6.21
O2 MAN V . -46.96 -1.98 -7.92
O3 MAN V . -49.08 -0.44 -6.73
O4 MAN V . -50.29 -2.70 -5.37
O5 MAN V . -46.88 -3.90 -6.02
O6 MAN V . -50.16 -5.52 -6.03
C1 NAG W . -36.26 -27.53 -12.14
C2 NAG W . -36.89 -26.14 -11.96
C3 NAG W . -38.31 -26.16 -11.38
C4 NAG W . -39.19 -27.19 -12.08
C5 NAG W . -38.46 -28.54 -12.16
C6 NAG W . -39.20 -29.58 -12.96
C7 NAG W . -35.79 -24.02 -11.31
C8 NAG W . -35.06 -23.32 -10.21
N2 NAG W . -36.02 -25.33 -11.12
O3 NAG W . -38.90 -24.87 -11.52
O4 NAG W . -40.37 -27.38 -11.31
O5 NAG W . -37.19 -28.36 -12.81
O6 NAG W . -38.51 -30.82 -12.93
O7 NAG W . -36.17 -23.43 -12.32
C1 NAG W . -41.58 -26.73 -11.70
C2 NAG W . -42.78 -27.54 -11.17
C3 NAG W . -44.06 -26.84 -11.64
C4 NAG W . -44.11 -25.40 -11.13
C5 NAG W . -42.82 -24.66 -11.50
C6 NAG W . -42.67 -23.31 -10.82
C7 NAG W . -42.12 -29.91 -10.99
C8 NAG W . -42.19 -31.26 -11.65
N2 NAG W . -42.74 -28.91 -11.65
O3 NAG W . -45.21 -27.56 -11.23
O4 NAG W . -45.26 -24.75 -11.68
O5 NAG W . -41.67 -25.43 -11.10
O6 NAG W . -41.32 -22.89 -10.81
O7 NAG W . -41.52 -29.73 -9.93
C1 BMA W . -46.27 -24.24 -10.80
C2 BMA W . -47.17 -23.26 -11.57
C3 BMA W . -48.35 -22.80 -10.72
C4 BMA W . -49.06 -23.98 -10.08
C5 BMA W . -48.05 -24.83 -9.32
C6 BMA W . -48.62 -26.06 -8.66
O2 BMA W . -47.63 -23.87 -12.77
O3 BMA W . -49.27 -22.02 -11.48
O4 BMA W . -50.09 -23.51 -9.20
O5 BMA W . -47.04 -25.30 -10.24
O6 BMA W . -48.94 -27.07 -9.62
C1 MAN W . -49.77 -20.81 -10.89
C2 MAN W . -51.17 -20.43 -11.42
C3 MAN W . -51.06 -19.82 -12.81
C4 MAN W . -50.10 -18.64 -12.81
C5 MAN W . -48.73 -19.07 -12.28
C6 MAN W . -47.77 -17.91 -12.07
O2 MAN W . -51.80 -19.50 -10.53
O3 MAN W . -52.34 -19.40 -13.29
O4 MAN W . -49.99 -18.11 -14.12
O5 MAN W . -48.87 -19.70 -10.98
O6 MAN W . -47.28 -17.39 -13.30
C1 MAN W . -52.70 -20.04 -9.57
C2 MAN W . -53.59 -18.91 -8.98
C3 MAN W . -52.75 -18.01 -8.08
C4 MAN W . -52.07 -18.85 -7.00
C5 MAN W . -51.19 -19.90 -7.69
C6 MAN W . -50.46 -20.82 -6.77
O2 MAN W . -54.56 -19.51 -8.12
O3 MAN W . -53.58 -17.03 -7.46
O4 MAN W . -51.31 -18.02 -6.14
O5 MAN W . -52.00 -20.73 -8.53
O6 MAN W . -49.66 -21.70 -7.54
C1 MAN W . -55.88 -19.61 -8.59
C2 MAN W . -56.79 -19.43 -7.35
C3 MAN W . -56.82 -20.63 -6.40
C4 MAN W . -56.79 -21.96 -7.13
C5 MAN W . -55.74 -21.95 -8.23
C6 MAN W . -55.61 -23.24 -9.02
O2 MAN W . -58.10 -19.02 -7.71
O3 MAN W . -57.98 -20.60 -5.59
O4 MAN W . -56.50 -22.98 -6.19
O5 MAN W . -56.06 -20.90 -9.16
O6 MAN W . -54.46 -23.21 -9.87
C1 MAN W . -49.70 -28.16 -9.13
C2 MAN W . -49.74 -29.22 -10.22
C3 MAN W . -50.59 -28.74 -11.40
C4 MAN W . -51.97 -28.23 -10.96
C5 MAN W . -51.86 -27.25 -9.79
C6 MAN W . -53.20 -26.97 -9.13
O2 MAN W . -50.24 -30.47 -9.72
O3 MAN W . -50.70 -29.75 -12.38
O4 MAN W . -52.60 -27.56 -12.06
O5 MAN W . -51.03 -27.79 -8.75
O6 MAN W . -53.70 -28.18 -8.55
C1 MAN W . -54.98 -28.17 -7.99
C2 MAN W . -55.45 -29.62 -7.82
C3 MAN W . -55.72 -30.21 -9.19
C4 MAN W . -56.78 -29.39 -9.94
C5 MAN W . -56.41 -27.91 -9.99
C6 MAN W . -57.56 -27.03 -10.42
O2 MAN W . -56.67 -29.65 -7.06
O3 MAN W . -56.11 -31.57 -9.10
O4 MAN W . -56.90 -29.87 -11.27
O5 MAN W . -55.98 -27.42 -8.71
O6 MAN W . -58.54 -26.92 -9.40
C1 MAN W . -56.57 -29.78 -5.62
C2 MAN W . -57.88 -30.41 -5.15
C3 MAN W . -59.06 -29.45 -5.30
C4 MAN W . -58.77 -28.06 -4.72
C5 MAN W . -57.44 -27.55 -5.25
C6 MAN W . -57.01 -26.23 -4.65
O2 MAN W . -57.76 -30.84 -3.80
O3 MAN W . -60.23 -29.99 -4.69
O4 MAN W . -59.80 -27.18 -5.13
O5 MAN W . -56.40 -28.51 -4.98
O6 MAN W . -56.51 -26.42 -3.33
C1 MAN W . -49.91 -29.60 -13.55
C2 MAN W . -50.73 -30.03 -14.78
C3 MAN W . -50.82 -31.55 -14.92
C4 MAN W . -49.45 -32.23 -14.75
C5 MAN W . -48.79 -31.76 -13.46
C6 MAN W . -47.39 -32.30 -13.26
O2 MAN W . -50.22 -29.43 -15.96
O3 MAN W . -51.37 -31.88 -16.20
O4 MAN W . -49.64 -33.64 -14.69
O5 MAN W . -48.67 -30.32 -13.49
O6 MAN W . -47.39 -33.69 -12.98
C1 NAG X . -15.17 -46.68 -38.60
C2 NAG X . -14.09 -46.36 -39.61
C3 NAG X . -14.49 -45.20 -40.53
C4 NAG X . -15.82 -45.57 -41.16
C5 NAG X . -16.81 -46.21 -40.18
C6 NAG X . -17.98 -46.88 -40.90
C7 NAG X . -11.86 -47.12 -38.96
C8 NAG X . -10.58 -46.76 -38.21
N2 NAG X . -12.83 -46.20 -38.90
O3 NAG X . -13.52 -45.09 -41.53
O4 NAG X . -16.52 -44.49 -41.77
O5 NAG X . -16.15 -47.24 -39.47
O6 NAG X . -18.78 -47.56 -39.96
O7 NAG X . -11.76 -47.96 -39.85
C1 NAG X . -15.88 -43.86 -42.83
C2 NAG X . -16.95 -43.47 -43.85
C3 NAG X . -16.19 -42.85 -45.02
C4 NAG X . -15.52 -41.58 -44.51
C5 NAG X . -14.69 -41.85 -43.27
C6 NAG X . -14.36 -40.59 -42.46
C7 NAG X . -18.93 -44.81 -44.35
C8 NAG X . -19.46 -46.23 -44.48
N2 NAG X . -17.61 -44.69 -44.32
O3 NAG X . -17.05 -42.60 -46.10
O4 NAG X . -14.60 -41.15 -45.51
O5 NAG X . -15.34 -42.65 -42.31
O6 NAG X . -15.50 -39.95 -41.95
O7 NAG X . -19.67 -43.88 -44.00
C1 NAG Y . -18.20 -41.09 -7.49
C2 NAG Y . -18.15 -40.71 -6.03
C3 NAG Y . -17.41 -41.75 -5.19
C4 NAG Y . -18.11 -43.10 -5.45
C5 NAG Y . -18.46 -43.33 -6.92
C6 NAG Y . -19.43 -44.48 -7.10
C7 NAG Y . -18.43 -38.31 -5.61
C8 NAG Y . -17.73 -36.98 -5.48
N2 NAG Y . -17.64 -39.35 -5.91
O3 NAG Y . -17.58 -41.42 -3.84
O4 NAG Y . -17.36 -44.24 -5.04
O5 NAG Y . -19.12 -42.18 -7.42
O6 NAG Y . -19.82 -44.57 -8.45
O7 NAG Y . -19.52 -38.43 -5.04
C1 NAG Y . -17.08 -44.34 -3.67
C2 NAG Y . -17.17 -45.81 -3.29
C3 NAG Y . -16.92 -45.85 -1.79
C4 NAG Y . -15.49 -45.38 -1.54
C5 NAG Y . -15.24 -44.02 -2.20
C6 NAG Y . -13.76 -43.69 -2.38
C7 NAG Y . -18.76 -47.40 -4.24
C8 NAG Y . -20.19 -47.55 -4.76
N2 NAG Y . -18.52 -46.28 -3.56
O3 NAG Y . -17.13 -47.14 -1.28
O4 NAG Y . -15.35 -45.14 -0.14
O5 NAG Y . -15.72 -43.95 -3.53
O6 NAG Y . -13.09 -44.59 -3.23
O7 NAG Y . -17.84 -48.09 -4.67
C1 BMA Y . -14.49 -46.06 0.51
C2 BMA Y . -14.35 -45.38 1.87
C3 BMA Y . -13.64 -46.29 2.87
C4 BMA Y . -14.36 -47.63 2.96
C5 BMA Y . -14.52 -48.19 1.54
C6 BMA Y . -15.46 -49.39 1.63
O2 BMA Y . -15.63 -44.91 2.25
O3 BMA Y . -13.61 -45.71 4.18
O4 BMA Y . -13.55 -48.61 3.58
O5 BMA Y . -15.16 -47.30 0.66
O6 BMA Y . -16.85 -49.04 1.71
C1 NAG Z . -23.39 -37.68 -5.39
C2 NAG Z . -23.17 -37.86 -3.90
C3 NAG Z . -22.95 -39.32 -3.53
C4 NAG Z . -24.15 -40.10 -4.07
C5 NAG Z . -24.56 -39.68 -5.48
C6 NAG Z . -25.93 -40.23 -5.86
C7 NAG Z . -22.42 -35.84 -2.76
C8 NAG Z . -21.21 -35.01 -2.34
N2 NAG Z . -22.14 -36.93 -3.47
O3 NAG Z . -22.96 -39.40 -2.12
O4 NAG Z . -23.95 -41.53 -4.12
O5 NAG Z . -24.67 -38.28 -5.52
O6 NAG Z . -26.32 -39.71 -7.11
O7 NAG Z . -23.45 -35.68 -2.12
C1 NAG Z . -23.75 -42.17 -2.90
C2 NAG Z . -24.45 -43.52 -2.96
C3 NAG Z . -24.24 -44.14 -1.59
C4 NAG Z . -22.74 -44.38 -1.41
C5 NAG Z . -21.95 -43.10 -1.67
C6 NAG Z . -20.47 -43.36 -1.95
C7 NAG Z . -26.57 -43.93 -4.11
C8 NAG Z . -27.92 -43.31 -4.45
N2 NAG Z . -25.87 -43.29 -3.16
O3 NAG Z . -24.98 -45.33 -1.46
O4 NAG Z . -22.52 -44.70 -0.04
O5 NAG Z . -22.35 -42.42 -2.83
O6 NAG Z . -20.23 -44.13 -3.11
O7 NAG Z . -26.03 -44.75 -4.85
C1 BMA Z . -22.13 -46.04 0.19
C2 BMA Z . -21.71 -45.95 1.66
C3 BMA Z . -21.46 -47.34 2.23
C4 BMA Z . -22.68 -48.24 2.02
C5 BMA Z . -23.06 -48.19 0.54
C6 BMA Z . -24.42 -48.87 0.40
O2 BMA Z . -22.67 -45.17 2.33
O3 BMA Z . -21.18 -47.29 3.64
O4 BMA Z . -22.35 -49.60 2.21
O5 BMA Z . -23.25 -46.88 0.06
O6 BMA Z . -25.53 -48.04 0.76
C1 NAG AA . -26.00 -44.25 -12.65
C2 NAG AA . -26.73 -44.23 -11.33
C3 NAG AA . -27.64 -45.45 -11.14
C4 NAG AA . -28.56 -45.50 -12.35
C5 NAG AA . -27.86 -45.21 -13.67
C6 NAG AA . -28.85 -44.92 -14.80
C7 NAG AA . -25.67 -42.81 -9.63
C8 NAG AA . -24.64 -42.76 -8.51
N2 NAG AA . -25.77 -43.98 -10.26
O3 NAG AA . -28.41 -45.24 -9.98
O4 NAG AA . -29.23 -46.75 -12.53
O5 NAG AA . -27.10 -44.02 -13.53
O6 NAG AA . -28.15 -44.53 -15.96
O7 NAG AA . -26.58 -41.97 -9.61
C1 NAG AA . -30.10 -47.15 -11.51
C2 NAG AA . -31.28 -47.83 -12.16
C3 NAG AA . -32.22 -48.19 -11.00
C4 NAG AA . -31.50 -49.20 -10.11
C5 NAG AA . -30.13 -48.68 -9.70
C6 NAG AA . -29.19 -49.78 -9.20
C7 NAG AA . -32.29 -47.18 -14.29
C8 NAG AA . -32.61 -45.99 -15.18
N2 NAG AA . -31.96 -46.89 -13.03
O3 NAG AA . -33.45 -48.69 -11.48
O4 NAG AA . -32.25 -49.32 -8.90
O5 NAG AA . -29.39 -48.13 -10.77
O6 NAG AA . -28.89 -50.75 -10.17
O7 NAG AA . -32.04 -48.29 -14.77
C1 NAG BA . -26.97 -19.99 -25.71
C2 NAG BA . -27.05 -18.48 -25.59
C3 NAG BA . -27.97 -17.88 -26.66
C4 NAG BA . -27.48 -18.37 -28.01
C5 NAG BA . -27.09 -19.85 -28.02
C6 NAG BA . -26.30 -20.22 -29.27
C7 NAG BA . -26.42 -17.62 -23.40
C8 NAG BA . -26.91 -17.25 -22.01
N2 NAG BA . -27.33 -18.13 -24.22
O3 NAG BA . -27.83 -16.48 -26.59
O4 NAG BA . -28.42 -18.19 -29.08
O5 NAG BA . -26.24 -20.11 -26.93
O6 NAG BA . -26.48 -21.59 -29.56
O7 NAG BA . -25.39 -17.05 -23.79
C1 NAG BA . -28.78 -16.88 -29.38
C2 NAG BA . -28.93 -16.78 -30.89
C3 NAG BA . -29.27 -15.32 -31.16
C4 NAG BA . -30.63 -15.03 -30.51
C5 NAG BA . -30.62 -15.42 -29.04
C6 NAG BA . -32.02 -15.58 -28.45
C7 NAG BA . -27.56 -17.98 -32.52
C8 NAG BA . -26.15 -18.49 -32.79
N2 NAG BA . -27.67 -17.10 -31.51
O3 NAG BA . -29.29 -15.06 -32.54
O4 NAG BA . -30.80 -13.60 -30.52
O5 NAG BA . -30.07 -16.69 -28.81
O6 NAG BA . -32.79 -16.59 -29.06
O7 NAG BA . -28.54 -18.55 -32.97
C1 NAG CA . 30.49 -14.26 -51.15
C2 NAG CA . 31.96 -13.92 -51.29
C3 NAG CA . 32.85 -15.15 -51.09
C4 NAG CA . 32.48 -15.76 -49.75
C5 NAG CA . 30.98 -15.81 -49.49
C6 NAG CA . 30.67 -16.10 -48.02
C7 NAG CA . 32.39 -11.86 -52.53
C8 NAG CA . 32.62 -11.26 -53.91
N2 NAG CA . 32.15 -13.17 -52.52
O3 NAG CA . 34.19 -14.70 -51.05
O4 NAG CA . 32.97 -17.09 -49.56
O5 NAG CA . 30.43 -14.53 -49.76
O6 NAG CA . 29.27 -16.00 -47.82
O7 NAG CA . 32.82 -11.23 -51.56
C1 NAG CA . 34.34 -17.27 -49.57
C2 NAG CA . 34.68 -18.33 -48.53
C3 NAG CA . 36.20 -18.42 -48.54
C4 NAG CA . 36.63 -18.94 -49.91
C5 NAG CA . 36.03 -18.09 -51.03
C6 NAG CA . 36.02 -18.77 -52.40
C7 NAG CA . 33.53 -18.61 -46.40
C8 NAG CA . 32.84 -17.86 -45.27
N2 NAG CA . 34.26 -17.86 -47.22
O3 NAG CA . 36.66 -19.27 -47.50
O4 NAG CA . 38.05 -18.77 -50.02
O5 NAG CA . 34.66 -17.80 -50.84
O6 NAG CA . 35.25 -19.95 -52.43
O7 NAG CA . 33.19 -19.75 -46.71
C1 NAG DA . 47.46 8.03 -30.38
C2 NAG DA . 47.03 8.11 -31.84
C3 NAG DA . 48.14 7.68 -32.79
C4 NAG DA . 49.35 8.54 -32.47
C5 NAG DA . 49.60 8.73 -30.97
C6 NAG DA . 50.59 9.85 -30.68
C7 NAG DA . 44.60 8.05 -32.15
C8 NAG DA . 43.39 7.16 -32.35
N2 NAG DA . 45.76 7.42 -31.98
O3 NAG DA . 47.72 7.97 -34.10
O4 NAG DA . 50.58 8.05 -33.02
O5 NAG DA . 48.38 9.11 -30.36
O6 NAG DA . 50.67 10.07 -29.29
O7 NAG DA . 44.52 9.21 -32.57
C1 NAG DA . 50.68 7.98 -34.40
C2 NAG DA . 52.09 8.36 -34.80
C3 NAG DA . 52.10 8.33 -36.32
C4 NAG DA . 51.85 6.88 -36.75
C5 NAG DA . 50.59 6.33 -36.10
C6 NAG DA . 50.50 4.80 -36.12
C7 NAG DA . 53.45 10.06 -33.68
C8 NAG DA . 53.37 11.40 -32.96
N2 NAG DA . 52.35 9.73 -34.37
O3 NAG DA . 53.31 8.82 -36.83
O4 NAG DA . 51.58 6.90 -38.16
O5 NAG DA . 50.49 6.61 -34.73
O6 NAG DA . 51.54 4.18 -35.40
O7 NAG DA . 54.29 9.22 -33.40
C1 BMA DA . 52.58 6.30 -38.94
C2 BMA DA . 51.87 6.22 -40.30
C3 BMA DA . 52.84 5.82 -41.40
C4 BMA DA . 54.05 6.75 -41.42
C5 BMA DA . 54.64 6.82 -40.01
C6 BMA DA . 55.67 7.95 -40.00
O2 BMA DA . 51.20 7.45 -40.48
O3 BMA DA . 52.22 5.87 -42.69
O4 BMA DA . 55.11 6.20 -42.17
O5 BMA DA . 53.69 7.17 -39.02
O6 BMA DA . 55.09 9.25 -39.87
C1 NAG EA . 21.17 -13.60 37.30
C2 NAG EA . 20.89 -13.17 38.73
C3 NAG EA . 21.48 -11.81 39.05
C4 NAG EA . 22.97 -11.88 38.71
C5 NAG EA . 23.27 -12.60 37.40
C6 NAG EA . 24.75 -12.94 37.27
C7 NAG EA . 18.98 -14.31 39.74
C8 NAG EA . 17.48 -14.28 39.95
N2 NAG EA . 19.47 -13.33 38.98
O3 NAG EA . 21.33 -11.58 40.43
O4 NAG EA . 23.61 -10.58 38.62
O5 NAG EA . 22.58 -13.83 37.39
O6 NAG EA . 24.94 -13.73 36.11
O7 NAG EA . 19.64 -14.94 40.56
C1 NAG EA . 23.63 -9.81 39.77
C2 NAG EA . 24.97 -9.10 39.82
C3 NAG EA . 24.96 -8.32 41.13
C4 NAG EA . 23.84 -7.26 41.03
C5 NAG EA . 22.51 -7.91 40.65
C6 NAG EA . 21.48 -6.92 40.11
C7 NAG EA . 27.09 -10.04 39.07
C8 NAG EA . 27.90 -11.33 38.97
N2 NAG EA . 26.03 -10.08 39.88
O3 NAG EA . 26.20 -7.72 41.38
O4 NAG EA . 23.65 -6.73 42.35
O5 NAG EA . 22.62 -8.83 39.59
O6 NAG EA . 21.89 -6.28 38.93
O7 NAG EA . 27.21 -9.15 38.23
C1 NAG FA . 12.23 -21.99 30.27
C2 NAG FA . 12.55 -23.06 31.29
C3 NAG FA . 11.80 -24.36 31.02
C4 NAG FA . 10.31 -24.01 30.94
C5 NAG FA . 10.03 -22.74 30.17
C6 NAG FA . 8.60 -22.24 30.39
C7 NAG FA . 14.65 -22.70 32.47
C8 NAG FA . 16.16 -22.96 32.45
N2 NAG FA . 13.99 -23.16 31.42
O3 NAG FA . 12.02 -25.22 32.12
O4 NAG FA . 9.50 -25.04 30.35
O5 NAG FA . 10.87 -21.71 30.63
O6 NAG FA . 8.42 -20.99 29.76
O7 NAG FA . 14.15 -22.49 33.57
C1 NAG FA . 9.45 -26.26 31.01
C2 NAG FA . 8.04 -26.80 30.90
C3 NAG FA . 8.04 -28.10 31.68
C4 NAG FA . 8.99 -29.07 30.98
C5 NAG FA . 10.36 -28.45 30.78
C6 NAG FA . 11.21 -29.15 29.72
C7 NAG FA . 6.02 -25.44 30.93
C8 NAG FA . 5.40 -24.18 31.54
N2 NAG FA . 7.13 -25.87 31.52
O3 NAG FA . 6.74 -28.63 31.79
O4 NAG FA . 9.20 -30.18 31.87
O5 NAG FA . 10.31 -27.12 30.28
O6 NAG FA . 10.64 -29.12 28.43
O7 NAG FA . 5.72 -25.82 29.80
C1 BMA FA . 8.65 -31.39 31.42
C2 BMA FA . 9.27 -32.37 32.41
C3 BMA FA . 8.65 -33.76 32.29
C4 BMA FA . 7.13 -33.66 32.46
C5 BMA FA . 6.60 -32.60 31.49
C6 BMA FA . 5.14 -32.34 31.86
O2 BMA FA . 9.24 -31.78 33.68
O3 BMA FA . 9.16 -34.65 33.30
O4 BMA FA . 6.49 -34.83 32.02
O5 BMA FA . 7.24 -31.35 31.62
O6 BMA FA . 4.97 -31.47 32.97
C1 NAG GA . -0.38 -14.16 32.24
C2 NAG GA . -1.35 -14.99 33.06
C3 NAG GA . -1.77 -14.28 34.33
C4 NAG GA . -0.50 -13.92 35.09
C5 NAG GA . 0.61 -13.37 34.19
C6 NAG GA . 1.96 -13.34 34.91
C7 NAG GA . -2.52 -16.69 31.75
C8 NAG GA . -3.74 -16.98 30.89
N2 NAG GA . -2.42 -15.44 32.18
O3 NAG GA . -2.51 -15.21 35.10
O4 NAG GA . -0.69 -12.96 36.14
O5 NAG GA . 0.77 -14.23 33.09
O6 NAG GA . 2.96 -12.95 34.00
O7 NAG GA . -1.98 -17.65 32.30
C1 NAG GA . -1.52 -13.32 37.18
C2 NAG GA . -0.93 -12.77 38.47
C3 NAG GA . -1.85 -13.25 39.58
C4 NAG GA . -3.23 -12.62 39.36
C5 NAG GA . -3.73 -12.89 37.94
C6 NAG GA . -4.85 -11.94 37.50
C7 NAG GA . 1.45 -12.59 38.95
C8 NAG GA . 2.80 -13.27 38.74
N2 NAG GA . 0.39 -13.33 38.67
O3 NAG GA . -1.33 -12.93 40.84
O4 NAG GA . -4.16 -13.29 40.22
O5 NAG GA . -2.75 -12.66 36.95
O6 NAG GA . -4.46 -10.58 37.46
O7 NAG GA . 1.37 -11.36 39.06
C1 BMA GA . -4.65 -12.48 41.27
C2 BMA GA . -5.77 -13.37 41.79
C3 BMA GA . -6.34 -12.83 43.10
C4 BMA GA . -5.22 -12.65 44.12
C5 BMA GA . -4.11 -11.81 43.48
C6 BMA GA . -2.90 -11.86 44.42
O2 BMA GA . -5.28 -14.70 41.83
O3 BMA GA . -7.31 -13.72 43.67
O4 BMA GA . -5.62 -11.83 45.20
O5 BMA GA . -3.64 -12.34 42.25
O6 BMA GA . -2.12 -13.05 44.31
C1 NAG HA . 13.86 4.60 24.57
C2 NAG HA . 14.06 5.66 25.65
C3 NAG HA . 15.53 6.05 25.78
C4 NAG HA . 16.31 4.76 26.03
C5 NAG HA . 15.87 3.60 25.15
C6 NAG HA . 16.42 2.27 25.65
C7 NAG HA . 12.05 6.95 26.16
C8 NAG HA . 11.22 8.18 25.80
N2 NAG HA . 13.13 6.74 25.40
O3 NAG HA . 15.64 6.89 26.92
O4 NAG HA . 17.74 4.89 25.85
O5 NAG HA . 14.46 3.48 25.22
O6 NAG HA . 15.87 1.22 24.89
O7 NAG HA . 11.93 6.51 27.30
C1 NAG HA . 18.46 5.41 26.91
C2 NAG HA . 19.83 4.75 26.90
C3 NAG HA . 20.55 5.31 28.12
C4 NAG HA . 20.73 6.81 27.90
C5 NAG HA . 19.40 7.49 27.57
C6 NAG HA . 19.55 8.86 26.91
C7 NAG HA . 20.26 2.43 26.28
C8 NAG HA . 19.68 1.02 26.34
N2 NAG HA . 19.66 3.32 27.08
O3 NAG HA . 21.79 4.66 28.32
O4 NAG HA . 21.15 7.39 29.14
O5 NAG HA . 18.65 6.79 26.61
O6 NAG HA . 20.21 8.82 25.67
O7 NAG HA . 20.99 2.79 25.36
C1 NAG IA . 45.46 13.95 -5.80
C2 NAG IA . 45.85 14.39 -4.40
C3 NAG IA . 45.99 15.91 -4.30
C4 NAG IA . 46.99 16.34 -5.38
C5 NAG IA . 46.78 15.63 -6.72
C6 NAG IA . 47.97 15.82 -7.65
C7 NAG IA . 45.32 12.76 -2.66
C8 NAG IA . 44.26 12.27 -1.68
N2 NAG IA . 44.96 13.76 -3.45
O3 NAG IA . 46.54 16.20 -3.04
O4 NAG IA . 46.98 17.74 -5.66
O5 NAG IA . 46.68 14.24 -6.49
O6 NAG IA . 47.79 15.04 -8.81
O7 NAG IA . 46.49 12.50 -2.39
C1 NAG IA . 47.62 18.57 -4.73
C2 NAG IA . 48.31 19.68 -5.51
C3 NAG IA . 49.03 20.51 -4.44
C4 NAG IA . 47.97 21.13 -3.54
C5 NAG IA . 47.03 20.07 -3.00
C6 NAG IA . 45.71 20.64 -2.46
C7 NAG IA . 49.38 19.41 -7.68
C8 NAG IA . 50.16 18.44 -8.55
N2 NAG IA . 49.30 19.08 -6.39
O3 NAG IA . 49.84 21.49 -5.04
O4 NAG IA . 48.65 21.67 -2.39
O5 NAG IA . 46.57 19.16 -3.97
O6 NAG IA . 44.93 21.29 -3.44
O7 NAG IA . 48.61 20.23 -8.18
C1 NAG JA . 32.40 -14.06 0.89
C2 NAG JA . 31.14 -14.24 1.75
C3 NAG JA . 30.82 -15.71 2.00
C4 NAG JA . 30.97 -16.57 0.76
C5 NAG JA . 32.22 -16.22 -0.03
C6 NAG JA . 32.26 -16.95 -1.37
C7 NAG JA . 30.34 -12.84 3.56
C8 NAG JA . 30.75 -11.83 4.59
N2 NAG JA . 31.32 -13.55 3.01
O3 NAG JA . 29.49 -15.80 2.49
O4 NAG JA . 31.02 -17.93 1.15
O5 NAG JA . 32.29 -14.84 -0.28
O6 NAG JA . 31.08 -16.68 -2.07
O7 NAG JA . 29.16 -12.97 3.24
C1 NAG JA . 29.78 -18.61 0.92
C2 NAG JA . 30.06 -20.10 0.86
C3 NAG JA . 28.81 -20.96 0.73
C4 NAG JA . 27.63 -20.46 1.57
C5 NAG JA . 27.55 -18.93 1.58
C6 NAG JA . 26.49 -18.47 2.59
C7 NAG JA . 32.24 -20.65 -0.03
C8 NAG JA . 33.17 -20.32 -1.15
N2 NAG JA . 30.96 -20.38 -0.24
O3 NAG JA . 29.18 -22.27 1.08
O4 NAG JA . 26.41 -20.95 1.05
O5 NAG JA . 28.78 -18.35 1.89
O6 NAG JA . 26.38 -17.07 2.55
O7 NAG JA . 32.65 -21.13 1.02
C1 BMA JA . 26.08 -22.25 1.58
C2 BMA JA . 24.58 -22.32 1.82
C3 BMA JA . 24.14 -23.71 2.29
C4 BMA JA . 24.78 -24.81 1.46
C5 BMA JA . 26.28 -24.55 1.34
C6 BMA JA . 26.96 -25.64 0.51
O2 BMA JA . 23.91 -21.99 0.62
O3 BMA JA . 22.73 -23.80 2.19
O4 BMA JA . 24.56 -26.05 2.07
O5 BMA JA . 26.47 -23.29 0.73
O6 BMA JA . 26.08 -26.16 -0.45
C1 MAN JA . 22.18 -24.05 3.49
C2 MAN JA . 20.77 -24.62 3.36
C3 MAN JA . 19.78 -23.56 2.88
C4 MAN JA . 19.91 -22.29 3.70
C5 MAN JA . 21.36 -21.85 3.76
C6 MAN JA . 21.54 -20.59 4.59
O2 MAN JA . 20.36 -25.18 4.59
O3 MAN JA . 18.47 -24.07 3.00
O4 MAN JA . 19.12 -21.27 3.13
O5 MAN JA . 22.15 -22.89 4.31
O6 MAN JA . 22.90 -20.20 4.57
C1 MAN JA . 20.09 -26.58 4.40
C2 MAN JA . 19.10 -27.06 5.46
C3 MAN JA . 19.75 -26.94 6.82
C4 MAN JA . 21.08 -27.69 6.83
C5 MAN JA . 21.96 -27.26 5.66
C6 MAN JA . 23.21 -28.15 5.62
O2 MAN JA . 18.73 -28.40 5.19
O3 MAN JA . 18.90 -27.50 7.80
O4 MAN JA . 21.76 -27.46 8.05
O5 MAN JA . 21.27 -27.37 4.44
O6 MAN JA . 23.61 -28.46 6.94
C1 MAN JA . 26.86 -26.92 -1.40
C2 MAN JA . 26.14 -27.03 -2.74
C3 MAN JA . 24.89 -27.90 -2.65
C4 MAN JA . 25.18 -29.20 -1.89
C5 MAN JA . 25.88 -28.86 -0.58
C6 MAN JA . 26.07 -30.04 0.34
O2 MAN JA . 27.02 -27.55 -3.71
O3 MAN JA . 24.43 -28.19 -3.96
O4 MAN JA . 23.97 -29.87 -1.62
O5 MAN JA . 27.10 -28.22 -0.89
O6 MAN JA . 26.23 -31.24 -0.38
C1 MAN JA . 23.21 -27.56 -4.19
C2 MAN JA . 22.61 -28.25 -5.41
C3 MAN JA . 23.11 -27.59 -6.69
C4 MAN JA . 22.87 -26.09 -6.61
C5 MAN JA . 23.46 -25.51 -5.33
C6 MAN JA . 23.18 -24.03 -5.21
O2 MAN JA . 21.21 -28.16 -5.37
O3 MAN JA . 22.45 -28.13 -7.81
O4 MAN JA . 23.43 -25.45 -7.74
O5 MAN JA . 22.92 -26.19 -4.22
O6 MAN JA . 21.82 -23.81 -4.91
C1 NAG KA . 41.92 19.86 4.21
C2 NAG KA . 41.99 21.24 3.58
C3 NAG KA . 42.70 22.24 4.49
C4 NAG KA . 41.98 22.21 5.83
C5 NAG KA . 41.64 20.81 6.31
C6 NAG KA . 40.63 20.83 7.47
C7 NAG KA . 41.74 21.24 1.16
C8 NAG KA . 42.48 21.14 -0.18
N2 NAG KA . 42.51 21.11 2.23
O3 NAG KA . 42.54 23.52 3.92
O4 NAG KA . 42.71 22.82 6.91
O5 NAG KA . 40.99 20.12 5.25
O6 NAG KA . 39.38 20.33 7.02
O7 NAG KA . 40.66 21.81 1.15
C1 NAG KA . 42.51 24.18 7.12
C2 NAG KA . 42.53 24.43 8.61
C3 NAG KA . 42.23 25.92 8.77
C4 NAG KA . 43.38 26.70 8.13
C5 NAG KA . 43.61 26.24 6.70
C6 NAG KA . 44.98 26.62 6.15
C7 NAG KA . 41.67 22.89 10.30
C8 NAG KA . 40.57 21.87 10.58
N2 NAG KA . 41.46 23.67 9.23
O3 NAG KA . 42.07 26.25 10.13
O4 NAG KA . 42.97 28.06 8.03
O5 NAG KA . 43.63 24.84 6.54
O6 NAG KA . 46.06 26.05 6.86
O7 NAG KA . 42.78 22.79 10.81
C1 BMA KA . 43.68 28.94 8.88
C2 BMA KA . 43.21 30.29 8.34
C3 BMA KA . 43.66 31.42 9.25
C4 BMA KA . 43.20 31.18 10.68
C5 BMA KA . 43.64 29.78 11.10
C6 BMA KA . 42.95 29.46 12.42
O2 BMA KA . 41.83 30.19 8.10
O3 BMA KA . 43.12 32.69 8.81
O4 BMA KA . 43.88 32.01 11.59
O5 BMA KA . 43.22 28.77 10.22
O6 BMA KA . 41.59 29.03 12.28
C1 NAG LA . 40.22 -20.58 7.87
C2 NAG LA . 41.06 -21.61 8.60
C3 NAG LA . 41.88 -22.46 7.64
C4 NAG LA . 40.90 -23.06 6.63
C5 NAG LA . 39.85 -22.07 6.14
C6 NAG LA . 38.71 -22.78 5.40
C7 NAG LA . 41.47 -21.08 10.94
C8 NAG LA . 42.39 -20.36 11.92
N2 NAG LA . 41.79 -20.94 9.65
O3 NAG LA . 42.47 -23.50 8.38
O4 NAG LA . 41.53 -23.60 5.45
O5 NAG LA . 39.26 -21.44 7.25
O6 NAG LA . 37.69 -21.85 5.10
O7 NAG LA . 40.80 -22.01 11.39
C1 NAG LA . 42.40 -24.65 5.63
C2 NAG LA . 42.24 -25.61 4.47
C3 NAG LA . 43.18 -26.77 4.76
C4 NAG LA . 44.61 -26.23 4.73
C5 NAG LA . 44.75 -25.03 5.66
C6 NAG LA . 45.99 -24.18 5.37
C7 NAG LA . 40.11 -26.10 3.36
C8 NAG LA . 38.62 -26.26 3.61
N2 NAG LA . 40.87 -26.11 4.46
O3 NAG LA . 43.00 -27.81 3.82
O4 NAG LA . 45.46 -27.24 5.28
O5 NAG LA . 43.71 -24.09 5.53
O6 NAG LA . 45.98 -23.60 4.09
O7 NAG LA . 40.55 -25.68 2.29
C1 BMA LA . 46.33 -27.83 4.33
C2 BMA LA . 47.25 -28.62 5.27
C3 BMA LA . 48.17 -29.55 4.48
C4 BMA LA . 47.34 -30.45 3.57
C5 BMA LA . 46.40 -29.58 2.74
C6 BMA LA . 45.41 -30.51 2.03
O2 BMA LA . 46.44 -29.23 6.24
O3 BMA LA . 48.95 -30.39 5.35
O4 BMA LA . 48.15 -31.07 2.58
O5 BMA LA . 45.60 -28.72 3.51
O6 BMA LA . 44.33 -30.95 2.87
C1 MAN LA . 50.25 -29.90 5.56
C2 MAN LA . 51.12 -31.05 6.06
C3 MAN LA . 50.71 -31.41 7.48
C4 MAN LA . 50.62 -30.13 8.31
C5 MAN LA . 49.76 -29.06 7.66
C6 MAN LA . 49.68 -27.83 8.56
O2 MAN LA . 52.45 -30.54 6.10
O3 MAN LA . 51.49 -32.44 8.04
O4 MAN LA . 50.01 -30.51 9.53
O5 MAN LA . 50.27 -28.75 6.38
O6 MAN LA . 48.80 -26.86 8.07
C1 MAN LA . 43.39 -31.83 2.31
C2 MAN LA . 42.56 -32.53 3.40
C3 MAN LA . 43.28 -33.45 4.37
C4 MAN LA . 43.96 -34.48 3.46
C5 MAN LA . 44.78 -33.73 2.42
C6 MAN LA . 45.58 -34.57 1.44
O2 MAN LA . 41.41 -33.13 2.87
O3 MAN LA . 42.31 -34.05 5.23
O4 MAN LA . 44.80 -35.27 4.28
O5 MAN LA . 44.03 -32.87 1.60
O6 MAN LA . 46.29 -33.65 0.61
C1 NAG MA . 21.86 -30.23 15.02
C2 NAG MA . 22.69 -31.47 14.66
C3 NAG MA . 21.79 -32.49 13.97
C4 NAG MA . 20.57 -32.80 14.84
C5 NAG MA . 19.87 -31.51 15.25
C6 NAG MA . 18.71 -31.71 16.18
C7 NAG MA . 23.92 -30.37 12.80
C8 NAG MA . 25.09 -29.44 12.72
N2 NAG MA . 23.89 -31.18 13.88
O3 NAG MA . 22.51 -33.69 13.68
O4 NAG MA . 19.61 -33.52 14.08
O5 NAG MA . 20.81 -30.63 15.91
O6 NAG MA . 17.81 -30.60 16.17
O7 NAG MA . 23.03 -30.37 11.95
C1 NAG MA . 19.75 -34.89 13.89
C2 NAG MA . 18.36 -35.39 13.50
C3 NAG MA . 18.48 -36.89 13.27
C4 NAG MA . 19.39 -37.11 12.06
C5 NAG MA . 20.76 -36.52 12.38
C6 NAG MA . 21.75 -36.56 11.24
C7 NAG MA . 16.97 -35.11 15.51
C8 NAG MA . 15.66 -34.59 16.03
N2 NAG MA . 17.13 -35.05 14.21
O3 NAG MA . 17.20 -37.49 13.08
O4 NAG MA . 19.41 -38.46 11.63
O5 NAG MA . 20.63 -35.14 12.78
O6 NAG MA . 21.18 -36.14 10.00
O7 NAG MA . 17.83 -35.55 16.26
C1 BMA MA . 19.15 -38.67 10.27
C2 BMA MA . 20.22 -39.62 9.72
C3 BMA MA . 19.88 -40.04 8.28
C4 BMA MA . 18.43 -40.50 8.14
C5 BMA MA . 17.52 -39.42 8.72
C6 BMA MA . 16.03 -39.65 8.64
O2 BMA MA . 20.33 -40.74 10.59
O3 BMA MA . 20.87 -40.88 7.64
O4 BMA MA . 18.13 -40.76 6.78
O5 BMA MA . 17.85 -39.20 10.10
O6 BMA MA . 15.39 -38.41 8.92
C1 MAN MA . 13.99 -38.38 8.97
C2 MAN MA . 13.55 -36.91 9.10
C3 MAN MA . 13.86 -36.36 10.50
C4 MAN MA . 13.29 -37.25 11.58
C5 MAN MA . 13.74 -38.70 11.39
C6 MAN MA . 13.08 -39.66 12.35
O2 MAN MA . 12.16 -36.79 8.83
O3 MAN MA . 13.40 -35.03 10.66
O4 MAN MA . 13.71 -36.79 12.87
O5 MAN MA . 13.43 -39.15 10.05
O6 MAN MA . 11.73 -39.31 12.66
C1 MAN MA . 14.33 -33.96 10.49
C2 MAN MA . 14.02 -32.81 11.48
C3 MAN MA . 12.80 -32.00 11.06
C4 MAN MA . 12.81 -31.64 9.58
C5 MAN MA . 13.09 -32.88 8.73
C6 MAN MA . 13.23 -32.61 7.26
O2 MAN MA . 15.16 -31.98 11.64
O3 MAN MA . 12.71 -30.80 11.84
O4 MAN MA . 11.56 -31.05 9.22
O5 MAN MA . 14.33 -33.47 9.15
O6 MAN MA . 13.53 -33.80 6.55
C1 MAN MA . 11.30 -39.91 13.97
C2 MAN MA . 9.85 -39.40 14.12
C3 MAN MA . 9.78 -37.98 14.68
C4 MAN MA . 10.67 -37.80 15.89
C5 MAN MA . 12.09 -38.30 15.61
C6 MAN MA . 13.01 -38.25 16.80
O2 MAN MA . 9.10 -40.31 14.94
O3 MAN MA . 8.44 -37.62 14.98
O4 MAN MA . 10.72 -36.42 16.26
O5 MAN MA . 12.03 -39.68 15.18
O6 MAN MA . 13.48 -36.94 17.06
C1 MAN MA . 21.91 -40.59 6.85
C2 MAN MA . 21.97 -41.62 5.72
C3 MAN MA . 22.06 -43.01 6.34
C4 MAN MA . 23.29 -43.13 7.24
C5 MAN MA . 23.48 -41.93 8.18
C6 MAN MA . 24.90 -41.80 8.67
O2 MAN MA . 23.13 -41.36 4.95
O3 MAN MA . 22.07 -44.01 5.33
O4 MAN MA . 23.14 -44.32 8.02
O5 MAN MA . 23.17 -40.67 7.55
O6 MAN MA . 25.43 -43.01 9.23
C1 NAG NA . 39.29 -20.96 15.28
C2 NAG NA . 38.46 -22.11 14.70
C3 NAG NA . 38.61 -23.44 15.44
C4 NAG NA . 40.07 -23.76 15.73
C5 NAG NA . 40.76 -22.55 16.35
C6 NAG NA . 42.25 -22.74 16.54
C7 NAG NA . 36.22 -22.01 13.65
C8 NAG NA . 34.77 -21.72 13.90
N2 NAG NA . 37.07 -21.71 14.65
O3 NAG NA . 38.04 -24.49 14.67
O4 NAG NA . 40.13 -24.83 16.67
O5 NAG NA . 40.62 -21.42 15.48
O6 NAG NA . 42.82 -21.61 17.18
O7 NAG NA . 36.61 -22.52 12.60
C1 NAG NA . 40.36 -26.18 16.23
C2 NAG NA . 40.99 -26.97 17.37
C3 NAG NA . 41.28 -28.38 16.85
C4 NAG NA . 39.99 -29.05 16.37
C5 NAG NA . 39.28 -28.14 15.36
C6 NAG NA . 37.88 -28.61 15.01
C7 NAG NA . 42.25 -25.42 18.83
C8 NAG NA . 43.61 -24.88 19.18
N2 NAG NA . 42.21 -26.34 17.85
O3 NAG NA . 41.91 -29.18 17.85
O4 NAG NA . 40.32 -30.31 15.78
O5 NAG NA . 39.13 -26.82 15.90
O6 NAG NA . 37.10 -27.54 14.47
O7 NAG NA . 41.23 -25.04 19.41
C1 BMA NA . 39.77 -31.51 16.34
C2 BMA NA . 39.92 -32.67 15.34
C3 BMA NA . 39.49 -34.00 15.95
C4 BMA NA . 40.12 -34.22 17.31
C5 BMA NA . 39.85 -33.01 18.20
C6 BMA NA . 40.46 -33.09 19.59
O2 BMA NA . 41.27 -32.75 14.90
O3 BMA NA . 39.78 -35.09 15.08
O4 BMA NA . 39.61 -35.41 17.90
O5 BMA NA . 40.40 -31.83 17.58
O6 BMA NA . 41.87 -32.90 19.55
C1 MAN NA . 38.76 -36.08 14.89
C2 MAN NA . 39.35 -37.47 14.54
C3 MAN NA . 39.79 -37.51 13.09
C4 MAN NA . 38.64 -37.11 12.16
C5 MAN NA . 38.10 -35.73 12.54
C6 MAN NA . 36.85 -35.34 11.79
O2 MAN NA . 38.37 -38.49 14.77
O3 MAN NA . 40.26 -38.80 12.73
O4 MAN NA . 39.10 -37.12 10.81
O5 MAN NA . 37.74 -35.70 13.94
O6 MAN NA . 37.12 -35.00 10.43
C1 MAN NA . 38.44 -39.18 16.02
C2 MAN NA . 37.61 -40.48 15.97
C3 MAN NA . 36.11 -40.16 15.92
C4 MAN NA . 35.74 -39.28 17.11
C5 MAN NA . 36.58 -38.01 17.05
C6 MAN NA . 36.35 -37.03 18.17
O2 MAN NA . 37.80 -41.19 17.18
O3 MAN NA . 35.34 -41.35 15.95
O4 MAN NA . 34.35 -39.00 17.09
O5 MAN NA . 37.97 -38.34 17.09
O6 MAN NA . 37.16 -35.90 17.96
C1 MAN NA . 38.62 -42.31 17.17
C2 MAN NA . 38.03 -43.32 18.17
C3 MAN NA . 38.24 -42.93 19.64
C4 MAN NA . 39.61 -42.32 19.91
C5 MAN NA . 39.92 -41.27 18.85
C6 MAN NA . 41.26 -40.57 19.02
O2 MAN NA . 38.46 -44.66 17.92
O3 MAN NA . 38.11 -44.08 20.49
O4 MAN NA . 39.58 -41.71 21.20
O5 MAN NA . 39.94 -41.91 17.56
O6 MAN NA . 41.39 -39.46 18.12
C1 MAN NA . 42.55 -33.18 20.74
C2 MAN NA . 44.00 -32.72 20.58
C3 MAN NA . 44.73 -33.59 19.56
C4 MAN NA . 44.60 -35.08 19.86
C5 MAN NA . 43.14 -35.48 20.13
C6 MAN NA . 43.01 -36.86 20.74
O2 MAN NA . 44.69 -32.70 21.83
O3 MAN NA . 46.09 -33.20 19.47
O4 MAN NA . 45.08 -35.83 18.75
O5 MAN NA . 42.54 -34.58 21.07
O6 MAN NA . 43.62 -36.86 22.02
C1 MAN NA . 43.71 -38.09 22.71
C2 MAN NA . 44.74 -37.95 23.84
C3 MAN NA . 46.12 -37.84 23.20
C4 MAN NA . 46.43 -39.08 22.36
C5 MAN NA . 45.34 -39.33 21.33
C6 MAN NA . 45.42 -40.70 20.70
O2 MAN NA . 44.70 -39.10 24.68
O3 MAN NA . 47.12 -37.66 24.20
O4 MAN NA . 47.66 -38.88 21.67
O5 MAN NA . 44.02 -39.24 21.91
O6 MAN NA . 45.04 -41.73 21.60
C1 MAN NA . 43.83 -39.07 25.83
C2 MAN NA . 44.42 -40.06 26.85
C3 MAN NA . 44.29 -41.51 26.39
C4 MAN NA . 42.88 -41.84 25.90
C5 MAN NA . 42.40 -40.80 24.92
C6 MAN NA . 40.96 -40.98 24.48
O2 MAN NA . 43.80 -39.88 28.11
O3 MAN NA . 44.67 -42.40 27.42
O4 MAN NA . 42.90 -43.11 25.26
O5 MAN NA . 42.49 -39.48 25.50
O6 MAN NA . 40.07 -40.56 25.48
C1 MAN NA . 46.47 -32.44 18.32
C2 MAN NA . 47.83 -32.92 17.82
C3 MAN NA . 48.99 -32.38 18.67
C4 MAN NA . 48.85 -30.88 18.94
C5 MAN NA . 47.46 -30.56 19.49
C6 MAN NA . 47.20 -29.08 19.68
O2 MAN NA . 48.00 -32.61 16.44
O3 MAN NA . 50.23 -32.64 18.02
O4 MAN NA . 49.83 -30.47 19.89
O5 MAN NA . 46.46 -31.03 18.56
O6 MAN NA . 47.96 -28.55 20.75
C1 NAG OA . 61.81 8.11 2.64
C2 NAG OA . 61.85 9.04 1.45
C3 NAG OA . 61.81 8.29 0.12
C4 NAG OA . 62.95 7.27 0.16
C5 NAG OA . 63.09 6.55 1.49
C6 NAG OA . 64.43 5.82 1.60
C7 NAG OA . 61.16 11.33 1.96
C8 NAG OA . 59.97 12.29 2.04
N2 NAG OA . 60.84 10.07 1.63
O3 NAG OA . 62.05 9.21 -0.91
O4 NAG OA . 62.85 6.24 -0.85
O5 NAG OA . 63.10 7.51 2.53
O6 NAG OA . 64.56 5.28 2.89
O7 NAG OA . 62.27 11.83 1.78
C1 NAG OA . 62.90 6.65 -2.17
C2 NAG OA . 63.67 5.62 -2.96
C3 NAG OA . 63.73 6.15 -4.39
C4 NAG OA . 62.30 6.19 -4.92
C5 NAG OA . 61.38 6.97 -3.98
C6 NAG OA . 59.90 6.70 -4.21
C7 NAG OA . 65.60 4.38 -2.10
C8 NAG OA . 66.83 4.49 -1.21
N2 NAG OA . 65.02 5.54 -2.43
O3 NAG OA . 64.57 5.35 -5.18
O4 NAG OA . 62.33 6.95 -6.14
O5 NAG OA . 61.54 6.62 -2.63
O6 NAG OA . 59.54 5.35 -3.99
O7 NAG OA . 65.01 3.31 -2.25
C1 NAG PA . 39.02 0.60 23.43
C2 NAG PA . 37.79 0.39 24.30
C3 NAG PA . 37.70 1.41 25.43
C4 NAG PA . 39.02 1.34 26.20
C5 NAG PA . 40.25 1.24 25.30
C6 NAG PA . 41.49 0.83 26.08
C7 NAG PA . 36.01 -0.88 23.20
C8 NAG PA . 34.77 -0.79 22.33
N2 NAG PA . 36.62 0.29 23.43
O3 NAG PA . 36.65 1.01 26.28
O4 NAG PA . 39.25 2.46 27.07
O5 NAG PA . 40.04 0.21 24.35
O6 NAG PA . 42.56 0.62 25.19
O7 NAG PA . 36.11 -1.86 23.93
C1 NAG PA . 38.35 2.64 28.11
C2 NAG PA . 39.12 3.12 29.32
C3 NAG PA . 38.10 3.25 30.43
C4 NAG PA . 37.11 4.34 30.03
C5 NAG PA . 36.53 4.07 28.64
C6 NAG PA . 35.89 5.30 27.99
C7 NAG PA . 41.37 2.39 29.92
C8 NAG PA . 42.32 1.19 29.89
N2 NAG PA . 40.09 2.11 29.69
O3 NAG PA . 38.71 3.53 31.67
O4 NAG PA . 35.98 4.26 30.92
O5 NAG PA . 37.50 3.71 27.69
O6 NAG PA . 36.80 6.34 27.77
O7 NAG PA . 41.79 3.54 29.82
C1 BMA PA . 35.87 5.35 31.80
C2 BMA PA . 34.49 5.11 32.39
C3 BMA PA . 34.21 6.04 33.57
C4 BMA PA . 35.32 5.92 34.61
C5 BMA PA . 36.66 6.11 33.91
C6 BMA PA . 37.75 5.74 34.92
O2 BMA PA . 34.38 3.72 32.66
O3 BMA PA . 32.96 5.73 34.19
O4 BMA PA . 35.28 7.01 35.51
O5 BMA PA . 36.86 5.24 32.82
O6 BMA PA . 37.97 4.33 35.04
C1 NAG QA . 37.21 -5.65 24.00
C2 NAG QA . 36.28 -5.51 25.20
C3 NAG QA . 36.96 -4.75 26.35
C4 NAG QA . 38.26 -5.48 26.66
C5 NAG QA . 39.04 -5.91 25.41
C6 NAG QA . 40.14 -6.91 25.75
C7 NAG QA . 33.92 -5.74 24.66
C8 NAG QA . 32.66 -5.00 24.22
N2 NAG QA . 35.01 -4.99 24.74
O3 NAG QA . 36.10 -4.84 27.47
O4 NAG QA . 39.18 -4.72 27.46
O5 NAG QA . 38.15 -6.59 24.54
O6 NAG QA . 40.72 -7.38 24.56
O7 NAG QA . 33.76 -6.79 25.28
C1 NAG QA . 38.75 -4.37 28.73
C2 NAG QA . 39.95 -4.46 29.66
C3 NAG QA . 39.42 -4.13 31.05
C4 NAG QA . 38.93 -2.68 31.02
C5 NAG QA . 37.96 -2.45 29.88
C6 NAG QA . 37.77 -0.97 29.51
C7 NAG QA . 41.73 -6.14 29.49
C8 NAG QA . 42.01 -7.58 29.12
N2 NAG QA . 40.44 -5.83 29.66
O3 NAG QA . 40.40 -4.34 32.03
O4 NAG QA . 38.18 -2.45 32.22
O5 NAG QA . 38.38 -3.00 28.65
O6 NAG QA . 38.95 -0.36 29.05
O7 NAG QA . 42.57 -5.25 29.33
C1 BMA QA . 38.79 -1.59 33.13
C2 BMA QA . 37.64 -1.35 34.11
C3 BMA QA . 38.11 -0.60 35.35
C4 BMA QA . 39.29 -1.33 36.00
C5 BMA QA . 40.35 -1.58 34.92
C6 BMA QA . 41.38 -2.54 35.52
O2 BMA QA . 37.02 -2.60 34.34
O3 BMA QA . 37.07 -0.49 36.33
O4 BMA QA . 39.98 -0.51 36.92
O5 BMA QA . 39.85 -2.26 33.79
O6 BMA QA . 40.99 -3.91 35.50
C1 NAG RA . 47.26 -4.80 23.08
C2 NAG RA . 46.64 -5.59 24.23
C3 NAG RA . 47.67 -5.94 25.31
C4 NAG RA . 48.82 -6.66 24.61
C5 NAG RA . 49.23 -6.04 23.28
C6 NAG RA . 50.12 -6.96 22.46
C7 NAG RA . 44.22 -5.33 24.42
C8 NAG RA . 43.10 -4.51 25.03
N2 NAG RA . 45.45 -4.90 24.68
O3 NAG RA . 47.06 -6.82 26.22
O4 NAG RA . 50.02 -6.75 25.40
O5 NAG RA . 48.07 -5.83 22.50
O6 NAG RA . 50.35 -6.39 21.19
O7 NAG RA . 43.97 -6.50 24.12
C1 NAG RA . 49.94 -7.46 26.58
C2 NAG RA . 51.24 -8.22 26.77
C3 NAG RA . 51.07 -9.02 28.05
C4 NAG RA . 50.92 -8.02 29.21
C5 NAG RA . 49.82 -7.01 28.92
C6 NAG RA . 49.90 -5.75 29.77
C7 NAG RA . 52.54 -9.22 24.95
C8 NAG RA . 52.43 -9.93 23.61
N2 NAG RA . 51.40 -9.14 25.66
O3 NAG RA . 52.15 -9.90 28.25
O4 NAG RA . 50.48 -8.76 30.35
O5 NAG RA . 49.86 -6.48 27.61
O6 NAG RA . 51.08 -5.01 29.58
O7 NAG RA . 53.50 -8.51 25.23
C1 NAG SA . 39.66 -14.46 -1.59
C2 NAG SA . 38.60 -15.15 -2.43
C3 NAG SA . 39.20 -16.15 -3.41
C4 NAG SA . 40.23 -15.39 -4.24
C5 NAG SA . 41.10 -14.45 -3.42
C6 NAG SA . 41.88 -13.47 -4.30
C7 NAG SA . 36.37 -15.10 -1.42
C8 NAG SA . 35.40 -15.81 -0.49
N2 NAG SA . 37.57 -15.65 -1.53
O3 NAG SA . 38.16 -16.59 -4.26
O4 NAG SA . 41.14 -16.24 -4.96
O5 NAG SA . 40.27 -13.65 -2.60
O6 NAG SA . 43.05 -13.05 -3.64
O7 NAG SA . 35.88 -14.36 -2.28
C1 NAG SA . 40.58 -17.07 -5.93
C2 NAG SA . 41.55 -17.13 -7.10
C3 NAG SA . 40.85 -18.01 -8.14
C4 NAG SA . 40.71 -19.41 -7.55
C5 NAG SA . 40.03 -19.37 -6.18
C6 NAG SA . 40.25 -20.62 -5.35
C7 NAG SA . 42.91 -15.27 -7.89
C8 NAG SA . 42.92 -13.75 -8.07
N2 NAG SA . 41.71 -15.80 -7.64
O3 NAG SA . 41.58 -18.02 -9.35
O4 NAG SA . 39.83 -20.14 -8.40
O5 NAG SA . 40.53 -18.37 -5.33
O6 NAG SA . 41.60 -20.86 -5.03
O7 NAG SA . 43.93 -15.90 -7.66
C1 NAG TA . -2.59 42.50 -37.76
C2 NAG TA . -1.55 42.19 -38.83
C3 NAG TA . -1.05 43.45 -39.52
C4 NAG TA . -2.27 44.20 -40.05
C5 NAG TA . -3.45 44.22 -39.08
C6 NAG TA . -4.75 44.65 -39.76
C7 NAG TA . -0.45 40.03 -38.53
C8 NAG TA . 0.71 39.31 -37.88
N2 NAG TA . -0.55 41.33 -38.24
O3 NAG TA . -0.24 43.06 -40.60
O4 NAG TA . -2.02 45.56 -40.42
O5 NAG TA . -3.68 42.91 -38.61
O6 NAG TA . -5.81 44.52 -38.86
O7 NAG TA . -0.93 39.52 -39.54
C1 NAG TA . -1.11 45.78 -41.45
C2 NAG TA . -1.61 46.95 -42.28
C3 NAG TA . -0.61 47.09 -43.41
C4 NAG TA . 0.74 47.49 -42.79
C5 NAG TA . 1.14 46.50 -41.69
C6 NAG TA . 2.21 47.03 -40.75
C7 NAG TA . -3.96 47.41 -42.76
C8 NAG TA . -5.31 46.74 -43.03
N2 NAG TA . -2.90 46.59 -42.84
O3 NAG TA . -1.04 48.05 -44.34
O4 NAG TA . 1.74 47.35 -43.80
O5 NAG TA . 0.09 46.19 -40.81
O6 NAG TA . 1.80 48.18 -40.04
O7 NAG TA . -3.88 48.50 -42.20
C1 BMA TA . 2.29 48.57 -44.24
C2 BMA TA . 3.47 48.06 -45.07
C3 BMA TA . 4.11 49.19 -45.86
C4 BMA TA . 3.06 49.92 -46.70
C5 BMA TA . 1.90 50.31 -45.80
C6 BMA TA . 0.77 50.79 -46.70
O2 BMA TA . 3.01 46.96 -45.83
O3 BMA TA . 5.14 48.71 -46.74
O4 BMA TA . 3.54 51.16 -47.15
O5 BMA TA . 1.35 49.23 -45.07
O6 BMA TA . 0.00 49.74 -47.29
C1 NAG UA . -22.47 21.80 32.35
C2 NAG UA . -23.58 21.26 33.23
C3 NAG UA . -24.92 21.22 32.50
C4 NAG UA . -25.18 22.63 31.98
C5 NAG UA . -23.96 23.30 31.37
C6 NAG UA . -24.16 24.80 31.19
C7 NAG UA . -22.78 19.89 35.10
C8 NAG UA . -22.40 18.49 35.54
N2 NAG UA . -23.13 20.01 33.81
O3 NAG UA . -25.91 20.88 33.45
O4 NAG UA . -26.22 22.70 30.99
O5 NAG UA . -22.87 23.17 32.27
O6 NAG UA . -22.95 25.39 30.76
O7 NAG UA . -23.13 20.69 35.97
C1 NAG UA . -27.49 22.32 31.38
C2 NAG UA . -28.49 23.25 30.70
C3 NAG UA . -29.86 22.81 31.20
C4 NAG UA . -30.10 21.39 30.71
C5 NAG UA . -28.95 20.47 31.10
C6 NAG UA . -28.90 19.18 30.29
C7 NAG UA . -28.11 25.62 30.27
C8 NAG UA . -27.46 26.88 30.83
N2 NAG UA . -28.23 24.60 31.13
O3 NAG UA . -30.85 23.70 30.77
O4 NAG UA . -31.24 20.88 31.42
O5 NAG UA . -27.68 21.02 30.84
O6 NAG UA . -28.71 19.38 28.91
O7 NAG UA . -28.22 25.45 29.06
C1 NAG VA . -9.08 17.59 34.06
C2 NAG VA . -9.13 18.23 35.43
C3 NAG VA . -7.81 18.10 36.18
C4 NAG VA . -7.47 16.61 36.21
C5 NAG VA . -7.72 15.89 34.89
C6 NAG VA . -7.70 14.38 35.05
C7 NAG VA . -10.89 19.92 35.66
C8 NAG VA . -11.24 21.39 35.50
N2 NAG VA . -9.66 19.57 35.29
O3 NAG VA . -8.03 18.55 37.50
O4 NAG VA . -6.10 16.33 36.58
O5 NAG VA . -9.02 16.22 34.44
O6 NAG VA . -8.07 13.77 33.83
O7 NAG VA . -11.56 19.27 36.46
C1 NAG VA . -5.69 16.72 37.84
C2 NAG VA . -4.75 15.66 38.38
C3 NAG VA . -4.38 16.12 39.78
C4 NAG VA . -3.61 17.44 39.65
C5 NAG VA . -4.39 18.45 38.83
C6 NAG VA . -3.54 19.60 38.28
C7 NAG VA . -4.98 13.26 37.97
C8 NAG VA . -5.99 12.15 37.79
N2 NAG VA . -5.47 14.41 38.46
O3 NAG VA . -3.64 15.14 40.45
O4 NAG VA . -3.52 18.01 40.96
O5 NAG VA . -4.94 17.91 37.64
O6 NAG VA . -2.52 19.17 37.40
O7 NAG VA . -3.88 13.23 37.42
C1 BMA VA . -2.22 18.02 41.49
C2 BMA VA . -2.42 18.92 42.70
C3 BMA VA . -1.18 18.90 43.61
C4 BMA VA . -0.81 17.47 43.99
C5 BMA VA . -0.72 16.64 42.72
C6 BMA VA . -0.60 15.18 43.13
O2 BMA VA . -3.63 18.53 43.31
O3 BMA VA . -1.41 19.64 44.82
O4 BMA VA . 0.49 17.39 44.51
O5 BMA VA . -1.87 16.71 41.91
O6 BMA VA . -1.86 14.57 43.47
C1 NAG WA . -11.17 2.79 33.31
C2 NAG WA . -10.78 2.17 34.64
C3 NAG WA . -11.94 1.40 35.26
C4 NAG WA . -13.13 2.35 35.35
C5 NAG WA . -13.30 3.21 34.10
C6 NAG WA . -14.27 4.38 34.35
C7 NAG WA . -8.37 1.90 34.94
C8 NAG WA . -7.18 0.96 34.73
N2 NAG WA . -9.53 1.44 34.47
O3 NAG WA . -11.54 1.03 36.57
O4 NAG WA . -14.39 1.71 35.59
O5 NAG WA . -12.07 3.79 33.76
O6 NAG WA . -14.29 5.20 33.21
O7 NAG WA . -8.28 2.72 35.84
C1 NAG WA . -14.51 1.01 36.78
C2 NAG WA . -15.93 1.22 37.29
C3 NAG WA . -16.00 0.49 38.62
C4 NAG WA . -15.80 -1.01 38.34
C5 NAG WA . -14.52 -1.25 37.54
C6 NAG WA . -14.47 -2.61 36.85
C7 NAG WA . -17.21 3.28 37.04
C8 NAG WA . -17.09 4.80 37.03
N2 NAG WA . -16.14 2.63 37.52
O3 NAG WA . -17.22 0.73 39.27
O4 NAG WA . -15.57 -1.65 39.60
O5 NAG WA . -14.37 -0.37 36.45
O6 NAG WA . -15.50 -2.79 35.90
O7 NAG WA . -18.07 2.70 36.39
C1 BMA WA . -16.62 -2.51 40.01
C2 BMA WA . -15.95 -3.22 41.18
C3 BMA WA . -16.97 -4.06 41.96
C4 BMA WA . -18.16 -3.19 42.38
C5 BMA WA . -18.69 -2.46 41.15
C6 BMA WA . -19.69 -1.43 41.63
O2 BMA WA . -15.25 -2.25 41.93
O3 BMA WA . -16.39 -4.63 43.14
O4 BMA WA . -19.25 -3.98 42.78
O5 BMA WA . -17.71 -1.73 40.45
O6 BMA WA . -19.09 -0.22 42.14
C1 NAG XA . -23.91 8.82 12.95
C2 NAG XA . -25.39 8.50 13.07
C3 NAG XA . -26.26 9.67 12.63
C4 NAG XA . -25.84 10.88 13.45
C5 NAG XA . -24.32 11.02 13.60
C6 NAG XA . -23.95 12.01 14.69
C7 NAG XA . -25.88 6.10 13.08
C8 NAG XA . -26.18 4.89 12.22
N2 NAG XA . -25.64 7.23 12.41
O3 NAG XA . -27.60 9.35 12.95
O4 NAG XA . -26.31 12.13 12.94
O5 NAG XA . -23.80 9.77 14.01
O6 NAG XA . -22.55 12.00 14.88
O7 NAG XA . -26.27 6.07 14.24
C1 NAG XA . -27.60 12.51 13.27
C2 NAG XA . -27.64 14.02 13.39
C3 NAG XA . -29.07 14.35 13.82
C4 NAG XA . -30.00 13.93 12.69
C5 NAG XA . -29.77 12.47 12.30
C6 NAG XA . -30.32 12.11 10.92
C7 NAG XA . -25.82 15.39 14.27
C8 NAG XA . -24.70 15.43 15.31
N2 NAG XA . -26.73 14.43 14.45
O3 NAG XA . -29.20 15.72 14.12
O4 NAG XA . -31.34 13.98 13.20
O5 NAG XA . -28.41 12.14 12.15
O6 NAG XA . -29.73 12.83 9.87
O7 NAG XA . -25.73 15.99 13.20
C1 NAG YA . -21.79 36.32 -22.37
C2 NAG YA . -23.14 36.38 -21.67
C3 NAG YA . -24.28 35.90 -22.56
C4 NAG YA . -24.21 36.72 -23.85
C5 NAG YA . -22.80 36.91 -24.39
C6 NAG YA . -22.75 38.00 -25.45
C7 NAG YA . -22.97 36.42 -19.23
C8 NAG YA . -22.89 35.57 -17.97
N2 NAG YA . -23.00 35.74 -20.38
O3 NAG YA . -25.49 36.18 -21.89
O4 NAG YA . -24.99 36.17 -24.92
O5 NAG YA . -21.98 37.36 -23.33
O6 NAG YA . -21.40 38.23 -25.82
O7 NAG YA . -23.38 37.57 -19.11
C1 NAG YA . -26.36 36.34 -24.87
C2 NAG YA . -26.86 36.58 -26.28
C3 NAG YA . -28.36 36.82 -26.14
C4 NAG YA . -28.99 35.53 -25.63
C5 NAG YA . -28.29 35.05 -24.36
C6 NAG YA . -28.54 33.58 -24.03
C7 NAG YA . -25.64 37.84 -27.99
C8 NAG YA . -24.71 39.02 -28.21
N2 NAG YA . -26.23 37.79 -26.79
O3 NAG YA . -28.91 37.22 -27.37
O4 NAG YA . -30.33 35.84 -25.23
O5 NAG YA . -26.88 35.08 -24.44
O6 NAG YA . -28.08 32.69 -25.02
O7 NAG YA . -25.60 36.85 -28.72
C1 NAG ZA . -2.58 35.15 2.72
C2 NAG ZA . -2.57 34.01 3.74
C3 NAG ZA . -1.63 34.29 4.91
C4 NAG ZA . -0.29 34.87 4.47
C5 NAG ZA . -0.47 35.94 3.39
C6 NAG ZA . 0.87 36.38 2.82
C7 NAG ZA . -4.40 32.57 4.41
C8 NAG ZA . -5.90 32.46 4.48
N2 NAG ZA . -3.91 33.79 4.24
O3 NAG ZA . -1.42 33.07 5.61
O4 NAG ZA . 0.34 35.45 5.60
O5 NAG ZA . -1.27 35.46 2.33
O6 NAG ZA . 1.57 35.23 2.36
O7 NAG ZA . -3.69 31.57 4.49
C1 NAG ZA . 1.40 34.59 6.10
C2 NAG ZA . 2.34 35.46 6.92
C3 NAG ZA . 3.45 34.68 7.59
C4 NAG ZA . 2.98 33.34 8.17
C5 NAG ZA . 1.99 32.64 7.26
C6 NAG ZA . 1.39 31.41 7.95
C7 NAG ZA . 2.51 37.73 6.13
C8 NAG ZA . 2.69 38.55 4.88
N2 NAG ZA . 2.92 36.48 6.07
O3 NAG ZA . 3.98 35.52 8.61
O4 NAG ZA . 4.09 32.46 8.34
O5 NAG ZA . 0.94 33.51 6.87
O6 NAG ZA . 0.51 30.75 7.06
O7 NAG ZA . 2.01 38.22 7.14
C1 BMA ZA . 4.73 32.64 9.61
C2 BMA ZA . 5.17 31.27 10.14
C3 BMA ZA . 5.96 31.39 11.45
C4 BMA ZA . 7.01 32.50 11.36
C5 BMA ZA . 6.38 33.77 10.81
C6 BMA ZA . 7.40 34.89 10.72
O2 BMA ZA . 5.95 30.64 9.17
O3 BMA ZA . 6.58 30.15 11.72
O4 BMA ZA . 7.53 32.74 12.65
O5 BMA ZA . 5.86 33.48 9.53
O6 BMA ZA . 8.70 34.38 10.49
C1 MAN ZA . 6.10 29.65 12.98
C2 MAN ZA . 7.07 28.61 13.52
C3 MAN ZA . 7.02 27.32 12.71
C4 MAN ZA . 5.59 26.85 12.52
C5 MAN ZA . 4.74 28.00 11.99
C6 MAN ZA . 3.28 27.59 11.80
O2 MAN ZA . 6.80 28.36 14.89
O3 MAN ZA . 7.75 26.32 13.39
O4 MAN ZA . 5.55 25.77 11.62
O5 MAN ZA . 4.80 29.10 12.89
O6 MAN ZA . 2.56 28.67 11.27
C1 MAN ZA . 7.97 28.69 15.66
C2 MAN ZA . 7.95 27.91 16.97
C3 MAN ZA . 6.75 28.34 17.80
C4 MAN ZA . 6.79 29.85 17.99
C5 MAN ZA . 6.93 30.58 16.66
C6 MAN ZA . 7.12 32.07 16.92
O2 MAN ZA . 9.16 28.11 17.66
O3 MAN ZA . 6.80 27.70 19.06
O4 MAN ZA . 5.61 30.28 18.63
O5 MAN ZA . 8.05 30.08 15.94
O6 MAN ZA . 6.35 32.46 18.02
C1 MAN ZA . 9.54 35.47 10.09
C2 MAN ZA . 10.74 34.97 9.28
C3 MAN ZA . 11.71 34.17 10.14
C4 MAN ZA . 12.00 34.89 11.46
C5 MAN ZA . 10.67 35.29 12.10
C6 MAN ZA . 10.79 35.88 13.50
O2 MAN ZA . 11.40 36.05 8.68
O3 MAN ZA . 12.92 33.97 9.43
O4 MAN ZA . 12.70 34.05 12.34
O5 MAN ZA . 10.00 36.18 11.22
O6 MAN ZA . 12.03 36.55 13.67
C1 MAN ZA . 13.07 32.63 9.12
C2 MAN ZA . 14.54 32.45 8.74
C3 MAN ZA . 14.74 32.75 7.26
C4 MAN ZA . 13.77 31.92 6.44
C5 MAN ZA . 12.35 32.13 6.93
C6 MAN ZA . 11.36 31.26 6.15
O2 MAN ZA . 14.96 31.14 9.01
O3 MAN ZA . 16.08 32.46 6.88
O4 MAN ZA . 13.87 32.26 5.07
O5 MAN ZA . 12.27 31.81 8.30
O6 MAN ZA . 11.51 29.91 6.54
C1 NAG AB . -30.99 29.91 -17.71
C2 NAG AB . -31.54 29.46 -19.05
C3 NAG AB . -33.05 29.63 -19.13
C4 NAG AB . -33.66 28.88 -17.94
C5 NAG AB . -32.89 29.09 -16.64
C6 NAG AB . -33.29 28.08 -15.57
C7 NAG AB . -29.88 29.43 -20.84
C8 NAG AB . -29.22 30.25 -21.94
N2 NAG AB . -30.76 30.10 -20.10
O3 NAG AB . -33.49 29.01 -20.33
O4 NAG AB . -35.02 29.21 -17.67
O5 NAG AB . -31.51 28.87 -16.88
O6 NAG AB . -32.23 27.18 -15.35
O7 NAG AB . -29.88 28.20 -20.98
C1 NAG AB . -35.99 28.46 -18.30
C2 NAG AB . -37.14 28.26 -17.33
C3 NAG AB . -38.14 27.37 -18.06
C4 NAG AB . -38.66 28.17 -19.26
C5 NAG AB . -37.51 28.68 -20.12
C6 NAG AB . -37.90 29.82 -21.07
C7 NAG AB . -36.89 27.96 -14.91
C8 NAG AB . -36.00 27.35 -13.85
N2 NAG AB . -36.65 27.54 -16.16
O3 NAG AB . -39.19 26.99 -17.21
O4 NAG AB . -39.38 27.24 -20.11
O5 NAG AB . -36.48 29.27 -19.37
O6 NAG AB . -38.35 30.97 -20.40
O7 NAG AB . -37.55 28.97 -14.71
C1 BMA AB . -40.77 27.47 -20.14
C2 BMA AB . -41.16 26.55 -21.30
C3 BMA AB . -42.67 26.42 -21.41
C4 BMA AB . -43.28 25.98 -20.08
C5 BMA AB . -42.75 26.92 -18.98
C6 BMA AB . -43.15 26.31 -17.64
O2 BMA AB . -40.45 25.34 -21.13
O3 BMA AB . -43.06 25.46 -22.41
O4 BMA AB . -44.66 26.20 -20.04
O5 BMA AB . -41.35 27.01 -18.94
O6 BMA AB . -42.28 25.26 -17.20
C1 NAG BB . -5.48 44.34 10.44
C2 NAG BB . -5.55 45.47 11.45
C3 NAG BB . -4.65 46.64 11.07
C4 NAG BB . -3.25 46.07 10.88
C5 NAG BB . -3.22 44.76 10.11
C6 NAG BB . -1.86 44.06 10.23
C7 NAG BB . -7.58 45.44 12.80
C8 NAG BB . -9.02 45.92 12.92
N2 NAG BB . -6.95 45.79 11.68
O3 NAG BB . -4.64 47.54 12.16
O4 NAG BB . -2.34 46.96 10.19
O5 NAG BB . -4.16 43.87 10.69
O6 NAG BB . -1.93 42.78 9.63
O7 NAG BB . -7.00 45.18 13.86
C1 NAG BB . -2.06 48.17 10.80
C2 NAG BB . -0.60 48.49 10.55
C3 NAG BB . -0.34 49.79 11.29
C4 NAG BB . -1.19 50.88 10.64
C5 NAG BB . -2.66 50.46 10.57
C6 NAG BB . -3.49 51.26 9.57
C7 NAG BB . 1.20 46.84 10.45
C8 NAG BB . 1.68 45.52 11.04
N2 NAG BB . 0.22 47.45 11.13
O3 NAG BB . 1.03 50.12 11.26
O4 NAG BB . -1.17 52.02 11.51
O5 NAG BB . -2.84 49.14 10.11
O6 NAG BB . -3.05 51.12 8.24
O7 NAG BB . 1.45 47.15 9.29
C1 BMA BB . -0.48 53.13 10.98
C2 BMA BB . -0.88 54.21 11.98
C3 BMA BB . -0.05 55.48 11.77
C4 BMA BB . 1.43 55.16 11.80
C5 BMA BB . 1.71 54.02 10.84
C6 BMA BB . 3.15 53.56 11.08
O2 BMA BB . -0.81 53.64 13.26
O3 BMA BB . -0.34 56.46 12.78
O4 BMA BB . 2.20 56.22 11.28
O5 BMA BB . 0.92 52.88 11.05
O6 BMA BB . 3.29 52.69 12.20
C1 MAN BB . -1.26 57.44 12.38
C2 MAN BB . -1.11 58.65 13.29
C3 MAN BB . -1.64 58.31 14.67
C4 MAN BB . -3.02 57.64 14.52
C5 MAN BB . -3.01 56.48 13.54
C6 MAN BB . -4.40 55.85 13.49
O2 MAN BB . -1.97 59.66 12.73
O3 MAN BB . -1.60 59.39 15.57
O4 MAN BB . -3.34 57.15 15.80
O5 MAN BB . -2.58 56.93 12.28
O6 MAN BB . -4.42 54.69 12.70
C1 MAN BB . 4.58 52.22 12.52
C2 MAN BB . 4.64 51.66 13.95
C3 MAN BB . 4.37 52.62 15.11
C4 MAN BB . 5.42 53.71 14.91
C5 MAN BB . 5.29 54.24 13.49
C6 MAN BB . 6.21 55.39 13.11
O2 MAN BB . 5.80 50.89 14.16
O3 MAN BB . 4.58 51.90 16.33
O4 MAN BB . 5.12 54.73 15.85
O5 MAN BB . 5.51 53.27 12.49
O6 MAN BB . 5.88 55.74 11.76
C1 NAG CB . 2.93 30.92 25.61
C2 NAG CB . 3.70 32.21 25.94
C3 NAG CB . 5.15 31.85 26.22
C4 NAG CB . 5.24 30.79 27.32
C5 NAG CB . 4.34 29.61 26.98
C6 NAG CB . 4.29 28.55 28.05
C7 NAG CB . 3.72 33.03 23.58
C8 NAG CB . 2.72 33.73 22.71
N2 NAG CB . 3.58 33.24 24.92
O3 NAG CB . 5.90 33.02 26.60
O4 NAG CB . 6.55 30.28 27.39
O5 NAG CB . 3.00 30.06 26.75
O6 NAG CB . 3.87 27.28 27.54
O7 NAG CB . 4.59 32.29 23.13
C1 NAG CB . 7.54 30.97 28.07
C2 NAG CB . 8.63 29.94 28.37
C3 NAG CB . 9.75 30.66 29.10
C4 NAG CB . 10.35 31.68 28.13
C5 NAG CB . 9.26 32.67 27.72
C6 NAG CB . 9.67 33.68 26.68
C7 NAG CB . 7.64 28.39 30.01
C8 NAG CB . 7.42 26.94 30.35
N2 NAG CB . 8.39 28.62 28.95
O3 NAG CB . 10.74 29.75 29.59
O4 NAG CB . 11.53 32.28 28.63
O5 NAG CB . 8.12 31.95 27.20
O6 NAG CB . 10.40 33.09 25.60
O7 NAG CB . 7.13 29.30 30.67
C1 BMA CB . 12.65 32.23 27.79
C2 BMA CB . 13.27 33.63 27.73
C3 BMA CB . 14.60 33.61 26.98
C4 BMA CB . 15.52 32.49 27.46
C5 BMA CB . 14.74 31.18 27.40
C6 BMA CB . 15.48 29.92 27.80
O2 BMA CB . 13.43 34.10 29.07
O3 BMA CB . 15.23 34.90 26.80
O4 BMA CB . 16.69 32.43 26.64
O5 BMA CB . 13.58 31.27 28.25
O6 BMA CB . 14.69 28.81 27.38
C1 MAN CB . 15.13 27.52 27.69
C2 MAN CB . 14.21 26.51 26.97
C3 MAN CB . 12.83 26.47 27.63
C4 MAN CB . 12.94 26.21 29.12
C5 MAN CB . 13.88 27.22 29.77
C6 MAN CB . 14.13 26.94 31.23
O2 MAN CB . 14.81 25.22 26.96
O3 MAN CB . 11.99 25.49 27.01
O4 MAN CB . 11.64 26.31 29.72
O5 MAN CB . 15.15 27.24 29.11
O6 MAN CB . 14.16 25.54 31.53
C1 MAN CB . 11.04 25.92 26.04
C2 MAN CB . 9.74 25.10 26.13
C3 MAN CB . 9.89 23.68 25.57
C4 MAN CB . 10.61 23.68 24.22
C5 MAN CB . 11.89 24.50 24.29
C6 MAN CB . 12.62 24.64 22.98
O2 MAN CB . 8.67 25.79 25.51
O3 MAN CB . 8.61 23.07 25.43
O4 MAN CB . 10.90 22.33 23.85
O5 MAN CB . 11.59 25.84 24.71
O6 MAN CB . 13.77 25.45 23.11
C1 MAN CB . 13.88 25.27 32.98
C2 MAN CB . 13.96 23.74 33.08
C3 MAN CB . 12.67 23.06 32.63
C4 MAN CB . 11.43 23.70 33.26
C5 MAN CB . 11.46 25.21 33.07
C6 MAN CB . 10.32 25.95 33.75
O2 MAN CB . 14.31 23.35 34.41
O3 MAN CB . 12.71 21.66 32.92
O4 MAN CB . 10.25 23.16 32.67
O5 MAN CB . 12.69 25.75 33.61
O6 MAN CB . 9.10 25.82 33.03
C1 MAN CB . 15.18 35.80 25.82
C2 MAN CB . 16.58 36.35 25.58
C3 MAN CB . 17.09 36.95 26.89
C4 MAN CB . 16.15 38.05 27.39
C5 MAN CB . 14.67 37.66 27.33
C6 MAN CB . 13.76 38.87 27.32
O2 MAN CB . 16.50 37.37 24.60
O3 MAN CB . 18.41 37.45 26.75
O4 MAN CB . 16.50 38.33 28.75
O5 MAN CB . 14.34 36.92 26.14
O6 MAN CB . 14.01 39.79 28.39
C1 NAG DB . -9.68 43.05 16.47
C2 NAG DB . -8.25 42.81 16.91
C3 NAG DB . -7.88 43.42 18.27
C4 NAG DB . -8.37 44.87 18.38
C5 NAG DB . -9.83 44.96 17.97
C6 NAG DB . -10.36 46.38 17.92
C7 NAG DB . -6.83 40.82 16.52
C8 NAG DB . -6.68 39.36 16.83
N2 NAG DB . -7.99 41.38 16.92
O3 NAG DB . -6.47 43.39 18.45
O4 NAG DB . -8.27 45.26 19.76
O5 NAG DB . -9.99 44.44 16.63
O6 NAG DB . -11.73 46.39 17.59
O7 NAG DB . -5.95 41.46 15.96
C1 NAG DB . -7.17 46.06 20.20
C2 NAG DB . -7.59 46.87 21.43
C3 NAG DB . -6.40 47.73 21.84
C4 NAG DB . -5.19 46.87 22.16
C5 NAG DB . -4.89 45.93 20.98
C6 NAG DB . -3.86 44.88 21.29
C7 NAG DB . -10.03 47.26 21.32
C8 NAG DB . -11.10 48.26 20.97
N2 NAG DB . -8.76 47.68 21.15
O3 NAG DB . -6.74 48.55 22.96
O4 NAG DB . -4.07 47.73 22.43
O5 NAG DB . -6.08 45.22 20.60
O6 NAG DB . -3.94 43.78 20.39
O7 NAG DB . -10.30 46.13 21.72
C1 BMA DB . -3.43 47.66 23.71
C2 BMA DB . -2.06 48.35 23.63
C3 BMA DB . -1.39 48.43 25.00
C4 BMA DB . -2.36 49.00 26.04
C5 BMA DB . -3.65 48.19 26.03
C6 BMA DB . -4.71 48.67 27.00
O2 BMA DB . -2.20 49.65 23.07
O3 BMA DB . -0.19 49.21 24.96
O4 BMA DB . -1.74 48.96 27.33
O5 BMA DB . -4.24 48.26 24.72
O6 BMA DB . -5.31 49.87 26.56
C1 MAN DB . 0.96 48.69 25.64
C2 MAN DB . 1.91 49.82 26.11
C3 MAN DB . 2.72 50.35 24.94
C4 MAN DB . 3.45 49.22 24.23
C5 MAN DB . 2.46 48.15 23.78
C6 MAN DB . 3.14 46.91 23.22
O2 MAN DB . 2.79 49.32 27.12
O3 MAN DB . 3.64 51.34 25.38
O4 MAN DB . 4.17 49.75 23.12
O5 MAN DB . 1.67 47.70 24.90
O6 MAN DB . 3.70 47.12 21.93
C1 MAN DB . 2.42 49.56 28.48
C2 MAN DB . 3.64 49.32 29.42
C3 MAN DB . 3.98 47.84 29.49
C4 MAN DB . 2.75 47.06 29.92
C5 MAN DB . 1.63 47.31 28.92
C6 MAN DB . 0.33 46.61 29.22
O2 MAN DB . 3.26 49.69 30.73
O3 MAN DB . 5.04 47.62 30.41
O4 MAN DB . 3.06 45.68 30.03
O5 MAN DB . 1.33 48.72 28.87
O6 MAN DB . -0.59 46.91 28.18
C1 MAN DB . 3.73 50.91 31.25
C2 MAN DB . 3.97 50.69 32.76
C3 MAN DB . 2.69 50.61 33.59
C4 MAN DB . 1.61 51.57 33.13
C5 MAN DB . 1.47 51.53 31.61
C6 MAN DB . 0.43 52.46 31.03
O2 MAN DB . 4.88 51.64 33.31
O3 MAN DB . 2.96 50.87 34.97
O4 MAN DB . 0.38 51.21 33.74
O5 MAN DB . 2.74 51.90 31.03
O6 MAN DB . 0.22 52.20 29.64
C1 MAN DB . -6.14 50.52 27.50
C2 MAN DB . -6.86 51.66 26.80
C3 MAN DB . -5.87 52.76 26.41
C4 MAN DB . -5.01 53.22 27.58
C5 MAN DB . -4.40 52.03 28.33
C6 MAN DB . -3.82 52.41 29.67
O2 MAN DB . -7.92 52.18 27.59
O3 MAN DB . -6.56 53.85 25.82
O4 MAN DB . -3.96 54.05 27.10
O5 MAN DB . -5.40 51.04 28.61
O6 MAN DB . -4.86 52.87 30.53
C1 MAN DB . -4.51 53.38 31.80
C2 MAN DB . -5.71 54.18 32.34
C3 MAN DB . -5.86 55.45 31.52
C4 MAN DB . -4.59 56.29 31.57
C5 MAN DB . -3.35 55.48 31.18
C6 MAN DB . -2.06 56.17 31.52
O2 MAN DB . -5.46 54.54 33.71
O3 MAN DB . -6.99 56.21 31.95
O4 MAN DB . -4.70 57.39 30.67
O5 MAN DB . -3.33 54.20 31.83
O6 MAN DB . -1.81 56.16 32.92
C1 MAN DB . -5.91 53.64 34.74
C2 MAN DB . -6.12 54.49 36.00
C3 MAN DB . -4.79 55.00 36.57
C4 MAN DB . -3.76 53.89 36.71
C5 MAN DB . -3.65 53.10 35.41
C6 MAN DB . -2.73 51.91 35.49
O2 MAN DB . -6.84 53.75 36.97
O3 MAN DB . -5.00 55.63 37.82
O4 MAN DB . -2.49 54.47 37.00
O5 MAN DB . -4.95 52.62 35.02
O6 MAN DB . -3.34 50.84 36.18
C1 MAN DB . -6.46 53.98 24.40
C2 MAN DB . -6.30 55.46 24.04
C3 MAN DB . -7.63 56.22 24.10
C4 MAN DB . -8.76 55.48 23.41
C5 MAN DB . -8.84 54.03 23.91
C6 MAN DB . -9.87 53.19 23.20
O2 MAN DB . -5.69 55.60 22.75
O3 MAN DB . -7.47 57.51 23.52
O4 MAN DB . -10.00 56.14 23.68
O5 MAN DB . -7.57 53.39 23.71
O6 MAN DB . -11.20 53.58 23.52
C1 NAG EB . -29.12 52.89 -15.73
C2 NAG EB . -28.99 52.66 -17.23
C3 NAG EB . -27.61 53.03 -17.75
C4 NAG EB . -27.35 54.47 -17.34
C5 NAG EB . -27.78 54.78 -15.91
C6 NAG EB . -27.82 56.29 -15.65
C7 NAG EB . -30.61 51.06 -18.12
C8 NAG EB . -30.89 49.59 -18.40
N2 NAG EB . -29.45 51.31 -17.52
O3 NAG EB . -27.65 52.95 -19.16
O4 NAG EB . -25.97 54.88 -17.45
O5 NAG EB . -29.10 54.32 -15.73
O6 NAG EB . -28.36 56.53 -14.36
O7 NAG EB . -31.23 51.88 -18.78
C1 NAG EB . -25.40 54.86 -18.71
C2 NAG EB . -24.47 56.05 -18.82
C3 NAG EB . -23.94 56.01 -20.24
C4 NAG EB . -23.10 54.73 -20.39
C5 NAG EB . -23.91 53.51 -19.97
C6 NAG EB . -23.06 52.28 -19.66
C7 NAG EB . -24.87 58.23 -17.81
C8 NAG EB . -25.97 59.23 -17.45
N2 NAG EB . -25.25 57.26 -18.64
O3 NAG EB . -23.17 57.15 -20.53
O4 NAG EB . -22.84 54.55 -21.78
O5 NAG EB . -24.61 53.68 -18.76
O6 NAG EB . -22.16 52.47 -18.59
O7 NAG EB . -23.85 58.14 -17.14
C1 NAG FB . -29.41 33.46 9.37
C2 NAG FB . -29.40 32.35 10.41
C3 NAG FB . -30.78 31.77 10.66
C4 NAG FB . -31.70 32.95 11.01
C5 NAG FB . -31.48 34.18 10.14
C6 NAG FB . -32.16 35.42 10.73
C7 NAG FB . -27.20 31.34 10.73
C8 NAG FB . -26.26 30.23 10.27
N2 NAG FB . -28.35 31.41 10.07
O3 NAG FB . -30.70 30.91 11.77
O4 NAG FB . -33.10 32.63 10.93
O5 NAG FB . -30.10 34.48 10.10
O6 NAG FB . -31.82 36.55 9.96
O7 NAG FB . -27.04 31.77 11.87
C1 NAG FB . -33.58 31.66 11.79
C2 NAG FB . -34.96 32.07 12.26
C3 NAG FB . -35.40 30.99 13.24
C4 NAG FB . -35.53 29.68 12.46
C5 NAG FB . -34.24 29.38 11.69
C6 NAG FB . -34.42 28.35 10.57
C7 NAG FB . -35.66 34.37 12.69
C8 NAG FB . -35.17 35.72 13.22
N2 NAG FB . -34.86 33.34 12.96
O3 NAG FB . -36.61 31.34 13.87
O4 NAG FB . -35.66 28.62 13.41
O5 NAG FB . -33.72 30.48 10.99
O6 NAG FB . -35.31 28.78 9.56
O7 NAG FB . -36.52 34.31 11.83
C1 BMA FB . -36.93 28.02 13.42
C2 BMA FB . -36.64 26.80 14.31
C3 BMA FB . -37.92 26.07 14.69
C4 BMA FB . -38.92 27.04 15.32
C5 BMA FB . -39.07 28.26 14.40
C6 BMA FB . -39.85 29.32 15.16
O2 BMA FB . -35.84 27.24 15.39
O3 BMA FB . -37.68 25.00 15.62
O4 BMA FB . -40.22 26.51 15.35
O5 BMA FB . -37.85 28.87 14.07
O6 BMA FB . -39.06 30.07 16.09
C1 NAG GB . -24.92 34.29 14.04
C2 NAG GB . -25.46 33.29 15.05
C3 NAG GB . -26.95 33.51 15.32
C4 NAG GB . -27.13 34.96 15.73
C5 NAG GB . -26.31 35.95 14.91
C6 NAG GB . -26.24 37.32 15.55
C7 NAG GB . -24.12 31.27 15.28
C8 NAG GB . -23.88 29.86 14.75
N2 NAG GB . -25.07 31.96 14.64
O3 NAG GB . -27.31 32.67 16.39
O4 NAG GB . -28.49 35.43 15.68
O5 NAG GB . -24.98 35.48 14.83
O6 NAG GB . -25.36 38.15 14.81
O7 NAG GB . -23.75 31.50 16.43
C1 NAG GB . -29.39 34.81 16.52
C2 NAG GB . -30.36 35.86 17.05
C3 NAG GB . -31.29 35.11 18.00
C4 NAG GB . -32.08 34.10 17.17
C5 NAG GB . -31.15 33.21 16.37
C6 NAG GB . -31.84 32.48 15.21
C7 NAG GB . -29.75 38.16 17.57
C8 NAG GB . -28.64 39.03 18.14
N2 NAG GB . -29.61 36.86 17.78
O3 NAG GB . -32.14 36.02 18.67
O4 NAG GB . -32.73 33.22 18.11
O5 NAG GB . -30.14 33.92 15.69
O6 NAG GB . -32.38 33.34 14.25
O7 NAG GB . -30.53 38.58 16.73
C1 BMA GB . -34.14 33.35 18.13
C2 BMA GB . -34.51 32.13 18.96
C3 BMA GB . -35.99 32.17 19.34
C4 BMA GB . -36.33 33.49 20.04
C5 BMA GB . -35.84 34.63 19.16
C6 BMA GB . -35.96 35.92 19.99
O2 BMA GB . -33.61 32.05 20.03
O3 BMA GB . -36.33 31.09 20.23
O4 BMA GB . -37.72 33.70 20.08
O5 BMA GB . -34.48 34.55 18.82
O6 BMA GB . -34.88 36.11 20.91
C1 NAG HB . -28.47 43.19 10.76
C2 NAG HB . -28.46 42.85 12.24
C3 NAG HB . -29.29 43.84 13.05
C4 NAG HB . -28.76 45.24 12.74
C5 NAG HB . -28.46 45.46 11.26
C6 NAG HB . -27.63 46.72 11.03
C7 NAG HB . -27.90 40.52 12.71
C8 NAG HB . -28.44 39.12 12.90
N2 NAG HB . -28.80 41.45 12.39
O3 NAG HB . -29.07 43.55 14.41
O4 NAG HB . -29.63 46.30 13.14
O5 NAG HB . -27.69 44.39 10.78
O6 NAG HB . -27.27 46.80 9.66
O7 NAG HB . -26.82 40.77 13.26
C1 NAG HB . -29.89 46.42 14.50
C2 NAG HB . -29.96 47.90 14.83
C3 NAG HB . -30.19 47.95 16.34
C4 NAG HB . -31.56 47.33 16.63
C5 NAG HB . -31.66 45.94 16.01
C6 NAG HB . -33.09 45.43 15.87
C7 NAG HB . -28.57 49.63 13.81
C8 NAG HB . -27.19 49.91 13.26
N2 NAG HB . -28.68 48.50 14.53
O3 NAG HB . -30.11 49.28 16.81
O4 NAG HB . -31.64 47.13 18.05
O5 NAG HB . -31.19 45.88 14.69
O6 NAG HB . -33.88 46.23 15.02
O7 NAG HB . -29.57 50.19 13.38
C1 NAG IB . -3.29 42.13 -0.42
C2 NAG IB . -1.91 41.50 -0.41
C3 NAG IB . -0.81 42.54 -0.65
C4 NAG IB . -1.16 43.25 -1.96
C5 NAG IB . -2.63 43.59 -2.11
C6 NAG IB . -2.99 43.98 -3.54
C7 NAG IB . -1.80 39.38 0.78
C8 NAG IB . -1.58 38.71 2.14
N2 NAG IB . -1.77 40.71 0.80
O3 NAG IB . 0.40 41.85 -0.81
O4 NAG IB . -0.43 44.47 -2.17
O5 NAG IB . -3.40 42.44 -1.81
O6 NAG IB . -4.12 44.82 -3.53
O7 NAG IB . -1.56 38.70 -0.22
C1 NAG IB . 0.95 44.38 -2.28
C2 NAG IB . 1.41 45.37 -3.33
C3 NAG IB . 2.92 45.18 -3.43
C4 NAG IB . 3.54 45.57 -2.08
C5 NAG IB . 2.86 44.82 -0.94
C6 NAG IB . 3.09 45.46 0.43
C7 NAG IB . 0.17 45.93 -5.35
C8 NAG IB . -0.73 45.35 -6.43
N2 NAG IB . 0.80 45.03 -4.59
O3 NAG IB . 3.45 45.94 -4.49
O4 NAG IB . 4.90 45.13 -2.09
O5 NAG IB . 1.45 44.81 -1.01
O6 NAG IB . 2.56 46.76 0.54
O7 NAG IB . 0.09 47.10 -5.01
C1 NAG JB . 31.78 37.61 -36.35
C2 NAG JB . 31.10 38.82 -36.98
C3 NAG JB . 31.49 40.11 -36.27
C4 NAG JB . 31.16 39.91 -34.78
C5 NAG JB . 31.56 38.55 -34.24
C6 NAG JB . 30.93 38.26 -32.89
C7 NAG JB . 30.37 38.48 -39.27
C8 NAG JB . 30.76 38.56 -40.74
N2 NAG JB . 31.32 38.78 -38.40
O3 NAG JB . 30.68 41.14 -36.78
O4 NAG JB . 31.77 40.89 -33.91
O5 NAG JB . 31.08 37.56 -35.12
O6 NAG JB . 31.23 36.94 -32.50
O7 NAG JB . 29.17 38.54 -39.02
C1 NAG JB . 31.40 42.22 -34.10
C2 NAG JB . 31.32 42.86 -32.73
C3 NAG JB . 30.86 44.30 -32.99
C4 NAG JB . 31.94 45.00 -33.80
C5 NAG JB . 32.30 44.20 -35.05
C6 NAG JB . 33.64 44.58 -35.67
C7 NAG JB . 30.55 41.76 -30.70
C8 NAG JB . 29.56 40.73 -30.16
N2 NAG JB . 30.32 42.18 -31.94
O3 NAG JB . 30.60 44.96 -31.78
O4 NAG JB . 31.39 46.23 -34.28
O5 NAG JB . 32.48 42.82 -34.80
O6 NAG JB . 34.74 44.35 -34.80
O7 NAG JB . 31.64 41.94 -30.16
C1 NAG KB . -13.11 16.77 -57.36
C2 NAG KB . -13.30 15.72 -58.43
C3 NAG KB . -14.76 15.49 -58.78
C4 NAG KB . -15.47 15.16 -57.46
C5 NAG KB . -15.04 16.02 -56.29
C6 NAG KB . -15.50 15.45 -54.95
C7 NAG KB . -11.30 15.37 -59.81
C8 NAG KB . -10.56 15.81 -61.06
N2 NAG KB . -12.42 16.05 -59.55
O3 NAG KB . -14.84 14.37 -59.63
O4 NAG KB . -16.90 15.24 -57.53
O5 NAG KB . -13.63 16.05 -56.24
O6 NAG KB . -14.96 16.23 -53.90
O7 NAG KB . -11.09 14.23 -59.41
C1 NAG KB . -17.55 14.39 -58.41
C2 NAG KB . -18.85 13.94 -57.76
C3 NAG KB . -19.47 12.97 -58.75
C4 NAG KB . -19.81 13.75 -60.02
C5 NAG KB . -18.58 14.49 -60.55
C6 NAG KB . -18.92 15.61 -61.53
C7 NAG KB . -19.14 13.52 -55.37
C8 NAG KB . -18.44 13.00 -54.13
N2 NAG KB . -18.54 13.24 -56.53
O3 NAG KB . -20.62 12.36 -58.19
O4 NAG KB . -20.13 12.78 -61.03
O5 NAG KB . -17.88 15.18 -59.55
O6 NAG KB . -19.72 16.63 -60.96
O7 NAG KB . -20.00 14.41 -55.31
C1 NAG LB . -29.44 -42.16 -24.99
C2 NAG LB . -30.02 -43.28 -24.14
C3 NAG LB . -29.39 -44.62 -24.48
C4 NAG LB . -29.55 -44.84 -25.98
C5 NAG LB . -29.27 -43.59 -26.81
C6 NAG LB . -29.77 -43.75 -28.25
C7 NAG LB . -31.07 -42.52 -22.07
C8 NAG LB . -30.85 -42.19 -20.61
N2 NAG LB . -29.99 -42.87 -22.75
O3 NAG LB . -30.11 -45.62 -23.79
O4 NAG LB . -28.72 -45.88 -26.52
O5 NAG LB . -29.99 -42.51 -26.26
O6 NAG LB . -29.61 -42.52 -28.92
O7 NAG LB . -32.22 -42.83 -22.41
C1 NAG MB . 18.18 -19.46 -64.12
C2 NAG MB . 18.28 -20.93 -63.78
C3 NAG MB . 18.70 -21.77 -64.98
C4 NAG MB . 17.70 -21.47 -66.10
C5 NAG MB . 17.35 -20.00 -66.23
C6 NAG MB . 16.11 -19.78 -67.10
C7 NAG MB . 19.21 -22.21 -61.91
C8 NAG MB . 20.17 -22.18 -60.73
N2 NAG MB . 19.11 -21.06 -62.59
O3 NAG MB . 18.59 -23.13 -64.62
O4 NAG MB . 18.12 -21.90 -67.41
O5 NAG MB . 17.01 -19.50 -64.96
O6 NAG MB . 15.75 -18.42 -67.07
O7 NAG MB . 18.93 -23.31 -62.37
C1 NAG NB . 20.55 -21.58 -42.33
C2 NAG NB . 19.89 -22.81 -42.94
C3 NAG NB . 19.31 -23.74 -41.87
C4 NAG NB . 20.44 -24.06 -40.90
C5 NAG NB . 21.31 -22.86 -40.54
C6 NAG NB . 22.62 -23.28 -39.86
C7 NAG NB . 19.23 -22.54 -45.27
C8 NAG NB . 18.13 -22.08 -46.22
N2 NAG NB . 18.98 -22.38 -43.97
O3 NAG NB . 18.90 -24.93 -42.51
O4 NAG NB . 20.01 -24.64 -39.65
O5 NAG NB . 21.69 -22.20 -41.74
O6 NAG NB . 23.43 -22.14 -39.68
O7 NAG NB . 20.05 -23.34 -45.72
C1 NAG OB . 55.04 -7.81 13.14
C2 NAG OB . 55.46 -7.95 14.60
C3 NAG OB . 56.35 -6.80 15.04
C4 NAG OB . 57.54 -6.74 14.06
C5 NAG OB . 57.12 -6.92 12.61
C6 NAG OB . 58.32 -7.20 11.71
C7 NAG OB . 53.99 -9.38 15.91
C8 NAG OB . 52.74 -9.43 16.78
N2 NAG OB . 54.28 -8.19 15.39
O3 NAG OB . 56.84 -7.11 16.32
O4 NAG OB . 58.28 -5.53 14.13
O5 NAG OB . 56.29 -8.06 12.51
O6 NAG OB . 57.89 -7.50 10.40
O7 NAG OB . 54.82 -10.27 16.09
C1 NAG PB . -22.77 52.29 3.46
C2 NAG PB . -23.76 52.61 4.57
C3 NAG PB . -25.15 52.93 4.01
C4 NAG PB . -24.97 54.05 3.00
C5 NAG PB . -23.77 53.88 2.09
C6 NAG PB . -23.43 55.15 1.33
C7 NAG PB . -23.13 51.74 6.76
C8 NAG PB . -23.22 50.55 7.71
N2 NAG PB . -23.70 51.56 5.56
O3 NAG PB . -25.94 53.40 5.08
O4 NAG PB . -26.11 54.25 2.13
O5 NAG PB . -22.64 53.59 2.88
O6 NAG PB . -22.22 54.98 0.61
O7 NAG PB . -22.94 52.84 7.27
C1 NAG QB . 48.04 29.53 -40.45
C2 NAG QB . 48.77 30.20 -39.30
C3 NAG QB . 49.98 31.00 -39.79
C4 NAG QB . 50.85 30.07 -40.60
C5 NAG QB . 50.06 29.16 -41.54
C6 NAG QB . 50.92 28.01 -42.08
C7 NAG QB . 48.09 31.40 -37.29
C8 NAG QB . 46.97 32.17 -36.60
N2 NAG QB . 47.80 30.90 -38.49
O3 NAG QB . 50.69 31.43 -38.65
O4 NAG QB . 51.83 30.73 -41.42
O5 NAG QB . 49.01 28.54 -40.81
O6 NAG QB . 50.11 27.13 -42.83
O7 NAG QB . 49.24 31.63 -36.90
C1 NAG RB . 34.55 30.81 -23.08
C2 NAG RB . 36.01 30.75 -22.65
C3 NAG RB . 36.15 30.53 -21.14
C4 NAG RB . 35.34 31.60 -20.44
C5 NAG RB . 33.99 31.88 -21.10
C6 NAG RB . 33.36 33.18 -20.60
C7 NAG RB . 37.57 30.23 -24.46
C8 NAG RB . 38.26 29.12 -25.22
N2 NAG RB . 36.71 29.82 -23.52
O3 NAG RB . 37.51 30.68 -20.81
O4 NAG RB . 35.07 31.34 -19.06
O5 NAG RB . 34.17 32.05 -22.48
O6 NAG RB . 32.19 33.45 -21.33
O7 NAG RB . 38.11 31.34 -24.47
C1 NAG SB . -10.79 35.19 -58.81
C2 NAG SB . -12.25 35.49 -58.50
C3 NAG SB . -12.91 36.30 -59.63
C4 NAG SB . -12.05 37.54 -59.84
C5 NAG SB . -10.55 37.26 -59.82
C6 NAG SB . -9.74 38.55 -59.70
C7 NAG SB . -14.12 34.23 -57.59
C8 NAG SB . -14.69 32.84 -57.31
N2 NAG SB . -12.90 34.26 -58.13
O3 NAG SB . -14.18 36.69 -59.17
O4 NAG SB . -12.32 38.23 -61.07
O5 NAG SB . -10.24 36.49 -58.68
O6 NAG SB . -8.37 38.23 -59.56
O7 NAG SB . -14.93 35.15 -57.67
C1 NAG TB . -18.10 20.97 -43.65
C2 NAG TB . -18.86 22.29 -43.59
C3 NAG TB . -19.73 22.39 -42.34
C4 NAG TB . -20.63 21.15 -42.31
C5 NAG TB . -19.90 19.86 -42.70
C6 NAG TB . -20.89 18.73 -42.98
C7 NAG TB . -17.90 24.06 -44.97
C8 NAG TB . -16.90 25.21 -45.00
N2 NAG TB . -17.93 23.37 -43.83
O3 NAG TB . -20.52 23.54 -42.46
O4 NAG TB . -21.25 20.91 -41.04
O5 NAG TB . -19.19 20.08 -43.89
O6 NAG TB . -20.17 17.61 -43.47
O7 NAG TB . -18.82 24.12 -45.77
#